data_6LG0
#
_entry.id   6LG0
#
_cell.length_a   97.318
_cell.length_b   171.593
_cell.length_c   179.169
_cell.angle_alpha   90.000
_cell.angle_beta   90.000
_cell.angle_gamma   90.000
#
_symmetry.space_group_name_H-M   'P 21 21 21'
#
loop_
_entity.id
_entity.type
_entity.pdbx_description
1 polymer SbCGTa
2 non-polymer "URIDINE-5'-DIPHOSPHATE"
3 water water
#
_entity_poly.entity_id   1
_entity_poly.type   'polypeptide(L)'
_entity_poly.pdbx_seq_one_letter_code
;GMASTTKSENVGAHIALFPCAGMGHLLPFLRLAAMLDARGCAVTVITVKPTVSAAESDHLSAFFTIHPRITRLEFQLLPY
QKSGLRNDDPFFIQMETIATSVHLLRPLLSSLSPPLSAIVSDFTLTSQVTDLVSDLPISTYTLMTSSAAFFCLMAYLPKL
LQIDVANRDAIEIPDLGPISMSSIPPKMLDPSDFFSAFISSNVSSLHKVKGVLINTFNSFESEAIEAVRRNGVDHILPIG
PLESYDAKKAHDLPWLDEQPPESVLFVSFGSRTALSKEQIRELGAALEKSGCRFLWVLKGGKVDKEDKEEVEDMLGASFV
ERTKKKGLIVKGWVKQEQILAHPAIGGFVSHCGWNSVIEAARLGVPVLAWPQHGDQSVNAGVVEKAGLGLWVREWGWGQT
KLIGREEIAEKMIEVMQDEKLRVSAGEVRAKAKETREVDGDSEALLQRLIHSFNNITQNS
;
_entity_poly.pdbx_strand_id   A,B,C,D,E,F
#
loop_
_chem_comp.id
_chem_comp.type
_chem_comp.name
_chem_comp.formula
UDP RNA linking URIDINE-5'-DIPHOSPHATE 'C9 H14 N2 O12 P2'
#
# COMPACT_ATOMS: atom_id res chain seq x y z
N VAL A 11 16.91 26.03 11.65
CA VAL A 11 15.98 27.09 11.92
C VAL A 11 15.27 26.88 13.25
N GLY A 12 15.97 27.14 14.34
CA GLY A 12 15.48 26.84 15.67
C GLY A 12 14.23 27.53 16.20
N ALA A 13 14.11 28.83 16.01
CA ALA A 13 13.01 29.57 16.62
C ALA A 13 11.67 29.25 15.98
N HIS A 14 10.63 29.11 16.79
CA HIS A 14 9.34 28.73 16.25
C HIS A 14 8.36 29.88 16.27
N ILE A 15 7.90 30.23 15.08
CA ILE A 15 7.12 31.43 14.84
C ILE A 15 5.87 31.12 14.06
N ALA A 16 4.73 31.67 14.47
CA ALA A 16 3.50 31.55 13.72
C ALA A 16 2.85 32.89 13.46
N LEU A 17 2.44 33.13 12.21
CA LEU A 17 1.77 34.40 11.87
C LEU A 17 0.32 34.10 11.51
N PHE A 18 -0.61 34.93 11.95
CA PHE A 18 -2.02 34.61 11.69
C PHE A 18 -2.72 35.73 10.92
N PRO A 19 -3.07 35.53 9.64
CA PRO A 19 -3.77 36.50 8.84
C PRO A 19 -5.23 36.01 8.86
N CYS A 20 -6.17 36.92 9.04
CA CYS A 20 -7.59 36.51 9.15
C CYS A 20 -8.30 36.47 7.81
N ALA A 21 -8.27 37.56 7.06
CA ALA A 21 -9.08 37.59 5.82
C ALA A 21 -8.61 38.70 4.88
N GLY A 22 -8.76 38.43 3.59
CA GLY A 22 -8.46 39.34 2.51
C GLY A 22 -7.11 39.09 1.91
N MET A 23 -6.97 39.34 0.63
CA MET A 23 -5.70 39.14 -0.02
C MET A 23 -4.70 40.10 0.56
N GLY A 24 -5.15 41.32 0.81
CA GLY A 24 -4.29 42.36 1.28
C GLY A 24 -3.72 42.05 2.63
N HIS A 25 -4.55 41.51 3.50
CA HIS A 25 -4.07 40.93 4.74
C HIS A 25 -3.28 39.63 4.61
N LEU A 26 -3.77 38.72 3.76
CA LEU A 26 -3.13 37.42 3.62
C LEU A 26 -1.74 37.42 3.01
N LEU A 27 -1.56 38.17 1.93
CA LEU A 27 -0.33 38.11 1.17
C LEU A 27 0.90 38.62 1.90
N PRO A 28 0.78 39.72 2.63
CA PRO A 28 1.90 40.27 3.39
C PRO A 28 2.35 39.35 4.49
N PHE A 29 1.39 38.72 5.15
CA PHE A 29 1.70 37.80 6.22
C PHE A 29 2.48 36.61 5.71
N LEU A 30 2.12 36.09 4.54
CA LEU A 30 2.84 34.98 3.94
C LEU A 30 4.26 35.42 3.65
N ARG A 31 4.40 36.63 3.17
CA ARG A 31 5.69 37.18 2.88
C ARG A 31 6.54 37.30 4.13
N LEU A 32 5.92 37.74 5.22
CA LEU A 32 6.64 37.83 6.47
C LEU A 32 7.08 36.45 6.91
N ALA A 33 6.23 35.47 6.70
CA ALA A 33 6.54 34.11 7.06
C ALA A 33 7.73 33.61 6.27
N ALA A 34 7.75 33.88 4.99
CA ALA A 34 8.84 33.45 4.14
C ALA A 34 10.11 34.14 4.59
N MET A 35 9.98 35.40 4.95
CA MET A 35 11.11 36.17 5.40
C MET A 35 11.69 35.62 6.67
N LEU A 36 10.82 35.20 7.58
CA LEU A 36 11.26 34.63 8.83
C LEU A 36 11.99 33.30 8.65
N ASP A 37 11.46 32.43 7.79
CA ASP A 37 12.08 31.13 7.56
C ASP A 37 13.46 31.28 6.95
N ALA A 38 13.59 32.21 6.01
CA ALA A 38 14.86 32.47 5.36
C ALA A 38 15.87 32.94 6.37
N ARG A 39 15.39 33.64 7.39
CA ARG A 39 16.22 34.23 8.43
C ARG A 39 16.43 33.33 9.64
N GLY A 40 15.96 32.09 9.57
CA GLY A 40 16.17 31.15 10.64
C GLY A 40 15.08 30.86 11.66
N CYS A 41 13.87 31.32 11.42
CA CYS A 41 12.73 30.89 12.21
C CYS A 41 12.11 29.63 11.63
N ALA A 42 11.41 28.89 12.46
CA ALA A 42 10.61 27.77 11.99
C ALA A 42 9.17 28.24 12.06
N VAL A 43 8.49 28.19 10.93
CA VAL A 43 7.24 28.91 10.78
C VAL A 43 6.01 28.03 10.68
N THR A 44 4.97 28.40 11.42
CA THR A 44 3.66 27.81 11.29
C THR A 44 2.76 28.91 10.80
N VAL A 45 1.94 28.63 9.81
CA VAL A 45 1.01 29.64 9.32
C VAL A 45 -0.41 29.23 9.63
N ILE A 46 -1.14 30.12 10.25
CA ILE A 46 -2.49 29.82 10.70
C ILE A 46 -3.50 30.43 9.77
N THR A 47 -4.43 29.60 9.32
CA THR A 47 -5.47 30.07 8.40
C THR A 47 -6.82 29.69 8.99
N VAL A 48 -7.86 30.44 8.64
CA VAL A 48 -9.21 30.10 9.15
C VAL A 48 -10.07 29.78 7.93
N LYS A 49 -10.74 28.63 7.96
CA LYS A 49 -11.58 28.19 6.83
C LYS A 49 -13.03 28.08 7.29
N PRO A 50 -14.05 28.14 6.41
CA PRO A 50 -13.87 28.41 4.98
C PRO A 50 -13.48 29.85 4.61
N THR A 51 -12.52 29.94 3.70
CA THR A 51 -11.98 31.22 3.21
C THR A 51 -13.09 31.94 2.44
N VAL A 52 -13.14 33.25 2.59
CA VAL A 52 -14.13 34.10 1.93
C VAL A 52 -14.04 34.03 0.41
N SER A 53 -12.82 33.91 -0.09
CA SER A 53 -12.55 33.94 -1.51
C SER A 53 -11.79 32.72 -1.99
N ALA A 54 -11.94 32.39 -3.26
CA ALA A 54 -11.19 31.33 -3.89
C ALA A 54 -9.70 31.65 -3.90
N ALA A 55 -9.38 32.93 -4.07
CA ALA A 55 -8.00 33.35 -4.23
C ALA A 55 -7.10 33.09 -3.03
N GLU A 56 -7.60 33.29 -1.83
CA GLU A 56 -6.79 33.05 -0.66
C GLU A 56 -6.44 31.60 -0.60
N SER A 57 -7.43 30.76 -0.88
CA SER A 57 -7.21 29.34 -0.89
C SER A 57 -6.25 28.97 -2.00
N ASP A 58 -6.40 29.60 -3.15
CA ASP A 58 -5.50 29.29 -4.24
C ASP A 58 -4.12 29.66 -3.78
N HIS A 59 -4.01 30.82 -3.17
CA HIS A 59 -2.72 31.32 -2.73
C HIS A 59 -2.07 30.47 -1.66
N LEU A 60 -2.88 30.06 -0.69
CA LEU A 60 -2.38 29.31 0.44
C LEU A 60 -1.85 27.94 0.08
N SER A 61 -2.53 27.25 -0.81
CA SER A 61 -2.10 25.94 -1.22
C SER A 61 -0.78 25.97 -1.92
N ALA A 62 -0.61 26.96 -2.80
CA ALA A 62 0.64 27.15 -3.51
C ALA A 62 1.77 27.50 -2.58
N PHE A 63 1.48 28.32 -1.58
CA PHE A 63 2.52 28.74 -0.61
C PHE A 63 3.11 27.53 0.07
N PHE A 64 2.24 26.70 0.64
CA PHE A 64 2.70 25.50 1.35
C PHE A 64 3.41 24.55 0.39
N THR A 65 2.88 24.35 -0.81
CA THR A 65 3.58 23.44 -1.75
C THR A 65 4.92 24.05 -2.18
N ILE A 66 4.96 25.36 -2.46
CA ILE A 66 6.23 26.05 -2.85
C ILE A 66 7.18 26.13 -1.64
N HIS A 67 6.70 26.56 -0.48
CA HIS A 67 7.54 26.68 0.73
C HIS A 67 7.16 25.52 1.64
N PRO A 68 7.82 24.35 1.55
CA PRO A 68 7.40 23.16 2.25
C PRO A 68 7.95 22.93 3.66
N ARG A 69 8.88 23.77 4.09
CA ARG A 69 9.46 23.65 5.45
C ARG A 69 8.58 24.42 6.44
N ILE A 70 7.62 25.21 5.94
CA ILE A 70 6.64 26.01 6.73
C ILE A 70 5.36 25.20 6.85
N THR A 71 4.92 24.92 8.06
CA THR A 71 3.73 24.09 8.35
C THR A 71 2.48 24.94 8.25
N ARG A 72 1.33 24.31 7.99
CA ARG A 72 0.04 25.04 7.89
C ARG A 72 -0.87 24.58 9.03
N LEU A 73 -1.30 25.51 9.87
CA LEU A 73 -2.22 25.26 10.99
C LEU A 73 -3.54 25.84 10.56
N GLU A 74 -4.62 25.07 10.47
CA GLU A 74 -5.92 25.63 10.03
C GLU A 74 -6.89 25.71 11.21
N PHE A 75 -7.76 26.70 11.20
CA PHE A 75 -8.78 26.84 12.26
C PHE A 75 -10.14 26.80 11.58
N GLN A 76 -10.93 25.77 11.87
CA GLN A 76 -12.27 25.65 11.27
C GLN A 76 -13.19 26.59 12.00
N LEU A 77 -13.92 27.45 11.29
CA LEU A 77 -14.78 28.47 11.93
C LEU A 77 -16.11 27.86 12.34
N LEU A 78 -16.74 28.43 13.35
CA LEU A 78 -18.03 27.94 13.87
C LEU A 78 -19.16 28.76 13.26
N PRO A 79 -20.42 28.34 13.37
CA PRO A 79 -21.51 29.12 12.85
C PRO A 79 -21.61 30.47 13.56
N TYR A 80 -21.84 31.52 12.78
CA TYR A 80 -21.98 32.93 13.22
C TYR A 80 -23.36 33.44 12.77
N GLN A 81 -23.92 34.50 13.36
CA GLN A 81 -25.24 34.97 12.87
C GLN A 81 -25.55 36.43 13.18
N LYS A 82 -24.61 37.15 13.79
CA LYS A 82 -24.80 38.56 14.22
C LYS A 82 -25.30 39.49 13.11
N SER A 83 -26.06 40.52 13.50
CA SER A 83 -26.65 41.49 12.54
C SER A 83 -26.05 42.86 12.77
N GLY A 84 -26.21 43.77 11.80
CA GLY A 84 -25.72 45.15 11.94
C GLY A 84 -24.48 45.41 11.09
N ASN A 87 -25.32 44.47 4.60
CA ASN A 87 -24.68 43.21 5.03
C ASN A 87 -23.23 43.52 5.43
N ASP A 88 -22.95 44.79 5.72
CA ASP A 88 -21.58 45.21 6.08
C ASP A 88 -20.63 44.74 5.00
N ASP A 89 -19.58 44.01 5.37
CA ASP A 89 -18.64 43.56 4.31
C ASP A 89 -18.43 42.06 4.49
N PRO A 90 -18.21 41.28 3.42
CA PRO A 90 -17.94 39.86 3.55
C PRO A 90 -16.61 39.59 4.24
N PHE A 91 -15.65 40.48 4.11
CA PHE A 91 -14.34 40.34 4.75
C PHE A 91 -14.41 40.90 6.16
N PHE A 92 -15.40 41.73 6.48
CA PHE A 92 -15.54 42.23 7.87
C PHE A 92 -16.36 41.22 8.66
N ILE A 93 -17.28 40.53 8.03
CA ILE A 93 -18.02 39.50 8.80
C ILE A 93 -17.07 38.32 9.00
N GLN A 94 -16.21 38.05 8.02
CA GLN A 94 -15.22 36.97 8.17
C GLN A 94 -14.16 37.42 9.18
N MET A 95 -13.88 38.71 9.29
CA MET A 95 -12.90 39.17 10.29
C MET A 95 -13.54 39.00 11.68
N GLU A 96 -14.86 39.15 11.79
CA GLU A 96 -15.54 38.94 13.09
C GLU A 96 -15.95 37.48 13.26
N THR A 97 -15.91 36.65 12.23
CA THR A 97 -16.25 35.23 12.51
C THR A 97 -14.99 34.51 12.93
N ILE A 98 -13.83 35.09 12.65
CA ILE A 98 -12.54 34.49 13.05
C ILE A 98 -12.32 34.81 14.52
N ALA A 99 -12.95 35.85 15.03
CA ALA A 99 -12.83 36.26 16.44
C ALA A 99 -13.88 35.53 17.25
N THR A 100 -14.87 34.95 16.60
CA THR A 100 -15.94 34.17 17.26
C THR A 100 -15.47 32.73 17.46
N SER A 101 -14.33 32.39 16.85
CA SER A 101 -13.71 31.05 16.91
C SER A 101 -12.21 31.18 17.22
N VAL A 102 -11.77 32.28 17.82
CA VAL A 102 -10.33 32.55 18.12
C VAL A 102 -9.87 31.79 19.35
N HIS A 103 -10.80 31.22 20.10
CA HIS A 103 -10.53 30.38 21.30
C HIS A 103 -10.21 28.96 20.86
N LEU A 104 -10.40 28.64 19.58
CA LEU A 104 -10.08 27.33 18.95
C LEU A 104 -8.59 27.24 18.61
N LEU A 105 -7.86 28.33 18.81
CA LEU A 105 -6.41 28.39 18.66
C LEU A 105 -5.81 27.87 19.95
N ARG A 106 -6.55 27.80 21.04
CA ARG A 106 -6.04 27.28 22.33
C ARG A 106 -5.58 25.83 22.18
N PRO A 107 -6.44 24.86 21.85
CA PRO A 107 -6.00 23.50 21.67
C PRO A 107 -4.83 23.37 20.70
N LEU A 108 -4.90 24.05 19.57
CA LEU A 108 -3.86 23.99 18.53
C LEU A 108 -2.53 24.46 19.10
N LEU A 109 -2.50 25.63 19.72
CA LEU A 109 -1.26 26.24 20.25
C LEU A 109 -0.64 25.41 21.35
N SER A 110 -1.43 24.69 22.12
CA SER A 110 -0.91 23.88 23.24
C SER A 110 -0.20 22.64 22.72
N SER A 111 -0.66 22.15 21.58
CA SER A 111 -0.17 20.90 20.95
C SER A 111 1.11 21.13 20.19
N LEU A 112 1.34 22.34 19.68
CA LEU A 112 2.53 22.60 18.84
C LEU A 112 3.82 22.12 19.51
N SER A 113 4.59 21.34 18.75
CA SER A 113 5.89 20.72 19.17
C SER A 113 6.82 21.82 19.65
N PRO A 114 7.78 22.28 18.83
CA PRO A 114 8.60 23.36 19.32
C PRO A 114 7.55 24.42 19.68
N PRO A 115 7.31 24.74 20.97
CA PRO A 115 6.35 25.77 21.37
C PRO A 115 6.68 27.16 20.82
N LEU A 116 5.67 27.99 20.62
CA LEU A 116 5.87 29.31 19.97
C LEU A 116 6.76 30.25 20.77
N SER A 117 7.74 30.85 20.11
CA SER A 117 8.62 31.85 20.73
C SER A 117 7.96 33.21 20.57
N ALA A 118 7.13 33.35 19.54
CA ALA A 118 6.36 34.57 19.23
C ALA A 118 5.33 34.26 18.16
N ILE A 119 4.18 34.91 18.26
CA ILE A 119 3.11 34.76 17.23
C ILE A 119 2.81 36.16 16.74
N VAL A 120 2.55 36.27 15.44
CA VAL A 120 2.27 37.55 14.74
C VAL A 120 0.81 37.47 14.30
N SER A 121 -0.08 38.26 14.90
CA SER A 121 -1.54 38.20 14.66
C SER A 121 -2.05 39.44 13.93
N ASP A 122 -2.95 39.24 12.98
CA ASP A 122 -3.54 40.34 12.18
C ASP A 122 -4.16 41.31 13.17
N PHE A 123 -4.04 42.62 12.96
CA PHE A 123 -4.52 43.69 13.87
C PHE A 123 -6.02 43.68 14.14
N THR A 124 -6.82 43.05 13.32
CA THR A 124 -8.28 43.01 13.44
C THR A 124 -8.71 42.24 14.69
N LEU A 125 -7.92 41.26 15.11
CA LEU A 125 -8.27 40.37 16.24
C LEU A 125 -7.29 40.52 17.37
N THR A 126 -6.55 41.60 17.47
CA THR A 126 -5.56 41.65 18.58
C THR A 126 -6.29 41.65 19.93
N SER A 127 -7.45 42.29 20.05
CA SER A 127 -8.23 42.31 21.31
C SER A 127 -8.74 40.93 21.70
N GLN A 128 -8.95 40.01 20.77
CA GLN A 128 -9.53 38.70 21.12
C GLN A 128 -8.47 37.69 21.54
N VAL A 129 -7.24 37.83 21.07
CA VAL A 129 -6.13 36.89 21.40
C VAL A 129 -5.43 37.37 22.65
N THR A 130 -5.81 38.53 23.20
CA THR A 130 -5.14 39.11 24.39
C THR A 130 -5.13 38.09 25.50
N ASP A 131 -6.29 37.52 25.76
CA ASP A 131 -6.53 36.50 26.79
C ASP A 131 -5.69 35.25 26.48
N LEU A 132 -5.59 34.88 25.23
CA LEU A 132 -4.86 33.67 24.81
C LEU A 132 -3.37 33.85 25.01
N VAL A 133 -2.87 35.07 24.89
CA VAL A 133 -1.43 35.30 25.05
C VAL A 133 -1.11 35.40 26.54
N SER A 134 -2.09 35.59 27.40
CA SER A 134 -1.75 35.60 28.84
C SER A 134 -1.68 34.16 29.35
N ASP A 135 -2.70 33.37 29.04
CA ASP A 135 -2.79 31.95 29.46
C ASP A 135 -1.58 31.23 28.91
N LEU A 136 -1.38 31.21 27.61
CA LEU A 136 -0.16 30.59 27.07
C LEU A 136 0.75 31.80 26.89
N PRO A 137 1.75 32.16 27.71
CA PRO A 137 2.49 33.39 27.49
C PRO A 137 3.22 33.51 26.16
N ILE A 138 2.51 33.77 25.07
CA ILE A 138 3.21 33.93 23.77
C ILE A 138 3.48 35.40 23.60
N SER A 139 4.74 35.76 23.44
CA SER A 139 5.01 37.17 23.13
C SER A 139 4.30 37.40 21.81
N THR A 140 3.34 38.30 21.75
CA THR A 140 2.61 38.49 20.48
C THR A 140 3.01 39.78 19.80
N TYR A 141 3.10 39.74 18.48
CA TYR A 141 3.42 40.88 17.60
C TYR A 141 2.29 41.03 16.58
N THR A 142 2.28 42.12 15.82
CA THR A 142 1.24 42.29 14.79
C THR A 142 1.85 43.03 13.62
N LEU A 143 1.44 42.70 12.40
CA LEU A 143 1.96 43.35 11.19
C LEU A 143 0.85 44.17 10.58
N MET A 144 1.11 45.46 10.34
CA MET A 144 0.12 46.39 9.74
C MET A 144 0.27 46.35 8.23
N THR A 145 -0.86 46.25 7.54
CA THR A 145 -0.82 46.19 6.06
C THR A 145 -1.16 47.56 5.48
N SER A 146 -1.41 48.58 6.30
CA SER A 146 -1.70 49.91 5.72
C SER A 146 -0.47 50.80 5.72
N SER A 147 -0.66 52.05 5.35
CA SER A 147 0.49 52.97 5.25
C SER A 147 0.85 53.47 6.64
N ALA A 148 2.06 54.01 6.80
CA ALA A 148 2.45 54.52 8.13
C ALA A 148 1.67 55.78 8.46
N ALA A 149 1.29 56.56 7.46
CA ALA A 149 0.48 57.75 7.70
C ALA A 149 -0.96 57.32 7.96
N PHE A 150 -1.45 56.28 7.31
CA PHE A 150 -2.85 55.92 7.58
C PHE A 150 -2.96 55.17 8.89
N PHE A 151 -1.89 54.50 9.34
CA PHE A 151 -1.96 53.80 10.64
C PHE A 151 -2.00 54.83 11.76
N CYS A 152 -1.32 55.95 11.57
CA CYS A 152 -1.29 57.10 12.50
C CYS A 152 -2.71 57.60 12.73
N LEU A 153 -3.45 57.78 11.64
CA LEU A 153 -4.87 58.20 11.75
C LEU A 153 -5.65 57.09 12.44
N MET A 154 -5.35 55.84 12.13
CA MET A 154 -6.08 54.72 12.79
C MET A 154 -5.73 54.77 14.28
N ALA A 155 -4.47 54.98 14.60
CA ALA A 155 -3.96 54.94 15.98
C ALA A 155 -4.39 56.14 16.84
N TYR A 156 -4.95 57.19 16.25
CA TYR A 156 -5.38 58.36 17.03
C TYR A 156 -6.89 58.52 16.99
N LEU A 157 -7.57 57.73 16.17
CA LEU A 157 -9.04 57.76 16.06
C LEU A 157 -9.70 57.73 17.44
N PRO A 158 -9.32 56.87 18.40
CA PRO A 158 -9.94 56.88 19.70
C PRO A 158 -9.92 58.24 20.41
N LYS A 159 -8.76 58.89 20.42
CA LYS A 159 -8.58 60.18 21.11
C LYS A 159 -9.22 61.31 20.32
N LEU A 160 -9.40 61.12 19.03
CA LEU A 160 -10.00 62.17 18.19
C LEU A 160 -11.50 62.07 18.28
N LEU A 161 -12.02 60.86 18.47
CA LEU A 161 -13.48 60.62 18.54
C LEU A 161 -14.01 60.72 19.98
N GLN A 162 -13.22 61.28 20.89
CA GLN A 162 -13.69 61.55 22.26
C GLN A 162 -14.26 62.97 22.21
N ILE A 163 -13.49 63.89 21.62
CA ILE A 163 -13.87 65.33 21.46
C ILE A 163 -15.06 65.43 20.52
N ASP A 164 -15.52 66.67 20.27
CA ASP A 164 -16.68 66.90 19.36
C ASP A 164 -16.43 66.04 18.12
N VAL A 165 -17.34 65.09 17.90
CA VAL A 165 -17.25 64.17 16.73
C VAL A 165 -17.95 64.89 15.58
N ALA A 166 -17.16 65.29 14.59
CA ALA A 166 -17.63 66.03 13.39
C ALA A 166 -16.52 66.07 12.34
N ASN A 167 -16.72 66.91 11.33
CA ASN A 167 -15.77 67.02 10.20
C ASN A 167 -15.29 68.46 10.02
N ARG A 168 -13.97 68.62 9.86
CA ARG A 168 -13.34 69.95 9.61
C ARG A 168 -12.56 69.89 8.31
N ASP A 169 -11.87 70.96 7.93
CA ASP A 169 -11.10 70.89 6.66
C ASP A 169 -10.05 69.80 6.82
N ALA A 170 -9.26 69.90 7.89
CA ALA A 170 -8.17 68.96 8.18
C ALA A 170 -8.28 68.47 9.62
N ILE A 171 -8.08 67.18 9.87
CA ILE A 171 -7.99 66.67 11.26
C ILE A 171 -6.49 66.44 11.48
N GLU A 172 -5.95 66.70 12.67
CA GLU A 172 -4.48 66.55 12.75
C GLU A 172 -4.06 65.51 13.76
N ILE A 173 -3.04 64.74 13.41
CA ILE A 173 -2.46 63.76 14.35
C ILE A 173 -1.17 64.40 14.83
N PRO A 174 -0.87 64.37 16.12
CA PRO A 174 0.30 64.92 16.75
C PRO A 174 1.51 65.42 15.96
N ASP A 175 2.24 64.52 15.33
CA ASP A 175 3.51 65.03 14.77
C ASP A 175 3.63 64.72 13.28
N LEU A 176 2.56 64.85 12.50
CA LEU A 176 2.67 64.62 11.04
C LEU A 176 1.78 65.57 10.24
N GLY A 177 2.06 65.68 8.93
CA GLY A 177 1.28 66.53 8.02
C GLY A 177 -0.19 66.26 8.20
N PRO A 178 -1.01 67.27 8.51
CA PRO A 178 -2.43 67.09 8.73
C PRO A 178 -3.11 66.36 7.58
N ILE A 179 -4.01 65.45 7.92
CA ILE A 179 -4.74 64.61 6.93
C ILE A 179 -6.07 65.30 6.66
N SER A 180 -6.44 65.51 5.40
CA SER A 180 -7.72 66.16 5.03
C SER A 180 -8.85 65.16 5.28
N MET A 181 -10.09 65.63 5.38
CA MET A 181 -11.25 64.75 5.69
C MET A 181 -11.74 64.05 4.42
N SER A 182 -11.25 64.49 3.27
CA SER A 182 -11.56 63.96 1.92
C SER A 182 -10.78 62.69 1.69
N SER A 183 -9.72 62.49 2.46
CA SER A 183 -8.85 61.31 2.39
C SER A 183 -9.37 60.28 3.39
N ILE A 184 -9.98 60.76 4.47
CA ILE A 184 -10.51 59.90 5.56
C ILE A 184 -11.86 59.32 5.17
N PRO A 185 -12.12 58.01 5.37
CA PRO A 185 -13.39 57.41 5.04
C PRO A 185 -14.44 57.99 5.98
N PRO A 186 -15.68 58.23 5.53
CA PRO A 186 -16.69 58.85 6.36
C PRO A 186 -17.17 57.97 7.52
N LYS A 187 -17.07 56.66 7.35
CA LYS A 187 -17.52 55.67 8.36
C LYS A 187 -16.53 55.60 9.52
N MET A 188 -15.31 56.09 9.35
CA MET A 188 -14.32 56.11 10.45
C MET A 188 -14.61 57.29 11.36
N LEU A 189 -15.35 58.29 10.90
CA LEU A 189 -15.55 59.53 11.70
C LEU A 189 -16.88 59.53 12.44
N ASP A 190 -17.67 58.46 12.36
CA ASP A 190 -18.93 58.38 13.14
C ASP A 190 -18.72 57.33 14.23
N PRO A 191 -18.88 57.63 15.52
CA PRO A 191 -18.55 56.67 16.58
C PRO A 191 -19.58 55.57 16.83
N SER A 192 -20.65 55.49 16.05
CA SER A 192 -21.68 54.45 16.28
C SER A 192 -21.62 53.42 15.15
N ASP A 193 -20.63 53.53 14.28
CA ASP A 193 -20.47 52.57 13.15
C ASP A 193 -19.65 51.38 13.63
N PHE A 194 -19.71 50.28 12.90
CA PHE A 194 -18.95 49.08 13.29
C PHE A 194 -17.47 49.46 13.37
N PHE A 195 -16.96 49.94 12.25
CA PHE A 195 -15.56 50.36 11.96
C PHE A 195 -14.85 50.88 13.20
N SER A 196 -15.25 52.04 13.67
CA SER A 196 -14.62 52.72 14.83
C SER A 196 -14.44 51.78 16.01
N ALA A 197 -15.48 51.05 16.37
CA ALA A 197 -15.42 50.12 17.52
C ALA A 197 -14.26 49.16 17.36
N PHE A 198 -14.11 48.57 16.18
CA PHE A 198 -13.02 47.59 15.97
C PHE A 198 -11.66 48.27 15.99
N ILE A 199 -11.57 49.50 15.48
CA ILE A 199 -10.26 50.18 15.42
C ILE A 199 -9.87 50.67 16.80
N SER A 200 -10.81 51.32 17.49
CA SER A 200 -10.56 51.87 18.83
C SER A 200 -10.12 50.77 19.79
N SER A 201 -10.78 49.62 19.73
CA SER A 201 -10.54 48.49 20.66
C SER A 201 -9.24 47.77 20.37
N ASN A 202 -8.74 47.80 19.14
CA ASN A 202 -7.54 47.02 18.79
C ASN A 202 -6.30 47.88 18.96
N VAL A 203 -6.50 49.18 18.97
CA VAL A 203 -5.39 50.13 19.23
C VAL A 203 -5.17 50.10 20.73
N SER A 204 -6.22 49.85 21.51
CA SER A 204 -6.06 49.74 22.97
C SER A 204 -5.28 48.47 23.30
N SER A 205 -5.43 47.42 22.50
CA SER A 205 -4.73 46.13 22.75
C SER A 205 -3.36 46.08 22.08
N LEU A 206 -2.78 47.21 21.71
CA LEU A 206 -1.43 47.25 21.09
C LEU A 206 -0.39 47.33 22.20
N HIS A 207 -0.81 47.56 23.42
CA HIS A 207 0.09 47.74 24.58
C HIS A 207 0.51 46.38 25.11
N LYS A 208 -0.22 45.34 24.75
CA LYS A 208 0.10 43.97 25.20
C LYS A 208 1.06 43.35 24.21
N VAL A 209 1.23 43.98 23.04
CA VAL A 209 2.10 43.50 21.94
C VAL A 209 3.56 43.85 22.25
N LYS A 210 4.49 43.03 21.79
CA LYS A 210 5.91 43.27 22.08
C LYS A 210 6.48 44.17 21.00
N GLY A 211 5.91 44.08 19.81
CA GLY A 211 6.35 44.93 18.69
C GLY A 211 5.25 45.09 17.68
N VAL A 212 5.32 46.12 16.86
CA VAL A 212 4.28 46.33 15.82
C VAL A 212 5.01 46.54 14.51
N LEU A 213 4.96 45.57 13.60
CA LEU A 213 5.68 45.69 12.32
C LEU A 213 4.76 46.36 11.32
N ILE A 214 5.31 47.19 10.45
CA ILE A 214 4.50 47.86 9.40
C ILE A 214 5.21 47.65 8.07
N ASN A 215 4.49 47.70 6.95
CA ASN A 215 5.14 47.45 5.64
C ASN A 215 5.61 48.77 5.03
N THR A 216 6.59 49.40 5.63
CA THR A 216 7.14 50.65 5.05
C THR A 216 8.56 50.85 5.56
N PHE A 217 9.26 51.85 5.04
CA PHE A 217 10.63 52.16 5.54
C PHE A 217 10.68 53.64 5.95
N ASN A 218 11.81 54.14 6.43
CA ASN A 218 11.81 55.54 6.89
C ASN A 218 12.07 56.57 5.79
N SER A 219 12.68 56.22 4.66
CA SER A 219 12.82 57.28 3.62
C SER A 219 11.43 57.59 3.09
N PHE A 220 10.62 56.56 2.93
CA PHE A 220 9.23 56.64 2.43
C PHE A 220 8.36 57.40 3.41
N GLU A 221 8.41 57.06 4.70
CA GLU A 221 7.55 57.76 5.68
C GLU A 221 8.34 58.17 6.92
N SER A 222 9.14 59.21 6.80
CA SER A 222 10.02 59.66 7.91
C SER A 222 9.22 60.22 9.08
N GLU A 223 8.21 61.01 8.77
CA GLU A 223 7.39 61.68 9.80
C GLU A 223 6.48 60.66 10.47
N ALA A 224 5.83 59.82 9.69
CA ALA A 224 4.90 58.83 10.26
C ALA A 224 5.61 57.91 11.26
N ILE A 225 6.80 57.42 10.94
CA ILE A 225 7.53 56.53 11.88
C ILE A 225 7.76 57.26 13.20
N GLU A 226 8.14 58.53 13.18
CA GLU A 226 8.37 59.28 14.43
C GLU A 226 7.02 59.75 15.00
N ALA A 227 6.06 60.07 14.15
CA ALA A 227 4.75 60.50 14.70
C ALA A 227 4.14 59.34 15.46
N VAL A 228 4.25 58.13 14.93
CA VAL A 228 3.72 56.88 15.55
C VAL A 228 4.60 56.53 16.75
N ARG A 229 5.88 56.91 16.73
CA ARG A 229 6.79 56.60 17.87
C ARG A 229 6.53 57.56 19.03
N ARG A 230 6.19 58.80 18.73
CA ARG A 230 5.97 59.79 19.82
C ARG A 230 4.49 59.90 20.13
N ASN A 231 3.68 58.90 19.78
CA ASN A 231 2.24 59.05 20.08
C ASN A 231 1.65 57.79 20.68
N GLY A 232 2.46 56.88 21.18
CA GLY A 232 1.90 55.68 21.83
C GLY A 232 2.34 54.38 21.21
N VAL A 233 3.02 54.41 20.07
CA VAL A 233 3.49 53.14 19.45
C VAL A 233 5.00 53.17 19.43
N ASP A 234 5.66 53.03 20.58
CA ASP A 234 7.14 53.16 20.61
C ASP A 234 7.82 51.90 20.11
N HIS A 235 7.08 50.79 20.09
CA HIS A 235 7.61 49.45 19.72
C HIS A 235 7.24 49.14 18.27
N ILE A 236 7.07 50.17 17.46
CA ILE A 236 6.75 50.08 16.02
C ILE A 236 8.05 49.79 15.28
N LEU A 237 8.03 48.84 14.33
CA LEU A 237 9.23 48.46 13.55
C LEU A 237 8.88 48.51 12.07
N PRO A 238 9.45 49.40 11.25
CA PRO A 238 9.20 49.39 9.82
C PRO A 238 10.12 48.39 9.13
N ILE A 239 9.59 47.29 8.64
CA ILE A 239 10.42 46.21 8.03
C ILE A 239 10.19 46.14 6.52
N GLY A 240 9.73 47.22 5.90
CA GLY A 240 9.43 47.24 4.46
C GLY A 240 10.66 47.37 3.61
N PRO A 241 10.60 47.09 2.30
CA PRO A 241 9.43 46.49 1.71
C PRO A 241 9.44 44.97 1.88
N LEU A 242 8.27 44.37 1.99
CA LEU A 242 8.21 42.91 2.19
C LEU A 242 8.72 42.22 0.92
N GLU A 243 9.44 41.13 1.07
CA GLU A 243 10.02 40.39 -0.06
C GLU A 243 8.94 39.59 -0.77
N SER A 244 9.21 39.11 -1.98
CA SER A 244 8.21 38.38 -2.79
C SER A 244 8.29 36.87 -2.57
N TYR A 245 7.15 36.17 -2.56
CA TYR A 245 7.17 34.69 -2.46
C TYR A 245 7.26 34.10 -3.87
N ASP A 246 7.48 32.80 -4.01
CA ASP A 246 7.60 32.19 -5.37
C ASP A 246 6.22 31.77 -5.89
N ALA A 247 6.11 31.27 -7.12
CA ALA A 247 4.78 30.86 -7.61
C ALA A 247 4.88 29.80 -8.71
N LYS A 248 5.96 29.83 -9.50
CA LYS A 248 6.31 28.89 -10.62
C LYS A 248 5.25 28.82 -11.75
N LYS A 249 5.41 29.61 -12.82
CA LYS A 249 4.51 29.64 -14.02
C LYS A 249 5.08 30.56 -15.11
N ALA A 250 4.20 31.45 -15.67
CA ALA A 250 4.37 32.55 -16.66
C ALA A 250 3.97 32.31 -18.13
N HIS A 251 2.69 32.04 -18.40
CA HIS A 251 2.13 31.96 -19.78
C HIS A 251 1.12 33.10 -19.92
N ASP A 252 1.39 34.17 -19.16
CA ASP A 252 0.60 35.42 -18.97
C ASP A 252 1.17 36.56 -19.82
N LEU A 253 2.41 36.44 -20.32
CA LEU A 253 3.01 37.57 -21.07
C LEU A 253 3.59 37.18 -22.43
N PRO A 254 2.92 36.40 -23.29
CA PRO A 254 3.45 36.12 -24.61
C PRO A 254 3.55 37.45 -25.35
N TRP A 255 2.59 38.33 -25.09
CA TRP A 255 2.50 39.68 -25.69
C TRP A 255 3.54 40.57 -25.02
N LEU A 256 3.73 40.38 -23.72
CA LEU A 256 4.71 41.14 -22.90
C LEU A 256 6.10 40.94 -23.49
N ASP A 257 6.41 39.73 -23.95
CA ASP A 257 7.73 39.49 -24.57
C ASP A 257 7.89 40.32 -25.85
N GLU A 258 6.85 40.37 -26.68
CA GLU A 258 6.89 41.10 -27.97
C GLU A 258 6.99 42.60 -27.74
N GLN A 259 6.35 43.10 -26.68
CA GLN A 259 6.32 44.56 -26.39
C GLN A 259 7.71 45.08 -26.02
N PRO A 260 8.01 46.36 -26.32
CA PRO A 260 9.33 46.93 -26.03
C PRO A 260 9.47 47.30 -24.55
N PRO A 261 10.67 47.61 -24.06
CA PRO A 261 10.84 47.90 -22.64
C PRO A 261 10.19 49.20 -22.19
N GLU A 262 9.61 49.17 -20.98
CA GLU A 262 9.11 50.32 -20.27
C GLU A 262 7.94 50.94 -21.01
N SER A 263 7.42 50.23 -21.99
CA SER A 263 6.37 50.78 -22.84
C SER A 263 4.98 50.39 -22.42
N VAL A 264 4.86 49.52 -21.43
CA VAL A 264 3.55 48.98 -21.08
C VAL A 264 3.02 49.49 -19.74
N LEU A 265 1.79 49.95 -19.77
CA LEU A 265 1.10 50.46 -18.61
C LEU A 265 0.30 49.33 -17.99
N PHE A 266 0.50 49.14 -16.69
CA PHE A 266 -0.14 48.04 -16.00
C PHE A 266 -1.28 48.58 -15.17
N VAL A 267 -2.49 48.14 -15.46
CA VAL A 267 -3.62 48.62 -14.71
C VAL A 267 -4.14 47.55 -13.79
N SER A 268 -4.08 47.82 -12.49
CA SER A 268 -4.64 46.95 -11.48
C SER A 268 -5.42 47.77 -10.47
N PHE A 269 -6.61 47.30 -10.13
CA PHE A 269 -7.43 47.96 -9.14
C PHE A 269 -7.54 47.12 -7.87
N GLY A 270 -6.57 46.25 -7.67
CA GLY A 270 -6.47 45.47 -6.46
C GLY A 270 -7.16 44.13 -6.46
N SER A 271 -7.22 43.50 -5.30
CA SER A 271 -7.76 42.16 -5.15
C SER A 271 -9.20 42.12 -5.52
N ARG A 272 -9.83 43.29 -5.47
CA ARG A 272 -11.26 43.39 -5.70
C ARG A 272 -11.60 44.49 -6.69
N THR A 273 -12.80 44.42 -7.26
CA THR A 273 -13.24 45.44 -8.21
C THR A 273 -13.39 46.77 -7.53
N ALA A 274 -13.17 47.84 -8.28
CA ALA A 274 -13.20 49.16 -7.72
C ALA A 274 -14.37 50.00 -8.21
N LEU A 275 -14.15 50.62 -9.34
CA LEU A 275 -15.06 51.65 -9.82
C LEU A 275 -16.30 51.07 -10.48
N SER A 276 -17.30 51.91 -10.70
CA SER A 276 -18.52 51.47 -11.35
C SER A 276 -18.29 51.22 -12.83
N LYS A 277 -19.16 50.43 -13.45
CA LYS A 277 -18.96 50.00 -14.82
C LYS A 277 -18.89 51.21 -15.73
N GLU A 278 -19.72 52.20 -15.45
CA GLU A 278 -19.76 53.41 -16.24
C GLU A 278 -18.44 54.15 -16.18
N GLN A 279 -17.86 54.24 -14.99
CA GLN A 279 -16.56 54.90 -14.82
C GLN A 279 -15.42 54.18 -15.51
N ILE A 280 -15.44 52.86 -15.46
CA ILE A 280 -14.37 52.07 -16.02
C ILE A 280 -14.28 52.33 -17.49
N ARG A 281 -15.43 52.42 -18.14
CA ARG A 281 -15.48 52.52 -19.60
C ARG A 281 -14.78 53.78 -20.07
N GLU A 282 -14.93 54.86 -19.31
CA GLU A 282 -14.22 56.08 -19.60
C GLU A 282 -12.70 55.88 -19.51
N LEU A 283 -12.23 55.12 -18.54
CA LEU A 283 -10.80 54.82 -18.52
C LEU A 283 -10.45 54.03 -19.76
N GLY A 284 -11.30 53.09 -20.11
CA GLY A 284 -11.02 52.26 -21.26
C GLY A 284 -10.94 53.18 -22.45
N ALA A 285 -11.86 54.13 -22.53
CA ALA A 285 -11.81 55.12 -23.58
C ALA A 285 -10.54 55.93 -23.40
N ALA A 286 -10.24 56.24 -22.15
CA ALA A 286 -9.08 57.03 -21.80
C ALA A 286 -7.80 56.33 -22.21
N LEU A 287 -7.75 55.03 -22.00
CA LEU A 287 -6.55 54.28 -22.30
C LEU A 287 -6.29 54.40 -23.78
N GLU A 288 -7.36 54.32 -24.56
CA GLU A 288 -7.28 54.34 -26.00
C GLU A 288 -6.70 55.64 -26.48
N LYS A 289 -7.15 56.74 -25.90
CA LYS A 289 -6.70 58.05 -26.32
C LYS A 289 -5.23 58.22 -26.07
N SER A 290 -4.76 57.70 -24.95
CA SER A 290 -3.37 57.80 -24.55
C SER A 290 -2.40 57.09 -25.46
N GLY A 291 -2.81 55.93 -25.95
CA GLY A 291 -1.98 55.11 -26.80
C GLY A 291 -1.02 54.26 -26.02
N CYS A 292 -1.09 54.35 -24.70
CA CYS A 292 -0.22 53.58 -23.84
C CYS A 292 -0.52 52.15 -24.17
N ARG A 293 0.53 51.35 -24.31
CA ARG A 293 0.36 49.89 -24.48
C ARG A 293 0.01 49.40 -23.08
N PHE A 294 -0.84 48.38 -22.96
CA PHE A 294 -1.23 48.06 -21.58
C PHE A 294 -1.52 46.58 -21.35
N LEU A 295 -1.34 46.20 -20.10
CA LEU A 295 -1.75 44.92 -19.56
C LEU A 295 -2.74 45.24 -18.46
N TRP A 296 -3.96 44.76 -18.58
CA TRP A 296 -5.00 45.12 -17.63
C TRP A 296 -5.57 43.90 -16.94
N VAL A 297 -5.61 43.92 -15.62
CA VAL A 297 -6.20 42.85 -14.87
C VAL A 297 -7.48 43.36 -14.29
N LEU A 298 -8.59 42.80 -14.73
CA LEU A 298 -9.88 43.30 -14.34
C LEU A 298 -10.54 42.32 -13.42
N LYS A 299 -11.02 42.80 -12.28
CA LYS A 299 -11.82 41.97 -11.44
C LYS A 299 -13.24 42.47 -11.53
N GLY A 300 -14.10 41.65 -12.11
CA GLY A 300 -15.49 42.01 -12.26
C GLY A 300 -16.20 42.08 -10.94
N GLY A 301 -16.07 41.00 -10.18
CA GLY A 301 -16.71 40.89 -8.87
C GLY A 301 -16.09 41.90 -7.94
N LYS A 302 -16.87 42.88 -7.51
CA LYS A 302 -16.27 43.94 -6.67
C LYS A 302 -15.68 43.35 -5.37
N VAL A 303 -16.27 42.34 -4.75
CA VAL A 303 -15.59 41.86 -3.53
C VAL A 303 -15.25 40.37 -3.58
N ASP A 304 -16.00 39.55 -4.32
CA ASP A 304 -15.74 38.09 -4.23
C ASP A 304 -15.29 37.42 -5.51
N LYS A 305 -14.21 36.66 -5.39
CA LYS A 305 -13.61 35.88 -6.51
C LYS A 305 -14.63 34.87 -6.97
N GLU A 306 -15.29 34.22 -6.02
CA GLU A 306 -16.31 33.17 -6.28
C GLU A 306 -17.51 33.76 -7.01
N ASP A 307 -17.95 34.95 -6.61
CA ASP A 307 -19.13 35.66 -7.16
C ASP A 307 -18.94 36.21 -8.57
N LYS A 308 -17.73 36.48 -9.02
CA LYS A 308 -17.54 37.14 -10.34
C LYS A 308 -17.70 36.16 -11.50
N GLU A 309 -18.75 36.34 -12.29
CA GLU A 309 -19.01 35.46 -13.45
C GLU A 309 -19.13 36.29 -14.73
N GLU A 310 -18.97 37.62 -14.67
CA GLU A 310 -19.05 38.46 -15.91
C GLU A 310 -17.76 38.35 -16.72
N VAL A 311 -17.75 38.77 -17.98
CA VAL A 311 -16.51 38.52 -18.79
C VAL A 311 -16.15 39.69 -19.72
N GLU A 312 -16.74 39.68 -20.91
CA GLU A 312 -16.53 40.73 -21.93
C GLU A 312 -17.68 41.73 -21.86
N ASP A 313 -18.54 41.57 -20.85
CA ASP A 313 -19.76 42.38 -20.61
C ASP A 313 -19.42 43.57 -19.71
N MET A 314 -18.15 43.73 -19.36
CA MET A 314 -17.71 44.89 -18.54
C MET A 314 -17.35 46.06 -19.45
N LEU A 315 -16.64 45.82 -20.54
CA LEU A 315 -16.18 46.97 -21.39
C LEU A 315 -16.90 47.04 -22.73
N GLY A 316 -17.49 45.94 -23.18
CA GLY A 316 -18.20 45.87 -24.47
C GLY A 316 -17.30 45.34 -25.55
N ALA A 317 -17.88 44.83 -26.64
CA ALA A 317 -17.06 44.30 -27.74
C ALA A 317 -16.25 45.45 -28.34
N SER A 318 -16.93 46.58 -28.53
CA SER A 318 -16.41 47.81 -29.16
C SER A 318 -14.96 48.09 -28.78
N PHE A 319 -14.65 48.15 -27.47
CA PHE A 319 -13.28 48.43 -27.04
C PHE A 319 -12.30 47.29 -27.19
N VAL A 320 -12.71 46.08 -26.88
CA VAL A 320 -11.77 44.98 -26.84
C VAL A 320 -11.14 44.79 -28.20
N GLU A 321 -11.94 44.87 -29.25
CA GLU A 321 -11.44 44.72 -30.60
C GLU A 321 -10.48 45.82 -31.01
N ARG A 322 -10.81 47.07 -30.70
CA ARG A 322 -10.02 48.22 -31.21
C ARG A 322 -8.60 48.21 -30.67
N THR A 323 -8.44 47.79 -29.44
CA THR A 323 -7.14 47.78 -28.80
C THR A 323 -6.51 46.43 -28.99
N LYS A 324 -7.03 45.66 -29.93
CA LYS A 324 -6.69 44.26 -30.03
C LYS A 324 -5.20 44.08 -30.21
N LYS A 325 -4.57 44.91 -31.01
CA LYS A 325 -3.15 44.76 -31.25
C LYS A 325 -2.27 45.57 -30.29
N LYS A 326 -2.88 46.36 -29.42
CA LYS A 326 -2.09 47.22 -28.53
C LYS A 326 -2.16 46.94 -27.03
N GLY A 327 -3.11 46.14 -26.59
CA GLY A 327 -3.25 45.85 -25.17
C GLY A 327 -3.96 44.56 -24.88
N LEU A 328 -3.74 44.01 -23.70
CA LEU A 328 -4.39 42.76 -23.34
C LEU A 328 -5.08 42.86 -22.00
N ILE A 329 -6.22 42.20 -21.87
CA ILE A 329 -6.96 42.20 -20.62
C ILE A 329 -7.12 40.80 -20.05
N VAL A 330 -6.76 40.66 -18.79
CA VAL A 330 -6.85 39.40 -18.07
C VAL A 330 -7.93 39.58 -17.04
N LYS A 331 -8.84 38.63 -16.99
CA LYS A 331 -9.94 38.69 -16.05
C LYS A 331 -9.63 37.79 -14.87
N GLY A 332 -9.76 38.32 -13.66
CA GLY A 332 -9.42 37.55 -12.48
C GLY A 332 -8.07 37.88 -11.90
N TRP A 333 -7.31 36.84 -11.59
CA TRP A 333 -6.05 36.98 -10.88
C TRP A 333 -4.84 36.90 -11.79
N VAL A 334 -3.82 37.70 -11.50
CA VAL A 334 -2.56 37.67 -12.22
C VAL A 334 -1.46 37.80 -11.19
N LYS A 335 -0.25 37.38 -11.52
CA LYS A 335 0.85 37.51 -10.58
C LYS A 335 1.37 38.91 -10.71
N GLN A 336 0.82 39.80 -9.89
CA GLN A 336 1.08 41.22 -10.03
C GLN A 336 2.51 41.60 -9.81
N GLU A 337 3.14 41.02 -8.79
CA GLU A 337 4.51 41.33 -8.50
C GLU A 337 5.47 40.91 -9.61
N GLN A 338 5.26 39.72 -10.18
CA GLN A 338 6.10 39.25 -11.28
C GLN A 338 5.96 40.10 -12.51
N ILE A 339 4.74 40.52 -12.79
CA ILE A 339 4.47 41.37 -13.93
C ILE A 339 5.13 42.73 -13.84
N LEU A 340 5.06 43.36 -12.67
CA LEU A 340 5.60 44.68 -12.45
C LEU A 340 7.09 44.64 -12.63
N ALA A 341 7.69 43.55 -12.20
CA ALA A 341 9.12 43.34 -12.26
C ALA A 341 9.64 43.30 -13.68
N HIS A 342 8.77 42.93 -14.61
CA HIS A 342 9.13 42.75 -16.00
C HIS A 342 9.65 44.02 -16.62
N PRO A 343 10.62 43.88 -17.52
CA PRO A 343 11.29 45.01 -18.16
C PRO A 343 10.31 45.84 -18.96
N ALA A 344 9.32 45.19 -19.54
CA ALA A 344 8.30 45.83 -20.36
C ALA A 344 7.45 46.85 -19.63
N ILE A 345 7.08 46.58 -18.38
CA ILE A 345 6.22 47.49 -17.66
C ILE A 345 6.90 48.81 -17.38
N GLY A 346 6.21 49.90 -17.71
CA GLY A 346 6.75 51.22 -17.51
C GLY A 346 5.92 52.18 -16.70
N GLY A 347 4.68 51.82 -16.41
CA GLY A 347 3.81 52.65 -15.63
C GLY A 347 2.88 51.79 -14.82
N PHE A 348 2.38 52.30 -13.72
CA PHE A 348 1.44 51.55 -12.90
C PHE A 348 0.20 52.37 -12.60
N VAL A 349 -0.98 51.83 -12.86
CA VAL A 349 -2.20 52.46 -12.44
C VAL A 349 -2.77 51.63 -11.31
N SER A 350 -2.93 52.26 -10.16
CA SER A 350 -3.19 51.54 -8.94
C SER A 350 -4.33 52.15 -8.17
N HIS A 351 -4.96 51.33 -7.34
CA HIS A 351 -6.00 51.78 -6.44
C HIS A 351 -5.29 52.18 -5.18
N CYS A 352 -3.98 52.07 -5.20
CA CYS A 352 -3.17 52.47 -4.07
C CYS A 352 -3.51 51.73 -2.79
N GLY A 353 -3.80 50.44 -2.91
CA GLY A 353 -3.80 49.59 -1.76
C GLY A 353 -2.35 49.61 -1.35
N TRP A 354 -2.08 49.60 -0.05
CA TRP A 354 -0.73 49.84 0.40
C TRP A 354 0.23 48.78 -0.08
N ASN A 355 -0.20 47.53 -0.10
CA ASN A 355 0.73 46.51 -0.48
C ASN A 355 1.20 46.76 -1.89
N SER A 356 0.28 47.16 -2.75
CA SER A 356 0.64 47.47 -4.13
C SER A 356 1.59 48.64 -4.21
N VAL A 357 1.38 49.65 -3.38
CA VAL A 357 2.24 50.83 -3.40
C VAL A 357 3.69 50.53 -3.03
N ILE A 358 3.88 49.69 -2.01
CA ILE A 358 5.26 49.36 -1.54
C ILE A 358 6.02 48.58 -2.61
N GLU A 359 5.35 47.80 -3.44
CA GLU A 359 6.06 47.03 -4.49
C GLU A 359 6.39 47.94 -5.64
N ALA A 360 5.48 48.85 -5.94
CA ALA A 360 5.85 49.80 -6.97
C ALA A 360 7.10 50.56 -6.59
N ALA A 361 7.21 51.00 -5.34
CA ALA A 361 8.42 51.65 -4.88
C ALA A 361 9.58 50.69 -4.90
N ARG A 362 9.33 49.47 -4.47
CA ARG A 362 10.35 48.44 -4.43
C ARG A 362 10.85 48.10 -5.83
N LEU A 363 9.94 48.06 -6.78
CA LEU A 363 10.29 47.75 -8.17
C LEU A 363 10.56 48.98 -9.02
N GLY A 364 10.44 50.16 -8.43
CA GLY A 364 10.61 51.40 -9.15
C GLY A 364 9.71 51.62 -10.35
N VAL A 365 8.42 51.37 -10.18
CA VAL A 365 7.45 51.58 -11.25
C VAL A 365 6.60 52.81 -10.97
N PRO A 366 6.50 53.70 -11.94
CA PRO A 366 5.76 54.95 -11.77
C PRO A 366 4.27 54.74 -11.64
N VAL A 367 3.63 55.53 -10.79
CA VAL A 367 2.23 55.32 -10.45
C VAL A 367 1.32 56.45 -10.87
N LEU A 368 0.17 56.10 -11.40
CA LEU A 368 -0.92 57.03 -11.53
C LEU A 368 -1.93 56.59 -10.50
N ALA A 369 -2.29 57.49 -9.58
CA ALA A 369 -3.05 57.12 -8.41
C ALA A 369 -4.52 57.37 -8.57
N TRP A 370 -5.30 56.31 -8.35
CA TRP A 370 -6.74 56.38 -8.39
C TRP A 370 -7.29 55.66 -7.20
N PRO A 371 -7.14 56.21 -6.01
CA PRO A 371 -7.62 55.55 -4.80
C PRO A 371 -9.12 55.40 -4.83
N GLN A 372 -9.63 54.24 -4.51
CA GLN A 372 -11.06 54.02 -4.60
C GLN A 372 -11.80 54.19 -3.28
N HIS A 373 -11.29 53.56 -2.23
CA HIS A 373 -11.98 53.47 -0.96
C HIS A 373 -11.01 53.47 0.19
N GLY A 374 -11.51 53.70 1.39
CA GLY A 374 -10.75 53.46 2.58
C GLY A 374 -9.41 54.14 2.67
N ASP A 375 -8.39 53.39 3.08
CA ASP A 375 -7.06 53.97 3.35
C ASP A 375 -6.37 54.40 2.09
N GLN A 376 -6.89 53.98 0.95
CA GLN A 376 -6.27 54.22 -0.34
C GLN A 376 -6.02 55.69 -0.64
N SER A 377 -6.95 56.55 -0.27
CA SER A 377 -6.78 57.99 -0.48
C SER A 377 -5.58 58.55 0.28
N VAL A 378 -5.39 58.14 1.52
CA VAL A 378 -4.22 58.57 2.27
C VAL A 378 -2.95 58.04 1.63
N ASN A 379 -3.02 56.81 1.14
CA ASN A 379 -1.92 56.19 0.43
C ASN A 379 -1.62 56.95 -0.83
N ALA A 380 -2.67 57.47 -1.45
CA ALA A 380 -2.49 58.30 -2.62
C ALA A 380 -1.67 59.50 -2.20
N GLY A 381 -1.98 60.04 -1.03
CA GLY A 381 -1.28 61.19 -0.50
C GLY A 381 0.17 60.87 -0.28
N VAL A 382 0.45 59.67 0.22
CA VAL A 382 1.82 59.22 0.44
C VAL A 382 2.57 59.09 -0.86
N VAL A 383 1.90 58.61 -1.89
CA VAL A 383 2.53 58.41 -3.18
C VAL A 383 2.99 59.74 -3.72
N GLU A 384 2.16 60.76 -3.55
CA GLU A 384 2.49 62.08 -4.01
C GLU A 384 3.71 62.65 -3.32
N LYS A 385 3.75 62.53 -2.01
CA LYS A 385 4.84 63.08 -1.21
C LYS A 385 6.17 62.42 -1.51
N ALA A 386 6.14 61.11 -1.71
CA ALA A 386 7.33 60.35 -2.01
C ALA A 386 7.93 60.80 -3.31
N GLY A 387 7.08 61.13 -4.27
CA GLY A 387 7.50 61.39 -5.62
C GLY A 387 7.38 60.14 -6.49
N LEU A 388 6.76 59.12 -5.93
CA LEU A 388 6.47 57.87 -6.63
C LEU A 388 5.51 57.96 -7.81
N GLY A 389 4.49 58.79 -7.69
CA GLY A 389 3.43 58.85 -8.68
C GLY A 389 2.73 60.18 -8.82
N LEU A 390 1.89 60.27 -9.85
CA LEU A 390 1.03 61.44 -10.05
C LEU A 390 -0.35 61.17 -9.45
N TRP A 391 -0.87 62.11 -8.69
CA TRP A 391 -2.17 61.92 -8.09
C TRP A 391 -3.09 63.10 -8.31
N VAL A 392 -4.36 62.85 -8.60
CA VAL A 392 -5.33 63.91 -8.63
C VAL A 392 -6.31 63.73 -7.48
N ARG A 393 -6.34 64.69 -6.57
CA ARG A 393 -7.18 64.63 -5.38
C ARG A 393 -8.66 64.65 -5.68
N GLU A 394 -9.04 65.45 -6.66
CA GLU A 394 -10.42 65.74 -6.96
C GLU A 394 -11.17 64.59 -7.57
N TRP A 395 -10.47 63.55 -7.98
CA TRP A 395 -11.12 62.40 -8.55
C TRP A 395 -12.06 61.74 -7.55
N GLY A 396 -11.65 61.73 -6.29
CA GLY A 396 -12.56 61.45 -5.19
C GLY A 396 -12.84 60.01 -4.85
N TRP A 397 -13.72 59.83 -3.87
CA TRP A 397 -14.07 58.50 -3.40
C TRP A 397 -14.70 57.81 -4.57
N GLY A 398 -14.50 56.49 -4.67
CA GLY A 398 -14.93 55.80 -5.87
C GLY A 398 -16.43 55.90 -6.06
N GLN A 399 -16.79 56.28 -7.28
CA GLN A 399 -18.17 56.41 -7.71
C GLN A 399 -18.79 57.70 -7.18
N THR A 400 -18.02 58.46 -6.42
CA THR A 400 -18.48 59.76 -5.94
C THR A 400 -18.73 60.70 -7.11
N LYS A 401 -17.82 60.65 -8.08
CA LYS A 401 -17.85 61.53 -9.24
C LYS A 401 -17.62 60.69 -10.48
N LEU A 402 -18.02 61.18 -11.63
CA LEU A 402 -17.71 60.49 -12.87
C LEU A 402 -16.62 61.27 -13.57
N ILE A 403 -15.52 60.59 -13.89
CA ILE A 403 -14.37 61.25 -14.48
C ILE A 403 -14.36 61.01 -15.97
N GLY A 404 -14.32 62.10 -16.73
CA GLY A 404 -14.37 62.03 -18.17
C GLY A 404 -13.11 61.45 -18.76
N ARG A 405 -13.23 60.84 -19.93
CA ARG A 405 -12.10 60.17 -20.53
C ARG A 405 -10.98 61.15 -20.82
N GLU A 406 -11.35 62.34 -21.26
CA GLU A 406 -10.34 63.30 -21.65
C GLU A 406 -9.46 63.63 -20.45
N GLU A 407 -10.06 63.82 -19.29
CA GLU A 407 -9.28 64.14 -18.11
C GLU A 407 -8.36 62.98 -17.75
N ILE A 408 -8.88 61.78 -17.86
CA ILE A 408 -8.09 60.59 -17.57
C ILE A 408 -6.94 60.46 -18.54
N ALA A 409 -7.19 60.77 -19.81
CA ALA A 409 -6.17 60.61 -20.84
C ALA A 409 -4.98 61.49 -20.62
N GLU A 410 -5.24 62.73 -20.21
CA GLU A 410 -4.19 63.71 -20.05
C GLU A 410 -3.19 63.34 -18.98
N LYS A 411 -3.69 62.87 -17.84
CA LYS A 411 -2.82 62.46 -16.75
C LYS A 411 -1.97 61.27 -17.18
N MET A 412 -2.58 60.38 -17.94
CA MET A 412 -1.89 59.21 -18.44
C MET A 412 -0.77 59.53 -19.40
N ILE A 413 -1.01 60.47 -20.30
CA ILE A 413 0.02 60.91 -21.22
C ILE A 413 1.12 61.61 -20.43
N GLU A 414 0.71 62.37 -19.45
CA GLU A 414 1.62 63.08 -18.59
C GLU A 414 2.52 62.10 -17.83
N VAL A 415 1.95 60.98 -17.39
CA VAL A 415 2.71 59.95 -16.71
C VAL A 415 3.77 59.32 -17.61
N MET A 416 3.40 59.09 -18.86
CA MET A 416 4.31 58.46 -19.81
C MET A 416 5.52 59.32 -20.09
N GLN A 417 5.29 60.63 -20.21
CA GLN A 417 6.34 61.52 -20.65
C GLN A 417 7.00 62.34 -19.56
N ASP A 418 6.69 62.06 -18.30
CA ASP A 418 7.24 62.85 -17.21
C ASP A 418 8.53 62.26 -16.70
N GLU A 419 9.63 62.88 -17.12
CA GLU A 419 10.98 62.47 -16.80
C GLU A 419 11.43 62.62 -15.34
N LYS A 420 11.02 63.70 -14.69
CA LYS A 420 11.42 63.90 -13.32
C LYS A 420 10.87 62.77 -12.49
N LEU A 421 9.66 62.36 -12.82
CA LEU A 421 8.98 61.33 -12.08
C LEU A 421 9.76 60.04 -12.15
N ARG A 422 10.24 59.70 -13.33
CA ARG A 422 11.00 58.49 -13.48
C ARG A 422 12.27 58.59 -12.65
N VAL A 423 12.89 59.76 -12.70
CA VAL A 423 14.12 59.97 -11.95
C VAL A 423 13.88 59.86 -10.46
N SER A 424 12.82 60.51 -9.99
CA SER A 424 12.45 60.39 -8.58
C SER A 424 12.03 58.96 -8.27
N ALA A 425 11.25 58.38 -9.18
CA ALA A 425 10.77 57.01 -9.02
C ALA A 425 11.92 56.03 -9.03
N GLY A 426 12.89 56.27 -9.89
CA GLY A 426 14.07 55.45 -9.94
C GLY A 426 14.83 55.54 -8.64
N GLU A 427 14.88 56.74 -8.09
CA GLU A 427 15.56 57.01 -6.83
C GLU A 427 14.94 56.28 -5.66
N VAL A 428 13.61 56.18 -5.65
CA VAL A 428 12.88 55.47 -4.61
C VAL A 428 13.22 53.99 -4.58
N ARG A 429 13.38 53.40 -5.75
CA ARG A 429 13.70 51.99 -5.87
C ARG A 429 15.05 51.63 -5.29
N ALA A 430 16.03 52.49 -5.47
CA ALA A 430 17.37 52.29 -4.94
C ALA A 430 17.34 52.31 -3.43
N LYS A 431 16.59 53.23 -2.86
CA LYS A 431 16.44 53.33 -1.42
C LYS A 431 15.76 52.10 -0.83
N ALA A 432 14.77 51.58 -1.53
CA ALA A 432 14.05 50.41 -1.06
C ALA A 432 14.99 49.24 -0.97
N LYS A 433 15.86 49.11 -1.96
CA LYS A 433 16.89 48.09 -1.97
C LYS A 433 17.85 48.32 -0.83
N GLU A 434 18.14 49.59 -0.57
CA GLU A 434 19.14 49.95 0.41
C GLU A 434 18.72 49.42 1.76
N THR A 435 17.45 49.55 2.07
CA THR A 435 16.89 49.04 3.33
C THR A 435 16.92 47.52 3.42
N ARG A 436 16.65 46.86 2.31
CA ARG A 436 16.70 45.40 2.21
C ARG A 436 18.09 44.81 2.33
N GLU A 437 19.10 45.57 1.94
CA GLU A 437 20.47 45.09 1.95
C GLU A 437 20.83 44.86 3.40
N VAL A 438 21.81 44.00 3.64
CA VAL A 438 22.06 43.45 4.96
C VAL A 438 22.40 44.52 5.99
N ASP A 439 23.12 45.54 5.57
CA ASP A 439 23.40 46.67 6.42
C ASP A 439 22.14 47.50 6.67
N GLY A 440 21.10 47.24 5.90
CA GLY A 440 19.92 48.09 5.86
C GLY A 440 19.10 48.21 7.13
N ASP A 441 18.49 49.37 7.31
CA ASP A 441 17.75 49.64 8.53
C ASP A 441 16.56 48.72 8.73
N SER A 442 15.72 48.57 7.71
CA SER A 442 14.60 47.66 7.80
C SER A 442 15.04 46.22 7.94
N GLU A 443 16.09 45.88 7.19
CA GLU A 443 16.67 44.55 7.26
C GLU A 443 17.22 44.29 8.64
N ALA A 444 17.83 45.31 9.23
CA ALA A 444 18.43 45.14 10.54
C ALA A 444 17.40 44.77 11.60
N LEU A 445 16.25 45.41 11.59
CA LEU A 445 15.25 45.11 12.61
C LEU A 445 14.69 43.69 12.55
N LEU A 446 14.41 43.21 11.35
CA LEU A 446 13.90 41.85 11.22
C LEU A 446 14.94 40.86 11.68
N GLN A 447 16.20 41.11 11.35
CA GLN A 447 17.26 40.24 11.79
C GLN A 447 17.31 40.28 13.31
N ARG A 448 17.18 41.47 13.86
CA ARG A 448 17.24 41.67 15.30
C ARG A 448 16.14 40.98 16.08
N LEU A 449 14.93 41.02 15.54
CA LEU A 449 13.76 40.49 16.22
C LEU A 449 13.95 39.00 16.45
N ILE A 450 14.50 38.33 15.45
CA ILE A 450 14.79 36.92 15.55
C ILE A 450 15.83 36.63 16.62
N HIS A 451 16.81 37.51 16.73
CA HIS A 451 17.88 37.36 17.71
C HIS A 451 17.29 37.38 19.11
N SER A 452 16.30 38.22 19.32
CA SER A 452 15.60 38.30 20.59
C SER A 452 14.83 37.03 20.95
N PHE A 453 14.22 36.40 19.97
CA PHE A 453 13.34 35.28 20.25
C PHE A 453 14.09 34.13 20.90
N ASN A 454 13.45 33.51 21.88
CA ASN A 454 14.05 32.55 22.79
C ASN A 454 13.49 31.17 22.60
N ASN A 455 14.36 30.16 22.62
CA ASN A 455 13.92 28.80 22.34
C ASN A 455 13.48 28.06 23.62
N VAL B 11 38.21 -8.81 -32.83
CA VAL B 11 36.79 -8.62 -32.55
C VAL B 11 36.44 -9.04 -31.13
N GLY B 12 37.29 -8.70 -30.17
CA GLY B 12 37.04 -9.03 -28.78
C GLY B 12 35.82 -8.37 -28.16
N ALA B 13 35.65 -7.07 -28.40
CA ALA B 13 34.54 -6.34 -27.81
C ALA B 13 33.21 -6.71 -28.46
N HIS B 14 32.16 -6.80 -27.66
CA HIS B 14 30.85 -7.13 -28.20
C HIS B 14 29.93 -5.92 -28.15
N ILE B 15 29.35 -5.58 -29.28
CA ILE B 15 28.51 -4.40 -29.37
C ILE B 15 27.31 -4.67 -30.22
N ALA B 16 26.21 -3.97 -29.93
CA ALA B 16 24.99 -4.09 -30.70
C ALA B 16 24.52 -2.70 -31.09
N LEU B 17 23.83 -2.58 -32.21
CA LEU B 17 23.18 -1.34 -32.57
C LEU B 17 21.74 -1.61 -32.95
N PHE B 18 20.86 -0.73 -32.52
CA PHE B 18 19.43 -0.97 -32.56
C PHE B 18 18.65 0.16 -33.22
N PRO B 19 18.59 0.15 -34.55
CA PRO B 19 17.78 1.09 -35.31
C PRO B 19 16.32 0.74 -35.14
N CYS B 20 15.42 1.71 -35.15
CA CYS B 20 14.01 1.38 -34.94
C CYS B 20 13.18 1.30 -36.20
N ALA B 21 13.17 2.37 -36.98
CA ALA B 21 12.38 2.39 -38.20
C ALA B 21 12.86 3.44 -39.18
N GLY B 22 12.56 3.24 -40.45
CA GLY B 22 12.85 4.20 -41.49
C GLY B 22 14.18 3.93 -42.13
N MET B 23 14.27 4.22 -43.41
CA MET B 23 15.50 3.97 -44.14
C MET B 23 16.63 4.85 -43.68
N GLY B 24 16.30 6.10 -43.36
CA GLY B 24 17.27 7.04 -42.84
C GLY B 24 17.86 6.64 -41.51
N HIS B 25 17.03 6.14 -40.63
CA HIS B 25 17.51 5.52 -39.41
C HIS B 25 18.22 4.19 -39.57
N LEU B 26 17.67 3.30 -40.39
CA LEU B 26 18.20 1.95 -40.54
C LEU B 26 19.56 1.77 -41.20
N LEU B 27 19.79 2.47 -42.29
CA LEU B 27 20.99 2.28 -43.07
C LEU B 27 22.27 2.65 -42.37
N PRO B 28 22.23 3.78 -41.67
CA PRO B 28 23.40 4.27 -40.96
C PRO B 28 23.84 3.35 -39.86
N PHE B 29 22.88 2.84 -39.10
CA PHE B 29 23.20 1.96 -38.00
C PHE B 29 23.88 0.71 -38.53
N LEU B 30 23.41 0.23 -39.67
CA LEU B 30 24.07 -0.90 -40.28
C LEU B 30 25.45 -0.42 -40.56
N ARG B 31 25.56 0.80 -41.04
CA ARG B 31 26.86 1.37 -41.40
C ARG B 31 27.74 1.46 -40.19
N LEU B 32 27.17 1.84 -39.07
CA LEU B 32 27.93 1.90 -37.84
C LEU B 32 28.43 0.52 -37.47
N ALA B 33 27.57 -0.48 -37.63
CA ALA B 33 27.95 -1.86 -37.32
C ALA B 33 29.04 -2.40 -38.20
N ALA B 34 28.95 -2.17 -39.49
CA ALA B 34 29.97 -2.66 -40.39
C ALA B 34 31.25 -1.97 -40.01
N MET B 35 31.12 -0.68 -39.72
CA MET B 35 32.27 0.11 -39.35
C MET B 35 32.87 -0.43 -38.09
N LEU B 36 32.03 -0.75 -37.12
CA LEU B 36 32.47 -1.28 -35.84
C LEU B 36 33.15 -2.63 -36.01
N ASP B 37 32.61 -3.47 -36.89
CA ASP B 37 33.20 -4.77 -37.17
C ASP B 37 34.59 -4.60 -37.75
N ALA B 38 34.74 -3.59 -38.60
CA ALA B 38 36.00 -3.34 -39.29
C ALA B 38 37.11 -3.00 -38.30
N ARG B 39 36.72 -2.49 -37.14
CA ARG B 39 37.66 -2.04 -36.14
C ARG B 39 37.83 -3.02 -34.99
N GLY B 40 37.65 -4.30 -35.28
CA GLY B 40 37.74 -5.34 -34.27
C GLY B 40 36.73 -5.33 -33.15
N CYS B 41 35.48 -5.21 -33.54
CA CYS B 41 34.35 -5.29 -32.63
C CYS B 41 33.51 -6.47 -33.04
N ALA B 42 32.85 -7.11 -32.08
CA ALA B 42 31.93 -8.20 -32.40
C ALA B 42 30.53 -7.64 -32.32
N VAL B 43 29.81 -7.67 -33.44
CA VAL B 43 28.58 -6.92 -33.53
C VAL B 43 27.33 -7.71 -33.84
N THR B 44 26.26 -7.41 -33.13
CA THR B 44 24.94 -7.92 -33.41
C THR B 44 24.06 -6.74 -33.74
N VAL B 45 23.19 -6.89 -34.72
CA VAL B 45 22.32 -5.81 -35.14
C VAL B 45 20.89 -6.16 -34.80
N ILE B 46 20.22 -5.29 -34.06
CA ILE B 46 18.88 -5.61 -33.60
C ILE B 46 17.82 -4.94 -34.44
N THR B 47 16.92 -5.76 -34.94
CA THR B 47 15.85 -5.32 -35.79
C THR B 47 14.56 -5.79 -35.18
N VAL B 48 13.51 -5.01 -35.33
CA VAL B 48 12.22 -5.40 -34.81
C VAL B 48 11.22 -5.52 -35.95
N LYS B 49 10.46 -6.62 -35.94
CA LYS B 49 9.57 -7.01 -37.02
C LYS B 49 8.15 -7.13 -36.51
N PRO B 50 7.16 -7.01 -37.38
CA PRO B 50 7.35 -6.79 -38.80
C PRO B 50 7.82 -5.38 -39.13
N THR B 51 8.63 -5.28 -40.16
CA THR B 51 9.11 -4.00 -40.66
C THR B 51 8.00 -3.18 -41.34
N VAL B 52 8.10 -1.88 -41.23
CA VAL B 52 7.11 -0.98 -41.82
C VAL B 52 7.08 -1.11 -43.34
N SER B 53 8.26 -1.25 -43.92
CA SER B 53 8.43 -1.21 -45.36
C SER B 53 9.12 -2.45 -45.88
N ALA B 54 8.75 -2.84 -47.09
CA ALA B 54 9.33 -4.01 -47.73
C ALA B 54 10.80 -3.75 -47.87
N ALA B 55 11.14 -2.50 -48.15
CA ALA B 55 12.52 -2.13 -48.39
C ALA B 55 13.40 -2.38 -47.18
N GLU B 56 12.91 -2.11 -45.98
CA GLU B 56 13.79 -2.22 -44.84
C GLU B 56 14.31 -3.63 -44.67
N SER B 57 13.43 -4.61 -44.79
CA SER B 57 13.86 -5.99 -44.70
C SER B 57 14.75 -6.37 -45.86
N ASP B 58 14.46 -5.85 -47.05
CA ASP B 58 15.23 -6.25 -48.21
C ASP B 58 16.67 -5.86 -47.92
N HIS B 59 16.85 -4.66 -47.41
CA HIS B 59 18.16 -4.15 -47.09
C HIS B 59 18.82 -4.93 -45.98
N LEU B 60 18.03 -5.29 -44.97
CA LEU B 60 18.54 -6.03 -43.83
C LEU B 60 19.01 -7.41 -44.23
N SER B 61 18.25 -8.06 -45.09
CA SER B 61 18.59 -9.42 -45.45
C SER B 61 19.92 -9.47 -46.15
N ALA B 62 20.14 -8.52 -47.04
CA ALA B 62 21.39 -8.43 -47.78
C ALA B 62 22.55 -8.19 -46.85
N PHE B 63 22.33 -7.35 -45.86
CA PHE B 63 23.40 -6.96 -44.99
C PHE B 63 23.97 -8.15 -44.24
N PHE B 64 23.10 -8.98 -43.71
CA PHE B 64 23.56 -10.16 -43.00
C PHE B 64 24.24 -11.15 -43.91
N THR B 65 23.70 -11.31 -45.12
CA THR B 65 24.30 -12.16 -46.11
C THR B 65 25.66 -11.64 -46.50
N ILE B 66 25.73 -10.33 -46.68
CA ILE B 66 26.99 -9.67 -46.98
C ILE B 66 27.99 -9.72 -45.85
N HIS B 67 27.53 -9.57 -44.62
CA HIS B 67 28.41 -9.68 -43.47
C HIS B 67 28.01 -10.83 -42.59
N PRO B 68 28.67 -11.97 -42.77
CA PRO B 68 28.45 -13.18 -41.98
C PRO B 68 28.84 -13.06 -40.52
N ARG B 69 29.95 -12.37 -40.27
CA ARG B 69 30.47 -12.21 -38.92
C ARG B 69 29.51 -11.46 -38.01
N ILE B 70 28.83 -10.46 -38.55
CA ILE B 70 27.77 -9.77 -37.85
C ILE B 70 26.49 -10.61 -37.77
N THR B 71 25.82 -10.57 -36.63
CA THR B 71 24.69 -11.46 -36.36
C THR B 71 23.36 -10.75 -36.23
N ARG B 72 22.32 -11.30 -36.83
CA ARG B 72 20.98 -10.74 -36.75
C ARG B 72 20.27 -11.09 -35.47
N LEU B 73 19.65 -10.11 -34.84
CA LEU B 73 18.96 -10.31 -33.57
C LEU B 73 17.57 -9.72 -33.61
N GLU B 74 16.64 -10.44 -34.20
CA GLU B 74 15.28 -9.95 -34.32
C GLU B 74 14.48 -9.94 -33.02
N PHE B 75 13.45 -9.12 -33.01
CA PHE B 75 12.49 -9.00 -31.90
C PHE B 75 11.13 -8.89 -32.58
N GLN B 76 10.14 -9.67 -32.17
CA GLN B 76 8.83 -9.59 -32.84
C GLN B 76 7.95 -8.62 -32.04
N LEU B 77 7.27 -7.71 -32.72
CA LEU B 77 6.41 -6.69 -32.08
C LEU B 77 5.07 -7.26 -31.63
N LEU B 78 4.51 -6.68 -30.58
CA LEU B 78 3.19 -7.06 -30.04
C LEU B 78 2.16 -6.08 -30.58
N PRO B 79 0.86 -6.43 -30.65
CA PRO B 79 -0.17 -5.51 -31.11
C PRO B 79 -0.41 -4.28 -30.23
N TYR B 80 -0.80 -3.15 -30.82
CA TYR B 80 -1.09 -1.88 -30.11
C TYR B 80 -2.26 -1.15 -30.79
N GLN B 81 -2.97 -0.24 -30.12
CA GLN B 81 -4.05 0.54 -30.81
C GLN B 81 -4.31 1.91 -30.16
N LYS B 82 -3.37 2.86 -30.23
CA LYS B 82 -3.57 4.19 -29.56
C LYS B 82 -3.72 5.34 -30.57
N SER B 83 -4.86 6.03 -30.53
CA SER B 83 -5.14 7.13 -31.49
C SER B 83 -4.56 8.44 -30.97
N GLY B 84 -3.99 8.43 -29.77
CA GLY B 84 -3.39 9.66 -29.21
C GLY B 84 -2.41 10.24 -30.22
N LEU B 85 -1.61 9.39 -30.85
CA LEU B 85 -0.70 9.85 -31.94
C LEU B 85 -1.61 10.33 -33.07
N ARG B 86 -1.34 11.54 -33.56
CA ARG B 86 -2.13 12.24 -34.60
C ARG B 86 -2.09 11.50 -35.95
N ASN B 87 -3.24 11.41 -36.60
CA ASN B 87 -3.42 10.83 -37.96
C ASN B 87 -2.83 9.44 -38.08
N ASP B 88 -2.12 9.19 -39.19
CA ASP B 88 -1.56 7.85 -39.44
C ASP B 88 -0.24 7.93 -40.18
N ASP B 89 0.85 8.33 -39.52
CA ASP B 89 2.16 8.18 -40.21
C ASP B 89 2.82 6.96 -39.58
N PRO B 90 3.09 5.91 -40.37
CA PRO B 90 3.60 4.65 -39.88
C PRO B 90 4.92 4.57 -39.11
N PHE B 91 5.84 5.50 -39.33
CA PHE B 91 7.14 5.40 -38.68
C PHE B 91 7.07 5.81 -37.23
N PHE B 92 6.31 6.84 -36.94
CA PHE B 92 6.03 7.17 -35.57
C PHE B 92 5.20 6.05 -34.92
N ILE B 93 4.27 5.48 -35.66
CA ILE B 93 3.57 4.32 -35.16
C ILE B 93 4.49 3.13 -34.98
N GLN B 94 5.37 2.90 -35.93
CA GLN B 94 6.31 1.80 -35.77
C GLN B 94 7.23 2.06 -34.60
N MET B 95 7.72 3.29 -34.50
CA MET B 95 8.61 3.64 -33.42
C MET B 95 7.86 3.50 -32.10
N GLU B 96 6.59 3.90 -32.09
CA GLU B 96 5.78 3.78 -30.89
C GLU B 96 5.53 2.34 -30.47
N THR B 97 5.30 1.47 -31.44
CA THR B 97 5.12 0.06 -31.18
C THR B 97 6.36 -0.58 -30.61
N ILE B 98 7.51 -0.13 -31.08
CA ILE B 98 8.78 -0.66 -30.65
C ILE B 98 8.90 -0.46 -29.15
N ALA B 99 8.45 0.68 -28.66
CA ALA B 99 8.42 0.94 -27.23
C ALA B 99 7.51 -0.01 -26.49
N THR B 100 6.38 -0.35 -27.09
CA THR B 100 5.43 -1.28 -26.48
C THR B 100 6.04 -2.67 -26.31
N SER B 101 6.84 -3.08 -27.26
CA SER B 101 7.52 -4.38 -27.21
C SER B 101 8.97 -4.35 -26.72
N VAL B 102 9.46 -3.19 -26.32
CA VAL B 102 10.89 -3.02 -26.01
C VAL B 102 11.35 -3.92 -24.88
N HIS B 103 10.48 -4.16 -23.92
CA HIS B 103 10.82 -5.00 -22.79
C HIS B 103 11.14 -6.39 -23.30
N LEU B 104 10.62 -6.73 -24.46
CA LEU B 104 10.79 -8.05 -25.03
C LEU B 104 12.26 -8.21 -25.28
N LEU B 105 12.96 -7.09 -25.28
CA LEU B 105 14.40 -7.09 -25.51
C LEU B 105 15.17 -7.86 -24.45
N ARG B 106 14.73 -7.78 -23.20
CA ARG B 106 15.53 -8.23 -22.08
C ARG B 106 15.89 -9.70 -22.16
N PRO B 107 14.99 -10.53 -22.60
CA PRO B 107 15.33 -11.93 -22.71
C PRO B 107 16.45 -12.06 -23.71
N LEU B 108 16.34 -11.29 -24.79
CA LEU B 108 17.29 -11.41 -25.87
C LEU B 108 18.71 -11.04 -25.47
N LEU B 109 18.85 -9.99 -24.66
CA LEU B 109 20.20 -9.53 -24.24
C LEU B 109 20.78 -10.44 -23.16
N SER B 110 19.94 -11.07 -22.35
CA SER B 110 20.45 -11.91 -21.24
C SER B 110 21.30 -13.07 -21.77
N SER B 111 20.95 -13.61 -22.93
CA SER B 111 21.62 -14.82 -23.46
C SER B 111 22.87 -14.51 -24.29
N LEU B 112 23.19 -13.26 -24.55
CA LEU B 112 24.37 -12.93 -25.41
C LEU B 112 25.62 -13.62 -24.88
N SER B 113 26.30 -14.35 -25.78
CA SER B 113 27.53 -15.17 -25.58
C SER B 113 28.61 -14.36 -24.89
N PRO B 114 29.20 -13.32 -25.54
CA PRO B 114 30.15 -12.48 -24.84
C PRO B 114 29.24 -11.32 -24.44
N PRO B 115 29.01 -11.04 -23.15
CA PRO B 115 28.12 -9.95 -22.73
C PRO B 115 28.40 -8.62 -23.44
N LEU B 116 27.35 -7.96 -23.88
CA LEU B 116 27.52 -6.68 -24.60
C LEU B 116 28.26 -5.69 -23.70
N SER B 117 29.36 -5.15 -24.25
CA SER B 117 30.23 -4.10 -23.68
C SER B 117 29.49 -2.78 -23.79
N ALA B 118 28.84 -2.60 -24.92
CA ALA B 118 27.99 -1.44 -25.11
C ALA B 118 26.88 -1.67 -26.12
N ILE B 119 25.82 -0.88 -26.02
CA ILE B 119 24.71 -0.92 -26.96
C ILE B 119 24.46 0.45 -27.54
N VAL B 120 24.22 0.49 -28.84
CA VAL B 120 23.95 1.75 -29.52
C VAL B 120 22.48 1.77 -29.93
N SER B 121 21.74 2.76 -29.45
CA SER B 121 20.29 2.78 -29.54
C SER B 121 19.73 4.00 -30.23
N ASP B 122 18.77 3.79 -31.13
CA ASP B 122 18.21 4.88 -31.87
C ASP B 122 17.50 5.81 -30.92
N PHE B 123 17.51 7.08 -31.25
CA PHE B 123 17.13 8.16 -30.35
C PHE B 123 15.70 8.01 -29.88
N THR B 124 14.86 7.52 -30.76
CA THR B 124 13.44 7.51 -30.52
C THR B 124 13.03 6.70 -29.30
N LEU B 125 13.75 5.64 -28.98
CA LEU B 125 13.33 4.80 -27.82
C LEU B 125 14.37 4.85 -26.70
N THR B 126 15.19 5.89 -26.64
CA THR B 126 16.23 5.97 -25.59
C THR B 126 15.58 5.97 -24.20
N SER B 127 14.37 6.50 -24.06
CA SER B 127 13.71 6.55 -22.76
C SER B 127 13.19 5.20 -22.26
N GLN B 128 12.62 4.39 -23.15
CA GLN B 128 12.19 3.05 -22.78
C GLN B 128 13.34 2.12 -22.40
N VAL B 129 14.45 2.19 -23.13
CA VAL B 129 15.57 1.28 -22.90
C VAL B 129 16.22 1.49 -21.55
N THR B 130 16.03 2.65 -20.95
CA THR B 130 16.84 3.07 -19.84
C THR B 130 16.75 2.08 -18.71
N ASP B 131 15.56 1.58 -18.44
CA ASP B 131 15.38 0.64 -17.37
C ASP B 131 16.16 -0.61 -17.69
N LEU B 132 16.13 -0.99 -18.95
CA LEU B 132 16.82 -2.16 -19.43
C LEU B 132 18.29 -1.98 -19.23
N VAL B 133 18.73 -0.74 -19.39
CA VAL B 133 20.17 -0.36 -19.30
C VAL B 133 20.59 -0.20 -17.84
N SER B 134 19.66 -0.29 -16.90
CA SER B 134 20.08 -0.20 -15.47
C SER B 134 20.15 -1.61 -14.90
N ASP B 135 19.20 -2.48 -15.27
CA ASP B 135 19.14 -3.89 -14.80
C ASP B 135 20.33 -4.61 -15.43
N LEU B 136 20.38 -4.67 -16.75
CA LEU B 136 21.59 -5.24 -17.36
C LEU B 136 22.45 -3.98 -17.42
N PRO B 137 23.60 -3.84 -16.74
CA PRO B 137 24.33 -2.60 -16.80
C PRO B 137 25.14 -2.60 -18.09
N ILE B 138 24.53 -2.09 -19.16
CA ILE B 138 25.23 -1.98 -20.47
C ILE B 138 25.50 -0.50 -20.70
N SER B 139 26.72 -0.17 -21.08
CA SER B 139 26.95 1.25 -21.40
C SER B 139 26.15 1.50 -22.66
N THR B 140 25.29 2.51 -22.67
CA THR B 140 24.43 2.73 -23.82
C THR B 140 24.75 4.03 -24.54
N TYR B 141 24.75 3.95 -25.87
CA TYR B 141 25.20 5.03 -26.73
C TYR B 141 24.07 5.31 -27.70
N THR B 142 24.11 6.46 -28.35
CA THR B 142 23.13 6.77 -29.38
C THR B 142 23.77 7.29 -30.65
N LEU B 143 23.16 6.99 -31.79
CA LEU B 143 23.61 7.52 -33.06
C LEU B 143 22.54 8.41 -33.65
N MET B 144 22.96 9.61 -34.05
CA MET B 144 22.05 10.63 -34.57
C MET B 144 22.04 10.62 -36.06
N THR B 145 20.87 10.47 -36.65
CA THR B 145 20.75 10.49 -38.09
C THR B 145 20.59 11.89 -38.65
N SER B 146 20.29 12.84 -37.77
CA SER B 146 20.05 14.22 -38.17
C SER B 146 21.26 15.12 -38.12
N SER B 147 21.08 16.33 -38.63
CA SER B 147 22.11 17.37 -38.63
C SER B 147 22.48 17.81 -37.23
N ALA B 148 23.75 18.07 -37.01
CA ALA B 148 24.20 18.58 -35.72
C ALA B 148 23.55 19.92 -35.46
N ALA B 149 23.45 20.73 -36.50
CA ALA B 149 22.73 21.97 -36.39
C ALA B 149 21.27 21.72 -36.11
N PHE B 150 20.65 20.79 -36.82
CA PHE B 150 19.27 20.43 -36.51
C PHE B 150 19.12 19.74 -35.17
N PHE B 151 20.07 18.88 -34.83
CA PHE B 151 20.08 18.23 -33.55
C PHE B 151 20.26 19.24 -32.41
N CYS B 152 21.01 20.30 -32.68
CA CYS B 152 21.17 21.36 -31.70
C CYS B 152 19.83 21.99 -31.37
N LEU B 153 18.99 22.15 -32.37
CA LEU B 153 17.65 22.66 -32.14
C LEU B 153 16.78 21.75 -31.27
N MET B 154 16.80 20.45 -31.50
CA MET B 154 16.01 19.57 -30.67
C MET B 154 16.53 19.62 -29.25
N ALA B 155 17.85 19.66 -29.14
CA ALA B 155 18.51 19.54 -27.85
C ALA B 155 18.13 20.68 -26.93
N TYR B 156 17.98 21.86 -27.50
CA TYR B 156 17.64 23.08 -26.77
C TYR B 156 16.15 23.34 -26.74
N LEU B 157 15.38 22.44 -27.35
CA LEU B 157 13.94 22.60 -27.50
C LEU B 157 13.16 22.64 -26.20
N PRO B 158 13.53 21.82 -25.22
CA PRO B 158 12.73 21.75 -24.01
C PRO B 158 12.70 23.07 -23.26
N LYS B 159 13.87 23.67 -23.03
CA LYS B 159 13.94 24.98 -22.34
C LYS B 159 13.24 26.02 -23.20
N LEU B 160 13.48 25.97 -24.52
CA LEU B 160 12.83 26.89 -25.49
C LEU B 160 11.33 26.61 -25.53
N LEU B 161 10.90 25.36 -25.46
CA LEU B 161 9.43 25.16 -25.43
C LEU B 161 8.84 25.67 -24.11
N GLN B 162 9.57 25.51 -23.02
CA GLN B 162 9.13 26.00 -21.69
C GLN B 162 9.03 27.53 -21.67
N ILE B 163 9.95 28.18 -22.39
CA ILE B 163 10.15 29.65 -22.38
C ILE B 163 8.97 30.47 -22.96
N ASP B 164 8.39 30.07 -24.08
CA ASP B 164 7.36 30.95 -24.70
C ASP B 164 6.11 30.17 -25.10
N VAL B 165 5.08 30.92 -25.53
CA VAL B 165 3.77 30.35 -25.97
C VAL B 165 3.55 30.67 -27.46
N ALA B 166 4.30 31.63 -28.03
CA ALA B 166 4.05 31.96 -29.47
C ALA B 166 5.30 31.74 -30.33
N ASN B 167 5.13 31.63 -31.65
CA ASN B 167 6.25 31.45 -32.57
C ASN B 167 6.77 32.77 -33.15
N ARG B 168 8.01 33.07 -32.78
CA ARG B 168 8.73 34.29 -33.17
C ARG B 168 9.35 34.22 -34.54
N ASP B 169 9.87 35.34 -35.03
CA ASP B 169 10.50 35.38 -36.33
C ASP B 169 11.73 34.50 -36.46
N ALA B 170 12.59 34.53 -35.46
CA ALA B 170 13.80 33.71 -35.47
C ALA B 170 13.98 33.03 -34.12
N ILE B 171 14.50 31.81 -34.11
CA ILE B 171 14.68 31.05 -32.84
C ILE B 171 16.17 31.01 -32.52
N GLU B 172 16.56 31.40 -31.30
CA GLU B 172 18.01 31.42 -31.00
C GLU B 172 18.38 30.23 -30.11
N ILE B 173 19.21 29.33 -30.63
CA ILE B 173 19.77 28.20 -29.84
C ILE B 173 21.02 28.82 -29.26
N PRO B 174 21.40 28.62 -27.98
CA PRO B 174 22.42 29.46 -27.40
C PRO B 174 23.80 29.72 -28.04
N ASP B 175 24.58 28.74 -28.48
CA ASP B 175 25.91 29.18 -29.00
C ASP B 175 25.97 28.98 -30.51
N LEU B 176 24.85 29.26 -31.18
CA LEU B 176 24.70 29.00 -32.63
C LEU B 176 24.01 30.18 -33.33
N GLY B 177 24.14 30.27 -34.65
CA GLY B 177 23.44 31.29 -35.45
C GLY B 177 21.95 31.05 -35.38
N PRO B 178 21.09 32.06 -35.20
CA PRO B 178 19.66 31.81 -35.03
C PRO B 178 19.05 31.09 -36.21
N ILE B 179 18.15 30.15 -35.92
CA ILE B 179 17.49 29.34 -36.98
C ILE B 179 16.18 30.03 -37.33
N SER B 180 15.93 30.31 -38.61
CA SER B 180 14.71 30.96 -39.02
C SER B 180 13.58 29.98 -38.81
N MET B 181 12.42 30.48 -38.43
CA MET B 181 11.28 29.64 -38.13
C MET B 181 10.83 28.87 -39.35
N SER B 182 11.10 29.42 -40.52
CA SER B 182 10.71 28.83 -41.79
C SER B 182 11.33 27.46 -41.96
N SER B 183 12.57 27.33 -41.51
CA SER B 183 13.24 26.04 -41.51
C SER B 183 12.58 25.02 -40.57
N ILE B 184 12.13 25.48 -39.41
CA ILE B 184 11.49 24.62 -38.42
C ILE B 184 10.11 24.10 -38.81
N PRO B 185 9.84 22.84 -38.50
CA PRO B 185 8.53 22.26 -38.79
C PRO B 185 7.47 22.83 -37.88
N PRO B 186 6.24 22.89 -38.36
CA PRO B 186 5.13 23.40 -37.55
C PRO B 186 4.94 22.50 -36.35
N LYS B 187 5.05 21.21 -36.59
CA LYS B 187 4.76 20.21 -35.58
C LYS B 187 5.68 20.42 -34.40
N MET B 188 6.90 20.83 -34.67
CA MET B 188 7.85 21.04 -33.59
C MET B 188 7.39 22.14 -32.66
N LEU B 189 6.84 23.19 -33.23
CA LEU B 189 6.45 24.39 -32.49
C LEU B 189 5.33 24.26 -31.47
N ASP B 190 4.31 23.47 -31.77
CA ASP B 190 3.17 23.37 -30.86
C ASP B 190 3.35 22.29 -29.81
N PRO B 191 3.30 22.71 -28.54
CA PRO B 191 3.56 21.84 -27.39
C PRO B 191 2.58 20.70 -27.31
N SER B 192 1.33 20.96 -27.66
CA SER B 192 0.29 19.97 -27.53
C SER B 192 0.61 18.77 -28.38
N ASP B 193 1.17 18.99 -29.56
CA ASP B 193 1.45 17.91 -30.49
C ASP B 193 2.47 16.90 -30.00
N PHE B 194 2.23 15.63 -30.30
CA PHE B 194 2.98 14.50 -29.74
C PHE B 194 4.44 14.56 -30.11
N PHE B 195 4.73 15.03 -31.30
CA PHE B 195 6.07 14.99 -31.82
C PHE B 195 6.89 15.74 -30.80
N SER B 196 6.32 16.80 -30.25
CA SER B 196 7.02 17.56 -29.23
C SER B 196 7.26 16.66 -28.04
N ALA B 197 6.30 15.83 -27.71
CA ALA B 197 6.44 14.98 -26.55
C ALA B 197 7.58 13.98 -26.72
N PHE B 198 7.70 13.38 -27.89
CA PHE B 198 8.72 12.35 -28.12
C PHE B 198 10.13 12.89 -28.03
N ILE B 199 10.39 14.04 -28.63
CA ILE B 199 11.70 14.66 -28.58
C ILE B 199 12.11 15.13 -27.20
N SER B 200 11.18 15.74 -26.48
CA SER B 200 11.50 16.32 -25.19
C SER B 200 11.92 15.27 -24.17
N SER B 201 11.18 14.18 -24.11
CA SER B 201 11.47 13.13 -23.15
C SER B 201 12.79 12.46 -23.45
N ASN B 202 13.03 12.22 -24.73
CA ASN B 202 14.23 11.55 -25.19
C ASN B 202 15.54 12.32 -24.99
N VAL B 203 15.48 13.62 -25.15
CA VAL B 203 16.63 14.47 -24.90
C VAL B 203 17.00 14.32 -23.45
N SER B 204 16.01 14.21 -22.58
CA SER B 204 16.26 14.06 -21.17
C SER B 204 17.04 12.79 -20.90
N SER B 205 16.73 11.74 -21.64
CA SER B 205 17.34 10.43 -21.44
C SER B 205 18.79 10.39 -21.89
N LEU B 206 19.23 11.42 -22.60
CA LEU B 206 20.59 11.49 -23.08
C LEU B 206 21.55 11.47 -21.89
N HIS B 207 21.08 11.94 -20.75
CA HIS B 207 21.93 12.05 -19.58
C HIS B 207 22.49 10.72 -19.15
N LYS B 208 21.67 9.68 -19.26
CA LYS B 208 22.07 8.32 -18.94
C LYS B 208 23.17 7.78 -19.86
N VAL B 209 23.14 8.17 -21.11
CA VAL B 209 24.03 7.62 -22.13
C VAL B 209 25.50 7.98 -21.94
N LYS B 210 26.37 7.04 -22.24
CA LYS B 210 27.81 7.27 -22.24
C LYS B 210 28.29 8.24 -23.32
N GLY B 211 27.72 8.14 -24.52
CA GLY B 211 28.08 9.05 -25.58
C GLY B 211 27.02 9.24 -26.63
N VAL B 212 27.07 10.36 -27.34
CA VAL B 212 26.13 10.61 -28.42
C VAL B 212 26.88 10.75 -29.75
N LEU B 213 26.45 10.03 -30.76
CA LEU B 213 27.15 10.02 -32.03
C LEU B 213 26.32 10.55 -33.16
N ILE B 214 26.91 11.41 -33.96
CA ILE B 214 26.20 12.10 -35.00
C ILE B 214 26.92 11.93 -36.33
N ASN B 215 26.16 11.83 -37.41
CA ASN B 215 26.75 11.63 -38.72
C ASN B 215 27.17 12.95 -39.31
N THR B 216 28.14 13.59 -38.69
CA THR B 216 28.69 14.83 -39.18
C THR B 216 30.08 14.97 -38.64
N PHE B 217 30.87 15.84 -39.25
CA PHE B 217 32.25 16.01 -38.80
C PHE B 217 32.56 17.46 -38.49
N ASN B 218 33.55 17.67 -37.66
CA ASN B 218 33.77 18.93 -36.97
C ASN B 218 34.00 20.12 -37.88
N SER B 219 34.73 19.94 -38.98
CA SER B 219 34.89 21.02 -39.94
C SER B 219 33.51 21.34 -40.49
N PHE B 220 32.74 20.30 -40.72
CA PHE B 220 31.42 20.41 -41.32
C PHE B 220 30.38 21.19 -40.54
N GLU B 221 30.30 20.97 -39.23
CA GLU B 221 29.36 21.71 -38.41
C GLU B 221 30.09 22.20 -37.19
N SER B 222 31.06 23.06 -37.41
CA SER B 222 31.92 23.50 -36.35
C SER B 222 31.16 24.25 -35.30
N GLU B 223 30.28 25.14 -35.74
CA GLU B 223 29.54 25.97 -34.81
C GLU B 223 28.61 25.16 -33.94
N ALA B 224 27.87 24.25 -34.57
CA ALA B 224 26.89 23.45 -33.86
C ALA B 224 27.46 22.45 -32.89
N ILE B 225 28.52 21.79 -33.29
CA ILE B 225 29.10 20.73 -32.49
C ILE B 225 29.61 21.26 -31.18
N GLU B 226 30.27 22.40 -31.23
CA GLU B 226 30.66 23.14 -30.05
C GLU B 226 29.46 23.68 -29.28
N ALA B 227 28.46 24.15 -30.01
CA ALA B 227 27.31 24.73 -29.37
C ALA B 227 26.70 23.65 -28.53
N VAL B 228 26.67 22.47 -29.11
CA VAL B 228 26.13 21.30 -28.42
C VAL B 228 26.97 21.03 -27.20
N ARG B 229 28.28 21.24 -27.30
CA ARG B 229 29.18 20.91 -26.21
C ARG B 229 28.88 21.70 -24.95
N ARG B 230 28.63 23.00 -25.09
CA ARG B 230 28.33 23.81 -23.93
C ARG B 230 26.84 23.91 -23.75
N ASN B 231 26.12 23.16 -24.56
CA ASN B 231 24.67 23.25 -24.58
C ASN B 231 23.96 22.20 -23.74
N GLY B 232 24.72 21.43 -22.97
CA GLY B 232 24.16 20.29 -22.27
C GLY B 232 24.26 18.94 -22.96
N VAL B 233 25.01 18.87 -24.06
CA VAL B 233 25.26 17.60 -24.73
C VAL B 233 26.74 17.45 -24.89
N ASP B 234 27.39 17.24 -23.75
CA ASP B 234 28.83 17.19 -23.64
C ASP B 234 29.48 16.05 -24.40
N HIS B 235 28.82 14.91 -24.40
CA HIS B 235 29.41 13.66 -24.83
C HIS B 235 29.28 13.35 -26.31
N ILE B 236 28.74 14.28 -27.08
CA ILE B 236 28.54 14.05 -28.51
C ILE B 236 29.84 13.82 -29.25
N LEU B 237 29.87 12.75 -30.07
CA LEU B 237 31.07 12.37 -30.87
C LEU B 237 30.78 12.49 -32.37
N PRO B 238 31.44 13.37 -33.14
CA PRO B 238 31.28 13.41 -34.59
C PRO B 238 31.89 12.20 -35.30
N ILE B 239 31.13 11.12 -35.42
CA ILE B 239 31.46 9.87 -36.06
C ILE B 239 31.68 9.99 -37.57
N GLY B 240 30.87 10.82 -38.20
CA GLY B 240 30.67 10.83 -39.63
C GLY B 240 31.82 11.37 -40.44
N PRO B 241 31.77 11.17 -41.74
CA PRO B 241 30.61 10.55 -42.41
C PRO B 241 30.61 9.04 -42.26
N LEU B 242 29.44 8.46 -42.09
CA LEU B 242 29.34 7.03 -41.97
C LEU B 242 29.80 6.37 -43.26
N GLU B 243 30.63 5.34 -43.14
CA GLU B 243 31.25 4.66 -44.31
C GLU B 243 30.22 3.89 -45.13
N SER B 244 30.61 3.54 -46.35
CA SER B 244 29.73 2.81 -47.27
C SER B 244 29.41 1.44 -46.68
N TYR B 245 28.19 0.96 -46.92
CA TYR B 245 27.71 -0.36 -46.41
C TYR B 245 28.45 -1.52 -47.08
N ASP B 246 29.01 -1.31 -48.27
CA ASP B 246 29.77 -2.33 -49.04
C ASP B 246 28.84 -3.47 -49.44
N ALA B 247 27.59 -3.11 -49.76
CA ALA B 247 26.57 -4.08 -50.20
C ALA B 247 26.70 -4.27 -51.71
N LYS B 248 27.79 -4.89 -52.17
CA LYS B 248 28.00 -5.05 -53.63
C LYS B 248 27.55 -6.45 -54.04
N LYS B 249 26.72 -6.59 -55.09
CA LYS B 249 26.04 -5.44 -55.77
C LYS B 249 24.73 -5.93 -56.41
N ALA B 250 23.84 -4.99 -56.76
CA ALA B 250 22.55 -5.30 -57.43
C ALA B 250 22.12 -4.14 -58.35
N HIS B 251 22.84 -3.87 -59.45
CA HIS B 251 22.45 -2.76 -60.36
C HIS B 251 23.14 -2.87 -61.74
N ASP B 252 22.42 -2.52 -62.80
CA ASP B 252 22.97 -2.57 -64.17
C ASP B 252 22.99 -1.14 -64.67
N LEU B 253 24.15 -0.61 -65.06
CA LEU B 253 24.09 0.81 -65.50
C LEU B 253 24.83 0.97 -66.82
N PRO B 254 24.42 0.32 -67.92
CA PRO B 254 25.12 0.44 -69.18
C PRO B 254 25.08 1.88 -69.67
N TRP B 255 23.93 2.54 -69.51
CA TRP B 255 23.78 3.94 -69.97
C TRP B 255 24.73 4.86 -69.21
N LEU B 256 24.82 4.73 -67.89
CA LEU B 256 25.68 5.63 -67.07
C LEU B 256 27.12 5.61 -67.56
N ASP B 257 27.62 4.44 -67.95
CA ASP B 257 29.00 4.26 -68.37
C ASP B 257 29.31 5.04 -69.63
N GLU B 258 28.32 5.10 -70.52
CA GLU B 258 28.44 5.84 -71.77
C GLU B 258 28.63 7.34 -71.53
N GLN B 259 27.96 7.89 -70.53
CA GLN B 259 28.01 9.33 -70.28
C GLN B 259 29.37 9.82 -69.82
N PRO B 260 29.69 11.06 -70.18
CA PRO B 260 30.95 11.70 -69.83
C PRO B 260 31.02 12.00 -68.36
N PRO B 261 32.21 12.02 -67.79
CA PRO B 261 32.33 12.18 -66.35
C PRO B 261 31.78 13.50 -65.86
N GLU B 262 30.93 13.45 -64.84
CA GLU B 262 30.26 14.60 -64.16
C GLU B 262 29.18 15.22 -65.07
N SER B 263 28.87 14.60 -66.20
CA SER B 263 27.79 15.12 -67.08
C SER B 263 26.40 14.87 -66.51
N VAL B 264 26.18 13.68 -65.94
CA VAL B 264 24.82 13.27 -65.47
C VAL B 264 24.44 13.83 -64.10
N LEU B 265 23.16 14.21 -64.02
CA LEU B 265 22.47 14.73 -62.82
C LEU B 265 21.62 13.60 -62.22
N PHE B 266 21.72 13.41 -60.91
CA PHE B 266 21.03 12.40 -60.16
C PHE B 266 19.91 13.04 -59.35
N VAL B 267 18.71 12.50 -59.48
CA VAL B 267 17.59 13.00 -58.70
C VAL B 267 17.07 11.91 -57.79
N SER B 268 17.11 12.18 -56.49
CA SER B 268 16.42 11.37 -55.50
C SER B 268 15.74 12.26 -54.49
N PHE B 269 14.49 11.98 -54.17
CA PHE B 269 13.80 12.77 -53.18
C PHE B 269 13.77 12.08 -51.83
N GLY B 270 14.56 11.02 -51.69
CA GLY B 270 14.66 10.30 -50.41
C GLY B 270 13.96 8.96 -50.44
N SER B 271 14.01 8.21 -49.34
CA SER B 271 13.37 6.87 -49.24
C SER B 271 11.87 6.98 -49.46
N ARG B 272 11.31 8.15 -49.17
CA ARG B 272 9.90 8.39 -49.34
C ARG B 272 9.72 9.49 -50.36
N THR B 273 8.61 9.47 -51.08
CA THR B 273 8.30 10.52 -52.04
C THR B 273 8.10 11.84 -51.32
N ALA B 274 8.45 12.94 -51.97
CA ALA B 274 8.37 14.23 -51.32
C ALA B 274 7.33 15.24 -51.84
N LEU B 275 6.83 15.04 -53.05
CA LEU B 275 6.03 16.11 -53.66
C LEU B 275 4.82 15.67 -54.45
N SER B 276 3.93 16.61 -54.70
CA SER B 276 2.75 16.42 -55.56
C SER B 276 3.10 16.28 -57.03
N LYS B 277 2.24 15.60 -57.78
CA LYS B 277 2.47 15.33 -59.20
C LYS B 277 2.54 16.62 -59.99
N GLU B 278 1.68 17.57 -59.67
CA GLU B 278 1.64 18.80 -60.40
C GLU B 278 2.97 19.52 -60.27
N GLN B 279 3.52 19.54 -59.06
CA GLN B 279 4.85 20.09 -58.83
C GLN B 279 5.91 19.24 -59.50
N ILE B 280 5.73 17.93 -59.43
CA ILE B 280 6.72 17.00 -59.96
C ILE B 280 6.86 17.17 -61.45
N ARG B 281 5.74 17.33 -62.14
CA ARG B 281 5.75 17.52 -63.58
C ARG B 281 6.49 18.80 -63.90
N GLU B 282 6.38 19.78 -63.01
CA GLU B 282 7.06 21.09 -63.18
C GLU B 282 8.57 20.91 -63.18
N LEU B 283 9.13 20.08 -62.31
CA LEU B 283 10.60 19.90 -62.36
C LEU B 283 10.92 19.14 -63.64
N GLY B 284 10.05 18.21 -64.03
CA GLY B 284 10.38 17.38 -65.16
C GLY B 284 10.45 18.27 -66.37
N ALA B 285 9.52 19.20 -66.45
CA ALA B 285 9.50 20.17 -67.52
C ALA B 285 10.73 21.06 -67.44
N ALA B 286 11.12 21.43 -66.22
CA ALA B 286 12.29 22.31 -66.04
C ALA B 286 13.58 21.52 -66.30
N LEU B 287 13.56 20.24 -65.97
CA LEU B 287 14.72 19.33 -66.17
C LEU B 287 15.04 19.27 -67.66
N GLU B 288 14.00 19.24 -68.48
CA GLU B 288 14.15 19.21 -69.95
C GLU B 288 14.80 20.52 -70.38
N LYS B 289 14.32 21.64 -69.86
CA LYS B 289 14.84 22.96 -70.26
C LYS B 289 16.34 23.07 -69.96
N SER B 290 16.80 22.46 -68.87
CA SER B 290 18.22 22.54 -68.44
C SER B 290 19.10 21.74 -69.40
N GLY B 291 18.63 20.57 -69.84
CA GLY B 291 19.42 19.77 -70.78
C GLY B 291 20.44 18.90 -70.07
N CYS B 292 20.39 18.87 -68.73
CA CYS B 292 21.32 18.04 -67.92
C CYS B 292 21.04 16.57 -68.24
N ARG B 293 22.07 15.74 -68.35
CA ARG B 293 21.84 14.29 -68.51
C ARG B 293 21.38 13.83 -67.12
N PHE B 294 20.39 12.95 -67.01
CA PHE B 294 19.95 12.65 -65.63
C PHE B 294 19.66 11.17 -65.39
N LEU B 295 19.75 10.81 -64.10
CA LEU B 295 19.42 9.51 -63.48
C LEU B 295 18.43 9.90 -62.37
N TRP B 296 17.18 9.48 -62.47
CA TRP B 296 16.15 9.95 -61.50
C TRP B 296 15.53 8.76 -60.76
N VAL B 297 15.49 8.79 -59.43
CA VAL B 297 14.83 7.68 -58.70
C VAL B 297 13.51 8.23 -58.16
N LEU B 298 12.41 7.63 -58.58
CA LEU B 298 11.07 8.18 -58.22
C LEU B 298 10.35 7.25 -57.26
N LYS B 299 9.77 7.82 -56.20
CA LYS B 299 8.98 7.03 -55.25
C LYS B 299 7.51 7.45 -55.38
N GLY B 300 6.67 6.55 -55.87
CA GLY B 300 5.23 6.82 -56.07
C GLY B 300 4.52 6.99 -54.75
N GLY B 301 4.86 6.14 -53.78
CA GLY B 301 4.23 6.20 -52.46
C GLY B 301 5.04 7.16 -51.62
N LYS B 302 4.40 8.18 -51.08
CA LYS B 302 5.18 9.18 -50.35
C LYS B 302 5.88 8.53 -49.15
N VAL B 303 5.20 7.64 -48.42
CA VAL B 303 5.87 7.10 -47.21
C VAL B 303 6.24 5.62 -47.32
N ASP B 304 5.35 4.74 -47.78
CA ASP B 304 5.65 3.28 -47.76
C ASP B 304 5.92 2.69 -49.14
N LYS B 305 6.99 1.89 -49.22
CA LYS B 305 7.37 1.15 -50.45
C LYS B 305 6.27 0.13 -50.79
N GLU B 306 5.69 -0.49 -49.78
CA GLU B 306 4.64 -1.53 -49.95
C GLU B 306 3.40 -0.93 -50.63
N ASP B 307 3.05 0.30 -50.26
CA ASP B 307 1.81 0.97 -50.76
C ASP B 307 1.99 1.52 -52.18
N LYS B 308 3.18 1.48 -52.77
CA LYS B 308 3.30 2.11 -54.11
C LYS B 308 3.33 1.08 -55.23
N GLU B 309 2.29 1.12 -56.06
CA GLU B 309 2.14 0.29 -57.27
C GLU B 309 1.73 1.25 -58.39
N GLU B 310 2.23 2.48 -58.32
CA GLU B 310 1.89 3.58 -59.26
C GLU B 310 3.09 3.82 -60.19
N VAL B 311 2.84 3.92 -61.50
C VAL B 311 4.59 3.70 -63.58
N GLU B 312 5.40 4.54 -64.22
CA GLU B 312 5.58 5.96 -63.79
C GLU B 312 4.46 6.79 -64.40
N ASP B 313 3.24 6.64 -63.86
CA ASP B 313 2.03 7.35 -64.35
C ASP B 313 2.14 8.86 -64.16
N MET B 314 2.69 9.27 -63.01
CA MET B 314 2.77 10.69 -62.56
C MET B 314 3.57 11.60 -63.49
N LEU B 315 4.73 11.16 -63.98
CA LEU B 315 5.53 12.07 -64.86
C LEU B 315 4.77 12.34 -66.16
N GLY B 316 4.11 11.32 -66.71
CA GLY B 316 3.36 11.49 -67.96
C GLY B 316 3.96 10.69 -69.11
N ALA B 317 3.13 10.36 -70.09
CA ALA B 317 3.56 9.55 -71.25
C ALA B 317 4.54 10.29 -72.15
N SER B 318 4.24 11.55 -72.47
CA SER B 318 5.06 12.30 -73.45
C SER B 318 6.49 12.49 -72.96
N PHE B 319 6.67 12.82 -71.68
CA PHE B 319 8.01 13.12 -71.11
C PHE B 319 8.96 11.93 -71.19
N VAL B 320 8.50 10.74 -70.82
CA VAL B 320 9.43 9.56 -70.77
C VAL B 320 10.02 9.33 -72.15
N GLU B 321 9.20 9.38 -73.20
CA GLU B 321 9.66 9.23 -74.61
C GLU B 321 10.47 10.47 -74.99
N ARG B 322 10.11 11.64 -74.51
CA ARG B 322 10.85 12.85 -74.95
C ARG B 322 12.29 12.79 -74.46
N THR B 323 12.52 12.30 -73.25
CA THR B 323 13.89 12.27 -72.72
C THR B 323 14.50 10.89 -72.90
N LYS B 324 14.09 10.15 -73.93
CA LYS B 324 14.51 8.74 -74.14
C LYS B 324 16.03 8.62 -74.16
N LYS B 325 16.74 9.54 -74.82
CA LYS B 325 18.23 9.43 -74.83
C LYS B 325 18.87 10.39 -73.85
N LYS B 326 18.16 11.46 -73.45
CA LYS B 326 18.74 12.46 -72.51
C LYS B 326 18.95 11.87 -71.12
N GLY B 327 18.04 11.00 -70.65
CA GLY B 327 18.20 10.46 -69.28
C GLY B 327 17.43 9.17 -69.05
N LEU B 328 17.67 8.53 -67.91
CA LEU B 328 16.96 7.28 -67.55
C LEU B 328 16.41 7.42 -66.13
N ILE B 329 15.23 6.88 -65.86
CA ILE B 329 14.67 6.96 -64.49
C ILE B 329 14.30 5.57 -63.98
N VAL B 330 14.47 5.34 -62.68
CA VAL B 330 14.13 4.05 -62.02
C VAL B 330 12.90 4.28 -61.14
N LYS B 331 11.86 3.47 -61.29
CA LYS B 331 10.72 3.62 -60.35
C LYS B 331 10.95 2.59 -59.25
N GLY B 332 11.36 3.02 -58.07
CA GLY B 332 11.65 2.03 -57.01
C GLY B 332 12.86 2.40 -56.17
N TRP B 333 13.72 1.41 -55.92
CA TRP B 333 14.95 1.56 -55.09
C TRP B 333 16.20 1.24 -55.92
N VAL B 334 17.23 2.06 -55.77
CA VAL B 334 18.57 1.89 -56.43
C VAL B 334 19.65 2.15 -55.38
N LYS B 335 20.90 1.76 -55.61
CA LYS B 335 21.89 2.08 -54.56
C LYS B 335 22.32 3.54 -54.76
N GLN B 336 21.93 4.44 -53.86
CA GLN B 336 22.24 5.89 -54.02
C GLN B 336 23.74 6.16 -53.94
N GLU B 337 24.42 5.59 -52.96
CA GLU B 337 25.88 5.82 -52.84
C GLU B 337 26.62 5.15 -54.00
N GLN B 338 26.16 4.01 -54.46
CA GLN B 338 26.86 3.35 -55.60
C GLN B 338 26.74 4.25 -56.81
N ILE B 339 25.56 4.81 -57.03
CA ILE B 339 25.33 5.74 -58.17
C ILE B 339 26.12 7.05 -57.99
N LEU B 340 26.14 7.59 -56.77
CA LEU B 340 26.82 8.88 -56.46
C LEU B 340 28.34 8.79 -56.57
N ALA B 341 28.92 7.60 -56.46
CA ALA B 341 30.39 7.44 -56.56
C ALA B 341 30.83 7.32 -58.01
N HIS B 342 29.87 7.19 -58.94
CA HIS B 342 30.20 7.05 -60.38
C HIS B 342 30.80 8.35 -60.91
N PRO B 343 31.78 8.28 -61.84
CA PRO B 343 32.42 9.45 -62.43
C PRO B 343 31.44 10.32 -63.23
N ALA B 344 30.46 9.66 -63.85
CA ALA B 344 29.40 10.25 -64.69
C ALA B 344 28.53 11.20 -63.86
N ILE B 345 28.22 10.88 -62.61
CA ILE B 345 27.34 11.80 -61.85
C ILE B 345 28.14 13.04 -61.45
N GLY B 346 27.64 14.23 -61.80
CA GLY B 346 28.35 15.47 -61.45
C GLY B 346 27.49 16.43 -60.66
N GLY B 347 26.18 16.22 -60.62
CA GLY B 347 25.28 17.10 -59.85
C GLY B 347 24.27 16.29 -59.08
N PHE B 348 23.81 16.76 -57.92
CA PHE B 348 22.81 15.98 -57.16
C PHE B 348 21.63 16.84 -56.75
N VAL B 349 20.39 16.50 -57.11
CA VAL B 349 19.28 17.30 -56.53
C VAL B 349 18.66 16.39 -55.48
N SER B 350 18.63 16.83 -54.23
CA SER B 350 18.14 15.98 -53.12
C SER B 350 17.09 16.70 -52.29
N HIS B 351 16.39 15.92 -51.46
CA HIS B 351 15.37 16.41 -50.50
C HIS B 351 16.05 16.90 -49.23
N CYS B 352 17.36 16.73 -49.10
CA CYS B 352 18.22 17.17 -48.00
C CYS B 352 17.98 16.42 -46.70
N GLY B 353 17.70 15.13 -46.79
CA GLY B 353 17.73 14.29 -45.58
C GLY B 353 19.19 14.20 -45.22
N TRP B 354 19.56 14.22 -43.96
CA TRP B 354 20.99 14.32 -43.60
C TRP B 354 21.83 13.18 -44.18
N ASN B 355 21.32 11.96 -44.24
CA ASN B 355 22.18 10.89 -44.81
C ASN B 355 22.50 11.22 -46.26
N SER B 356 21.52 11.65 -47.05
CA SER B 356 21.78 11.98 -48.48
C SER B 356 22.75 13.16 -48.57
N VAL B 357 22.58 14.17 -47.73
CA VAL B 357 23.48 15.35 -47.75
C VAL B 357 24.90 14.92 -47.38
N ILE B 358 25.04 14.09 -46.34
CA ILE B 358 26.39 13.66 -45.90
C ILE B 358 27.09 12.83 -46.96
N GLU B 359 26.37 11.92 -47.62
CA GLU B 359 26.99 11.05 -48.65
C GLU B 359 27.52 11.90 -49.79
N ALA B 360 26.76 12.90 -50.19
CA ALA B 360 27.16 13.79 -51.29
C ALA B 360 28.43 14.53 -50.88
N ALA B 361 28.48 15.03 -49.64
CA ALA B 361 29.68 15.75 -49.16
C ALA B 361 30.88 14.82 -49.20
N ARG B 362 30.72 13.58 -48.79
CA ARG B 362 31.82 12.59 -48.80
C ARG B 362 32.33 12.37 -50.23
N LEU B 363 31.42 12.33 -51.20
CA LEU B 363 31.80 12.11 -52.62
C LEU B 363 31.96 13.45 -53.34
N GLY B 364 31.75 14.55 -52.63
CA GLY B 364 31.92 15.88 -53.23
C GLY B 364 31.07 16.10 -54.46
N VAL B 365 29.78 15.83 -54.38
CA VAL B 365 28.87 16.08 -55.53
C VAL B 365 28.06 17.34 -55.20
N PRO B 366 28.07 18.40 -56.05
CA PRO B 366 27.35 19.62 -55.77
C PRO B 366 25.86 19.33 -55.65
N VAL B 367 25.24 19.93 -54.64
CA VAL B 367 23.83 19.62 -54.33
C VAL B 367 22.89 20.73 -54.81
N LEU B 368 21.72 20.36 -55.30
CA LEU B 368 20.70 21.39 -55.51
C LEU B 368 19.72 21.11 -54.38
N ALA B 369 19.66 21.98 -53.38
CA ALA B 369 18.80 21.67 -52.23
C ALA B 369 17.33 21.94 -52.55
N TRP B 370 16.52 20.91 -52.40
CA TRP B 370 15.05 21.05 -52.57
C TRP B 370 14.38 20.34 -51.40
N PRO B 371 14.48 20.87 -50.17
CA PRO B 371 13.90 20.26 -48.99
C PRO B 371 12.38 20.23 -49.10
N GLN B 372 11.77 19.17 -48.57
CA GLN B 372 10.31 19.04 -48.68
C GLN B 372 9.62 19.17 -47.32
N HIS B 373 10.07 18.43 -46.30
CA HIS B 373 9.43 18.42 -44.96
C HIS B 373 10.47 18.28 -43.85
N GLY B 374 10.01 18.23 -42.61
CA GLY B 374 10.84 17.91 -41.43
C GLY B 374 12.09 18.73 -41.26
N ASP B 375 13.18 18.04 -40.91
CA ASP B 375 14.54 18.60 -40.60
C ASP B 375 15.30 18.95 -41.86
N GLN B 376 14.80 18.52 -43.01
CA GLN B 376 15.45 18.69 -44.34
C GLN B 376 15.68 20.17 -44.64
N SER B 377 14.75 21.05 -44.27
CA SER B 377 14.91 22.50 -44.52
C SER B 377 16.16 23.01 -43.78
N VAL B 378 16.36 22.58 -42.53
CA VAL B 378 17.53 23.00 -41.70
C VAL B 378 18.85 22.46 -42.27
N ASN B 379 18.82 21.26 -42.83
CA ASN B 379 19.99 20.59 -43.48
C ASN B 379 20.39 21.38 -44.72
N ALA B 380 19.41 21.95 -45.42
CA ALA B 380 19.68 22.78 -46.60
C ALA B 380 20.52 23.99 -46.20
N GLY B 381 20.22 24.59 -45.06
CA GLY B 381 20.99 25.73 -44.54
C GLY B 381 22.42 25.33 -44.33
N VAL B 382 22.64 24.14 -43.78
CA VAL B 382 24.01 23.58 -43.60
C VAL B 382 24.60 23.36 -44.98
N VAL B 383 23.80 22.87 -45.93
CA VAL B 383 24.35 22.59 -47.30
C VAL B 383 24.85 23.89 -47.89
N GLU B 384 24.07 24.96 -47.77
CA GLU B 384 24.42 26.31 -48.27
C GLU B 384 25.60 26.90 -47.49
N LYS B 385 25.60 26.77 -46.16
CA LYS B 385 26.70 27.34 -45.34
C LYS B 385 28.00 26.62 -45.70
N ALA B 386 27.93 25.31 -45.90
CA ALA B 386 29.10 24.49 -46.26
C ALA B 386 29.64 24.92 -47.63
N GLY B 387 28.74 25.28 -48.55
CA GLY B 387 29.15 25.66 -49.91
C GLY B 387 29.17 24.45 -50.82
N LEU B 388 28.72 23.31 -50.28
CA LEU B 388 28.57 22.01 -50.96
C LEU B 388 27.46 22.13 -51.99
N GLY B 389 26.42 22.90 -51.68
CA GLY B 389 25.30 22.96 -52.62
C GLY B 389 24.63 24.31 -52.75
N LEU B 390 23.72 24.41 -53.73
CA LEU B 390 22.95 25.65 -53.98
C LEU B 390 21.52 25.45 -53.48
N TRP B 391 21.01 26.39 -52.69
CA TRP B 391 19.64 26.27 -52.14
C TRP B 391 18.88 27.59 -52.23
N VAL B 392 17.61 27.55 -52.62
CA VAL B 392 16.79 28.79 -52.60
C VAL B 392 15.78 28.63 -51.46
N ARG B 393 15.95 29.42 -50.40
CA ARG B 393 15.17 29.33 -49.15
C ARG B 393 13.68 29.59 -49.38
N GLU B 394 13.37 30.49 -50.32
CA GLU B 394 12.01 30.98 -50.68
C GLU B 394 11.09 29.90 -51.29
N TRP B 395 11.62 28.75 -51.70
CA TRP B 395 10.82 27.62 -52.23
C TRP B 395 9.90 27.09 -51.13
N GLY B 396 10.38 27.06 -49.87
CA GLY B 396 9.52 26.69 -48.74
C GLY B 396 9.24 25.20 -48.62
N TRP B 397 8.17 24.86 -47.90
CA TRP B 397 7.72 23.46 -47.67
C TRP B 397 7.00 22.94 -48.91
N GLY B 398 6.81 21.63 -49.01
CA GLY B 398 6.11 21.05 -50.17
C GLY B 398 4.63 21.36 -50.11
N GLN B 399 4.12 21.97 -51.18
CA GLN B 399 2.71 22.41 -51.44
C GLN B 399 2.38 23.72 -50.74
N THR B 400 3.33 24.32 -50.03
CA THR B 400 3.15 25.66 -49.42
C THR B 400 3.08 26.67 -50.58
N LYS B 401 3.90 26.44 -51.60
CA LYS B 401 3.97 27.26 -52.83
C LYS B 401 4.24 26.33 -54.02
N LEU B 402 3.88 26.73 -55.24
CA LEU B 402 4.23 25.92 -56.43
C LEU B 402 5.34 26.67 -57.16
N ILE B 403 6.55 26.13 -57.09
CA ILE B 403 7.76 26.81 -57.64
C ILE B 403 7.93 26.44 -59.10
N GLY B 404 8.27 27.45 -59.90
CA GLY B 404 8.35 27.49 -61.38
C GLY B 404 9.32 26.59 -62.11
N ARG B 405 8.77 26.01 -63.19
CA ARG B 405 9.46 25.18 -64.22
C ARG B 405 10.59 26.05 -64.74
N GLU B 406 10.25 27.24 -65.23
CA GLU B 406 11.25 28.27 -65.62
C GLU B 406 12.16 28.62 -64.44
N GLU B 407 11.59 28.78 -63.25
CA GLU B 407 12.40 29.17 -62.06
C GLU B 407 13.38 28.06 -61.68
N ILE B 408 12.92 26.82 -61.70
CA ILE B 408 13.78 25.65 -61.35
C ILE B 408 14.91 25.51 -62.37
N ALA B 409 14.60 25.72 -63.65
CA ALA B 409 15.57 25.54 -64.73
C ALA B 409 16.78 26.44 -64.54
N GLU B 410 16.59 27.69 -64.11
CA GLU B 410 17.75 28.58 -63.95
C GLU B 410 18.70 27.97 -62.92
N LYS B 411 18.17 27.48 -61.81
CA LYS B 411 18.96 26.87 -60.71
C LYS B 411 19.65 25.59 -61.19
N MET B 412 18.98 24.76 -61.97
CA MET B 412 19.63 23.53 -62.47
C MET B 412 20.79 23.91 -63.38
N ILE B 413 20.60 24.92 -64.22
CA ILE B 413 21.66 25.39 -65.16
C ILE B 413 22.84 25.94 -64.35
N GLU B 414 22.56 26.63 -63.26
CA GLU B 414 23.66 27.16 -62.41
C GLU B 414 24.47 26.00 -61.84
N VAL B 415 23.84 24.94 -61.33
CA VAL B 415 24.64 23.87 -60.68
C VAL B 415 25.61 23.25 -61.68
N MET B 416 25.17 23.01 -62.92
CA MET B 416 26.04 22.40 -63.96
C MET B 416 27.18 23.35 -64.35
N GLN B 417 26.89 24.64 -64.46
CA GLN B 417 27.90 25.60 -64.97
C GLN B 417 28.49 26.52 -63.90
N ASP B 418 28.31 26.27 -62.61
CA ASP B 418 28.98 27.16 -61.62
C ASP B 418 30.29 26.48 -61.21
N GLU B 419 31.44 26.97 -61.68
CA GLU B 419 32.74 26.34 -61.31
C GLU B 419 33.06 26.58 -59.84
N LYS B 420 32.62 27.69 -59.27
CA LYS B 420 32.94 28.00 -57.84
C LYS B 420 32.35 26.91 -56.94
N LEU B 421 31.15 26.43 -57.24
CA LEU B 421 30.58 25.33 -56.43
C LEU B 421 31.49 24.11 -56.58
N ARG B 422 31.93 23.80 -57.80
CA ARG B 422 32.76 22.61 -58.00
C ARG B 422 34.03 22.73 -57.17
N VAL B 423 34.68 23.90 -57.16
CA VAL B 423 35.92 24.03 -56.36
C VAL B 423 35.57 23.84 -54.88
N SER B 424 34.48 24.44 -54.41
CA SER B 424 34.07 24.30 -52.99
C SER B 424 33.60 22.87 -52.67
N ALA B 425 32.85 22.25 -53.58
CA ALA B 425 32.37 20.86 -53.39
C ALA B 425 33.58 19.91 -53.33
N GLY B 426 34.60 20.17 -54.15
CA GLY B 426 35.84 19.38 -54.17
C GLY B 426 36.56 19.46 -52.84
N GLU B 427 36.54 20.63 -52.20
CA GLU B 427 37.18 20.86 -50.89
C GLU B 427 36.52 20.00 -49.81
N VAL B 428 35.18 19.92 -49.82
CA VAL B 428 34.40 19.14 -48.81
C VAL B 428 34.78 17.68 -48.92
N ARG B 429 34.95 17.19 -50.14
CA ARG B 429 35.35 15.77 -50.30
C ARG B 429 36.71 15.60 -49.63
N ALA B 430 37.64 16.51 -49.88
CA ALA B 430 38.98 16.42 -49.27
C ALA B 430 38.84 16.57 -47.77
N LYS B 431 38.01 17.50 -47.33
CA LYS B 431 37.85 17.71 -45.86
C LYS B 431 37.27 16.44 -45.25
N ALA B 432 36.28 15.84 -45.91
CA ALA B 432 35.63 14.61 -45.41
C ALA B 432 36.60 13.44 -45.39
N LYS B 433 37.40 13.31 -46.44
CA LYS B 433 38.37 12.19 -46.57
C LYS B 433 39.42 12.28 -45.46
N GLU B 434 39.91 13.48 -45.20
CA GLU B 434 40.99 13.72 -44.21
C GLU B 434 40.54 13.27 -42.83
N THR B 435 39.27 13.46 -42.48
CA THR B 435 38.78 13.05 -41.13
C THR B 435 38.73 11.52 -41.00
N ARG B 436 38.67 10.80 -42.10
CA ARG B 436 38.61 9.32 -42.00
C ARG B 436 40.02 8.77 -41.99
N GLU B 437 41.00 9.61 -42.29
CA GLU B 437 42.41 9.16 -42.26
C GLU B 437 42.83 8.98 -40.80
N VAL B 438 43.73 8.03 -40.55
CA VAL B 438 44.24 7.63 -39.20
C VAL B 438 44.44 8.85 -38.30
N ASP B 439 44.88 9.99 -38.82
CA ASP B 439 45.07 11.18 -37.95
C ASP B 439 43.75 11.92 -37.73
N GLY B 440 42.71 11.59 -38.49
CA GLY B 440 41.41 12.29 -38.43
C GLY B 440 40.75 12.22 -37.07
N ASP B 441 40.09 13.30 -36.68
CA ASP B 441 39.39 13.36 -35.38
C ASP B 441 38.26 12.34 -35.36
N SER B 442 37.51 12.24 -36.46
CA SER B 442 36.37 11.30 -36.51
C SER B 442 36.83 9.85 -36.39
N GLU B 443 37.88 9.47 -37.13
CA GLU B 443 38.39 8.08 -37.03
C GLU B 443 38.97 7.86 -35.63
N ALA B 444 39.74 8.82 -35.13
CA ALA B 444 40.36 8.69 -33.79
C ALA B 444 39.25 8.61 -32.74
N LEU B 445 38.18 9.41 -32.88
CA LEU B 445 37.09 9.32 -31.88
C LEU B 445 36.44 7.94 -31.93
N LEU B 446 36.20 7.39 -33.12
CA LEU B 446 35.57 6.06 -33.19
C LEU B 446 36.54 5.04 -32.62
N GLN B 447 37.82 5.16 -32.98
CA GLN B 447 38.86 4.21 -32.48
C GLN B 447 38.96 4.35 -30.96
N ARG B 448 38.92 5.57 -30.45
CA ARG B 448 39.00 5.80 -28.98
C ARG B 448 37.80 5.18 -28.29
N LEU B 449 36.60 5.37 -28.85
CA LEU B 449 35.36 4.85 -28.24
C LEU B 449 35.44 3.32 -28.17
N ILE B 450 35.93 2.70 -29.24
CA ILE B 450 36.09 1.22 -29.30
C ILE B 450 37.11 0.80 -28.23
N HIS B 451 38.18 1.58 -28.06
CA HIS B 451 39.22 1.24 -27.06
C HIS B 451 38.59 1.23 -25.67
N SER B 452 37.73 2.20 -25.36
CA SER B 452 37.09 2.33 -24.03
C SER B 452 36.15 1.17 -23.70
N PHE B 453 35.58 0.51 -24.70
CA PHE B 453 34.63 -0.58 -24.37
C PHE B 453 35.36 -1.63 -23.54
N ASN B 454 34.74 -2.06 -22.44
CA ASN B 454 35.27 -3.09 -21.52
C ASN B 454 35.11 -4.46 -22.15
N ASN B 455 35.96 -5.41 -21.76
CA ASN B 455 35.90 -6.80 -22.28
C ASN B 455 34.46 -7.30 -22.15
N GLY C 12 -22.15 -10.70 36.01
CA GLY C 12 -23.08 -10.85 34.91
C GLY C 12 -23.87 -9.58 34.73
N ALA C 13 -23.15 -8.47 34.63
CA ALA C 13 -23.75 -7.16 34.58
C ALA C 13 -23.02 -6.29 33.57
N HIS C 14 -23.67 -5.22 33.11
CA HIS C 14 -23.01 -4.29 32.22
C HIS C 14 -22.50 -3.06 32.95
N ILE C 15 -21.19 -2.85 32.85
CA ILE C 15 -20.51 -1.74 33.48
C ILE C 15 -19.71 -0.99 32.44
N ALA C 16 -19.85 0.32 32.40
CA ALA C 16 -19.18 1.13 31.38
C ALA C 16 -18.09 1.98 31.98
N LEU C 17 -16.92 2.00 31.36
CA LEU C 17 -15.82 2.78 31.88
C LEU C 17 -15.46 3.95 30.97
N PHE C 18 -15.50 5.16 31.52
CA PHE C 18 -15.28 6.37 30.76
C PHE C 18 -14.05 7.15 31.21
N PRO C 19 -12.96 7.00 30.47
CA PRO C 19 -11.68 7.66 30.75
C PRO C 19 -11.57 9.08 30.24
N CYS C 20 -10.52 9.77 30.66
CA CYS C 20 -10.28 11.14 30.27
C CYS C 20 -8.91 11.26 29.67
N ALA C 21 -8.62 12.41 29.08
CA ALA C 21 -7.55 12.52 28.13
C ALA C 21 -6.21 12.17 28.70
N GLY C 22 -5.41 11.51 27.87
CA GLY C 22 -4.05 11.15 28.22
C GLY C 22 -3.84 9.70 28.55
N MET C 23 -2.60 9.26 28.38
CA MET C 23 -2.23 7.88 28.66
C MET C 23 -2.32 7.51 30.13
N GLY C 24 -1.95 8.43 31.00
CA GLY C 24 -2.00 8.17 32.42
C GLY C 24 -3.41 7.89 32.87
N HIS C 25 -4.35 8.60 32.28
CA HIS C 25 -5.76 8.37 32.54
C HIS C 25 -6.40 7.31 31.67
N LEU C 26 -5.73 6.88 30.60
CA LEU C 26 -6.33 5.89 29.72
C LEU C 26 -5.93 4.47 30.03
N LEU C 27 -4.65 4.28 30.32
CA LEU C 27 -4.11 2.94 30.57
C LEU C 27 -4.71 2.29 31.80
N PRO C 28 -4.89 3.07 32.84
CA PRO C 28 -5.50 2.57 34.07
C PRO C 28 -6.92 2.12 33.87
N PHE C 29 -7.70 2.85 33.08
CA PHE C 29 -9.06 2.42 32.78
C PHE C 29 -9.16 1.14 31.97
N LEU C 30 -8.29 1.00 30.99
CA LEU C 30 -8.28 -0.20 30.16
C LEU C 30 -7.91 -1.41 30.97
N ARG C 31 -6.93 -1.26 31.85
CA ARG C 31 -6.47 -2.36 32.66
C ARG C 31 -7.58 -2.87 33.55
N LEU C 32 -8.35 -1.96 34.12
CA LEU C 32 -9.55 -2.31 34.85
C LEU C 32 -10.62 -2.95 33.98
N ALA C 33 -10.83 -2.43 32.78
CA ALA C 33 -11.87 -2.94 31.94
C ALA C 33 -11.57 -4.39 31.61
N ALA C 34 -10.30 -4.66 31.33
CA ALA C 34 -9.86 -6.01 31.11
C ALA C 34 -10.07 -6.81 32.38
N MET C 35 -9.77 -6.19 33.52
CA MET C 35 -9.88 -6.86 34.80
C MET C 35 -11.31 -7.27 35.12
N LEU C 36 -12.26 -6.39 34.84
CA LEU C 36 -13.67 -6.70 35.03
C LEU C 36 -14.11 -7.83 34.12
N ASP C 37 -13.63 -7.80 32.89
CA ASP C 37 -13.97 -8.82 31.89
C ASP C 37 -13.48 -10.16 32.34
N ALA C 38 -12.32 -10.17 32.96
CA ALA C 38 -11.69 -11.38 33.42
C ALA C 38 -12.61 -12.06 34.41
N ARG C 39 -13.33 -11.24 35.16
CA ARG C 39 -14.19 -11.71 36.24
C ARG C 39 -15.64 -11.83 35.82
N GLY C 40 -15.86 -11.93 34.51
CA GLY C 40 -17.16 -12.26 33.98
C GLY C 40 -18.08 -11.09 33.76
N CYS C 41 -17.58 -9.89 34.01
CA CYS C 41 -18.34 -8.69 33.76
C CYS C 41 -18.50 -8.44 32.28
N ALA C 42 -19.70 -8.05 31.89
CA ALA C 42 -19.88 -7.47 30.59
C ALA C 42 -19.25 -6.10 30.72
N VAL C 43 -18.55 -5.65 29.70
CA VAL C 43 -17.93 -4.33 29.74
C VAL C 43 -18.09 -3.59 28.42
N THR C 44 -18.36 -2.27 28.48
CA THR C 44 -18.28 -1.30 27.36
C THR C 44 -17.24 -0.22 27.74
N VAL C 45 -16.35 0.23 26.84
CA VAL C 45 -15.46 1.34 27.16
C VAL C 45 -15.85 2.51 26.29
N ILE C 46 -16.10 3.64 26.95
CA ILE C 46 -16.54 4.86 26.23
C ILE C 46 -15.31 5.69 25.86
N THR C 47 -14.86 5.53 24.63
CA THR C 47 -13.74 6.37 24.11
C THR C 47 -14.38 7.57 23.37
N VAL C 48 -13.59 8.59 22.87
CA VAL C 48 -13.94 9.83 22.22
C VAL C 48 -12.97 10.18 21.11
N LYS C 49 -13.47 10.86 20.08
CA LYS C 49 -12.66 11.25 18.95
C LYS C 49 -12.77 12.73 18.69
N PRO C 50 -11.70 13.33 18.21
CA PRO C 50 -10.41 12.66 18.02
C PRO C 50 -9.60 12.63 19.29
N THR C 51 -8.56 11.79 19.31
CA THR C 51 -7.60 11.76 20.40
C THR C 51 -6.61 12.91 20.36
N VAL C 52 -6.07 13.26 21.52
CA VAL C 52 -4.92 14.14 21.62
C VAL C 52 -3.64 13.57 21.05
N SER C 53 -3.43 12.28 21.28
CA SER C 53 -2.14 11.67 20.97
C SER C 53 -2.27 10.41 20.14
N ALA C 54 -1.20 10.08 19.43
CA ALA C 54 -1.15 8.88 18.64
C ALA C 54 -1.23 7.63 19.49
N ALA C 55 -0.56 7.65 20.62
CA ALA C 55 -0.50 6.47 21.46
C ALA C 55 -1.87 6.08 21.93
N GLU C 56 -2.69 7.04 22.31
CA GLU C 56 -4.00 6.71 22.83
C GLU C 56 -4.80 6.02 21.77
N SER C 57 -4.74 6.52 20.55
CA SER C 57 -5.46 5.95 19.44
C SER C 57 -4.94 4.57 19.13
N ASP C 58 -3.63 4.43 19.15
CA ASP C 58 -3.01 3.17 18.85
C ASP C 58 -3.41 2.16 19.89
N HIS C 59 -3.33 2.56 21.15
CA HIS C 59 -3.66 1.63 22.25
C HIS C 59 -5.12 1.20 22.22
N LEU C 60 -6.03 2.11 21.92
CA LEU C 60 -7.44 1.76 21.93
C LEU C 60 -7.71 0.65 20.93
N SER C 61 -7.14 0.76 19.75
CA SER C 61 -7.39 -0.20 18.70
C SER C 61 -6.85 -1.55 19.06
N ALA C 62 -5.66 -1.57 19.62
CA ALA C 62 -5.04 -2.81 20.01
C ALA C 62 -5.85 -3.50 21.10
N PHE C 63 -6.35 -2.72 22.04
CA PHE C 63 -7.00 -3.28 23.20
C PHE C 63 -8.19 -4.08 22.73
N PHE C 64 -8.95 -3.49 21.85
CA PHE C 64 -10.16 -4.11 21.33
C PHE C 64 -9.93 -5.37 20.52
N THR C 65 -8.84 -5.40 19.77
CA THR C 65 -8.51 -6.60 18.97
C THR C 65 -8.15 -7.72 19.93
N ILE C 66 -7.53 -7.36 21.05
CA ILE C 66 -7.13 -8.38 22.07
C ILE C 66 -8.35 -8.74 22.92
N HIS C 67 -9.23 -7.79 23.25
CA HIS C 67 -10.38 -8.19 24.04
C HIS C 67 -11.68 -7.95 23.30
N PRO C 68 -11.96 -8.80 22.33
CA PRO C 68 -13.09 -8.66 21.41
C PRO C 68 -14.40 -8.69 22.15
N ARG C 69 -14.46 -9.45 23.22
CA ARG C 69 -15.70 -9.55 23.96
C ARG C 69 -16.05 -8.16 24.43
N ILE C 70 -15.06 -7.41 24.89
CA ILE C 70 -15.33 -6.06 25.37
C ILE C 70 -15.84 -5.20 24.24
N THR C 71 -16.91 -4.46 24.50
CA THR C 71 -17.44 -3.48 23.57
C THR C 71 -16.68 -2.17 23.68
N ARG C 72 -16.65 -1.39 22.61
CA ARG C 72 -16.05 -0.07 22.64
C ARG C 72 -17.05 0.92 22.13
N LEU C 73 -17.23 2.03 22.83
CA LEU C 73 -18.19 3.04 22.38
C LEU C 73 -17.50 4.34 22.03
N GLU C 74 -17.72 4.79 20.80
CA GLU C 74 -17.03 5.96 20.30
C GLU C 74 -17.93 7.17 20.23
N PHE C 75 -17.36 8.27 20.69
CA PHE C 75 -18.01 9.54 20.87
C PHE C 75 -17.23 10.53 20.05
N GLN C 76 -17.91 11.49 19.45
CA GLN C 76 -17.24 12.51 18.68
C GLN C 76 -17.24 13.79 19.48
N LEU C 77 -16.07 14.36 19.65
CA LEU C 77 -15.90 15.54 20.47
C LEU C 77 -16.52 16.79 19.88
N LEU C 78 -17.11 17.61 20.73
CA LEU C 78 -17.53 18.95 20.40
C LEU C 78 -16.29 19.83 20.45
N PRO C 79 -16.36 21.02 19.87
CA PRO C 79 -15.22 21.95 19.89
C PRO C 79 -14.94 22.51 21.27
N TYR C 80 -13.72 22.96 21.51
CA TYR C 80 -13.39 23.58 22.80
C TYR C 80 -14.20 24.83 23.03
N GLN C 81 -14.62 25.02 24.27
CA GLN C 81 -15.56 26.07 24.63
C GLN C 81 -15.00 27.03 25.65
N LYS C 82 -15.25 28.30 25.45
CA LYS C 82 -14.75 29.29 26.38
C LYS C 82 -15.34 29.04 27.73
N SER C 83 -14.50 29.13 28.74
CA SER C 83 -14.88 29.01 30.12
C SER C 83 -13.85 29.82 30.85
N GLY C 84 -14.05 30.04 32.13
CA GLY C 84 -13.15 30.85 32.90
C GLY C 84 -11.74 30.30 32.96
N LEU C 85 -11.63 28.97 33.02
CA LEU C 85 -10.43 28.29 33.46
C LEU C 85 -9.21 28.58 32.62
N ARG C 86 -8.06 28.66 33.28
CA ARG C 86 -6.83 28.90 32.58
C ARG C 86 -6.20 27.57 32.33
N ASN C 87 -5.91 27.29 31.06
CA ASN C 87 -5.24 26.07 30.67
C ASN C 87 -4.26 26.35 29.54
N ASP C 88 -3.04 25.86 29.66
CA ASP C 88 -2.10 25.90 28.56
C ASP C 88 -1.48 24.54 28.27
N ASP C 89 -2.16 23.48 28.66
CA ASP C 89 -1.69 22.12 28.46
C ASP C 89 -2.62 21.38 27.52
N PRO C 90 -2.05 20.68 26.56
CA PRO C 90 -2.87 19.98 25.56
C PRO C 90 -3.79 18.91 26.12
N PHE C 91 -3.27 18.08 27.02
CA PHE C 91 -4.07 17.06 27.66
C PHE C 91 -5.15 17.57 28.60
N PHE C 92 -4.81 18.57 29.40
CA PHE C 92 -5.76 19.16 30.32
C PHE C 92 -6.87 19.79 29.51
N ILE C 93 -6.52 20.43 28.41
CA ILE C 93 -7.49 21.10 27.58
C ILE C 93 -8.48 20.11 27.04
N GLN C 94 -7.99 18.95 26.64
CA GLN C 94 -8.83 17.92 26.08
C GLN C 94 -9.84 17.49 27.13
N MET C 95 -9.39 17.45 28.38
CA MET C 95 -10.23 17.04 29.48
C MET C 95 -11.41 17.98 29.61
N GLU C 96 -11.18 19.26 29.42
CA GLU C 96 -12.23 20.25 29.44
C GLU C 96 -13.21 19.98 28.33
N THR C 97 -12.68 19.65 27.17
CA THR C 97 -13.50 19.34 25.99
C THR C 97 -14.35 18.08 26.16
N ILE C 98 -13.76 17.05 26.74
CA ILE C 98 -14.47 15.82 26.99
C ILE C 98 -15.59 16.08 27.97
N ALA C 99 -15.31 16.91 28.95
CA ALA C 99 -16.28 17.21 30.00
C ALA C 99 -17.52 17.90 29.47
N THR C 100 -17.35 18.83 28.55
CA THR C 100 -18.51 19.50 28.01
C THR C 100 -19.38 18.49 27.31
N SER C 101 -18.70 17.55 26.65
CA SER C 101 -19.30 16.59 25.74
C SER C 101 -20.12 15.47 26.36
N VAL C 102 -20.09 15.32 27.68
CA VAL C 102 -20.75 14.19 28.31
C VAL C 102 -22.25 14.13 28.02
N HIS C 103 -22.90 15.28 27.93
CA HIS C 103 -24.35 15.30 27.79
C HIS C 103 -24.76 14.60 26.50
N LEU C 104 -23.84 14.49 25.57
CA LEU C 104 -24.09 13.82 24.31
C LEU C 104 -24.50 12.38 24.58
N LEU C 105 -24.00 11.86 25.70
CA LEU C 105 -24.15 10.47 26.06
C LEU C 105 -25.56 9.97 26.26
N ARG C 106 -26.41 10.84 26.83
CA ARG C 106 -27.79 10.51 27.24
C ARG C 106 -28.55 9.61 26.27
N PRO C 107 -28.80 10.01 25.02
CA PRO C 107 -29.53 9.16 24.09
C PRO C 107 -28.87 7.80 23.83
N LEU C 108 -27.53 7.78 23.78
CA LEU C 108 -26.72 6.56 23.54
C LEU C 108 -26.88 5.51 24.66
N LEU C 109 -26.95 5.96 25.91
CA LEU C 109 -27.12 5.07 27.09
C LEU C 109 -28.48 4.35 27.06
N SER C 110 -29.52 5.04 26.61
CA SER C 110 -30.88 4.47 26.59
C SER C 110 -31.00 3.29 25.63
N SER C 111 -30.06 3.15 24.70
CA SER C 111 -30.14 2.06 23.68
C SER C 111 -29.03 1.01 23.85
N LEU C 112 -28.27 1.02 24.93
CA LEU C 112 -27.16 0.03 25.05
C LEU C 112 -27.77 -1.37 25.00
N SER C 113 -27.12 -2.31 24.32
CA SER C 113 -27.73 -3.65 24.07
C SER C 113 -28.14 -4.30 25.39
N PRO C 114 -27.26 -4.36 26.39
CA PRO C 114 -27.59 -4.84 27.73
C PRO C 114 -27.64 -3.61 28.65
N PRO C 115 -28.75 -3.36 29.37
CA PRO C 115 -28.88 -2.18 30.22
C PRO C 115 -27.73 -2.05 31.22
N LEU C 116 -27.18 -0.84 31.35
CA LEU C 116 -25.99 -0.60 32.20
C LEU C 116 -26.34 -0.84 33.67
N SER C 117 -25.45 -1.50 34.39
CA SER C 117 -25.63 -1.75 35.83
C SER C 117 -25.00 -0.56 36.52
N ALA C 118 -23.85 -0.15 36.01
CA ALA C 118 -23.14 1.01 36.59
C ALA C 118 -22.13 1.56 35.60
N ILE C 119 -21.63 2.77 35.88
CA ILE C 119 -20.65 3.42 34.97
C ILE C 119 -19.44 3.81 35.81
N VAL C 120 -18.24 3.43 35.41
CA VAL C 120 -17.06 3.88 36.22
C VAL C 120 -16.48 5.08 35.50
N SER C 121 -16.59 6.26 36.10
CA SER C 121 -16.18 7.53 35.46
C SER C 121 -14.88 8.08 36.04
N ASP C 122 -14.18 8.89 35.27
CA ASP C 122 -12.90 9.51 35.70
C ASP C 122 -13.20 10.61 36.71
N PHE C 123 -12.24 10.93 37.57
CA PHE C 123 -12.42 11.97 38.60
C PHE C 123 -12.68 13.31 37.92
N THR C 124 -11.95 13.59 36.84
CA THR C 124 -12.12 14.81 36.03
C THR C 124 -13.49 14.78 35.35
N LEU C 125 -13.96 13.61 34.96
CA LEU C 125 -15.29 13.48 34.30
C LEU C 125 -16.40 13.21 35.31
N THR C 126 -16.10 13.03 36.59
CA THR C 126 -17.11 12.65 37.62
C THR C 126 -18.25 13.67 37.80
N SER C 127 -17.93 14.96 37.88
CA SER C 127 -19.00 15.95 38.14
C SER C 127 -20.05 15.92 37.04
N GLN C 128 -19.63 15.92 35.78
CA GLN C 128 -20.53 15.94 34.61
C GLN C 128 -21.26 14.60 34.44
N VAL C 129 -20.58 13.49 34.72
CA VAL C 129 -21.18 12.13 34.57
C VAL C 129 -22.22 11.92 35.66
N THR C 130 -21.91 12.33 36.88
CA THR C 130 -22.87 12.17 37.99
C THR C 130 -24.19 12.84 37.62
N ASP C 131 -24.15 14.01 36.98
CA ASP C 131 -25.41 14.70 36.62
C ASP C 131 -26.08 13.96 35.45
N LEU C 132 -25.29 13.40 34.56
CA LEU C 132 -25.83 12.71 33.36
C LEU C 132 -26.79 11.60 33.77
N VAL C 133 -26.44 10.82 34.78
CA VAL C 133 -27.27 9.64 35.17
C VAL C 133 -28.01 9.85 36.48
N SER C 134 -28.17 11.09 36.94
CA SER C 134 -28.84 11.37 38.24
C SER C 134 -30.27 10.83 38.25
N ASP C 135 -30.91 10.94 37.08
CA ASP C 135 -32.28 10.44 36.81
C ASP C 135 -32.21 8.97 36.40
N LEU C 136 -31.29 8.61 35.52
CA LEU C 136 -31.17 7.21 35.05
C LEU C 136 -30.83 6.31 36.23
N PRO C 137 -31.45 5.11 36.35
CA PRO C 137 -31.17 4.21 37.46
C PRO C 137 -29.81 3.53 37.25
N ILE C 138 -28.72 4.28 37.39
CA ILE C 138 -27.37 3.69 37.15
C ILE C 138 -26.45 4.09 38.30
N SER C 139 -25.79 3.12 38.93
CA SER C 139 -24.85 3.46 40.03
C SER C 139 -23.61 4.05 39.40
N THR C 140 -23.06 5.09 40.01
CA THR C 140 -21.86 5.73 39.49
C THR C 140 -20.70 5.48 40.42
N TYR C 141 -19.59 5.08 39.83
CA TYR C 141 -18.36 4.86 40.55
C TYR C 141 -17.32 5.66 39.79
N THR C 142 -16.25 6.06 40.47
CA THR C 142 -15.17 6.75 39.80
C THR C 142 -13.85 6.10 40.14
N LEU C 143 -12.93 6.15 39.18
CA LEU C 143 -11.61 5.59 39.37
C LEU C 143 -10.60 6.70 39.33
N MET C 144 -9.73 6.73 40.32
CA MET C 144 -8.79 7.82 40.46
C MET C 144 -7.39 7.37 40.14
N THR C 145 -6.80 8.10 39.22
CA THR C 145 -5.46 7.85 38.72
C THR C 145 -4.31 8.05 39.72
N SER C 146 -4.44 9.09 40.56
CA SER C 146 -3.35 9.50 41.46
C SER C 146 -3.27 8.66 42.73
N SER C 147 -2.42 9.10 43.63
CA SER C 147 -2.28 8.35 44.88
C SER C 147 -3.31 8.85 45.88
N ALA C 148 -3.47 8.10 46.95
CA ALA C 148 -4.34 8.43 48.05
C ALA C 148 -3.83 9.67 48.75
N ALA C 149 -2.52 9.75 48.90
CA ALA C 149 -1.89 10.85 49.60
C ALA C 149 -2.20 12.14 48.90
N PHE C 150 -2.14 12.13 47.58
CA PHE C 150 -2.56 13.27 46.80
C PHE C 150 -4.03 13.45 47.00
N PHE C 151 -4.75 12.33 47.05
CA PHE C 151 -6.19 12.35 47.14
C PHE C 151 -6.63 13.06 48.38
N CYS C 152 -5.89 12.85 49.46
CA CYS C 152 -6.18 13.53 50.70
C CYS C 152 -6.01 15.03 50.52
N LEU C 153 -4.99 15.42 49.77
CA LEU C 153 -4.78 16.82 49.45
C LEU C 153 -5.93 17.39 48.64
N MET C 154 -6.40 16.61 47.68
CA MET C 154 -7.50 17.02 46.84
C MET C 154 -8.78 17.25 47.58
N ALA C 155 -9.09 16.36 48.51
CA ALA C 155 -10.34 16.40 49.24
C ALA C 155 -10.43 17.68 50.05
N TYR C 156 -9.29 18.09 50.56
CA TYR C 156 -9.18 19.24 51.43
C TYR C 156 -9.05 20.55 50.68
N LEU C 157 -8.97 20.50 49.37
CA LEU C 157 -8.68 21.70 48.58
C LEU C 157 -9.73 22.80 48.71
N PRO C 158 -11.00 22.42 48.75
CA PRO C 158 -12.07 23.40 48.82
C PRO C 158 -11.99 24.25 50.07
N LYS C 159 -11.67 23.64 51.20
CA LYS C 159 -11.39 24.35 52.44
C LYS C 159 -10.13 25.20 52.32
N LEU C 160 -9.12 24.63 51.68
CA LEU C 160 -7.83 25.26 51.48
C LEU C 160 -7.93 26.50 50.62
N LEU C 161 -8.85 26.46 49.68
CA LEU C 161 -9.05 27.56 48.76
C LEU C 161 -9.56 28.83 49.43
N GLN C 162 -10.17 28.70 50.60
CA GLN C 162 -10.66 29.85 51.34
C GLN C 162 -9.73 30.41 52.42
N ILE C 163 -8.56 29.80 52.60
CA ILE C 163 -7.62 30.20 53.65
C ILE C 163 -6.31 30.76 53.10
N ASP C 164 -5.79 31.83 53.71
CA ASP C 164 -4.69 32.55 53.10
C ASP C 164 -3.47 31.68 52.91
N VAL C 165 -3.08 30.95 53.93
CA VAL C 165 -2.10 29.89 53.73
C VAL C 165 -0.89 30.40 53.01
N ALA C 166 -0.43 31.60 53.34
CA ALA C 166 0.70 32.18 52.63
C ALA C 166 1.86 32.35 53.56
N ASN C 167 3.05 31.94 53.12
CA ASN C 167 4.19 32.01 53.98
C ASN C 167 4.17 30.82 54.91
N ARG C 168 3.26 29.89 54.63
CA ARG C 168 3.21 28.65 55.38
C ARG C 168 4.19 27.73 54.70
N ASP C 169 5.17 27.24 55.45
CA ASP C 169 6.06 26.24 54.91
C ASP C 169 5.25 25.00 54.59
N ALA C 170 4.37 24.64 55.51
CA ALA C 170 3.62 23.41 55.37
C ALA C 170 2.17 23.56 55.77
N ILE C 171 1.32 22.73 55.18
CA ILE C 171 -0.11 22.77 55.44
C ILE C 171 -0.54 21.43 55.98
N GLU C 172 -1.22 21.42 57.11
CA GLU C 172 -1.68 20.18 57.69
C GLU C 172 -2.87 19.57 56.94
N ILE C 173 -2.83 18.25 56.77
CA ILE C 173 -3.92 17.51 56.14
C ILE C 173 -4.57 16.73 57.24
N PRO C 174 -5.89 16.61 57.18
CA PRO C 174 -6.72 16.39 58.36
C PRO C 174 -6.47 15.14 59.17
N ASP C 175 -6.20 14.01 58.55
CA ASP C 175 -5.93 12.84 59.42
C ASP C 175 -4.54 12.30 59.09
N LEU C 176 -3.76 13.12 58.41
CA LEU C 176 -2.42 12.71 58.05
C LEU C 176 -1.47 13.90 58.12
N GLY C 177 -0.19 13.62 58.19
CA GLY C 177 0.80 14.67 58.38
C GLY C 177 0.76 15.67 57.25
N PRO C 178 1.01 16.92 57.59
CA PRO C 178 0.93 18.01 56.62
C PRO C 178 1.93 17.87 55.51
N ILE C 179 1.48 18.09 54.29
CA ILE C 179 2.37 18.19 53.15
C ILE C 179 3.12 19.51 53.19
N SER C 180 4.35 19.52 52.71
CA SER C 180 5.08 20.75 52.57
C SER C 180 4.52 21.56 51.43
N MET C 181 4.60 22.88 51.54
CA MET C 181 4.10 23.76 50.51
C MET C 181 4.88 23.48 49.25
N SER C 182 6.12 23.07 49.45
CA SER C 182 7.04 22.85 48.36
C SER C 182 6.48 21.78 47.43
N SER C 183 5.81 20.79 47.99
CA SER C 183 5.34 19.66 47.21
C SER C 183 3.94 19.86 46.64
N ILE C 184 3.36 21.04 46.85
CA ILE C 184 2.07 21.38 46.26
C ILE C 184 2.30 22.30 45.08
N PRO C 185 1.68 21.99 43.94
CA PRO C 185 1.81 22.84 42.77
C PRO C 185 1.08 24.17 42.96
N PRO C 186 1.73 25.25 42.60
CA PRO C 186 1.19 26.58 42.85
C PRO C 186 -0.11 26.79 42.10
N LYS C 187 -0.18 26.24 40.91
CA LYS C 187 -1.34 26.38 40.08
C LYS C 187 -2.56 25.70 40.68
N MET C 188 -2.34 24.71 41.52
CA MET C 188 -3.42 24.03 42.23
C MET C 188 -4.16 24.96 43.18
N LEU C 189 -3.44 25.93 43.72
CA LEU C 189 -3.98 26.85 44.71
C LEU C 189 -4.45 28.18 44.15
N ASP C 190 -4.41 28.32 42.83
CA ASP C 190 -4.95 29.48 42.18
C ASP C 190 -6.25 29.03 41.55
N PRO C 191 -7.33 29.64 41.96
CA PRO C 191 -8.67 29.14 41.66
C PRO C 191 -9.00 29.08 40.20
N SER C 192 -8.59 30.08 39.43
CA SER C 192 -8.92 30.15 38.02
C SER C 192 -8.34 29.00 37.22
N ASP C 193 -7.15 28.57 37.55
CA ASP C 193 -6.44 27.60 36.73
C ASP C 193 -7.18 26.29 36.69
N PHE C 194 -7.13 25.62 35.54
CA PHE C 194 -7.93 24.44 35.33
C PHE C 194 -7.57 23.38 36.33
N PHE C 195 -6.30 23.26 36.63
CA PHE C 195 -5.85 22.18 37.46
C PHE C 195 -6.54 22.30 38.79
N SER C 196 -6.59 23.50 39.35
CA SER C 196 -7.29 23.70 40.60
C SER C 196 -8.79 23.51 40.51
N ALA C 197 -9.38 24.08 39.48
CA ALA C 197 -10.83 24.10 39.34
C ALA C 197 -11.45 22.73 39.14
N PHE C 198 -10.81 21.92 38.31
CA PHE C 198 -11.29 20.58 38.07
C PHE C 198 -11.20 19.66 39.28
N ILE C 199 -10.12 19.76 40.03
CA ILE C 199 -10.00 19.01 41.26
C ILE C 199 -11.02 19.45 42.29
N SER C 200 -11.20 20.76 42.44
CA SER C 200 -12.15 21.30 43.39
C SER C 200 -13.59 20.97 43.06
N SER C 201 -13.96 21.13 41.81
CA SER C 201 -15.35 20.96 41.40
C SER C 201 -15.82 19.53 41.52
N ASN C 202 -14.95 18.61 41.12
CA ASN C 202 -15.22 17.18 41.18
C ASN C 202 -15.32 16.57 42.57
N VAL C 203 -14.51 17.04 43.50
CA VAL C 203 -14.56 16.55 44.86
C VAL C 203 -15.93 16.85 45.42
N SER C 204 -16.44 18.02 45.11
CA SER C 204 -17.69 18.48 45.64
C SER C 204 -18.84 17.58 45.21
N SER C 205 -18.71 16.98 44.04
CA SER C 205 -19.68 16.03 43.52
C SER C 205 -19.47 14.57 43.94
N LEU C 206 -18.40 14.30 44.65
CA LEU C 206 -17.97 12.93 44.96
C LEU C 206 -18.99 12.16 45.79
N HIS C 207 -19.81 12.90 46.54
CA HIS C 207 -20.82 12.33 47.39
C HIS C 207 -21.83 11.55 46.57
N LYS C 208 -21.98 11.91 45.31
CA LYS C 208 -22.98 11.29 44.46
C LYS C 208 -22.48 10.01 43.80
N VAL C 209 -21.26 9.63 44.09
CA VAL C 209 -20.70 8.39 43.56
C VAL C 209 -20.77 7.29 44.61
N LYS C 210 -21.18 6.09 44.21
CA LYS C 210 -21.32 4.98 45.16
C LYS C 210 -19.99 4.59 45.78
N GLY C 211 -18.96 4.68 44.95
CA GLY C 211 -17.58 4.36 45.33
C GLY C 211 -16.56 5.12 44.50
N VAL C 212 -15.37 5.27 45.05
CA VAL C 212 -14.19 5.97 44.49
C VAL C 212 -13.05 4.97 44.51
N LEU C 213 -12.72 4.46 43.33
CA LEU C 213 -11.72 3.44 43.10
C LEU C 213 -10.36 4.08 43.04
N ILE C 214 -9.42 3.53 43.77
CA ILE C 214 -8.08 4.07 43.80
C ILE C 214 -7.08 2.98 43.48
N ASN C 215 -6.14 3.30 42.60
CA ASN C 215 -5.15 2.34 42.13
C ASN C 215 -3.99 2.28 43.11
N THR C 216 -4.28 1.80 44.30
CA THR C 216 -3.28 1.58 45.32
C THR C 216 -3.79 0.53 46.28
N PHE C 217 -2.90 0.00 47.11
CA PHE C 217 -3.26 -1.05 48.03
C PHE C 217 -3.05 -0.67 49.48
N ASN C 218 -3.71 -1.39 50.38
CA ASN C 218 -3.73 -1.06 51.80
C ASN C 218 -2.37 -1.07 52.45
N SER C 219 -1.50 -2.01 52.09
CA SER C 219 -0.15 -2.02 52.60
C SER C 219 0.65 -0.80 52.19
N PHE C 220 0.49 -0.40 50.94
CA PHE C 220 1.19 0.75 50.38
C PHE C 220 0.79 2.11 50.94
N GLU C 221 -0.51 2.32 51.10
CA GLU C 221 -1.07 3.61 51.42
C GLU C 221 -1.93 3.61 52.67
N SER C 222 -1.60 2.76 53.63
CA SER C 222 -2.53 2.48 54.69
C SER C 222 -2.88 3.71 55.50
N GLU C 223 -1.90 4.53 55.84
CA GLU C 223 -2.19 5.70 56.67
C GLU C 223 -3.09 6.68 55.95
N ALA C 224 -2.78 6.96 54.70
CA ALA C 224 -3.60 7.85 53.89
C ALA C 224 -4.96 7.28 53.65
N ILE C 225 -5.03 5.97 53.40
CA ILE C 225 -6.30 5.35 53.05
C ILE C 225 -7.29 5.51 54.19
N GLU C 226 -6.82 5.34 55.42
CA GLU C 226 -7.66 5.64 56.57
C GLU C 226 -7.96 7.12 56.64
N ALA C 227 -6.95 7.94 56.35
CA ALA C 227 -7.11 9.37 56.50
C ALA C 227 -8.19 9.89 55.58
N VAL C 228 -8.24 9.38 54.35
CA VAL C 228 -9.27 9.79 53.42
C VAL C 228 -10.64 9.38 53.93
N ARG C 229 -10.72 8.20 54.52
CA ARG C 229 -12.00 7.64 54.93
C ARG C 229 -12.73 8.48 55.96
N ARG C 230 -11.97 9.06 56.88
CA ARG C 230 -12.54 9.78 58.00
C ARG C 230 -12.82 11.23 57.67
N ASN C 231 -12.61 11.59 56.42
CA ASN C 231 -12.91 12.94 55.97
C ASN C 231 -13.75 12.91 54.71
N GLY C 232 -15.01 12.56 54.89
CA GLY C 232 -15.99 12.51 53.83
C GLY C 232 -15.97 11.33 52.89
N VAL C 233 -14.86 11.08 52.23
CA VAL C 233 -14.83 10.08 51.17
C VAL C 233 -14.70 8.69 51.75
N ASP C 234 -15.81 8.15 52.19
CA ASP C 234 -15.81 6.84 52.81
C ASP C 234 -16.02 5.76 51.78
N HIS C 235 -16.16 6.19 50.54
CA HIS C 235 -16.44 5.27 49.41
C HIS C 235 -15.15 4.95 48.68
N ILE C 236 -14.02 5.01 49.38
CA ILE C 236 -12.69 4.68 48.79
C ILE C 236 -12.60 3.15 48.71
N LEU C 237 -12.16 2.63 47.57
CA LEU C 237 -12.03 1.17 47.36
C LEU C 237 -10.67 0.84 46.73
N PRO C 238 -9.52 0.84 47.43
CA PRO C 238 -8.26 0.51 46.79
C PRO C 238 -8.27 -0.93 46.28
N ILE C 239 -8.01 -1.10 45.00
CA ILE C 239 -8.03 -2.41 44.29
C ILE C 239 -6.73 -2.49 43.49
N GLY C 240 -5.75 -1.71 43.92
CA GLY C 240 -4.44 -1.70 43.32
C GLY C 240 -3.69 -2.97 43.57
N PRO C 241 -2.79 -3.33 42.66
CA PRO C 241 -2.45 -2.47 41.53
C PRO C 241 -3.04 -3.05 40.27
N LEU C 242 -3.53 -2.21 39.37
CA LEU C 242 -4.21 -2.73 38.21
C LEU C 242 -3.26 -3.60 37.41
N GLU C 243 -3.78 -4.71 36.91
CA GLU C 243 -3.03 -5.64 36.07
C GLU C 243 -2.90 -5.17 34.64
N SER C 244 -1.87 -5.64 33.95
CA SER C 244 -1.71 -5.31 32.55
C SER C 244 -2.70 -6.11 31.73
N TYR C 245 -3.47 -5.45 30.88
CA TYR C 245 -4.39 -6.17 30.02
C TYR C 245 -3.65 -7.06 29.03
N ASP C 246 -2.57 -6.53 28.48
CA ASP C 246 -1.62 -7.29 27.71
C ASP C 246 -1.94 -7.32 26.23
N ASP C 252 12.75 -3.04 22.06
CA ASP C 252 13.75 -2.41 22.94
C ASP C 252 14.45 -3.51 23.77
N LEU C 253 13.80 -4.68 23.83
CA LEU C 253 14.25 -5.88 24.60
C LEU C 253 15.57 -6.46 24.07
N PRO C 254 15.84 -6.50 22.75
CA PRO C 254 17.07 -7.14 22.26
C PRO C 254 18.36 -6.56 22.87
N TRP C 255 18.40 -5.24 22.93
CA TRP C 255 19.57 -4.65 23.59
C TRP C 255 19.52 -5.23 24.98
N LEU C 256 18.38 -5.22 25.66
CA LEU C 256 18.35 -5.63 27.09
C LEU C 256 18.76 -7.09 27.35
N ASP C 257 18.30 -8.05 26.54
CA ASP C 257 18.64 -9.47 26.77
C ASP C 257 20.16 -9.69 26.90
N GLU C 258 20.96 -8.81 26.31
CA GLU C 258 22.40 -8.83 26.38
C GLU C 258 22.93 -8.33 27.72
N GLN C 259 22.17 -7.45 28.36
CA GLN C 259 22.62 -6.82 29.58
C GLN C 259 22.68 -7.73 30.79
N PRO C 260 23.56 -7.40 31.72
CA PRO C 260 23.63 -8.08 33.01
C PRO C 260 22.44 -7.69 33.85
N PRO C 261 22.02 -8.54 34.77
CA PRO C 261 20.91 -8.20 35.66
C PRO C 261 21.22 -7.06 36.60
N GLU C 262 20.32 -6.09 36.67
CA GLU C 262 20.38 -5.04 37.65
C GLU C 262 21.36 -3.97 37.27
N SER C 263 21.97 -4.11 36.11
CA SER C 263 23.06 -3.26 35.71
C SER C 263 22.61 -2.06 34.92
N VAL C 264 21.31 -1.99 34.66
CA VAL C 264 20.77 -0.99 33.76
C VAL C 264 19.87 0.02 34.46
N LEU C 265 20.09 1.29 34.16
CA LEU C 265 19.30 2.38 34.70
C LEU C 265 18.31 2.88 33.68
N PHE C 266 17.07 2.99 34.09
CA PHE C 266 15.96 3.31 33.23
C PHE C 266 15.43 4.70 33.56
N VAL C 267 15.41 5.58 32.57
CA VAL C 267 14.90 6.94 32.77
C VAL C 267 13.70 7.23 31.90
N SER C 268 12.59 7.58 32.52
CA SER C 268 11.41 7.98 31.78
C SER C 268 10.61 8.99 32.56
N PHE C 269 9.97 9.90 31.83
CA PHE C 269 9.14 10.94 32.48
C PHE C 269 7.70 10.81 32.05
N GLY C 270 7.28 9.59 31.71
CA GLY C 270 5.86 9.37 31.40
C GLY C 270 5.47 9.67 29.98
N SER C 271 4.17 9.59 29.72
CA SER C 271 3.60 9.79 28.37
C SER C 271 3.36 11.27 28.10
N ARG C 272 3.13 12.13 29.09
CA ARG C 272 2.84 13.53 28.67
C ARG C 272 3.77 14.59 29.25
N THR C 273 5.04 14.29 29.53
CA THR C 273 5.92 15.34 30.12
C THR C 273 7.29 15.33 29.45
N ALA C 274 7.82 16.50 29.11
CA ALA C 274 9.15 16.58 28.43
C ALA C 274 10.09 17.46 29.25
N LEU C 275 11.39 17.31 29.04
CA LEU C 275 12.41 18.07 29.83
C LEU C 275 13.02 19.18 28.99
N SER C 276 13.35 20.29 29.65
CA SER C 276 13.91 21.46 28.99
C SER C 276 15.26 21.20 28.38
N LYS C 277 15.57 21.88 27.28
CA LYS C 277 16.75 21.57 26.50
C LYS C 277 18.00 21.74 27.34
N GLU C 278 18.05 22.81 28.12
CA GLU C 278 19.19 22.97 29.00
C GLU C 278 19.24 21.85 30.01
N GLN C 279 18.10 21.48 30.57
CA GLN C 279 18.09 20.42 31.57
C GLN C 279 18.54 19.12 30.93
N ILE C 280 18.11 18.89 29.71
CA ILE C 280 18.38 17.63 29.04
C ILE C 280 19.86 17.40 28.84
N ARG C 281 20.60 18.43 28.50
CA ARG C 281 22.03 18.24 28.28
C ARG C 281 22.68 17.75 29.55
N GLU C 282 22.27 18.33 30.67
CA GLU C 282 22.84 17.97 31.95
C GLU C 282 22.58 16.51 32.30
N LEU C 283 21.39 16.03 31.96
CA LEU C 283 21.03 14.66 32.28
C LEU C 283 21.90 13.62 31.59
N GLY C 284 22.19 13.83 30.32
CA GLY C 284 23.05 12.94 29.57
C GLY C 284 24.45 12.92 30.11
N ALA C 285 24.91 14.10 30.50
CA ALA C 285 26.24 14.26 31.07
C ALA C 285 26.35 13.48 32.36
N ALA C 286 25.28 13.51 33.15
CA ALA C 286 25.23 12.76 34.37
C ALA C 286 25.28 11.25 34.10
N LEU C 287 24.56 10.80 33.09
CA LEU C 287 24.55 9.39 32.77
C LEU C 287 25.94 8.94 32.37
N GLU C 288 26.63 9.77 31.62
CA GLU C 288 28.01 9.48 31.25
C GLU C 288 28.89 9.45 32.48
N LYS C 289 28.67 10.39 33.39
CA LYS C 289 29.44 10.43 34.62
C LYS C 289 29.16 9.21 35.49
N SER C 290 27.91 8.81 35.53
CA SER C 290 27.47 7.67 36.34
C SER C 290 28.07 6.35 35.90
N GLY C 291 28.10 6.14 34.59
CA GLY C 291 28.70 4.97 34.01
C GLY C 291 27.78 3.77 34.07
N CYS C 292 26.58 3.96 34.58
CA CYS C 292 25.64 2.87 34.65
C CYS C 292 25.19 2.53 33.25
N ARG C 293 25.07 1.24 32.95
CA ARG C 293 24.50 0.88 31.68
C ARG C 293 23.10 1.47 31.81
N PHE C 294 22.59 2.07 30.74
CA PHE C 294 21.30 2.73 30.85
C PHE C 294 20.43 2.62 29.62
N LEU C 295 19.12 2.61 29.82
CA LEU C 295 18.16 2.74 28.74
C LEU C 295 17.41 4.02 29.00
N TRP C 296 17.53 4.97 28.09
CA TRP C 296 16.97 6.29 28.32
C TRP C 296 15.88 6.54 27.31
N VAL C 297 14.69 6.88 27.78
CA VAL C 297 13.61 7.15 26.88
C VAL C 297 13.45 8.64 26.88
N LEU C 298 13.59 9.21 25.70
CA LEU C 298 13.71 10.64 25.57
C LEU C 298 12.50 11.21 24.88
N LYS C 299 11.93 12.23 25.48
CA LYS C 299 10.88 12.96 24.83
C LYS C 299 11.33 14.40 24.73
N GLY C 300 11.59 14.82 23.51
CA GLY C 300 12.03 16.20 23.28
C GLY C 300 10.78 16.97 22.89
N GLY C 301 9.97 16.31 22.08
CA GLY C 301 8.70 16.93 21.75
C GLY C 301 7.95 17.06 23.04
N LYS C 302 7.71 18.29 23.46
CA LYS C 302 6.96 18.49 24.71
C LYS C 302 5.61 17.83 24.50
N VAL C 303 5.34 16.79 25.28
CA VAL C 303 4.02 16.15 25.43
C VAL C 303 3.51 15.39 24.19
N ASP C 304 3.32 16.03 23.04
CA ASP C 304 2.69 15.28 21.93
C ASP C 304 3.67 14.45 21.12
N LYS C 305 3.29 13.20 20.88
CA LYS C 305 4.06 12.21 20.10
C LYS C 305 3.93 12.54 18.63
N GLU C 306 2.76 13.01 18.23
CA GLU C 306 2.48 13.43 16.83
C GLU C 306 3.34 14.62 16.47
N ASP C 307 3.49 15.57 17.39
CA ASP C 307 4.23 16.79 17.11
C ASP C 307 5.69 16.78 17.56
N LYS C 308 6.12 15.69 18.20
CA LYS C 308 7.54 15.55 18.65
C LYS C 308 8.33 14.90 17.52
N GLU C 309 8.48 15.61 16.40
CA GLU C 309 9.13 15.07 15.19
C GLU C 309 10.65 15.06 15.33
N GLU C 310 11.22 15.72 16.35
CA GLU C 310 12.70 15.75 16.50
C GLU C 310 13.20 14.33 16.78
N VAL C 311 14.33 13.93 16.17
CA VAL C 311 14.85 12.53 16.27
C VAL C 311 16.31 12.50 16.71
N GLU C 312 16.50 12.67 18.02
CA GLU C 312 17.83 12.59 18.70
C GLU C 312 18.80 13.62 18.13
N ASP C 313 18.29 14.81 17.82
CA ASP C 313 19.12 15.94 17.36
C ASP C 313 19.41 16.72 18.64
N MET C 314 18.81 16.23 19.73
CA MET C 314 18.82 16.77 21.10
C MET C 314 20.17 16.49 21.77
N LEU C 315 20.73 15.31 21.56
CA LEU C 315 21.97 14.91 22.26
C LEU C 315 23.22 15.27 21.45
N GLY C 316 23.17 15.14 20.13
CA GLY C 316 24.35 15.44 19.36
C GLY C 316 24.95 14.19 18.78
N ALA C 317 25.61 14.31 17.65
CA ALA C 317 26.16 13.16 16.95
C ALA C 317 27.21 12.45 17.78
N SER C 318 28.06 13.25 18.39
CA SER C 318 29.16 12.75 19.19
C SER C 318 28.69 12.01 20.42
N PHE C 319 27.66 12.53 21.08
CA PHE C 319 27.20 11.96 22.37
C PHE C 319 26.91 10.46 22.27
N VAL C 320 25.99 10.07 21.40
CA VAL C 320 25.60 8.65 21.29
C VAL C 320 26.81 7.75 21.07
N GLU C 321 27.68 8.10 20.11
CA GLU C 321 28.84 7.26 19.75
C GLU C 321 29.66 6.94 20.99
N ARG C 322 29.83 7.90 21.90
CA ARG C 322 30.62 7.65 23.10
C ARG C 322 29.88 6.70 24.02
N THR C 323 28.56 6.85 24.09
CA THR C 323 27.72 6.11 25.04
C THR C 323 27.18 4.79 24.54
N LYS C 324 27.54 4.40 23.33
CA LYS C 324 26.99 3.20 22.73
C LYS C 324 27.31 1.95 23.52
N LYS C 325 28.52 1.87 24.06
CA LYS C 325 28.88 0.70 24.84
C LYS C 325 28.03 0.55 26.09
N LYS C 326 27.80 1.64 26.80
CA LYS C 326 27.09 1.59 28.06
C LYS C 326 25.62 2.02 28.04
N GLY C 327 25.11 2.45 26.89
CA GLY C 327 23.73 2.89 26.85
C GLY C 327 22.96 2.73 25.56
N LEU C 328 21.65 2.69 25.69
CA LEU C 328 20.75 2.83 24.55
C LEU C 328 19.71 3.90 24.83
N ILE C 329 19.58 4.87 23.93
CA ILE C 329 18.58 5.95 24.13
C ILE C 329 17.61 5.89 22.95
N VAL C 330 16.32 5.95 23.23
CA VAL C 330 15.31 5.93 22.19
C VAL C 330 14.31 7.06 22.35
N LYS C 331 13.84 7.59 21.23
CA LYS C 331 12.74 8.52 21.24
C LYS C 331 11.62 7.74 20.62
N GLY C 332 10.56 7.54 21.38
CA GLY C 332 9.46 6.74 20.92
C GLY C 332 8.79 6.08 22.09
N TRP C 333 7.63 5.49 21.83
CA TRP C 333 6.81 4.84 22.88
C TRP C 333 7.44 3.50 23.24
N VAL C 334 8.08 3.47 24.40
CA VAL C 334 8.69 2.21 24.91
C VAL C 334 7.58 1.38 25.53
N LYS C 335 7.78 0.09 25.69
CA LYS C 335 6.78 -0.68 26.45
C LYS C 335 7.28 -0.61 27.89
N GLN C 336 6.62 0.15 28.77
CA GLN C 336 7.14 0.34 30.16
C GLN C 336 6.98 -0.92 31.00
N GLU C 337 5.85 -1.61 30.89
CA GLU C 337 5.63 -2.78 31.76
C GLU C 337 6.72 -3.82 31.49
N GLN C 338 7.00 -4.09 30.21
CA GLN C 338 7.97 -5.14 29.84
C GLN C 338 9.41 -4.72 30.21
N ILE C 339 9.73 -3.45 30.08
CA ILE C 339 11.07 -3.01 30.41
C ILE C 339 11.38 -3.17 31.89
N LEU C 340 10.44 -2.82 32.75
CA LEU C 340 10.60 -2.95 34.19
C LEU C 340 10.70 -4.38 34.70
N ALA C 341 9.92 -5.26 34.10
CA ALA C 341 9.88 -6.69 34.42
C ALA C 341 11.19 -7.39 34.14
N HIS C 342 11.85 -6.97 33.07
CA HIS C 342 13.08 -7.57 32.62
C HIS C 342 14.10 -7.52 33.75
N PRO C 343 14.88 -8.59 33.86
CA PRO C 343 15.83 -8.78 34.96
C PRO C 343 16.88 -7.71 35.03
N ALA C 344 17.29 -7.20 33.89
CA ALA C 344 18.41 -6.28 33.82
C ALA C 344 18.25 -4.98 34.56
N ILE C 345 17.07 -4.37 34.47
CA ILE C 345 16.90 -3.03 35.01
C ILE C 345 17.06 -2.99 36.52
N GLY C 346 17.89 -2.07 37.00
CA GLY C 346 18.19 -2.00 38.41
C GLY C 346 17.68 -0.79 39.13
N GLY C 347 17.15 0.17 38.38
CA GLY C 347 16.61 1.37 38.97
C GLY C 347 15.63 2.02 38.03
N PHE C 348 14.77 2.87 38.58
CA PHE C 348 13.89 3.68 37.76
C PHE C 348 14.07 5.14 38.13
N VAL C 349 14.26 5.98 37.13
CA VAL C 349 14.23 7.40 37.37
C VAL C 349 12.88 7.82 36.83
N SER C 350 12.03 8.30 37.71
CA SER C 350 10.65 8.57 37.33
C SER C 350 10.16 9.92 37.79
N HIS C 351 9.22 10.46 37.03
CA HIS C 351 8.55 11.69 37.38
C HIS C 351 7.66 11.36 38.55
N CYS C 352 7.49 10.07 38.79
CA CYS C 352 6.68 9.63 39.90
C CYS C 352 5.22 9.86 39.64
N GLY C 353 4.83 9.86 38.37
CA GLY C 353 3.43 9.80 38.03
C GLY C 353 2.95 8.47 38.55
N TRP C 354 1.75 8.42 39.10
CA TRP C 354 1.34 7.30 39.92
C TRP C 354 1.34 5.98 39.18
N ASN C 355 0.86 5.98 37.95
CA ASN C 355 0.74 4.73 37.26
C ASN C 355 2.11 4.13 37.12
N SER C 356 3.08 4.97 36.82
CA SER C 356 4.45 4.52 36.72
C SER C 356 4.99 4.04 38.05
N VAL C 357 4.65 4.74 39.12
CA VAL C 357 5.08 4.33 40.44
C VAL C 357 4.47 2.99 40.78
N ILE C 358 3.20 2.86 40.47
CA ILE C 358 2.47 1.65 40.78
C ILE C 358 3.06 0.47 40.03
N GLU C 359 3.54 0.68 38.82
CA GLU C 359 4.16 -0.48 38.15
C GLU C 359 5.52 -0.68 38.78
N ALA C 360 6.13 0.42 39.23
CA ALA C 360 7.42 0.24 39.86
C ALA C 360 7.35 -0.63 41.10
N ALA C 361 6.32 -0.47 41.90
CA ALA C 361 6.11 -1.31 43.06
C ALA C 361 5.85 -2.76 42.69
N ARG C 362 5.07 -2.96 41.64
CA ARG C 362 4.62 -4.29 41.28
C ARG C 362 5.81 -5.16 40.96
N LEU C 363 6.78 -4.59 40.29
CA LEU C 363 7.97 -5.31 39.88
C LEU C 363 9.16 -5.00 40.76
N GLY C 364 8.91 -4.35 41.87
CA GLY C 364 9.91 -4.21 42.91
C GLY C 364 11.18 -3.61 42.38
N VAL C 365 11.03 -2.61 41.53
CA VAL C 365 12.17 -1.93 40.96
C VAL C 365 12.42 -0.66 41.74
N PRO C 366 13.64 -0.48 42.20
CA PRO C 366 14.01 0.71 42.96
C PRO C 366 13.92 1.95 42.09
N VAL C 367 13.41 3.03 42.65
CA VAL C 367 13.16 4.23 41.89
C VAL C 367 13.87 5.39 42.52
N LEU C 368 14.54 6.20 41.70
CA LEU C 368 15.06 7.46 42.15
C LEU C 368 14.04 8.45 41.66
N ALA C 369 13.45 9.19 42.58
CA ALA C 369 12.29 10.00 42.28
C ALA C 369 12.63 11.44 41.97
N TRP C 370 12.17 11.89 40.81
CA TRP C 370 12.41 13.23 40.35
C TRP C 370 11.11 13.83 39.84
N PRO C 371 10.26 14.30 40.74
CA PRO C 371 8.98 14.86 40.32
C PRO C 371 9.19 16.08 39.45
N GLN C 372 8.40 16.20 38.39
CA GLN C 372 8.50 17.32 37.48
C GLN C 372 7.41 18.35 37.71
N HIS C 373 6.18 17.88 37.83
CA HIS C 373 5.05 18.79 37.95
C HIS C 373 3.85 18.13 38.60
N GLY C 374 2.92 18.96 39.04
CA GLY C 374 1.66 18.48 39.53
C GLY C 374 1.71 17.51 40.67
N ASP C 375 0.96 16.42 40.54
CA ASP C 375 0.74 15.52 41.63
C ASP C 375 2.03 14.87 42.03
N GLN C 376 2.99 14.91 41.14
CA GLN C 376 4.14 14.06 41.23
C GLN C 376 4.94 14.21 42.51
N SER C 377 5.09 15.41 43.02
CA SER C 377 5.86 15.57 44.25
C SER C 377 5.28 14.87 45.47
N VAL C 378 3.96 14.94 45.67
CA VAL C 378 3.34 14.25 46.77
C VAL C 378 3.55 12.77 46.59
N ASN C 379 3.41 12.35 45.34
CA ASN C 379 3.59 10.98 44.97
C ASN C 379 5.01 10.59 45.25
N ALA C 380 5.93 11.50 45.01
CA ALA C 380 7.33 11.20 45.18
C ALA C 380 7.58 10.82 46.62
N GLY C 381 6.96 11.55 47.54
CA GLY C 381 7.18 11.31 48.95
C GLY C 381 6.73 9.93 49.37
N VAL C 382 5.59 9.51 48.85
CA VAL C 382 5.08 8.21 49.14
C VAL C 382 6.05 7.17 48.63
N VAL C 383 6.71 7.45 47.53
CA VAL C 383 7.68 6.52 47.02
C VAL C 383 8.81 6.33 48.00
N GLU C 384 9.33 7.42 48.53
CA GLU C 384 10.34 7.35 49.57
C GLU C 384 9.85 6.80 50.90
N LYS C 385 8.68 7.25 51.32
CA LYS C 385 8.17 6.87 52.62
C LYS C 385 7.96 5.37 52.66
N ALA C 386 7.47 4.83 51.56
CA ALA C 386 7.26 3.41 51.40
C ALA C 386 8.57 2.63 51.38
N GLY C 387 9.65 3.32 51.05
CA GLY C 387 10.95 2.69 50.92
C GLY C 387 11.18 2.16 49.53
N LEU C 388 10.25 2.46 48.64
CA LEU C 388 10.34 2.10 47.23
C LEU C 388 11.48 2.77 46.46
N GLY C 389 11.72 4.04 46.76
CA GLY C 389 12.69 4.84 46.03
C GLY C 389 13.16 5.99 46.88
N LEU C 390 14.22 6.66 46.44
CA LEU C 390 14.77 7.77 47.19
C LEU C 390 14.52 9.08 46.47
N TRP C 391 14.04 10.07 47.21
CA TRP C 391 13.69 11.36 46.65
C TRP C 391 14.43 12.47 47.36
N VAL C 392 15.01 13.39 46.62
CA VAL C 392 15.69 14.49 47.27
C VAL C 392 14.89 15.77 47.11
N ARG C 393 14.53 16.37 48.24
CA ARG C 393 13.67 17.54 48.26
C ARG C 393 14.29 18.73 47.55
N GLU C 394 15.59 18.89 47.76
CA GLU C 394 16.29 20.09 47.34
C GLU C 394 16.16 20.26 45.84
N TRP C 395 16.05 19.16 45.13
CA TRP C 395 15.81 19.16 43.69
C TRP C 395 14.46 19.78 43.36
N GLY C 396 13.52 19.65 44.27
CA GLY C 396 12.26 20.35 44.13
C GLY C 396 11.48 19.99 42.90
N TRP C 397 11.10 21.00 42.13
CA TRP C 397 10.30 20.81 40.93
C TRP C 397 11.20 20.81 39.71
N GLY C 398 11.05 19.77 38.89
CA GLY C 398 11.63 19.77 37.54
C GLY C 398 10.65 20.53 36.66
N GLN C 399 11.17 21.23 35.64
CA GLN C 399 10.46 22.12 34.68
C GLN C 399 10.25 23.51 35.28
N THR C 400 10.79 23.73 36.47
CA THR C 400 10.77 25.00 37.23
C THR C 400 12.23 25.24 37.57
N LYS C 401 12.92 24.18 37.99
CA LYS C 401 14.33 24.34 38.30
C LYS C 401 15.18 23.25 37.69
N LEU C 402 16.43 23.57 37.37
CA LEU C 402 17.32 22.65 36.69
C LEU C 402 18.45 22.25 37.58
N ILE C 403 18.82 20.98 37.54
CA ILE C 403 19.89 20.52 38.40
C ILE C 403 21.03 19.87 37.63
N GLY C 404 22.23 19.97 38.20
CA GLY C 404 23.47 19.63 37.53
C GLY C 404 23.77 18.17 37.29
N ARG C 405 24.65 17.92 36.33
CA ARG C 405 25.08 16.57 36.05
C ARG C 405 25.78 16.02 37.26
N GLU C 406 26.56 16.86 37.92
CA GLU C 406 27.31 16.41 39.06
C GLU C 406 26.41 15.93 40.19
N GLU C 407 25.39 16.71 40.52
CA GLU C 407 24.46 16.30 41.55
C GLU C 407 23.66 15.09 41.13
N ILE C 408 23.26 15.07 39.86
CA ILE C 408 22.44 13.99 39.34
C ILE C 408 23.21 12.70 39.43
N ALA C 409 24.49 12.76 39.11
CA ALA C 409 25.29 11.56 39.03
C ALA C 409 25.39 10.80 40.33
N GLU C 410 25.60 11.51 41.42
CA GLU C 410 25.82 10.83 42.68
C GLU C 410 24.58 10.04 43.00
N LYS C 411 23.43 10.68 42.84
CA LYS C 411 22.16 10.05 43.19
C LYS C 411 21.87 8.85 42.32
N MET C 412 22.23 8.94 41.05
CA MET C 412 22.01 7.83 40.14
C MET C 412 22.79 6.61 40.58
N ILE C 413 24.02 6.81 40.99
CA ILE C 413 24.87 5.72 41.44
C ILE C 413 24.33 5.06 42.69
N GLU C 414 23.84 5.89 43.60
CA GLU C 414 23.44 5.45 44.93
C GLU C 414 22.28 4.46 44.91
N VAL C 415 21.31 4.71 44.05
CA VAL C 415 20.15 3.84 43.95
C VAL C 415 20.56 2.46 43.50
N MET C 416 21.47 2.41 42.55
CA MET C 416 22.04 1.15 42.10
C MET C 416 22.85 0.48 43.21
N GLN C 417 23.59 1.30 43.93
CA GLN C 417 24.43 0.84 45.02
C GLN C 417 23.70 0.24 46.21
N ASP C 418 22.61 0.90 46.62
CA ASP C 418 21.91 0.53 47.87
C ASP C 418 21.33 -0.88 47.78
N GLU C 419 21.74 -1.77 48.67
CA GLU C 419 21.15 -3.13 48.67
C GLU C 419 19.95 -3.12 49.60
N LYS C 420 19.97 -2.25 50.59
CA LYS C 420 18.85 -2.22 51.50
C LYS C 420 17.67 -1.76 50.68
N LEU C 421 17.92 -0.81 49.79
CA LEU C 421 16.85 -0.30 48.96
C LEU C 421 16.30 -1.40 48.09
N ARG C 422 17.17 -2.25 47.58
CA ARG C 422 16.74 -3.35 46.75
C ARG C 422 15.85 -4.30 47.54
N VAL C 423 16.24 -4.56 48.78
CA VAL C 423 15.42 -5.38 49.68
C VAL C 423 14.09 -4.72 49.99
N SER C 424 14.11 -3.41 50.20
CA SER C 424 12.89 -2.69 50.55
C SER C 424 11.87 -2.81 49.45
N ALA C 425 12.32 -2.68 48.22
CA ALA C 425 11.42 -2.75 47.08
C ALA C 425 10.77 -4.12 47.02
N GLY C 426 11.53 -5.15 47.34
CA GLY C 426 11.02 -6.50 47.29
C GLY C 426 9.87 -6.72 48.25
N GLU C 427 9.95 -6.14 49.43
CA GLU C 427 8.86 -6.21 50.38
C GLU C 427 7.65 -5.53 49.78
N VAL C 428 7.88 -4.42 49.10
CA VAL C 428 6.82 -3.72 48.40
C VAL C 428 6.28 -4.63 47.32
N ARG C 429 7.17 -5.33 46.65
CA ARG C 429 6.79 -6.22 45.56
C ARG C 429 5.92 -7.37 46.02
N ALA C 430 6.27 -7.97 47.15
CA ALA C 430 5.49 -9.06 47.74
C ALA C 430 4.11 -8.64 48.20
N LYS C 431 4.04 -7.47 48.82
CA LYS C 431 2.80 -6.96 49.34
C LYS C 431 1.85 -6.75 48.18
N ALA C 432 2.38 -6.25 47.08
CA ALA C 432 1.59 -6.03 45.90
C ALA C 432 1.05 -7.34 45.40
N LYS C 433 1.90 -8.36 45.45
CA LYS C 433 1.54 -9.70 45.02
C LYS C 433 0.44 -10.25 45.91
N GLU C 434 0.55 -9.95 47.19
CA GLU C 434 -0.35 -10.45 48.22
C GLU C 434 -1.77 -9.96 48.02
N THR C 435 -1.93 -8.71 47.62
CA THR C 435 -3.24 -8.15 47.33
C THR C 435 -3.92 -8.82 46.14
N ARG C 436 -3.14 -9.19 45.14
CA ARG C 436 -3.66 -9.90 43.98
C ARG C 436 -4.23 -11.25 44.37
N GLU C 437 -3.61 -11.90 45.36
CA GLU C 437 -4.00 -13.23 45.75
C GLU C 437 -5.43 -13.22 46.24
N VAL C 438 -6.11 -14.34 46.07
CA VAL C 438 -7.53 -14.43 46.31
C VAL C 438 -7.80 -14.08 47.76
N ASP C 439 -6.92 -14.51 48.63
CA ASP C 439 -6.94 -14.13 50.04
C ASP C 439 -6.73 -12.63 50.23
N GLY C 440 -5.88 -12.04 49.39
CA GLY C 440 -5.45 -10.65 49.54
C GLY C 440 -6.57 -9.63 49.39
N ASP C 441 -6.45 -8.53 50.11
CA ASP C 441 -7.52 -7.56 50.24
C ASP C 441 -8.00 -6.86 48.98
N SER C 442 -7.06 -6.42 48.15
CA SER C 442 -7.43 -5.70 46.94
C SER C 442 -8.16 -6.53 45.91
N GLU C 443 -7.72 -7.76 45.73
CA GLU C 443 -8.44 -8.68 44.86
C GLU C 443 -9.81 -8.96 45.44
N ALA C 444 -9.86 -9.09 46.75
CA ALA C 444 -11.12 -9.32 47.44
C ALA C 444 -12.08 -8.18 47.25
N LEU C 445 -11.58 -6.95 47.29
CA LEU C 445 -12.42 -5.79 47.13
C LEU C 445 -13.09 -5.73 45.76
N LEU C 446 -12.33 -6.04 44.71
CA LEU C 446 -12.90 -5.96 43.38
C LEU C 446 -14.02 -6.96 43.24
N GLN C 447 -13.80 -8.15 43.79
CA GLN C 447 -14.82 -9.19 43.78
C GLN C 447 -16.05 -8.80 44.58
N ARG C 448 -15.84 -8.17 45.72
CA ARG C 448 -16.95 -7.71 46.53
C ARG C 448 -17.72 -6.69 45.70
N LEU C 449 -16.97 -5.85 45.02
CA LEU C 449 -17.52 -4.82 44.17
C LEU C 449 -18.33 -5.45 43.06
N ILE C 450 -17.82 -6.53 42.50
CA ILE C 450 -18.50 -7.22 41.42
C ILE C 450 -19.83 -7.81 41.84
N HIS C 451 -19.88 -8.36 43.05
CA HIS C 451 -21.09 -9.02 43.52
C HIS C 451 -22.18 -7.99 43.53
N SER C 452 -21.83 -6.80 43.95
CA SER C 452 -22.79 -5.75 44.19
C SER C 452 -23.57 -5.40 42.94
N PHE C 453 -22.91 -5.40 41.79
CA PHE C 453 -23.58 -4.97 40.57
C PHE C 453 -24.79 -5.86 40.26
N ASN C 454 -25.99 -5.26 40.18
CA ASN C 454 -27.27 -5.99 40.30
C ASN C 454 -28.12 -5.87 39.04
N ASN C 455 -28.12 -6.91 38.21
CA ASN C 455 -28.89 -6.91 36.96
C ASN C 455 -30.35 -7.30 37.18
N VAL D 11 -35.28 -28.14 1.04
CA VAL D 11 -33.82 -28.04 0.91
C VAL D 11 -33.40 -26.59 0.81
N GLY D 12 -34.33 -25.67 1.01
CA GLY D 12 -34.00 -24.28 0.87
C GLY D 12 -32.96 -23.84 1.88
N ALA D 13 -33.14 -24.23 3.13
CA ALA D 13 -32.31 -23.71 4.19
C ALA D 13 -30.87 -24.13 4.00
N HIS D 14 -29.95 -23.26 4.39
CA HIS D 14 -28.53 -23.57 4.26
C HIS D 14 -27.86 -23.52 5.62
N ILE D 15 -27.17 -24.59 5.97
CA ILE D 15 -26.62 -24.73 7.32
C ILE D 15 -25.17 -25.18 7.36
N ALA D 16 -24.47 -24.82 8.43
CA ALA D 16 -23.08 -25.19 8.60
C ALA D 16 -22.83 -25.68 10.01
N LEU D 17 -21.89 -26.61 10.15
CA LEU D 17 -21.56 -27.20 11.46
C LEU D 17 -20.11 -26.88 11.77
N PHE D 18 -19.76 -26.73 13.03
CA PHE D 18 -18.33 -26.49 13.30
C PHE D 18 -17.87 -27.23 14.57
N PRO D 19 -17.13 -28.34 14.46
CA PRO D 19 -16.54 -28.98 15.60
C PRO D 19 -15.03 -28.71 15.58
N CYS D 20 -14.45 -28.27 16.70
CA CYS D 20 -13.02 -28.08 16.81
C CYS D 20 -12.12 -29.31 16.89
N ALA D 21 -12.46 -30.25 17.75
CA ALA D 21 -11.54 -31.37 17.96
C ALA D 21 -12.13 -32.60 18.63
N GLY D 22 -11.49 -33.74 18.38
CA GLY D 22 -11.90 -34.98 18.97
C GLY D 22 -12.95 -35.58 18.05
N MET D 23 -13.08 -36.89 18.06
CA MET D 23 -14.14 -37.51 17.31
C MET D 23 -15.33 -37.54 18.21
N GLY D 24 -15.09 -37.13 19.45
CA GLY D 24 -16.13 -37.06 20.45
C GLY D 24 -17.14 -36.07 19.98
N HIS D 25 -16.66 -34.99 19.38
CA HIS D 25 -17.50 -33.95 18.80
C HIS D 25 -17.76 -34.05 17.30
N LEU D 26 -16.74 -34.39 16.53
CA LEU D 26 -16.87 -34.43 15.08
C LEU D 26 -17.84 -35.44 14.55
N LEU D 27 -17.81 -36.64 15.10
CA LEU D 27 -18.65 -37.70 14.59
C LEU D 27 -20.12 -37.39 14.76
N PRO D 28 -20.48 -36.87 15.92
CA PRO D 28 -21.84 -36.42 16.18
C PRO D 28 -22.20 -35.25 15.29
N PHE D 29 -21.27 -34.33 15.10
CA PHE D 29 -21.57 -33.18 14.30
C PHE D 29 -21.88 -33.57 12.87
N LEU D 30 -21.11 -34.51 12.34
CA LEU D 30 -21.30 -34.95 10.98
C LEU D 30 -22.65 -35.61 10.83
N ARG D 31 -23.01 -36.41 11.81
CA ARG D 31 -24.29 -37.08 11.84
C ARG D 31 -25.35 -36.02 11.87
N LEU D 32 -25.06 -34.96 12.59
CA LEU D 32 -25.92 -33.80 12.60
C LEU D 32 -25.97 -33.21 11.22
N ALA D 33 -24.83 -33.16 10.56
CA ALA D 33 -24.79 -32.63 9.20
C ALA D 33 -25.59 -33.46 8.23
N ALA D 34 -25.44 -34.78 8.30
CA ALA D 34 -26.20 -35.68 7.45
C ALA D 34 -27.68 -35.63 7.77
N MET D 35 -28.02 -35.57 9.04
CA MET D 35 -29.40 -35.55 9.44
C MET D 35 -30.05 -34.32 8.89
N LEU D 36 -29.33 -33.21 8.95
CA LEU D 36 -29.84 -31.96 8.45
C LEU D 36 -30.07 -32.00 6.94
N ASP D 37 -29.17 -32.64 6.21
CA ASP D 37 -29.32 -32.78 4.75
C ASP D 37 -30.56 -33.58 4.41
N ALA D 38 -30.84 -34.60 5.20
CA ALA D 38 -32.00 -35.45 5.00
C ALA D 38 -33.27 -34.63 5.15
N ARG D 39 -33.24 -33.67 6.07
CA ARG D 39 -34.40 -32.87 6.41
C ARG D 39 -34.58 -31.69 5.48
N GLY D 40 -33.79 -31.67 4.41
CA GLY D 40 -33.86 -30.57 3.43
C GLY D 40 -33.11 -29.36 3.92
N CYS D 41 -31.81 -29.48 4.13
CA CYS D 41 -31.00 -28.32 4.57
C CYS D 41 -29.75 -28.32 3.71
N ALA D 42 -29.29 -27.16 3.24
CA ALA D 42 -28.01 -27.15 2.50
C ALA D 42 -26.94 -27.17 3.58
N VAL D 43 -26.14 -28.22 3.67
CA VAL D 43 -25.19 -28.27 4.76
C VAL D 43 -23.76 -28.04 4.36
N THR D 44 -23.09 -27.19 5.13
CA THR D 44 -21.69 -26.94 4.97
C THR D 44 -21.02 -27.35 6.26
N VAL D 45 -19.95 -28.11 6.18
CA VAL D 45 -19.23 -28.49 7.38
C VAL D 45 -17.91 -27.75 7.42
N ILE D 46 -17.66 -27.06 8.52
CA ILE D 46 -16.43 -26.32 8.68
C ILE D 46 -15.49 -27.13 9.56
N THR D 47 -14.25 -27.22 9.14
CA THR D 47 -13.29 -28.06 9.81
C THR D 47 -12.02 -27.26 10.09
N VAL D 48 -11.24 -27.71 11.05
CA VAL D 48 -10.02 -27.01 11.41
C VAL D 48 -8.79 -27.80 11.00
N LYS D 49 -7.85 -27.14 10.35
CA LYS D 49 -6.65 -27.81 9.91
C LYS D 49 -5.40 -27.05 10.34
N PRO D 50 -4.32 -27.78 10.61
CA PRO D 50 -4.28 -29.23 10.55
C PRO D 50 -5.07 -29.89 11.65
N THR D 51 -5.69 -31.02 11.33
CA THR D 51 -6.40 -31.80 12.31
C THR D 51 -5.46 -32.54 13.24
N VAL D 52 -5.82 -32.59 14.52
CA VAL D 52 -4.96 -33.14 15.55
C VAL D 52 -4.68 -34.61 15.34
N SER D 53 -5.67 -35.33 14.86
CA SER D 53 -5.56 -36.77 14.68
C SER D 53 -5.71 -37.17 13.24
N ALA D 54 -4.95 -38.16 12.83
CA ALA D 54 -5.02 -38.71 11.49
C ALA D 54 -6.41 -39.30 11.26
N ALA D 55 -6.96 -39.90 12.29
CA ALA D 55 -8.32 -40.42 12.23
C ALA D 55 -9.34 -39.31 12.00
N GLU D 56 -9.16 -38.19 12.67
CA GLU D 56 -10.09 -37.09 12.55
C GLU D 56 -10.10 -36.64 11.11
N SER D 57 -8.92 -36.54 10.53
CA SER D 57 -8.74 -36.22 9.13
C SER D 57 -9.31 -37.31 8.25
N ASP D 58 -9.12 -38.55 8.67
CA ASP D 58 -9.54 -39.70 7.88
C ASP D 58 -11.03 -39.68 7.70
N HIS D 59 -11.74 -39.41 8.78
CA HIS D 59 -13.20 -39.44 8.82
C HIS D 59 -13.84 -38.39 7.93
N LEU D 60 -13.25 -37.21 7.89
CA LEU D 60 -13.76 -36.12 7.09
C LEU D 60 -13.75 -36.38 5.59
N SER D 61 -12.65 -36.92 5.10
CA SER D 61 -12.53 -37.15 3.68
C SER D 61 -13.61 -38.12 3.26
N ALA D 62 -13.80 -39.13 4.09
CA ALA D 62 -14.80 -40.13 3.82
C ALA D 62 -16.16 -39.50 3.82
N PHE D 63 -16.42 -38.61 4.76
CA PHE D 63 -17.75 -38.06 4.87
C PHE D 63 -18.18 -37.25 3.66
N PHE D 64 -17.32 -36.39 3.18
CA PHE D 64 -17.68 -35.62 2.01
C PHE D 64 -17.81 -36.55 0.82
N THR D 65 -16.90 -37.50 0.72
CA THR D 65 -16.91 -38.42 -0.39
C THR D 65 -18.17 -39.24 -0.39
N ILE D 66 -18.56 -39.70 0.79
CA ILE D 66 -19.81 -40.43 0.92
C ILE D 66 -21.04 -39.57 0.65
N HIS D 67 -21.03 -38.34 1.13
CA HIS D 67 -22.10 -37.40 0.79
C HIS D 67 -21.51 -36.36 -0.14
N PRO D 68 -21.84 -36.47 -1.43
CA PRO D 68 -21.34 -35.54 -2.43
C PRO D 68 -21.86 -34.13 -2.20
N ARG D 69 -23.11 -34.05 -1.78
CA ARG D 69 -23.87 -32.80 -1.75
C ARG D 69 -23.66 -31.99 -0.48
N ILE D 70 -22.80 -32.45 0.41
CA ILE D 70 -22.46 -31.67 1.59
C ILE D 70 -21.13 -30.96 1.37
N THR D 71 -21.15 -29.63 1.41
CA THR D 71 -19.97 -28.83 1.16
C THR D 71 -19.02 -28.76 2.34
N ARG D 72 -17.73 -28.69 2.05
CA ARG D 72 -16.73 -28.57 3.10
C ARG D 72 -15.98 -27.26 3.01
N LEU D 73 -15.97 -26.54 4.12
CA LEU D 73 -15.23 -25.30 4.24
C LEU D 73 -14.23 -25.50 5.36
N GLU D 74 -13.02 -25.02 5.17
CA GLU D 74 -11.97 -25.26 6.14
C GLU D 74 -11.26 -24.01 6.60
N PHE D 75 -10.82 -24.02 7.85
CA PHE D 75 -9.96 -22.97 8.36
C PHE D 75 -8.59 -23.54 8.64
N GLN D 76 -7.61 -23.08 7.89
CA GLN D 76 -6.21 -23.28 8.23
C GLN D 76 -5.91 -22.54 9.52
N LEU D 77 -5.02 -23.11 10.33
CA LEU D 77 -4.76 -22.59 11.66
C LEU D 77 -3.43 -21.85 11.68
N LEU D 78 -3.42 -20.70 12.41
CA LEU D 78 -2.18 -19.98 12.66
C LEU D 78 -1.50 -20.56 13.90
N PRO D 79 -0.17 -20.45 13.99
CA PRO D 79 0.62 -20.77 15.19
C PRO D 79 0.08 -20.21 16.51
N ASP D 88 -0.60 -28.82 27.75
CA ASP D 88 -1.46 -29.83 28.36
C ASP D 88 -1.96 -30.89 27.36
N ASP D 89 -3.28 -31.07 27.30
CA ASP D 89 -3.90 -32.02 26.38
C ASP D 89 -3.86 -31.47 24.95
N PRO D 90 -3.51 -32.29 23.98
CA PRO D 90 -3.51 -31.83 22.60
C PRO D 90 -4.91 -31.43 22.17
N PHE D 91 -5.88 -32.26 22.53
CA PHE D 91 -7.25 -31.98 22.15
C PHE D 91 -7.76 -30.70 22.78
N PHE D 92 -7.46 -30.48 24.04
CA PHE D 92 -7.84 -29.22 24.66
C PHE D 92 -7.11 -27.99 24.11
N ILE D 93 -5.81 -28.11 23.91
CA ILE D 93 -5.03 -26.97 23.43
C ILE D 93 -5.50 -26.54 22.05
N GLN D 94 -5.74 -27.52 21.19
CA GLN D 94 -6.20 -27.25 19.84
C GLN D 94 -7.54 -26.58 19.89
N MET D 95 -8.37 -26.99 20.82
CA MET D 95 -9.67 -26.37 20.97
C MET D 95 -9.36 -24.92 21.26
N GLU D 96 -8.30 -24.68 22.02
CA GLU D 96 -7.82 -23.33 22.30
C GLU D 96 -7.33 -22.61 21.04
N THR D 97 -6.62 -23.32 20.19
CA THR D 97 -6.12 -22.74 18.94
C THR D 97 -7.22 -22.29 18.00
N ILE D 98 -8.29 -23.07 17.91
CA ILE D 98 -9.38 -22.74 17.02
C ILE D 98 -9.90 -21.40 17.45
N ALA D 99 -9.91 -21.17 18.75
CA ALA D 99 -10.37 -19.90 19.29
C ALA D 99 -9.50 -18.77 18.78
N THR D 100 -8.20 -19.02 18.69
CA THR D 100 -7.27 -17.97 18.28
C THR D 100 -7.63 -17.53 16.88
N SER D 101 -7.97 -18.49 16.04
CA SER D 101 -8.14 -18.29 14.61
C SER D 101 -9.59 -18.12 14.22
N VAL D 102 -10.45 -17.90 15.19
CA VAL D 102 -11.88 -17.87 14.95
C VAL D 102 -12.22 -16.79 13.93
N HIS D 103 -11.49 -15.70 13.97
CA HIS D 103 -11.76 -14.59 13.08
C HIS D 103 -11.62 -15.06 11.64
N LEU D 104 -10.84 -16.10 11.45
CA LEU D 104 -10.55 -16.62 10.13
C LEU D 104 -11.85 -17.03 9.51
N LEU D 105 -12.81 -17.33 10.38
CA LEU D 105 -14.14 -17.72 9.97
C LEU D 105 -14.79 -16.59 9.21
N ARG D 106 -14.42 -15.36 9.52
CA ARG D 106 -15.11 -14.19 9.02
C ARG D 106 -15.14 -14.10 7.50
N PRO D 107 -14.02 -14.35 6.83
CA PRO D 107 -14.03 -14.34 5.38
C PRO D 107 -14.91 -15.46 4.87
N LEU D 108 -14.86 -16.61 5.51
CA LEU D 108 -15.57 -17.77 4.99
C LEU D 108 -17.06 -17.53 4.92
N LEU D 109 -17.61 -16.97 5.98
CA LEU D 109 -19.02 -16.70 6.01
C LEU D 109 -19.38 -15.69 4.95
N SER D 110 -18.49 -14.73 4.73
CA SER D 110 -18.80 -13.64 3.79
C SER D 110 -18.95 -14.14 2.36
N SER D 111 -18.17 -15.14 1.97
CA SER D 111 -18.17 -15.62 0.58
C SER D 111 -19.24 -16.68 0.31
N LEU D 112 -19.87 -17.21 1.35
CA LEU D 112 -20.86 -18.31 1.21
C LEU D 112 -21.90 -17.99 0.12
N SER D 113 -22.18 -19.02 -0.69
CA SER D 113 -23.12 -19.01 -1.84
C SER D 113 -24.51 -18.60 -1.38
N PRO D 114 -25.16 -19.37 -0.49
C PRO D 114 -26.43 -18.01 1.48
N PRO D 115 -26.46 -16.89 2.23
CA PRO D 115 -25.92 -16.84 3.58
C PRO D 115 -26.62 -17.83 4.52
N LEU D 116 -25.87 -18.42 5.44
CA LEU D 116 -26.35 -19.43 6.41
C LEU D 116 -27.65 -19.02 7.09
N SER D 117 -28.63 -19.92 7.10
CA SER D 117 -29.90 -19.67 7.83
C SER D 117 -29.57 -19.79 9.31
N ALA D 118 -28.60 -20.66 9.62
CA ALA D 118 -28.08 -20.80 10.99
C ALA D 118 -26.77 -21.59 10.96
N ILE D 119 -25.97 -21.45 12.01
CA ILE D 119 -24.77 -22.22 12.19
C ILE D 119 -24.86 -22.97 13.50
N VAL D 120 -24.44 -24.23 13.50
CA VAL D 120 -24.38 -25.03 14.69
C VAL D 120 -22.91 -25.21 15.06
N SER D 121 -22.53 -24.79 16.26
CA SER D 121 -21.13 -24.68 16.64
C SER D 121 -20.78 -25.45 17.90
N ASP D 122 -19.52 -25.84 18.02
CA ASP D 122 -19.07 -26.62 19.17
C ASP D 122 -19.14 -25.83 20.47
N PHE D 123 -19.41 -26.53 21.56
CA PHE D 123 -19.60 -25.89 22.86
C PHE D 123 -18.34 -25.17 23.24
N THR D 124 -17.21 -25.77 22.93
CA THR D 124 -15.96 -25.30 23.46
C THR D 124 -15.62 -23.87 23.05
N LEU D 125 -15.93 -23.52 21.80
CA LEU D 125 -15.59 -22.21 21.25
C LEU D 125 -16.74 -21.23 21.11
N THR D 126 -17.85 -21.49 21.79
CA THR D 126 -19.02 -20.63 21.66
C THR D 126 -18.75 -19.20 22.09
N SER D 127 -17.93 -19.04 23.12
CA SER D 127 -17.62 -17.72 23.66
C SER D 127 -16.94 -16.82 22.65
N GLN D 128 -15.99 -17.36 21.89
CA GLN D 128 -15.29 -16.57 20.87
C GLN D 128 -16.19 -16.08 19.75
N VAL D 129 -17.11 -16.94 19.32
CA VAL D 129 -17.98 -16.67 18.18
C VAL D 129 -19.05 -15.61 18.44
N THR D 130 -19.27 -15.26 19.69
CA THR D 130 -20.40 -14.42 20.01
C THR D 130 -20.26 -13.14 19.25
N ASP D 131 -19.03 -12.64 19.18
CA ASP D 131 -18.76 -11.43 18.44
C ASP D 131 -19.07 -11.68 16.99
N LEU D 132 -18.69 -12.84 16.51
CA LEU D 132 -18.88 -13.17 15.12
C LEU D 132 -20.33 -13.25 14.70
N VAL D 133 -21.16 -13.85 15.54
CA VAL D 133 -22.56 -14.01 15.18
C VAL D 133 -23.23 -12.67 15.00
N SER D 134 -22.91 -11.77 15.92
CA SER D 134 -23.50 -10.41 15.99
C SER D 134 -23.17 -9.58 14.75
N ASP D 135 -22.01 -9.74 14.15
CA ASP D 135 -21.74 -8.84 13.00
C ASP D 135 -22.37 -9.44 11.74
N LEU D 136 -22.10 -10.71 11.46
CA LEU D 136 -22.72 -11.41 10.31
C LEU D 136 -23.99 -12.03 10.89
N PRO D 137 -25.19 -11.40 10.81
CA PRO D 137 -26.32 -11.88 11.60
C PRO D 137 -26.71 -13.28 11.15
N ILE D 138 -26.41 -14.22 12.05
CA ILE D 138 -26.61 -15.68 11.87
C ILE D 138 -27.17 -16.23 13.17
N SER D 139 -28.32 -16.88 13.12
CA SER D 139 -28.82 -17.53 14.35
C SER D 139 -27.89 -18.72 14.56
N THR D 140 -27.38 -18.91 15.78
CA THR D 140 -26.46 -20.01 16.05
C THR D 140 -26.97 -20.99 17.09
N TYR D 141 -26.49 -22.21 17.00
CA TYR D 141 -26.88 -23.27 17.90
C TYR D 141 -25.62 -23.99 18.28
N THR D 142 -25.68 -24.74 19.38
CA THR D 142 -24.61 -25.64 19.74
C THR D 142 -25.21 -27.00 20.01
N LEU D 143 -24.42 -28.04 19.78
CA LEU D 143 -24.82 -29.39 20.06
C LEU D 143 -23.82 -29.96 21.03
N MET D 144 -24.31 -30.57 22.11
CA MET D 144 -23.44 -31.12 23.16
C MET D 144 -23.29 -32.62 22.95
N THR D 145 -22.08 -33.11 23.06
CA THR D 145 -21.82 -34.55 22.86
C THR D 145 -21.79 -35.26 24.21
N SER D 146 -22.10 -34.54 25.29
CA SER D 146 -22.08 -35.11 26.67
C SER D 146 -23.51 -35.26 27.18
N SER D 147 -23.68 -36.08 28.22
CA SER D 147 -25.02 -36.40 28.80
C SER D 147 -25.69 -35.19 29.47
N ALA D 148 -27.02 -35.25 29.55
CA ALA D 148 -27.88 -34.24 30.20
C ALA D 148 -27.44 -34.10 31.66
N ALA D 149 -27.16 -35.22 32.32
CA ALA D 149 -26.71 -35.13 33.72
C ALA D 149 -25.37 -34.40 33.75
N PHE D 150 -24.44 -34.77 32.88
CA PHE D 150 -23.11 -34.10 32.92
C PHE D 150 -23.21 -32.63 32.50
N PHE D 151 -23.99 -32.34 31.45
CA PHE D 151 -24.11 -30.95 30.96
C PHE D 151 -24.56 -30.03 32.10
N CYS D 152 -25.47 -30.49 32.94
CA CYS D 152 -25.91 -29.67 34.05
C CYS D 152 -24.77 -29.44 35.02
N LEU D 153 -23.94 -30.46 35.23
CA LEU D 153 -22.80 -30.26 36.10
C LEU D 153 -21.91 -29.19 35.50
N MET D 154 -21.73 -29.21 34.18
CA MET D 154 -21.09 -28.07 33.54
C MET D 154 -21.99 -26.86 33.70
N ALA D 155 -23.28 -27.08 33.49
CA ALA D 155 -24.26 -26.01 33.52
C ALA D 155 -24.41 -25.34 34.87
N TYR D 156 -24.37 -26.11 35.94
CA TYR D 156 -24.48 -25.52 37.26
C TYR D 156 -23.14 -25.21 37.84
N LEU D 157 -22.09 -25.50 37.09
CA LEU D 157 -20.75 -25.38 37.66
C LEU D 157 -20.36 -23.98 38.08
N PRO D 158 -20.69 -22.97 37.28
CA PRO D 158 -20.15 -21.64 37.55
C PRO D 158 -20.59 -21.11 38.91
N LYS D 159 -21.87 -21.26 39.23
CA LYS D 159 -22.38 -20.86 40.53
C LYS D 159 -21.76 -21.70 41.62
N LEU D 160 -21.62 -22.99 41.36
CA LEU D 160 -21.18 -23.89 42.39
C LEU D 160 -19.78 -23.55 42.88
N LEU D 161 -18.88 -23.28 41.94
CA LEU D 161 -17.45 -23.01 42.23
C LEU D 161 -17.30 -21.81 43.18
N GLN D 162 -17.91 -20.68 42.86
CA GLN D 162 -17.81 -19.46 43.68
C GLN D 162 -18.46 -19.63 45.05
N ILE D 163 -19.64 -20.25 45.07
CA ILE D 163 -20.45 -20.42 46.31
C ILE D 163 -19.80 -21.33 47.36
N ASP D 164 -19.30 -22.50 46.98
CA ASP D 164 -18.80 -23.41 48.05
C ASP D 164 -17.29 -23.29 48.23
N VAL D 165 -16.54 -23.44 47.13
CA VAL D 165 -15.05 -23.47 47.16
C VAL D 165 -14.61 -24.55 48.15
N ALA D 166 -15.23 -25.75 48.08
CA ALA D 166 -14.89 -26.83 49.02
C ALA D 166 -15.11 -28.21 48.39
N ASN D 167 -14.63 -29.25 49.08
CA ASN D 167 -14.78 -30.67 48.63
C ASN D 167 -15.70 -31.42 49.59
N ARG D 168 -16.79 -31.96 49.04
CA ARG D 168 -17.83 -32.70 49.78
C ARG D 168 -18.06 -34.01 49.03
N ASP D 169 -18.54 -35.04 49.73
CA ASP D 169 -18.71 -36.38 49.15
C ASP D 169 -19.68 -36.32 47.96
N ALA D 170 -20.77 -35.58 48.07
CA ALA D 170 -21.76 -35.49 46.96
C ALA D 170 -22.10 -34.03 46.66
N ILE D 171 -22.53 -33.75 45.44
CA ILE D 171 -22.94 -32.38 45.02
C ILE D 171 -24.32 -32.46 44.38
N GLU D 172 -25.14 -31.42 44.58
CA GLU D 172 -26.54 -31.45 44.09
C GLU D 172 -26.78 -30.39 43.02
N ILE D 173 -27.40 -30.77 41.91
CA ILE D 173 -27.79 -29.76 40.88
C ILE D 173 -29.29 -29.56 41.11
N PRO D 174 -29.80 -28.34 41.38
CA PRO D 174 -31.19 -28.08 41.78
C PRO D 174 -32.31 -29.13 41.67
N ASP D 175 -32.69 -29.51 40.45
CA ASP D 175 -33.78 -30.50 40.30
C ASP D 175 -33.20 -31.88 39.97
N LEU D 176 -31.88 -32.03 40.12
CA LEU D 176 -31.18 -33.29 39.74
C LEU D 176 -30.65 -34.02 40.98
N GLY D 177 -30.82 -35.33 41.03
CA GLY D 177 -30.33 -36.09 42.18
C GLY D 177 -28.84 -35.89 42.28
N PRO D 178 -28.30 -35.55 43.45
CA PRO D 178 -26.88 -35.27 43.57
C PRO D 178 -26.02 -36.47 43.16
N ILE D 179 -24.94 -36.21 42.43
CA ILE D 179 -24.03 -37.33 42.08
C ILE D 179 -22.74 -37.05 42.84
N SER D 180 -22.07 -38.10 43.29
CA SER D 180 -20.94 -37.99 44.19
C SER D 180 -19.75 -37.34 43.53
N MET D 181 -18.88 -36.78 44.35
CA MET D 181 -17.68 -36.12 43.88
C MET D 181 -16.86 -37.17 43.18
N SER D 182 -17.01 -38.41 43.61
CA SER D 182 -16.15 -39.49 43.13
C SER D 182 -16.30 -39.59 41.63
N SER D 183 -17.52 -39.42 41.16
CA SER D 183 -17.75 -39.34 39.73
C SER D 183 -17.07 -38.12 39.09
N ILE D 184 -17.14 -36.97 39.76
CA ILE D 184 -16.65 -35.72 39.19
C ILE D 184 -15.14 -35.70 38.95
N PRO D 185 -14.73 -35.18 37.80
CA PRO D 185 -13.32 -35.10 37.45
C PRO D 185 -12.60 -34.08 38.29
N PRO D 186 -11.39 -34.39 38.74
CA PRO D 186 -10.68 -33.53 39.67
C PRO D 186 -10.35 -32.16 39.10
N LYS D 187 -9.93 -32.13 37.85
CA LYS D 187 -9.48 -30.88 37.24
C LYS D 187 -10.61 -29.88 37.18
N MET D 188 -11.81 -30.39 36.89
CA MET D 188 -13.00 -29.57 36.77
C MET D 188 -13.26 -28.88 38.10
N LEU D 189 -12.91 -29.56 39.18
CA LEU D 189 -13.01 -28.99 40.52
C LEU D 189 -12.11 -27.78 40.77
N ASP D 190 -10.88 -27.80 40.25
CA ASP D 190 -9.95 -26.72 40.55
C ASP D 190 -10.27 -25.43 39.79
N PRO D 191 -10.37 -24.34 40.54
CA PRO D 191 -10.63 -23.01 39.98
C PRO D 191 -9.49 -22.52 39.10
N SER D 192 -8.27 -22.83 39.50
CA SER D 192 -7.08 -22.43 38.78
C SER D 192 -7.04 -23.01 37.38
N ASP D 193 -7.53 -24.23 37.24
CA ASP D 193 -7.34 -25.00 36.02
C ASP D 193 -7.97 -24.40 34.77
N PHE D 194 -7.35 -24.67 33.64
CA PHE D 194 -7.76 -24.13 32.35
C PHE D 194 -9.15 -24.61 32.06
N PHE D 195 -9.42 -25.85 32.45
CA PHE D 195 -10.65 -26.52 32.10
C PHE D 195 -11.86 -25.78 32.65
N SER D 196 -11.74 -25.29 33.87
CA SER D 196 -12.84 -24.57 34.51
C SER D 196 -13.16 -23.30 33.76
N ALA D 197 -12.13 -22.61 33.31
CA ALA D 197 -12.35 -21.35 32.62
C ALA D 197 -13.14 -21.58 31.35
N PHE D 198 -12.78 -22.61 30.60
CA PHE D 198 -13.46 -22.89 29.36
C PHE D 198 -14.91 -23.26 29.56
N ILE D 199 -15.17 -24.14 30.52
CA ILE D 199 -16.52 -24.59 30.77
C ILE D 199 -17.45 -23.53 31.31
N SER D 200 -16.97 -22.81 32.30
CA SER D 200 -17.76 -21.77 32.93
C SER D 200 -18.03 -20.61 31.99
N SER D 201 -17.00 -20.22 31.26
CA SER D 201 -17.11 -19.10 30.36
C SER D 201 -18.12 -19.40 29.28
N ASN D 202 -18.02 -20.59 28.74
CA ASN D 202 -18.83 -20.96 27.60
C ASN D 202 -20.31 -21.01 27.92
N VAL D 203 -20.64 -21.51 29.10
CA VAL D 203 -22.04 -21.57 29.50
C VAL D 203 -22.62 -20.17 29.56
N SER D 204 -21.81 -19.22 29.99
CA SER D 204 -22.26 -17.85 30.06
C SER D 204 -22.62 -17.42 28.67
N SER D 205 -21.82 -17.83 27.71
CA SER D 205 -22.02 -17.52 26.31
C SER D 205 -23.23 -18.29 25.81
N LEU D 206 -23.69 -19.23 26.60
CA LEU D 206 -24.77 -20.11 26.21
C LEU D 206 -26.01 -19.30 25.96
N HIS D 207 -26.04 -18.10 26.51
CA HIS D 207 -27.18 -17.20 26.38
C HIS D 207 -27.50 -16.77 24.94
N LYS D 208 -26.47 -16.57 24.13
CA LYS D 208 -26.61 -16.12 22.74
C LYS D 208 -27.37 -17.07 21.81
N VAL D 209 -27.15 -18.36 21.97
CA VAL D 209 -27.74 -19.37 21.07
C VAL D 209 -29.25 -19.46 21.13
N LYS D 210 -29.86 -19.62 19.96
CA LYS D 210 -31.32 -19.72 19.82
C LYS D 210 -31.81 -21.14 20.03
N GLY D 211 -30.87 -22.06 20.17
CA GLY D 211 -31.19 -23.42 20.52
C GLY D 211 -30.00 -24.12 21.12
N VAL D 212 -30.25 -25.20 21.86
CA VAL D 212 -29.18 -26.08 22.30
C VAL D 212 -29.57 -27.52 22.00
N LEU D 213 -28.59 -28.32 21.60
CA LEU D 213 -28.83 -29.71 21.26
C LEU D 213 -27.89 -30.62 22.00
N ILE D 214 -28.43 -31.72 22.51
CA ILE D 214 -27.62 -32.72 23.17
C ILE D 214 -28.00 -34.08 22.60
N ASN D 215 -27.05 -35.00 22.59
CA ASN D 215 -27.33 -36.31 22.05
C ASN D 215 -28.02 -37.08 23.14
N THR D 216 -29.32 -36.86 23.26
CA THR D 216 -30.13 -37.53 24.25
C THR D 216 -31.58 -37.52 23.85
N PHE D 217 -32.37 -38.35 24.52
CA PHE D 217 -33.81 -38.27 24.40
C PHE D 217 -34.40 -38.16 25.79
N ASN D 218 -35.61 -37.65 25.89
CA ASN D 218 -36.19 -37.31 27.17
C ASN D 218 -36.27 -38.54 28.02
N SER D 219 -36.63 -39.65 27.40
CA SER D 219 -36.88 -40.88 28.13
C SER D 219 -35.63 -41.37 28.84
N PHE D 220 -34.48 -41.24 28.20
CA PHE D 220 -33.23 -41.67 28.83
C PHE D 220 -32.96 -40.85 30.08
N GLU D 221 -33.24 -39.55 30.04
CA GLU D 221 -33.03 -38.73 31.21
C GLU D 221 -34.11 -37.69 31.38
N SER D 222 -35.29 -38.10 31.78
CA SER D 222 -36.34 -37.14 31.98
C SER D 222 -35.90 -36.20 33.09
N GLU D 223 -35.30 -36.76 34.13
CA GLU D 223 -34.86 -35.95 35.25
C GLU D 223 -33.80 -34.97 34.84
N ALA D 224 -32.83 -35.44 34.08
CA ALA D 224 -31.73 -34.58 33.65
C ALA D 224 -32.18 -33.47 32.71
N ILE D 225 -33.03 -33.79 31.77
CA ILE D 225 -33.44 -32.81 30.77
C ILE D 225 -34.19 -31.69 31.44
N GLU D 226 -35.02 -32.04 32.41
CA GLU D 226 -35.87 -31.08 33.12
C GLU D 226 -35.07 -30.07 33.89
N ALA D 227 -34.01 -30.53 34.55
CA ALA D 227 -33.20 -29.66 35.39
C ALA D 227 -32.55 -28.58 34.54
N VAL D 228 -32.10 -28.97 33.36
CA VAL D 228 -31.56 -28.01 32.41
C VAL D 228 -32.63 -27.02 31.96
N ARG D 229 -33.85 -27.52 31.77
CA ARG D 229 -34.97 -26.62 31.47
C ARG D 229 -35.25 -25.71 32.66
N ARG D 230 -35.22 -26.30 33.85
CA ARG D 230 -35.43 -25.56 35.10
C ARG D 230 -34.34 -24.54 35.36
N ASN D 231 -33.13 -24.90 35.01
CA ASN D 231 -31.93 -24.20 35.45
C ASN D 231 -31.48 -23.09 34.51
N GLY D 232 -32.37 -22.73 33.60
CA GLY D 232 -32.14 -21.63 32.67
C GLY D 232 -31.65 -22.03 31.31
N VAL D 233 -31.34 -23.30 31.12
CA VAL D 233 -31.08 -23.79 29.79
C VAL D 233 -32.43 -24.12 29.21
N ASP D 234 -33.24 -23.08 29.03
CA ASP D 234 -34.60 -23.23 28.53
C ASP D 234 -34.66 -23.71 27.10
N HIS D 235 -33.61 -23.42 26.35
CA HIS D 235 -33.58 -23.69 24.92
C HIS D 235 -32.94 -25.03 24.55
N ILE D 236 -32.68 -25.88 25.53
CA ILE D 236 -32.09 -27.18 25.23
C ILE D 236 -33.04 -27.98 24.37
N LEU D 237 -32.49 -28.64 23.36
CA LEU D 237 -33.25 -29.57 22.54
C LEU D 237 -32.53 -30.89 22.47
N PRO D 238 -33.20 -31.98 22.83
CA PRO D 238 -32.57 -33.29 22.76
C PRO D 238 -32.99 -33.97 21.48
N ILE D 239 -32.03 -34.20 20.59
CA ILE D 239 -32.35 -34.77 19.25
C ILE D 239 -31.83 -36.19 19.18
N GLY D 240 -31.53 -36.79 20.32
CA GLY D 240 -30.97 -38.15 20.36
C GLY D 240 -31.98 -39.21 19.99
N PRO D 241 -31.54 -40.41 19.56
CA PRO D 241 -30.17 -40.63 19.09
C PRO D 241 -29.90 -40.15 17.66
N LEU D 242 -28.67 -39.71 17.39
CA LEU D 242 -28.27 -39.20 16.06
C LEU D 242 -28.08 -40.38 15.11
N GLU D 243 -28.56 -40.23 13.87
CA GLU D 243 -28.47 -41.28 12.88
C GLU D 243 -27.05 -41.45 12.39
N SER D 244 -26.64 -42.69 12.16
CA SER D 244 -25.30 -42.99 11.69
C SER D 244 -25.07 -42.46 10.30
N TYR D 245 -23.94 -41.82 10.08
CA TYR D 245 -23.61 -41.38 8.71
C TYR D 245 -22.66 -42.47 8.27
N ASP D 246 -22.98 -43.29 7.26
CA ASP D 246 -22.02 -44.41 7.09
C ASP D 246 -21.74 -44.84 5.66
N ALA D 247 -20.61 -45.55 5.53
CA ALA D 247 -20.09 -46.20 4.30
C ALA D 247 -20.85 -47.51 4.09
N LYS D 248 -20.89 -48.02 2.85
CA LYS D 248 -21.60 -49.28 2.50
C LYS D 248 -21.30 -49.65 1.04
N LYS D 249 -20.69 -50.81 0.82
CA LYS D 249 -20.68 -51.94 1.74
C LYS D 249 -19.33 -52.65 1.67
N ALA D 250 -18.72 -52.89 2.82
CA ALA D 250 -17.38 -53.52 2.80
C ALA D 250 -17.46 -54.94 3.36
N HIS D 251 -16.80 -55.90 2.69
CA HIS D 251 -16.76 -57.30 3.16
C HIS D 251 -15.61 -57.44 4.17
N ASP D 252 -15.88 -56.96 5.38
CA ASP D 252 -14.92 -57.06 6.50
C ASP D 252 -15.52 -57.95 7.58
N LEU D 253 -14.71 -58.33 8.55
CA LEU D 253 -15.18 -59.16 9.68
C LEU D 253 -15.90 -60.42 9.17
N PRO D 254 -15.28 -61.24 8.28
CA PRO D 254 -15.86 -62.52 7.92
C PRO D 254 -15.97 -63.21 9.28
N TRP D 255 -15.13 -62.78 10.22
CA TRP D 255 -15.09 -63.25 11.61
C TRP D 255 -16.32 -62.76 12.37
N LEU D 256 -17.12 -61.86 11.83
CA LEU D 256 -18.35 -61.47 12.49
C LEU D 256 -19.53 -62.27 12.02
N ASP D 257 -19.63 -62.47 10.72
CA ASP D 257 -20.77 -63.16 10.17
C ASP D 257 -20.82 -64.61 10.62
N GLU D 258 -19.66 -65.19 10.84
CA GLU D 258 -19.54 -66.59 11.17
C GLU D 258 -20.23 -66.97 12.47
N GLN D 259 -20.07 -66.15 13.50
CA GLN D 259 -20.54 -66.49 14.83
C GLN D 259 -22.03 -66.42 14.97
N PRO D 260 -22.53 -67.03 16.03
CA PRO D 260 -23.96 -66.99 16.37
C PRO D 260 -24.38 -65.62 16.87
N PRO D 261 -25.68 -65.36 16.86
CA PRO D 261 -26.19 -64.08 17.34
C PRO D 261 -25.90 -63.84 18.81
N GLU D 262 -25.47 -62.63 19.10
CA GLU D 262 -25.22 -62.20 20.46
C GLU D 262 -24.13 -63.02 21.12
N SER D 263 -23.22 -63.55 20.32
CA SER D 263 -22.13 -64.34 20.86
C SER D 263 -20.87 -63.55 21.13
N VAL D 264 -20.80 -62.33 20.64
CA VAL D 264 -19.55 -61.60 20.59
C VAL D 264 -19.52 -60.38 21.46
N LEU D 265 -18.46 -60.25 22.25
CA LEU D 265 -18.26 -59.08 23.09
C LEU D 265 -17.28 -58.16 22.43
N PHE D 266 -17.69 -56.91 22.25
CA PHE D 266 -16.93 -55.94 21.53
C PHE D 266 -16.37 -54.94 22.51
N VAL D 267 -15.06 -54.78 22.54
CA VAL D 267 -14.46 -53.90 23.50
C VAL D 267 -13.78 -52.71 22.86
N SER D 268 -14.21 -51.52 23.27
CA SER D 268 -13.61 -50.25 22.77
C SER D 268 -13.53 -49.25 23.92
N PHE D 269 -12.31 -48.94 24.35
CA PHE D 269 -12.12 -48.00 25.48
C PHE D 269 -12.14 -46.55 25.00
N GLY D 270 -12.25 -46.28 23.70
CA GLY D 270 -12.40 -44.86 23.32
C GLY D 270 -12.07 -44.54 21.88
N SER D 271 -11.71 -43.28 21.64
CA SER D 271 -11.22 -42.76 20.34
C SER D 271 -9.85 -42.19 20.68
N ARG D 272 -9.28 -42.80 21.71
CA ARG D 272 -8.06 -42.55 22.50
C ARG D 272 -7.88 -43.71 23.49
N THR D 273 -6.66 -43.96 23.95
CA THR D 273 -6.35 -45.07 24.89
C THR D 273 -6.84 -44.72 26.30
N ALA D 274 -7.04 -45.72 27.17
CA ALA D 274 -7.59 -45.39 28.51
C ALA D 274 -6.87 -46.11 29.66
N LEU D 275 -6.24 -47.25 29.45
CA LEU D 275 -5.66 -47.91 30.66
C LEU D 275 -4.25 -48.46 30.42
N SER D 276 -3.51 -48.71 31.51
CA SER D 276 -2.11 -49.19 31.47
C SER D 276 -2.02 -50.65 31.01
N LYS D 277 -0.84 -51.02 30.52
CA LYS D 277 -0.62 -52.37 29.94
C LYS D 277 -0.89 -53.43 31.01
N GLU D 278 -0.41 -53.22 32.23
CA GLU D 278 -0.69 -54.21 33.29
C GLU D 278 -2.18 -54.20 33.65
N GLN D 279 -2.79 -53.03 33.77
CA GLN D 279 -4.24 -52.99 34.07
C GLN D 279 -5.00 -53.61 32.90
N ILE D 280 -4.58 -53.30 31.67
CA ILE D 280 -5.21 -53.84 30.42
C ILE D 280 -4.99 -55.36 30.38
N ARG D 281 -3.83 -55.83 30.85
CA ARG D 281 -3.53 -57.28 30.87
C ARG D 281 -4.53 -58.02 31.76
N GLU D 282 -4.93 -57.42 32.88
CA GLU D 282 -5.90 -58.10 33.78
C GLU D 282 -7.20 -58.36 33.01
N LEU D 283 -7.70 -57.39 32.24
CA LEU D 283 -8.95 -57.62 31.44
C LEU D 283 -8.65 -58.66 30.36
N GLY D 284 -7.48 -58.60 29.75
CA GLY D 284 -7.15 -59.56 28.69
C GLY D 284 -7.19 -60.97 29.25
N ALA D 285 -6.63 -61.17 30.44
CA ALA D 285 -6.69 -62.45 31.16
C ALA D 285 -8.14 -62.71 31.61
N ALA D 286 -8.85 -61.67 32.03
CA ALA D 286 -10.26 -61.82 32.46
C ALA D 286 -11.12 -62.25 31.27
N LEU D 287 -10.82 -61.74 30.08
CA LEU D 287 -11.62 -62.05 28.86
C LEU D 287 -11.61 -63.55 28.60
N GLU D 288 -10.46 -64.20 28.67
CA GLU D 288 -10.44 -65.66 28.37
C GLU D 288 -11.17 -66.44 29.46
N LYS D 289 -11.03 -66.03 30.72
CA LYS D 289 -11.75 -66.70 31.83
C LYS D 289 -13.25 -66.50 31.62
N SER D 290 -13.66 -65.32 31.17
CA SER D 290 -15.08 -64.98 30.91
C SER D 290 -15.66 -65.88 29.82
N GLY D 291 -14.89 -66.16 28.78
CA GLY D 291 -15.33 -67.08 27.72
C GLY D 291 -16.11 -66.40 26.62
N CYS D 292 -16.38 -65.11 26.77
CA CYS D 292 -17.11 -64.36 25.72
C CYS D 292 -16.26 -64.37 24.45
N ARG D 293 -16.89 -64.54 23.30
CA ARG D 293 -16.17 -64.38 22.02
C ARG D 293 -15.98 -62.87 21.87
N PHE D 294 -14.87 -62.39 21.32
CA PHE D 294 -14.75 -60.92 21.32
C PHE D 294 -14.11 -60.36 20.04
N LEU D 295 -14.46 -59.11 19.77
CA LEU D 295 -13.83 -58.27 18.73
C LEU D 295 -13.30 -57.10 19.54
N TRP D 296 -11.98 -56.94 19.65
CA TRP D 296 -11.46 -55.90 20.56
C TRP D 296 -10.82 -54.75 19.79
N VAL D 297 -11.26 -53.53 20.05
CA VAL D 297 -10.66 -52.35 19.39
C VAL D 297 -9.60 -51.84 20.36
N LEU D 298 -8.32 -52.05 20.07
CA LEU D 298 -7.28 -51.65 21.03
C LEU D 298 -6.49 -50.48 20.47
N LYS D 299 -6.53 -49.33 21.13
CA LYS D 299 -5.79 -48.14 20.67
C LYS D 299 -4.54 -47.98 21.54
N GLY D 300 -3.39 -47.80 20.91
CA GLY D 300 -2.10 -47.68 21.61
C GLY D 300 -1.92 -46.29 22.21
N GLY D 301 -2.10 -45.28 21.37
CA GLY D 301 -1.94 -43.88 21.80
C GLY D 301 -2.87 -43.53 22.95
N LYS D 302 -2.35 -42.92 24.00
CA LYS D 302 -3.23 -42.53 25.13
C LYS D 302 -4.24 -41.53 24.60
N VAL D 303 -3.79 -40.55 23.80
CA VAL D 303 -4.71 -39.56 23.18
C VAL D 303 -4.43 -39.37 21.68
N ASP D 304 -3.32 -39.88 21.14
CA ASP D 304 -3.07 -39.55 19.71
C ASP D 304 -2.90 -40.77 18.80
N LYS D 305 -3.68 -40.80 17.72
CA LYS D 305 -3.62 -41.88 16.71
C LYS D 305 -2.29 -41.81 15.97
N GLU D 306 -1.83 -40.61 15.63
CA GLU D 306 -0.56 -40.45 14.88
C GLU D 306 0.60 -40.80 15.81
N ASP D 307 0.48 -40.46 17.09
CA ASP D 307 1.48 -40.73 18.15
C ASP D 307 1.58 -42.24 18.40
N LYS D 308 0.46 -42.96 18.32
CA LYS D 308 0.40 -44.42 18.61
C LYS D 308 1.16 -45.26 17.59
N GLU D 309 2.36 -45.74 17.94
CA GLU D 309 3.00 -46.63 16.93
C GLU D 309 3.48 -47.92 17.61
N GLU D 310 2.63 -48.49 18.47
CA GLU D 310 2.97 -49.73 19.21
C GLU D 310 2.08 -50.88 18.70
N VAL D 311 2.66 -52.07 18.56
CA VAL D 311 1.95 -53.31 18.09
C VAL D 311 1.25 -53.96 19.29
N GLU D 312 0.52 -55.06 19.10
CA GLU D 312 -0.18 -55.70 20.26
C GLU D 312 0.82 -56.54 21.08
N ASP D 313 1.68 -55.85 21.84
CA ASP D 313 2.74 -56.42 22.71
C ASP D 313 2.41 -56.06 24.15
N MET D 314 1.35 -55.27 24.36
CA MET D 314 0.91 -54.92 25.73
C MET D 314 0.21 -56.15 26.31
N LEU D 315 -0.46 -56.91 25.44
CA LEU D 315 -1.21 -58.12 25.84
C LEU D 315 -0.30 -59.35 25.86
N GLY D 316 0.74 -59.38 25.03
CA GLY D 316 1.66 -60.50 25.06
C GLY D 316 1.42 -61.47 23.93
N ALA D 317 2.48 -62.14 23.50
CA ALA D 317 2.37 -63.04 22.37
C ALA D 317 1.43 -64.16 22.72
N SER D 318 1.52 -64.62 23.96
CA SER D 318 0.84 -65.81 24.42
C SER D 318 -0.66 -65.66 24.30
N PHE D 319 -1.14 -64.48 24.62
CA PHE D 319 -2.57 -64.23 24.60
C PHE D 319 -3.10 -64.43 23.19
N VAL D 320 -2.35 -63.97 22.20
CA VAL D 320 -2.79 -64.11 20.82
C VAL D 320 -2.88 -65.55 20.33
N GLU D 321 -1.89 -66.38 20.67
CA GLU D 321 -1.93 -67.78 20.24
C GLU D 321 -3.08 -68.55 20.88
N ARG D 322 -3.31 -68.34 22.16
CA ARG D 322 -4.34 -69.05 22.87
C ARG D 322 -5.75 -68.78 22.37
N THR D 323 -6.01 -67.52 22.07
CA THR D 323 -7.35 -67.06 21.75
C THR D 323 -7.60 -66.79 20.28
N LYS D 324 -6.70 -67.23 19.42
CA LYS D 324 -6.74 -66.82 18.04
C LYS D 324 -8.04 -67.21 17.36
N LYS D 325 -8.54 -68.41 17.64
CA LYS D 325 -9.87 -68.81 17.22
C LYS D 325 -11.01 -68.06 17.93
N LYS D 326 -10.86 -67.85 19.24
CA LYS D 326 -11.93 -67.27 20.05
C LYS D 326 -12.35 -65.84 19.72
N GLY D 327 -11.38 -64.98 19.45
CA GLY D 327 -11.69 -63.58 19.26
C GLY D 327 -10.64 -62.90 18.41
N LEU D 328 -10.96 -61.73 17.89
CA LEU D 328 -10.03 -61.01 17.03
C LEU D 328 -9.70 -59.64 17.60
N ILE D 329 -8.44 -59.22 17.43
CA ILE D 329 -8.01 -57.91 17.98
C ILE D 329 -7.70 -56.96 16.83
N VAL D 330 -8.32 -55.78 16.81
CA VAL D 330 -8.07 -54.78 15.74
C VAL D 330 -7.28 -53.62 16.34
N LYS D 331 -6.06 -53.38 15.86
CA LYS D 331 -5.24 -52.26 16.39
C LYS D 331 -5.55 -51.05 15.50
N GLY D 332 -6.04 -49.97 16.08
CA GLY D 332 -6.39 -48.84 15.21
C GLY D 332 -7.84 -48.46 15.36
N TRP D 333 -8.50 -48.21 14.24
CA TRP D 333 -9.92 -47.77 14.24
C TRP D 333 -10.81 -48.86 13.63
N VAL D 334 -12.11 -48.78 13.90
CA VAL D 334 -13.11 -49.63 13.32
C VAL D 334 -14.40 -48.85 13.28
N LYS D 335 -15.40 -49.28 12.52
CA LYS D 335 -16.66 -48.59 12.49
C LYS D 335 -17.51 -49.15 13.62
N GLN D 336 -17.66 -48.39 14.69
CA GLN D 336 -18.39 -48.88 15.85
C GLN D 336 -19.87 -49.16 15.62
N GLU D 337 -20.56 -48.21 14.99
CA GLU D 337 -21.99 -48.40 14.81
C GLU D 337 -22.16 -49.62 13.94
N GLN D 338 -21.30 -49.75 12.96
CA GLN D 338 -21.41 -50.84 12.04
C GLN D 338 -21.26 -52.14 12.80
N ILE D 339 -20.26 -52.20 13.68
CA ILE D 339 -20.03 -53.41 14.46
C ILE D 339 -21.11 -53.73 15.47
N LEU D 340 -21.58 -52.71 16.18
CA LEU D 340 -22.59 -52.87 17.22
C LEU D 340 -23.91 -53.39 16.68
N ALA D 341 -24.26 -52.92 15.50
CA ALA D 341 -25.51 -53.26 14.85
C ALA D 341 -25.57 -54.73 14.50
N HIS D 342 -24.41 -55.35 14.39
CA HIS D 342 -24.33 -56.74 13.98
C HIS D 342 -25.01 -57.68 14.96
N PRO D 343 -25.57 -58.73 14.41
CA PRO D 343 -26.26 -59.76 15.17
C PRO D 343 -25.28 -60.42 16.10
N ALA D 344 -24.05 -60.55 15.64
CA ALA D 344 -23.02 -61.23 16.40
C ALA D 344 -22.77 -60.57 17.74
N ILE D 345 -22.80 -59.25 17.77
CA ILE D 345 -22.52 -58.55 19.02
C ILE D 345 -23.67 -58.69 20.00
N GLY D 346 -23.36 -59.12 21.22
CA GLY D 346 -24.34 -59.22 22.27
C GLY D 346 -23.92 -58.50 23.52
N GLY D 347 -22.65 -58.11 23.55
CA GLY D 347 -22.11 -57.38 24.67
C GLY D 347 -21.23 -56.24 24.22
N PHE D 348 -21.24 -55.17 24.99
CA PHE D 348 -20.40 -54.03 24.69
C PHE D 348 -19.62 -53.68 25.94
N VAL D 349 -18.32 -53.48 25.81
CA VAL D 349 -17.59 -52.91 26.92
C VAL D 349 -17.25 -51.50 26.50
N SER D 350 -17.58 -50.54 27.34
CA SER D 350 -17.40 -49.15 26.96
C SER D 350 -16.66 -48.33 27.99
N HIS D 351 -15.82 -47.43 27.50
CA HIS D 351 -15.15 -46.43 28.33
C HIS D 351 -16.24 -45.46 28.71
N CYS D 352 -17.37 -45.62 28.04
CA CYS D 352 -18.57 -44.88 28.37
C CYS D 352 -18.61 -43.44 27.92
N GLY D 353 -17.86 -43.11 26.89
CA GLY D 353 -17.99 -41.80 26.31
C GLY D 353 -19.42 -41.76 25.84
N TRP D 354 -20.06 -40.61 25.98
CA TRP D 354 -21.49 -40.53 25.76
C TRP D 354 -21.82 -40.93 24.35
N ASN D 355 -20.99 -40.53 23.41
CA ASN D 355 -21.36 -40.77 22.03
C ASN D 355 -21.50 -42.28 21.89
N SER D 356 -20.57 -43.02 22.46
CA SER D 356 -20.64 -44.48 22.45
C SER D 356 -21.83 -45.01 23.20
N VAL D 357 -22.11 -44.43 24.37
CA VAL D 357 -23.18 -44.93 25.22
C VAL D 357 -24.50 -44.83 24.49
N ILE D 358 -24.70 -43.70 23.84
CA ILE D 358 -25.92 -43.46 23.08
C ILE D 358 -26.04 -44.46 21.95
N GLU D 359 -24.91 -44.80 21.34
CA GLU D 359 -24.91 -45.77 20.26
C GLU D 359 -25.40 -47.09 20.77
N ALA D 360 -24.99 -47.46 21.98
CA ALA D 360 -25.42 -48.72 22.56
C ALA D 360 -26.91 -48.77 22.80
N ALA D 361 -27.47 -47.69 23.32
CA ALA D 361 -28.90 -47.70 23.60
C ALA D 361 -29.73 -47.82 22.34
N ARG D 362 -29.36 -47.05 21.32
CA ARG D 362 -30.08 -47.06 20.02
C ARG D 362 -29.97 -48.44 19.37
N LEU D 363 -28.85 -49.12 19.56
CA LEU D 363 -28.63 -50.46 18.94
C LEU D 363 -29.10 -51.57 19.88
N GLY D 364 -29.53 -51.23 21.08
CA GLY D 364 -30.01 -52.26 22.02
C GLY D 364 -29.00 -53.34 22.30
N VAL D 365 -27.74 -52.97 22.56
CA VAL D 365 -26.69 -53.98 22.90
C VAL D 365 -26.27 -53.78 24.37
N PRO D 366 -26.46 -54.77 25.27
CA PRO D 366 -26.02 -54.65 26.65
C PRO D 366 -24.59 -54.15 26.83
N VAL D 367 -24.38 -53.28 27.81
CA VAL D 367 -23.09 -52.66 28.06
C VAL D 367 -22.52 -53.04 29.41
N LEU D 368 -21.20 -53.03 29.48
CA LEU D 368 -20.50 -53.07 30.74
C LEU D 368 -19.74 -51.76 30.83
N ALA D 369 -19.86 -51.07 31.95
CA ALA D 369 -19.33 -49.72 32.03
C ALA D 369 -18.03 -49.65 32.81
N TRP D 370 -16.98 -49.25 32.11
CA TRP D 370 -15.67 -49.07 32.71
C TRP D 370 -15.08 -47.75 32.27
N PRO D 371 -15.52 -46.65 32.87
CA PRO D 371 -15.13 -45.33 32.39
C PRO D 371 -13.78 -44.90 32.94
N GLN D 372 -12.81 -44.71 32.06
CA GLN D 372 -11.48 -44.30 32.43
C GLN D 372 -11.33 -42.88 33.01
N HIS D 373 -12.03 -41.92 32.43
CA HIS D 373 -11.77 -40.51 32.72
C HIS D 373 -12.97 -39.63 32.48
N GLY D 374 -12.89 -38.41 32.98
CA GLY D 374 -13.82 -37.35 32.65
C GLY D 374 -15.30 -37.53 32.91
N ASP D 375 -16.09 -37.18 31.90
CA ASP D 375 -17.53 -37.18 32.01
C ASP D 375 -18.07 -38.58 32.11
N GLN D 376 -17.25 -39.54 31.74
CA GLN D 376 -17.69 -40.92 31.57
C GLN D 376 -18.25 -41.58 32.82
N SER D 377 -17.65 -41.34 33.97
CA SER D 377 -18.11 -41.95 35.22
C SER D 377 -19.53 -41.52 35.52
N VAL D 378 -19.83 -40.25 35.28
CA VAL D 378 -21.20 -39.76 35.36
C VAL D 378 -22.06 -40.45 34.32
N ASN D 379 -21.47 -40.67 33.16
CA ASN D 379 -22.15 -41.36 32.07
C ASN D 379 -22.48 -42.78 32.49
N ALA D 380 -21.57 -43.39 33.24
CA ALA D 380 -21.82 -44.71 33.79
C ALA D 380 -23.02 -44.68 34.72
N GLY D 381 -23.16 -43.61 35.49
CA GLY D 381 -24.27 -43.50 36.39
C GLY D 381 -25.58 -43.51 35.63
N VAL D 382 -25.62 -42.83 34.50
CA VAL D 382 -26.82 -42.78 33.68
C VAL D 382 -27.18 -44.16 33.14
N VAL D 383 -26.15 -44.92 32.79
CA VAL D 383 -26.37 -46.24 32.27
C VAL D 383 -27.05 -47.06 33.33
N GLU D 384 -26.62 -46.89 34.58
CA GLU D 384 -27.17 -47.63 35.70
C GLU D 384 -28.63 -47.31 35.95
N LYS D 385 -28.99 -46.04 35.92
CA LYS D 385 -30.37 -45.65 36.14
C LYS D 385 -31.21 -46.26 35.03
N ALA D 386 -30.65 -46.23 33.84
CA ALA D 386 -31.30 -46.75 32.64
C ALA D 386 -31.55 -48.26 32.64
N GLY D 387 -30.62 -49.03 33.20
CA GLY D 387 -30.68 -50.48 33.12
C GLY D 387 -30.03 -51.01 31.87
N LEU D 388 -29.35 -50.13 31.15
CA LEU D 388 -28.65 -50.47 29.92
C LEU D 388 -27.51 -51.45 30.13
N GLY D 389 -26.78 -51.29 31.23
CA GLY D 389 -25.58 -52.06 31.44
C GLY D 389 -25.21 -52.26 32.88
N LEU D 390 -24.27 -53.14 33.13
CA LEU D 390 -23.75 -53.34 34.48
C LEU D 390 -22.47 -52.55 34.72
N TRP D 391 -22.42 -51.87 35.85
CA TRP D 391 -21.32 -51.00 36.19
C TRP D 391 -20.79 -51.28 37.58
N VAL D 392 -19.48 -51.23 37.78
CA VAL D 392 -18.93 -51.28 39.12
C VAL D 392 -18.27 -49.96 39.48
N ARG D 393 -18.86 -49.26 40.44
CA ARG D 393 -18.39 -47.94 40.84
C ARG D 393 -17.00 -47.93 41.45
N GLU D 394 -16.70 -48.97 42.21
CA GLU D 394 -15.48 -49.04 42.99
C GLU D 394 -14.26 -49.00 42.11
N TRP D 395 -14.38 -49.48 40.88
CA TRP D 395 -13.23 -49.58 40.02
C TRP D 395 -12.61 -48.21 39.81
N GLY D 396 -13.46 -47.20 39.61
CA GLY D 396 -13.02 -45.82 39.64
C GLY D 396 -12.24 -45.31 38.45
N TRP D 397 -11.55 -44.20 38.67
CA TRP D 397 -10.78 -43.53 37.63
C TRP D 397 -9.68 -44.44 37.16
N GLY D 398 -9.43 -44.44 35.87
CA GLY D 398 -8.50 -45.39 35.30
C GLY D 398 -7.10 -45.21 35.81
N GLN D 399 -6.47 -46.33 36.14
CA GLN D 399 -5.06 -46.39 36.50
C GLN D 399 -4.87 -45.98 37.95
N THR D 400 -5.97 -45.56 38.56
CA THR D 400 -5.95 -45.20 39.97
C THR D 400 -5.65 -46.42 40.82
N LYS D 401 -6.30 -47.53 40.47
CA LYS D 401 -6.29 -48.75 41.25
C LYS D 401 -6.20 -49.93 40.32
N LEU D 402 -5.75 -51.08 40.82
CA LEU D 402 -5.69 -52.26 39.98
C LEU D 402 -6.84 -53.19 40.29
N ILE D 403 -7.58 -53.55 39.24
CA ILE D 403 -8.76 -54.35 39.37
C ILE D 403 -8.42 -55.74 38.87
N GLY D 404 -8.67 -56.74 39.70
CA GLY D 404 -8.24 -58.11 39.46
C GLY D 404 -8.91 -58.85 38.34
N ARG D 405 -8.18 -59.77 37.72
CA ARG D 405 -8.69 -60.55 36.62
C ARG D 405 -9.87 -61.41 37.04
N GLU D 406 -9.79 -61.97 38.23
CA GLU D 406 -10.88 -62.77 38.80
C GLU D 406 -12.15 -61.96 39.08
N GLU D 407 -11.99 -60.75 39.58
CA GLU D 407 -13.13 -59.88 39.88
C GLU D 407 -13.88 -59.49 38.62
N ILE D 408 -13.14 -59.21 37.56
CA ILE D 408 -13.71 -58.78 36.29
C ILE D 408 -14.57 -59.83 35.60
N ALA D 409 -14.13 -61.08 35.62
CA ALA D 409 -14.81 -62.14 34.90
C ALA D 409 -16.21 -62.33 35.44
N GLU D 410 -16.35 -62.26 36.75
CA GLU D 410 -17.65 -62.50 37.34
C GLU D 410 -18.63 -61.47 36.81
N LYS D 411 -18.20 -60.21 36.74
CA LYS D 411 -19.01 -59.19 36.12
C LYS D 411 -19.17 -59.42 34.62
N MET D 412 -18.08 -59.85 33.98
CA MET D 412 -18.12 -60.10 32.55
C MET D 412 -19.06 -61.23 32.18
N ILE D 413 -19.04 -62.32 32.93
CA ILE D 413 -19.95 -63.44 32.71
C ILE D 413 -21.39 -63.03 32.97
N GLU D 414 -21.56 -62.21 34.00
CA GLU D 414 -22.86 -61.77 34.40
C GLU D 414 -23.49 -60.97 33.28
N VAL D 415 -22.68 -60.19 32.57
CA VAL D 415 -23.21 -59.42 31.45
C VAL D 415 -23.75 -60.32 30.35
N MET D 416 -23.07 -61.43 30.06
CA MET D 416 -23.58 -62.41 29.11
C MET D 416 -24.85 -63.14 29.54
N GLN D 417 -24.91 -63.55 30.80
CA GLN D 417 -25.94 -64.46 31.27
C GLN D 417 -27.09 -63.84 32.08
N ASP D 418 -27.20 -62.53 32.09
CA ASP D 418 -28.29 -61.89 32.83
C ASP D 418 -29.50 -61.69 31.92
N GLU D 419 -30.57 -62.39 32.22
CA GLU D 419 -31.82 -62.28 31.49
C GLU D 419 -32.50 -60.92 31.61
N LYS D 420 -32.49 -60.35 32.80
CA LYS D 420 -33.18 -59.10 33.02
C LYS D 420 -32.55 -58.03 32.16
N LEU D 421 -31.23 -58.04 32.07
CA LEU D 421 -30.52 -57.01 31.35
C LEU D 421 -30.96 -57.03 29.92
N ARG D 422 -31.12 -58.22 29.37
CA ARG D 422 -31.53 -58.33 27.99
C ARG D 422 -32.90 -57.70 27.85
N VAL D 423 -33.78 -57.96 28.81
CA VAL D 423 -35.09 -57.37 28.73
C VAL D 423 -35.02 -55.86 28.86
N SER D 424 -34.26 -55.37 29.83
CA SER D 424 -34.21 -53.95 30.07
C SER D 424 -33.62 -53.27 28.84
N ALA D 425 -32.59 -53.89 28.30
CA ALA D 425 -31.92 -53.37 27.13
C ALA D 425 -32.86 -53.35 25.94
N GLY D 426 -33.70 -54.36 25.84
CA GLY D 426 -34.63 -54.45 24.74
C GLY D 426 -35.60 -53.29 24.73
N GLU D 427 -36.06 -52.90 25.92
CA GLU D 427 -36.97 -51.76 26.03
C GLU D 427 -36.28 -50.48 25.61
N VAL D 428 -35.03 -50.33 26.04
CA VAL D 428 -34.29 -49.10 25.85
C VAL D 428 -34.14 -48.82 24.37
N ARG D 429 -33.87 -49.86 23.61
CA ARG D 429 -33.80 -49.73 22.17
C ARG D 429 -35.17 -49.34 21.65
N ALA D 430 -36.21 -49.94 22.23
CA ALA D 430 -37.57 -49.66 21.82
C ALA D 430 -37.96 -48.22 22.13
N LYS D 431 -37.54 -47.76 23.30
CA LYS D 431 -37.79 -46.38 23.71
C LYS D 431 -37.07 -45.40 22.80
N ALA D 432 -35.85 -45.75 22.41
CA ALA D 432 -35.06 -44.87 21.58
C ALA D 432 -35.72 -44.66 20.23
N LYS D 433 -36.29 -45.72 19.68
CA LYS D 433 -36.92 -45.62 18.38
C LYS D 433 -38.11 -44.70 18.38
N GLU D 434 -38.89 -44.75 19.44
CA GLU D 434 -40.15 -44.04 19.47
C GLU D 434 -39.89 -42.55 19.29
N THR D 435 -38.86 -42.04 19.96
CA THR D 435 -38.39 -40.68 19.73
C THR D 435 -37.81 -40.50 18.31
N ARG D 436 -37.16 -41.54 17.81
CA ARG D 436 -36.63 -41.55 16.47
C ARG D 436 -37.71 -41.43 15.40
N GLU D 437 -38.86 -42.02 15.67
CA GLU D 437 -39.97 -41.96 14.73
C GLU D 437 -40.65 -40.58 14.70
N VAL D 438 -41.49 -40.38 13.69
CA VAL D 438 -42.03 -39.07 13.39
C VAL D 438 -42.87 -38.45 14.50
N ASP D 439 -43.67 -39.26 15.19
CA ASP D 439 -44.48 -38.74 16.27
C ASP D 439 -43.61 -38.18 17.39
N GLY D 440 -42.52 -38.86 17.68
CA GLY D 440 -41.69 -38.59 18.85
C GLY D 440 -41.02 -37.25 18.82
N ASP D 441 -40.72 -36.72 20.01
CA ASP D 441 -40.26 -35.34 20.14
C ASP D 441 -38.94 -35.03 19.44
N SER D 442 -37.98 -35.94 19.54
CA SER D 442 -36.67 -35.66 18.98
C SER D 442 -36.78 -35.45 17.50
N GLU D 443 -37.57 -36.29 16.84
CA GLU D 443 -37.87 -36.08 15.44
C GLU D 443 -38.66 -34.80 15.23
N ALA D 444 -39.62 -34.57 16.10
CA ALA D 444 -40.51 -33.42 15.95
C ALA D 444 -39.78 -32.09 16.06
N LEU D 445 -38.85 -31.99 17.01
CA LEU D 445 -38.10 -30.76 17.17
C LEU D 445 -37.24 -30.48 15.94
N LEU D 446 -36.63 -31.52 15.40
CA LEU D 446 -35.76 -31.34 14.27
C LEU D 446 -36.58 -30.76 13.17
N GLN D 447 -37.79 -31.29 13.00
CA GLN D 447 -38.64 -30.86 11.92
C GLN D 447 -38.96 -29.40 12.15
N ARG D 448 -39.27 -29.09 13.40
CA ARG D 448 -39.63 -27.75 13.79
C ARG D 448 -38.52 -26.72 13.69
N LEU D 449 -37.31 -27.09 14.10
CA LEU D 449 -36.20 -26.16 14.08
C LEU D 449 -35.88 -25.76 12.65
N ILE D 450 -35.92 -26.74 11.76
CA ILE D 450 -35.65 -26.52 10.36
C ILE D 450 -36.71 -25.58 9.82
N HIS D 451 -37.95 -25.79 10.27
CA HIS D 451 -39.09 -24.98 9.85
C HIS D 451 -38.88 -23.54 10.28
N SER D 452 -38.36 -23.39 11.49
CA SER D 452 -38.02 -22.08 12.03
C SER D 452 -36.97 -21.42 11.18
N PHE D 453 -36.06 -22.22 10.65
CA PHE D 453 -34.95 -21.67 9.90
C PHE D 453 -35.50 -20.86 8.75
N ASN D 454 -34.95 -19.67 8.56
CA ASN D 454 -35.48 -18.73 7.60
C ASN D 454 -34.50 -18.43 6.50
N ASN D 455 -34.95 -18.57 5.26
CA ASN D 455 -34.14 -18.20 4.09
C ASN D 455 -33.83 -16.70 4.02
N ALA E 13 8.86 10.54 -15.05
CA ALA E 13 7.64 10.37 -14.31
C ALA E 13 7.16 8.92 -14.35
N HIS E 14 7.10 8.30 -13.18
CA HIS E 14 6.57 6.96 -13.02
C HIS E 14 5.40 7.00 -12.08
N ILE E 15 4.23 6.51 -12.51
CA ILE E 15 3.04 6.56 -11.67
C ILE E 15 2.52 5.17 -11.38
N ALA E 16 2.20 4.91 -10.12
CA ALA E 16 1.71 3.60 -9.72
C ALA E 16 0.28 3.67 -9.20
N LEU E 17 -0.56 2.77 -9.69
CA LEU E 17 -1.99 2.72 -9.30
C LEU E 17 -2.21 1.59 -8.30
N PHE E 18 -2.84 1.89 -7.16
CA PHE E 18 -3.08 0.87 -6.12
C PHE E 18 -4.56 0.73 -5.84
N PRO E 19 -5.32 -0.03 -6.65
CA PRO E 19 -6.72 -0.26 -6.42
C PRO E 19 -6.93 -1.24 -5.26
N CYS E 20 -8.10 -1.19 -4.63
CA CYS E 20 -8.46 -2.11 -3.52
C CYS E 20 -9.26 -3.27 -4.11
N ALA E 21 -9.98 -4.02 -3.27
CA ALA E 21 -10.78 -5.15 -3.81
C ALA E 21 -12.08 -4.67 -4.45
N GLY E 22 -12.62 -5.43 -5.40
CA GLY E 22 -13.91 -5.12 -6.04
C GLY E 22 -13.76 -4.71 -7.48
N MET E 23 -14.70 -5.07 -8.35
CA MET E 23 -14.57 -4.62 -9.76
C MET E 23 -14.93 -3.14 -9.84
N GLY E 24 -15.64 -2.63 -8.83
CA GLY E 24 -15.92 -1.22 -8.80
C GLY E 24 -14.68 -0.44 -8.47
N HIS E 25 -13.90 -0.90 -7.50
CA HIS E 25 -12.58 -0.34 -7.31
C HIS E 25 -11.57 -0.71 -8.40
N LEU E 26 -11.56 -1.96 -8.82
CA LEU E 26 -10.59 -2.39 -9.82
C LEU E 26 -10.76 -1.76 -11.19
N LEU E 27 -11.98 -1.68 -11.66
CA LEU E 27 -12.22 -1.24 -13.03
C LEU E 27 -11.79 0.20 -13.30
N PRO E 28 -12.08 1.09 -12.38
CA PRO E 28 -11.71 2.48 -12.53
C PRO E 28 -10.22 2.73 -12.55
N PHE E 29 -9.47 2.07 -11.69
CA PHE E 29 -8.03 2.24 -11.67
C PHE E 29 -7.35 1.77 -12.94
N LEU E 30 -7.75 0.61 -13.43
CA LEU E 30 -7.19 0.08 -14.67
C LEU E 30 -7.54 1.00 -15.82
N ARG E 31 -8.77 1.51 -15.80
CA ARG E 31 -9.23 2.39 -16.86
C ARG E 31 -8.39 3.65 -16.92
N LEU E 32 -8.15 4.25 -15.77
CA LEU E 32 -7.33 5.44 -15.71
C LEU E 32 -5.92 5.15 -16.14
N ALA E 33 -5.42 4.01 -15.69
CA ALA E 33 -4.05 3.63 -15.94
C ALA E 33 -3.81 3.51 -17.42
N ALA E 34 -4.77 2.96 -18.13
CA ALA E 34 -4.70 2.90 -19.57
C ALA E 34 -4.71 4.30 -20.15
N MET E 35 -5.52 5.17 -19.59
CA MET E 35 -5.57 6.54 -20.05
C MET E 35 -4.23 7.21 -19.81
N LEU E 36 -3.64 6.98 -18.66
CA LEU E 36 -2.36 7.62 -18.35
C LEU E 36 -1.30 7.16 -19.33
N ASP E 37 -1.28 5.87 -19.61
CA ASP E 37 -0.31 5.25 -20.50
C ASP E 37 -0.46 5.75 -21.91
N ALA E 38 -1.69 5.96 -22.32
CA ALA E 38 -2.00 6.49 -23.64
C ALA E 38 -1.44 7.88 -23.77
N ARG E 39 -1.48 8.62 -22.68
CA ARG E 39 -1.01 9.99 -22.68
C ARG E 39 0.49 10.08 -22.35
N GLY E 40 1.11 8.92 -22.23
CA GLY E 40 2.56 8.81 -22.13
C GLY E 40 3.31 8.68 -20.83
N CYS E 41 2.63 8.62 -19.70
CA CYS E 41 3.32 8.35 -18.44
C CYS E 41 3.77 6.90 -18.36
N ALA E 42 4.81 6.63 -17.61
CA ALA E 42 5.20 5.25 -17.33
C ALA E 42 4.32 4.79 -16.19
N VAL E 43 3.59 3.71 -16.42
CA VAL E 43 2.56 3.30 -15.50
C VAL E 43 2.80 1.93 -14.94
N THR E 44 2.63 1.80 -13.63
CA THR E 44 2.69 0.51 -12.97
C THR E 44 1.40 0.32 -12.21
N VAL E 45 0.85 -0.88 -12.24
CA VAL E 45 -0.38 -1.14 -11.54
C VAL E 45 -0.15 -2.18 -10.46
N ILE E 46 -0.57 -1.86 -9.25
CA ILE E 46 -0.29 -2.73 -8.13
C ILE E 46 -1.46 -3.61 -7.85
N THR E 47 -1.21 -4.91 -7.87
CA THR E 47 -2.23 -5.89 -7.61
C THR E 47 -1.68 -6.76 -6.53
N VAL E 48 -2.58 -7.37 -5.78
CA VAL E 48 -2.19 -8.30 -4.74
C VAL E 48 -3.06 -9.52 -4.90
N LYS E 49 -2.56 -10.64 -4.41
CA LYS E 49 -3.27 -11.91 -4.50
C LYS E 49 -3.34 -12.52 -3.12
N PRO E 50 -4.38 -13.30 -2.84
CA PRO E 50 -5.43 -13.64 -3.80
C PRO E 50 -6.46 -12.53 -3.94
N THR E 51 -7.28 -12.63 -4.97
CA THR E 51 -8.37 -11.69 -5.15
C THR E 51 -9.67 -12.40 -4.85
N VAL E 52 -10.63 -11.67 -4.29
CA VAL E 52 -11.88 -12.26 -3.85
C VAL E 52 -12.71 -12.87 -4.95
N SER E 53 -12.73 -12.21 -6.09
CA SER E 53 -13.63 -12.59 -7.17
C SER E 53 -12.87 -13.01 -8.41
N ALA E 54 -13.43 -13.96 -9.14
CA ALA E 54 -12.79 -14.54 -10.29
C ALA E 54 -12.54 -13.51 -11.36
N ALA E 55 -13.47 -12.59 -11.50
CA ALA E 55 -13.41 -11.58 -12.54
C ALA E 55 -12.21 -10.69 -12.40
N GLU E 56 -11.87 -10.32 -11.17
CA GLU E 56 -10.74 -9.44 -10.98
C GLU E 56 -9.47 -10.08 -11.47
N SER E 57 -9.28 -11.35 -11.14
CA SER E 57 -8.10 -12.09 -11.58
C SER E 57 -8.05 -12.26 -13.08
N ASP E 58 -9.18 -12.63 -13.66
CA ASP E 58 -9.29 -12.84 -15.10
C ASP E 58 -9.09 -11.56 -15.86
N HIS E 59 -9.65 -10.50 -15.31
CA HIS E 59 -9.55 -9.18 -15.89
C HIS E 59 -8.12 -8.67 -15.92
N LEU E 60 -7.40 -8.88 -14.83
CA LEU E 60 -6.07 -8.34 -14.72
C LEU E 60 -5.19 -8.93 -15.79
N SER E 61 -5.34 -10.23 -16.02
CA SER E 61 -4.56 -10.90 -17.02
C SER E 61 -4.87 -10.36 -18.40
N ALA E 62 -6.14 -10.14 -18.66
CA ALA E 62 -6.56 -9.60 -19.94
C ALA E 62 -6.04 -8.20 -20.15
N PHE E 63 -6.09 -7.40 -19.10
CA PHE E 63 -5.69 -6.03 -19.20
C PHE E 63 -4.23 -5.90 -19.55
N PHE E 64 -3.38 -6.65 -18.87
CA PHE E 64 -1.95 -6.63 -19.11
C PHE E 64 -1.50 -7.14 -20.47
N THR E 65 -2.16 -8.18 -20.97
CA THR E 65 -1.81 -8.72 -22.31
C THR E 65 -2.18 -7.68 -23.37
N ILE E 66 -3.21 -6.88 -23.10
CA ILE E 66 -3.71 -5.81 -24.02
C ILE E 66 -2.79 -4.60 -23.88
N HIS E 67 -2.41 -4.27 -22.66
CA HIS E 67 -1.47 -3.15 -22.42
C HIS E 67 -0.15 -3.74 -21.92
N PRO E 68 0.82 -4.04 -22.80
CA PRO E 68 2.10 -4.62 -22.46
C PRO E 68 3.11 -3.75 -21.70
N ARG E 69 3.17 -2.45 -22.00
CA ARG E 69 4.16 -1.56 -21.35
C ARG E 69 3.79 -1.20 -19.91
N ILE E 70 2.57 -1.46 -19.48
CA ILE E 70 2.25 -1.18 -18.05
C ILE E 70 2.83 -2.34 -17.23
N THR E 71 3.65 -2.02 -16.22
CA THR E 71 4.27 -3.03 -15.34
C THR E 71 3.23 -3.55 -14.37
N ARG E 72 3.29 -4.84 -14.03
CA ARG E 72 2.38 -5.40 -13.01
C ARG E 72 3.21 -5.71 -11.76
N LEU E 73 2.85 -5.10 -10.63
CA LEU E 73 3.55 -5.36 -9.36
C LEU E 73 2.63 -6.25 -8.53
N GLU E 74 3.04 -7.47 -8.24
CA GLU E 74 2.13 -8.35 -7.49
C GLU E 74 2.74 -8.68 -6.13
N PHE E 75 1.92 -8.53 -5.09
CA PHE E 75 2.32 -8.83 -3.70
C PHE E 75 1.24 -9.72 -3.10
N GLN E 76 1.63 -10.78 -2.39
CA GLN E 76 0.64 -11.63 -1.72
C GLN E 76 0.37 -10.93 -0.40
N LEU E 77 -0.89 -10.64 -0.11
CA LEU E 77 -1.23 -9.93 1.14
C LEU E 77 -1.17 -10.91 2.31
N LEU E 78 -0.96 -10.40 3.51
CA LEU E 78 -0.83 -11.26 4.71
C LEU E 78 -2.19 -11.86 5.06
N PRO E 79 -2.26 -12.98 5.80
CA PRO E 79 -3.54 -13.57 6.15
C PRO E 79 -4.36 -12.62 7.01
N TYR E 80 -5.68 -12.70 6.87
CA TYR E 80 -6.60 -11.78 7.56
C TYR E 80 -6.31 -11.80 9.07
N GLN E 81 -6.04 -10.61 9.57
CA GLN E 81 -5.69 -10.34 10.98
C GLN E 81 -6.56 -9.15 11.35
N LYS E 82 -7.25 -9.20 12.48
CA LYS E 82 -8.12 -8.05 12.77
C LYS E 82 -8.55 -7.99 14.22
N SER E 83 -9.16 -6.85 14.57
CA SER E 83 -9.67 -6.50 15.92
C SER E 83 -10.58 -5.30 15.70
N GLY E 84 -11.91 -5.41 15.80
CA GLY E 84 -12.69 -4.18 15.60
C GLY E 84 -13.30 -4.23 14.22
N LEU E 85 -13.85 -3.12 13.75
CA LEU E 85 -14.42 -3.03 12.38
C LEU E 85 -15.35 -4.20 12.04
N ARG E 86 -16.50 -4.27 12.71
CA ARG E 86 -17.50 -5.33 12.41
C ARG E 86 -17.80 -5.25 10.92
N ASN E 87 -17.51 -6.32 10.18
CA ASN E 87 -17.67 -6.38 8.71
C ASN E 87 -18.34 -7.70 8.35
N ASP E 88 -19.40 -7.64 7.55
CA ASP E 88 -20.14 -8.84 7.11
C ASP E 88 -20.02 -8.96 5.59
N ASP E 89 -19.13 -8.18 4.97
CA ASP E 89 -19.03 -8.19 3.50
C ASP E 89 -17.68 -8.71 3.03
N PRO E 90 -17.62 -9.65 2.06
CA PRO E 90 -16.35 -10.18 1.59
C PRO E 90 -15.43 -9.14 0.94
N PHE E 91 -15.98 -8.27 0.10
CA PHE E 91 -15.15 -7.25 -0.57
C PHE E 91 -14.59 -6.28 0.47
N PHE E 92 -15.42 -5.86 1.42
CA PHE E 92 -14.94 -4.94 2.48
C PHE E 92 -13.88 -5.64 3.32
N ILE E 93 -14.10 -6.93 3.62
CA ILE E 93 -13.13 -7.68 4.46
C ILE E 93 -11.78 -7.74 3.76
N GLN E 94 -11.75 -7.93 2.45
CA GLN E 94 -10.49 -7.95 1.66
C GLN E 94 -9.83 -6.58 1.72
N MET E 95 -10.61 -5.51 1.70
CA MET E 95 -10.06 -4.14 1.76
C MET E 95 -9.26 -3.99 3.06
N GLU E 96 -9.80 -4.48 4.17
CA GLU E 96 -9.12 -4.42 5.48
C GLU E 96 -7.81 -5.19 5.38
N THR E 97 -7.84 -6.36 4.75
CA THR E 97 -6.65 -7.22 4.59
C THR E 97 -5.58 -6.51 3.75
N ILE E 98 -5.97 -5.80 2.69
CA ILE E 98 -4.99 -5.06 1.86
C ILE E 98 -4.40 -3.92 2.70
N ALA E 99 -5.26 -3.20 3.42
CA ALA E 99 -4.86 -2.02 4.23
C ALA E 99 -3.89 -2.41 5.34
N THR E 100 -4.13 -3.53 6.02
CA THR E 100 -3.21 -3.95 7.10
C THR E 100 -1.85 -4.37 6.54
N SER E 101 -1.76 -4.80 5.27
CA SER E 101 -0.47 -5.23 4.66
C SER E 101 0.22 -4.14 3.82
N VAL E 102 -0.36 -2.96 3.61
CA VAL E 102 0.28 -1.94 2.70
C VAL E 102 1.62 -1.48 3.24
N HIS E 103 1.81 -1.44 4.56
CA HIS E 103 3.05 -0.98 5.23
C HIS E 103 4.24 -1.91 4.99
N LEU E 104 4.00 -3.14 4.55
CA LEU E 104 5.08 -4.12 4.26
C LEU E 104 5.62 -3.92 2.84
N LEU E 105 5.07 -2.99 2.07
CA LEU E 105 5.51 -2.75 0.68
C LEU E 105 6.56 -1.64 0.61
N ARG E 106 6.92 -1.05 1.74
CA ARG E 106 7.91 0.06 1.76
C ARG E 106 9.24 -0.45 1.23
N PRO E 107 9.71 -1.63 1.64
CA PRO E 107 10.97 -2.13 1.15
C PRO E 107 11.00 -2.32 -0.37
N LEU E 108 9.91 -2.86 -0.94
CA LEU E 108 9.84 -3.11 -2.40
C LEU E 108 9.82 -1.81 -3.20
N LEU E 109 9.00 -0.84 -2.80
CA LEU E 109 8.83 0.43 -3.55
C LEU E 109 10.14 1.20 -3.57
N SER E 110 10.89 1.15 -2.49
CA SER E 110 12.19 1.89 -2.39
C SER E 110 13.18 1.42 -3.45
N SER E 111 13.20 0.13 -3.78
CA SER E 111 14.22 -0.43 -4.70
C SER E 111 13.77 -0.58 -6.15
N LEU E 112 12.58 -0.11 -6.53
CA LEU E 112 12.09 -0.35 -7.92
C LEU E 112 13.07 0.26 -8.93
N SER E 113 13.34 -0.46 -10.03
CA SER E 113 14.37 -0.02 -11.01
C SER E 113 14.01 1.33 -11.63
N PRO E 114 12.79 1.54 -12.16
CA PRO E 114 12.38 2.86 -12.59
C PRO E 114 11.60 3.35 -11.36
N PRO E 115 12.16 4.24 -10.51
CA PRO E 115 11.50 4.68 -9.30
C PRO E 115 10.20 5.42 -9.59
N LEU E 116 9.21 5.27 -8.71
CA LEU E 116 7.90 5.91 -8.92
C LEU E 116 7.98 7.39 -8.56
N SER E 117 7.53 8.25 -9.47
CA SER E 117 7.42 9.70 -9.18
C SER E 117 6.27 9.88 -8.20
N ALA E 118 5.17 9.18 -8.45
CA ALA E 118 3.98 9.35 -7.60
C ALA E 118 3.14 8.08 -7.56
N ILE E 119 2.27 7.99 -6.58
CA ILE E 119 1.35 6.83 -6.45
C ILE E 119 -0.06 7.37 -6.53
N VAL E 120 -0.93 6.74 -7.30
CA VAL E 120 -2.36 7.15 -7.24
C VAL E 120 -3.01 6.05 -6.41
N SER E 121 -3.37 6.34 -5.17
CA SER E 121 -3.89 5.27 -4.31
C SER E 121 -5.41 5.19 -4.30
N ASP E 122 -5.93 4.07 -3.80
CA ASP E 122 -7.39 3.89 -3.64
C ASP E 122 -7.78 4.65 -2.37
N PHE E 123 -9.01 5.10 -2.30
CA PHE E 123 -9.40 5.94 -1.14
C PHE E 123 -9.17 5.18 0.15
N THR E 124 -9.57 3.91 0.20
CA THR E 124 -9.47 3.04 1.38
C THR E 124 -8.01 2.83 1.80
N LEU E 125 -7.11 2.75 0.83
CA LEU E 125 -5.67 2.53 1.14
C LEU E 125 -4.93 3.86 1.32
N THR E 126 -5.59 5.00 1.21
CA THR E 126 -4.85 6.28 1.28
C THR E 126 -4.13 6.48 2.61
N SER E 127 -4.75 6.17 3.75
CA SER E 127 -4.05 6.43 5.03
C SER E 127 -2.78 5.59 5.13
N GLN E 128 -2.90 4.29 4.89
CA GLN E 128 -1.73 3.41 5.00
C GLN E 128 -0.70 3.81 3.94
N VAL E 129 -1.15 4.08 2.73
CA VAL E 129 -0.22 4.47 1.62
C VAL E 129 0.46 5.81 1.93
N THR E 130 -0.25 6.73 2.57
CA THR E 130 0.36 8.05 2.87
C THR E 130 1.54 7.84 3.83
N ASP E 131 1.41 6.96 4.81
CA ASP E 131 2.50 6.67 5.77
C ASP E 131 3.65 6.00 5.02
N LEU E 132 3.31 5.13 4.08
CA LEU E 132 4.28 4.30 3.32
C LEU E 132 5.28 5.16 2.54
N VAL E 133 4.85 6.24 1.91
CA VAL E 133 5.76 7.07 1.06
C VAL E 133 6.21 8.31 1.83
N SER E 134 6.13 8.30 3.15
CA SER E 134 6.47 9.51 3.93
C SER E 134 7.91 9.95 3.70
N ASP E 135 8.86 9.02 3.80
CA ASP E 135 10.29 9.38 3.68
C ASP E 135 10.85 8.95 2.33
N LEU E 136 9.95 8.73 1.37
CA LEU E 136 10.33 8.37 -0.02
C LEU E 136 9.98 9.57 -0.88
N PRO E 137 10.68 9.86 -1.99
CA PRO E 137 10.31 10.99 -2.82
C PRO E 137 9.17 10.61 -3.78
N ILE E 138 7.96 10.40 -3.27
CA ILE E 138 6.80 9.97 -4.10
C ILE E 138 5.57 10.79 -3.72
N SER E 139 4.98 11.50 -4.68
CA SER E 139 3.75 12.28 -4.43
C SER E 139 2.61 11.30 -4.19
N THR E 140 1.69 11.62 -3.29
CA THR E 140 0.56 10.71 -3.03
C THR E 140 -0.71 11.33 -3.57
N TYR E 141 -1.42 10.60 -4.43
CA TYR E 141 -2.72 11.03 -4.99
C TYR E 141 -3.76 9.97 -4.68
N THR E 142 -5.03 10.33 -4.65
CA THR E 142 -6.07 9.34 -4.35
C THR E 142 -7.13 9.40 -5.45
N LEU E 143 -7.57 8.25 -5.93
CA LEU E 143 -8.66 8.25 -6.94
C LEU E 143 -9.94 7.90 -6.21
N MET E 144 -10.99 8.68 -6.44
CA MET E 144 -12.26 8.40 -5.74
C MET E 144 -13.18 7.69 -6.73
N THR E 145 -13.59 6.50 -6.36
CA THR E 145 -14.49 5.59 -7.12
C THR E 145 -15.91 6.13 -7.20
N SER E 146 -16.36 6.72 -6.11
CA SER E 146 -17.75 7.20 -5.91
C SER E 146 -17.97 8.60 -6.47
N SER E 147 -19.19 9.11 -6.29
CA SER E 147 -19.62 10.45 -6.75
C SER E 147 -19.07 11.54 -5.83
N ALA E 148 -19.00 12.77 -6.35
CA ALA E 148 -18.55 13.97 -5.62
C ALA E 148 -19.55 14.29 -4.49
N ALA E 149 -20.83 14.08 -4.74
CA ALA E 149 -21.89 14.33 -3.74
C ALA E 149 -21.66 13.45 -2.52
N PHE E 150 -21.27 12.19 -2.74
CA PHE E 150 -20.97 11.26 -1.62
C PHE E 150 -19.75 11.78 -0.85
N PHE E 151 -18.78 12.33 -1.58
CA PHE E 151 -17.54 12.89 -0.98
C PHE E 151 -17.91 14.04 -0.02
N CYS E 152 -18.89 14.84 -0.39
CA CYS E 152 -19.39 15.94 0.50
C CYS E 152 -19.92 15.33 1.80
N LEU E 153 -20.66 14.23 1.68
CA LEU E 153 -21.19 13.50 2.87
C LEU E 153 -20.01 12.93 3.65
N MET E 154 -19.00 12.42 2.97
CA MET E 154 -17.81 11.85 3.64
C MET E 154 -17.09 12.96 4.41
N ALA E 155 -16.94 14.12 3.79
CA ALA E 155 -16.22 15.23 4.44
C ALA E 155 -16.97 15.67 5.71
N TYR E 156 -18.29 15.71 5.63
CA TYR E 156 -19.20 16.15 6.72
C TYR E 156 -19.37 15.07 7.80
N LEU E 157 -18.86 13.85 7.60
CA LEU E 157 -19.14 12.74 8.55
C LEU E 157 -18.70 13.10 9.96
N PRO E 158 -17.52 13.70 10.20
CA PRO E 158 -17.16 14.05 11.56
C PRO E 158 -18.18 15.02 12.13
N LYS E 159 -18.55 16.05 11.36
CA LYS E 159 -19.56 17.05 11.83
C LYS E 159 -20.90 16.34 11.98
N LEU E 160 -21.21 15.44 11.04
CA LEU E 160 -22.48 14.66 11.06
C LEU E 160 -22.49 13.75 12.28
N LEU E 161 -21.37 13.09 12.57
CA LEU E 161 -21.33 12.17 13.74
C LEU E 161 -21.44 12.96 15.04
N GLN E 162 -20.71 14.08 15.16
CA GLN E 162 -20.68 14.92 16.40
C GLN E 162 -22.06 15.51 16.67
N ILE E 163 -22.65 16.19 15.69
CA ILE E 163 -24.01 16.78 15.85
C ILE E 163 -25.02 15.91 15.11
N ASP E 164 -25.24 14.70 15.62
CA ASP E 164 -26.19 13.74 15.00
C ASP E 164 -27.00 13.10 16.12
N VAL E 165 -27.09 13.81 17.25
CA VAL E 165 -27.79 13.36 18.49
C VAL E 165 -29.25 12.97 18.19
N ALA E 166 -29.84 13.56 17.15
CA ALA E 166 -31.28 13.32 16.91
C ALA E 166 -31.53 12.65 15.57
N ASN E 167 -32.46 11.70 15.57
CA ASN E 167 -32.89 10.97 14.35
C ASN E 167 -34.04 11.77 13.75
N ARG E 168 -33.76 12.85 13.00
CA ARG E 168 -34.90 13.62 12.42
C ARG E 168 -34.63 14.14 11.00
N ASP E 169 -35.43 13.69 10.02
CA ASP E 169 -35.37 14.21 8.61
C ASP E 169 -33.99 14.07 7.95
N ALA E 170 -33.43 15.21 7.51
CA ALA E 170 -32.13 15.26 6.79
C ALA E 170 -31.22 16.28 7.43
N ILE E 171 -29.92 16.16 7.12
CA ILE E 171 -28.85 17.07 7.60
C ILE E 171 -28.42 17.93 6.41
N GLU E 172 -28.33 19.24 6.59
CA GLU E 172 -27.96 20.13 5.47
C GLU E 172 -26.43 20.16 5.33
N ILE E 173 -25.88 19.56 4.27
CA ILE E 173 -24.41 19.61 4.02
C ILE E 173 -24.15 21.08 3.68
N PRO E 174 -23.03 21.70 4.06
CA PRO E 174 -22.89 23.14 3.90
C PRO E 174 -23.05 23.83 2.54
N ASP E 175 -22.51 23.33 1.45
CA ASP E 175 -22.66 24.14 0.20
C ASP E 175 -23.67 23.56 -0.80
N LEU E 176 -24.51 22.60 -0.41
CA LEU E 176 -25.53 22.09 -1.36
C LEU E 176 -26.80 21.66 -0.63
N GLY E 177 -27.81 21.21 -1.36
CA GLY E 177 -29.10 20.85 -0.74
C GLY E 177 -28.96 19.78 0.31
N PRO E 178 -29.74 19.83 1.41
CA PRO E 178 -29.65 18.86 2.47
C PRO E 178 -30.06 17.46 2.00
N ILE E 179 -29.37 16.44 2.52
CA ILE E 179 -29.62 15.02 2.17
C ILE E 179 -30.58 14.44 3.21
N SER E 180 -31.53 13.62 2.77
CA SER E 180 -32.49 12.97 3.70
C SER E 180 -31.73 12.02 4.61
N MET E 181 -32.20 11.82 5.84
CA MET E 181 -31.55 10.85 6.77
C MET E 181 -31.67 9.42 6.24
N SER E 182 -32.75 9.11 5.52
CA SER E 182 -32.96 7.77 4.91
C SER E 182 -31.82 7.47 3.94
N SER E 183 -31.36 8.46 3.17
CA SER E 183 -30.24 8.26 2.22
C SER E 183 -28.94 7.89 2.95
N ILE E 184 -28.60 8.53 4.06
CA ILE E 184 -27.32 8.16 4.72
C ILE E 184 -27.43 6.72 5.20
N PRO E 185 -26.46 5.83 4.91
CA PRO E 185 -26.50 4.44 5.36
C PRO E 185 -26.29 4.33 6.88
N PRO E 186 -27.02 3.44 7.58
CA PRO E 186 -26.90 3.28 9.03
C PRO E 186 -25.50 2.82 9.44
N LYS E 187 -24.86 2.02 8.59
CA LYS E 187 -23.48 1.54 8.84
C LYS E 187 -22.53 2.75 8.89
N MET E 188 -22.73 3.78 8.07
CA MET E 188 -21.82 4.94 8.08
C MET E 188 -21.84 5.59 9.46
N LEU E 189 -23.00 5.71 10.08
CA LEU E 189 -23.11 6.35 11.42
C LEU E 189 -22.53 5.49 12.54
N ASP E 190 -22.40 4.17 12.37
CA ASP E 190 -21.85 3.35 13.48
C ASP E 190 -20.33 3.32 13.39
N PRO E 191 -19.57 3.90 14.33
CA PRO E 191 -18.12 3.92 14.26
C PRO E 191 -17.46 2.53 14.33
N SER E 192 -18.12 1.59 15.00
CA SER E 192 -17.56 0.22 15.13
C SER E 192 -17.42 -0.46 13.76
N ASP E 193 -18.40 -0.30 12.87
CA ASP E 193 -18.41 -0.93 11.51
C ASP E 193 -17.28 -0.38 10.66
N PHE E 194 -16.73 -1.23 9.80
CA PHE E 194 -15.58 -0.96 8.89
C PHE E 194 -15.88 0.19 7.95
N PHE E 195 -17.12 0.29 7.47
CA PHE E 195 -17.45 1.33 6.47
C PHE E 195 -17.16 2.70 7.07
N SER E 196 -17.62 2.91 8.29
CA SER E 196 -17.39 4.19 9.01
C SER E 196 -15.93 4.40 9.38
N ALA E 197 -15.28 3.38 9.93
CA ALA E 197 -13.90 3.53 10.40
C ALA E 197 -12.98 3.85 9.23
N PHE E 198 -13.17 3.14 8.14
CA PHE E 198 -12.34 3.36 6.93
C PHE E 198 -12.63 4.74 6.32
N ILE E 199 -13.89 5.16 6.29
CA ILE E 199 -14.24 6.47 5.69
C ILE E 199 -13.58 7.58 6.51
N SER E 200 -13.71 7.49 7.83
CA SER E 200 -13.16 8.49 8.77
C SER E 200 -11.63 8.50 8.75
N SER E 201 -11.01 7.33 8.78
CA SER E 201 -9.53 7.24 8.82
C SER E 201 -8.88 7.83 7.58
N ASN E 202 -9.49 7.60 6.42
CA ASN E 202 -8.97 8.10 5.12
C ASN E 202 -9.18 9.61 4.91
N VAL E 203 -10.31 10.15 5.33
CA VAL E 203 -10.58 11.62 5.13
C VAL E 203 -9.57 12.44 5.93
N SER E 204 -9.20 11.97 7.11
CA SER E 204 -8.20 12.66 7.96
C SER E 204 -6.86 12.77 7.24
N SER E 205 -6.45 11.75 6.49
CA SER E 205 -5.13 11.77 5.80
C SER E 205 -5.21 12.30 4.36
N LEU E 206 -6.36 12.78 3.91
CA LEU E 206 -6.55 13.30 2.52
C LEU E 206 -5.72 14.58 2.30
N HIS E 207 -5.44 15.32 3.36
CA HIS E 207 -4.65 16.57 3.41
C HIS E 207 -3.18 16.32 3.07
N LYS E 208 -2.70 15.09 3.23
CA LYS E 208 -1.30 14.71 2.89
C LYS E 208 -1.23 14.31 1.41
N VAL E 209 -2.35 14.29 0.70
CA VAL E 209 -2.40 13.91 -0.74
C VAL E 209 -2.19 15.14 -1.62
N LYS E 210 -1.39 15.03 -2.69
CA LYS E 210 -1.14 16.17 -3.61
C LYS E 210 -2.44 16.53 -4.33
N GLY E 211 -3.23 15.54 -4.76
CA GLY E 211 -4.51 15.79 -5.45
C GLY E 211 -5.47 14.63 -5.26
N VAL E 212 -6.77 14.87 -5.37
CA VAL E 212 -7.79 13.80 -5.21
C VAL E 212 -8.53 13.65 -6.53
N LEU E 213 -8.41 12.50 -7.20
CA LEU E 213 -9.05 12.34 -8.52
C LEU E 213 -10.50 11.88 -8.37
N ILE E 214 -11.39 12.36 -9.23
CA ILE E 214 -12.84 12.01 -9.13
C ILE E 214 -13.32 11.56 -10.51
N ASN E 215 -14.39 10.76 -10.58
CA ASN E 215 -14.91 10.22 -11.86
C ASN E 215 -16.15 10.98 -12.30
N THR E 216 -16.28 12.24 -11.88
CA THR E 216 -17.42 13.06 -12.32
C THR E 216 -16.90 14.21 -13.17
N PHE E 217 -17.74 14.79 -14.01
CA PHE E 217 -17.33 15.98 -14.81
C PHE E 217 -17.90 17.23 -14.16
N ASN E 218 -17.41 18.40 -14.52
CA ASN E 218 -17.91 19.65 -13.89
C ASN E 218 -19.39 19.84 -14.21
N SER E 219 -19.82 19.50 -15.41
CA SER E 219 -21.25 19.62 -15.81
C SER E 219 -22.11 18.70 -14.95
N PHE E 220 -21.65 17.49 -14.69
CA PHE E 220 -22.46 16.50 -13.95
C PHE E 220 -22.70 16.93 -12.50
N GLU E 221 -21.68 17.37 -11.80
CA GLU E 221 -21.90 17.74 -10.39
C GLU E 221 -21.28 19.10 -10.10
N SER E 222 -21.84 20.16 -10.65
CA SER E 222 -21.26 21.50 -10.42
C SER E 222 -21.34 21.87 -8.94
N GLU E 223 -22.49 21.66 -8.31
CA GLU E 223 -22.63 22.02 -6.88
C GLU E 223 -21.74 21.14 -6.01
N ALA E 224 -21.75 19.83 -6.25
CA ALA E 224 -20.94 18.92 -5.41
C ALA E 224 -19.46 19.18 -5.60
N ILE E 225 -19.01 19.36 -6.84
CA ILE E 225 -17.57 19.62 -7.07
C ILE E 225 -17.19 20.95 -6.41
N GLU E 226 -18.00 21.98 -6.59
CA GLU E 226 -17.72 23.32 -6.00
C GLU E 226 -17.81 23.28 -4.47
N ALA E 227 -18.80 22.58 -3.91
CA ALA E 227 -18.98 22.54 -2.44
C ALA E 227 -17.77 21.95 -1.75
N VAL E 228 -17.23 20.86 -2.30
CA VAL E 228 -16.03 20.19 -1.72
C VAL E 228 -14.83 21.13 -1.80
N ARG E 229 -14.73 21.89 -2.89
CA ARG E 229 -13.55 22.78 -3.08
C ARG E 229 -13.51 23.83 -1.97
N ARG E 230 -14.66 24.36 -1.56
CA ARG E 230 -14.69 25.39 -0.50
C ARG E 230 -14.81 24.72 0.87
N ASN E 231 -14.92 23.39 0.93
CA ASN E 231 -15.13 22.69 2.22
C ASN E 231 -13.86 22.01 2.75
N GLY E 232 -12.70 22.43 2.24
CA GLY E 232 -11.38 21.96 2.71
C GLY E 232 -10.70 20.95 1.81
N VAL E 233 -11.46 20.27 0.96
CA VAL E 233 -10.79 19.37 -0.02
C VAL E 233 -10.63 20.22 -1.28
N ASP E 234 -9.66 21.15 -1.25
CA ASP E 234 -9.43 22.16 -2.31
C ASP E 234 -8.62 21.61 -3.47
N HIS E 235 -8.17 20.36 -3.38
CA HIS E 235 -7.32 19.76 -4.43
C HIS E 235 -8.12 18.81 -5.31
N ILE E 236 -9.46 18.84 -5.27
CA ILE E 236 -10.28 17.90 -6.08
C ILE E 236 -10.05 18.12 -7.56
N LEU E 237 -9.93 17.03 -8.31
CA LEU E 237 -9.72 17.14 -9.78
C LEU E 237 -10.72 16.22 -10.50
N PRO E 238 -11.76 16.75 -11.15
CA PRO E 238 -12.65 15.91 -11.93
C PRO E 238 -11.95 15.41 -13.22
N ILE E 239 -11.95 14.10 -13.47
CA ILE E 239 -11.35 13.53 -14.70
C ILE E 239 -12.37 12.67 -15.42
N GLY E 240 -13.57 12.54 -14.86
CA GLY E 240 -14.60 11.68 -15.46
C GLY E 240 -15.24 12.27 -16.69
N PRO E 241 -15.93 11.47 -17.53
CA PRO E 241 -16.02 10.03 -17.37
C PRO E 241 -14.78 9.23 -17.78
N LEU E 242 -14.46 8.16 -17.04
CA LEU E 242 -13.30 7.32 -17.40
C LEU E 242 -13.63 6.55 -18.67
N GLU E 243 -12.62 6.31 -19.51
CA GLU E 243 -12.77 5.61 -20.83
C GLU E 243 -12.41 4.12 -20.72
N SER E 244 -13.17 3.28 -21.41
CA SER E 244 -12.97 1.81 -21.40
C SER E 244 -11.62 1.47 -22.03
N TYR E 245 -11.00 0.40 -21.58
CA TYR E 245 -9.71 -0.03 -22.16
C TYR E 245 -9.93 -0.88 -23.42
N ASP E 246 -11.21 -0.94 -23.79
CA ASP E 246 -11.80 -1.54 -25.01
C ASP E 246 -11.15 -2.88 -25.34
N ALA E 247 -10.76 -3.63 -24.31
CA ALA E 247 -10.17 -4.96 -24.57
C ALA E 247 -11.27 -5.98 -24.30
N LYS E 248 -11.58 -6.80 -25.30
CA LYS E 248 -12.66 -7.80 -25.17
C LYS E 248 -12.62 -8.78 -26.34
N LYS E 249 -12.78 -10.07 -26.02
CA LYS E 249 -12.94 -11.17 -26.99
C LYS E 249 -14.35 -11.81 -26.98
N ALA E 250 -14.83 -12.30 -25.83
CA ALA E 250 -16.14 -13.00 -25.83
C ALA E 250 -17.28 -12.08 -26.31
N HIS E 251 -18.15 -12.62 -27.17
CA HIS E 251 -19.30 -11.87 -27.73
C HIS E 251 -20.61 -12.46 -27.22
N ASP E 252 -21.38 -11.67 -26.45
CA ASP E 252 -22.71 -12.13 -25.94
C ASP E 252 -23.75 -11.23 -26.62
N LEU E 253 -23.27 -10.49 -27.63
CA LEU E 253 -23.99 -9.45 -28.36
C LEU E 253 -25.17 -9.88 -29.22
N PRO E 254 -25.19 -11.14 -29.66
CA PRO E 254 -26.07 -11.57 -30.75
C PRO E 254 -27.56 -11.39 -30.52
N TRP E 255 -28.05 -11.66 -29.33
CA TRP E 255 -29.47 -11.53 -29.07
C TRP E 255 -29.93 -10.10 -29.27
N LEU E 256 -29.09 -9.17 -28.83
CA LEU E 256 -29.41 -7.76 -28.90
C LEU E 256 -29.60 -7.27 -30.33
N ASP E 257 -28.78 -7.78 -31.23
CA ASP E 257 -28.79 -7.36 -32.61
C ASP E 257 -30.15 -7.63 -33.20
N GLU E 258 -30.75 -8.72 -32.78
CA GLU E 258 -32.11 -9.07 -33.16
C GLU E 258 -33.13 -8.06 -32.66
N GLN E 259 -32.84 -7.45 -31.51
CA GLN E 259 -33.76 -6.49 -30.89
C GLN E 259 -33.88 -5.15 -31.59
N PRO E 260 -35.08 -4.58 -31.56
CA PRO E 260 -35.31 -3.24 -32.07
C PRO E 260 -34.66 -2.22 -31.15
N PRO E 261 -34.30 -1.05 -31.65
CA PRO E 261 -33.62 -0.07 -30.81
C PRO E 261 -34.49 0.45 -29.71
N GLU E 262 -33.95 0.48 -28.51
CA GLU E 262 -34.53 1.18 -27.39
C GLU E 262 -35.58 0.34 -26.70
N SER E 263 -35.94 -0.78 -27.31
CA SER E 263 -36.94 -1.66 -26.73
C SER E 263 -36.49 -2.32 -25.44
N VAL E 264 -35.23 -2.74 -25.43
CA VAL E 264 -34.68 -3.52 -24.35
C VAL E 264 -34.42 -2.71 -23.09
N LEU E 265 -34.72 -3.31 -21.95
CA LEU E 265 -34.43 -2.70 -20.67
C LEU E 265 -33.37 -3.52 -20.00
N PHE E 266 -32.29 -2.86 -19.60
CA PHE E 266 -31.15 -3.53 -19.03
C PHE E 266 -31.25 -3.46 -17.52
N VAL E 267 -31.17 -4.62 -16.86
CA VAL E 267 -31.16 -4.66 -15.41
C VAL E 267 -29.91 -5.33 -14.90
N SER E 268 -29.15 -4.61 -14.07
CA SER E 268 -28.00 -5.18 -13.42
C SER E 268 -27.77 -4.47 -12.11
N PHE E 269 -27.22 -5.16 -11.13
CA PHE E 269 -27.00 -4.58 -9.82
C PHE E 269 -25.55 -4.60 -9.42
N GLY E 270 -24.63 -4.44 -10.38
CA GLY E 270 -23.21 -4.34 -10.03
C GLY E 270 -22.48 -5.66 -9.94
N SER E 271 -21.21 -5.64 -9.54
CA SER E 271 -20.32 -6.82 -9.39
C SER E 271 -20.69 -7.73 -8.23
N ARG E 272 -21.03 -7.15 -7.08
CA ARG E 272 -21.22 -8.02 -5.89
C ARG E 272 -22.47 -7.65 -5.10
N THR E 273 -23.59 -7.48 -5.78
CA THR E 273 -24.85 -7.15 -5.07
C THR E 273 -25.86 -8.19 -5.52
N ALA E 274 -26.63 -8.72 -4.59
CA ALA E 274 -27.66 -9.74 -4.93
C ALA E 274 -28.99 -9.30 -4.33
N LEU E 275 -30.09 -9.77 -4.91
CA LEU E 275 -31.43 -9.41 -4.39
C LEU E 275 -31.93 -10.50 -3.45
N SER E 276 -33.06 -10.25 -2.80
CA SER E 276 -33.68 -11.25 -1.90
C SER E 276 -34.30 -12.38 -2.74
N LYS E 277 -34.49 -13.54 -2.13
CA LYS E 277 -35.15 -14.65 -2.87
C LYS E 277 -36.58 -14.21 -3.21
N GLU E 278 -37.26 -13.52 -2.30
CA GLU E 278 -38.60 -12.92 -2.58
C GLU E 278 -38.45 -11.80 -3.62
N GLN E 279 -37.39 -11.00 -3.55
CA GLN E 279 -37.17 -9.91 -4.54
C GLN E 279 -36.84 -10.46 -5.92
N ILE E 280 -36.03 -11.52 -6.01
CA ILE E 280 -35.72 -12.00 -7.38
C ILE E 280 -37.00 -12.46 -8.07
N ARG E 281 -37.90 -13.09 -7.34
CA ARG E 281 -39.16 -13.61 -7.93
C ARG E 281 -40.15 -12.46 -8.19
N GLU E 282 -40.10 -11.40 -7.40
CA GLU E 282 -41.00 -10.23 -7.57
C GLU E 282 -40.49 -9.35 -8.69
N LEU E 283 -39.17 -9.26 -8.84
CA LEU E 283 -38.58 -8.48 -9.94
C LEU E 283 -38.88 -9.19 -11.27
N GLY E 284 -38.74 -10.50 -11.28
CA GLY E 284 -39.04 -11.33 -12.46
C GLY E 284 -40.51 -11.23 -12.82
N ALA E 285 -41.37 -11.20 -11.81
CA ALA E 285 -42.83 -11.07 -12.01
C ALA E 285 -43.10 -9.74 -12.71
N ALA E 286 -42.44 -8.68 -12.27
CA ALA E 286 -42.59 -7.33 -12.85
C ALA E 286 -42.10 -7.29 -14.29
N LEU E 287 -40.99 -7.96 -14.59
CA LEU E 287 -40.46 -7.93 -15.97
C LEU E 287 -41.46 -8.56 -16.92
N GLU E 288 -42.10 -9.66 -16.52
CA GLU E 288 -43.13 -10.32 -17.35
C GLU E 288 -44.36 -9.42 -17.54
N LYS E 289 -44.82 -8.86 -16.43
CA LYS E 289 -46.06 -8.03 -16.33
C LYS E 289 -45.91 -6.76 -17.13
N SER E 290 -44.72 -6.17 -17.13
CA SER E 290 -44.47 -4.90 -17.84
C SER E 290 -44.71 -5.10 -19.33
N GLY E 291 -44.24 -6.21 -19.88
CA GLY E 291 -44.38 -6.49 -21.33
C GLY E 291 -43.21 -5.96 -22.11
N CYS E 292 -42.25 -5.34 -21.41
CA CYS E 292 -41.05 -4.73 -22.01
C CYS E 292 -40.07 -5.81 -22.45
N ARG E 293 -39.25 -5.51 -23.46
CA ARG E 293 -38.13 -6.40 -23.84
C ARG E 293 -37.06 -6.18 -22.78
N PHE E 294 -36.26 -7.18 -22.44
CA PHE E 294 -35.28 -6.89 -21.37
C PHE E 294 -34.06 -7.78 -21.44
N LEU E 295 -33.00 -7.35 -20.76
CA LEU E 295 -31.75 -8.12 -20.57
C LEU E 295 -31.52 -8.14 -19.07
N TRP E 296 -31.50 -9.33 -18.45
CA TRP E 296 -31.36 -9.44 -16.99
C TRP E 296 -30.03 -10.09 -16.63
N VAL E 297 -29.21 -9.42 -15.81
CA VAL E 297 -27.98 -10.12 -15.31
C VAL E 297 -28.35 -10.60 -13.92
N LEU E 298 -28.38 -11.92 -13.75
CA LEU E 298 -28.82 -12.54 -12.48
C LEU E 298 -27.59 -12.93 -11.67
N LYS E 299 -27.50 -12.37 -10.48
CA LYS E 299 -26.37 -12.62 -9.59
C LYS E 299 -27.00 -13.03 -8.28
N GLY E 300 -27.71 -14.15 -8.32
CA GLY E 300 -28.42 -14.71 -7.16
C GLY E 300 -27.50 -15.21 -6.05
N GLY E 301 -26.37 -15.81 -6.44
CA GLY E 301 -25.50 -16.42 -5.42
C GLY E 301 -25.03 -15.42 -4.39
N LYS E 302 -24.67 -14.22 -4.83
CA LYS E 302 -24.22 -13.23 -3.84
C LYS E 302 -23.06 -12.46 -4.43
N VAL E 303 -22.23 -11.88 -3.56
CA VAL E 303 -21.08 -11.07 -4.02
C VAL E 303 -20.06 -11.95 -4.76
N ASP E 304 -19.48 -12.93 -4.07
CA ASP E 304 -18.38 -13.70 -4.70
C ASP E 304 -18.91 -14.41 -5.94
N LYS E 305 -18.19 -14.33 -7.04
CA LYS E 305 -18.61 -14.96 -8.31
C LYS E 305 -18.40 -16.47 -8.21
N GLU E 306 -17.28 -16.86 -7.61
CA GLU E 306 -16.89 -18.27 -7.45
C GLU E 306 -17.93 -19.05 -6.63
N ASP E 307 -18.43 -18.48 -5.54
CA ASP E 307 -19.37 -19.28 -4.71
C ASP E 307 -20.77 -19.21 -5.30
N LYS E 308 -21.02 -18.25 -6.18
CA LYS E 308 -22.36 -18.11 -6.83
C LYS E 308 -22.36 -19.14 -7.95
N GLU E 309 -22.11 -20.40 -7.58
CA GLU E 309 -21.97 -21.53 -8.52
C GLU E 309 -23.33 -22.04 -9.01
N GLU E 310 -24.42 -21.35 -8.66
CA GLU E 310 -25.73 -21.84 -9.11
C GLU E 310 -25.94 -21.48 -10.58
N VAL E 311 -26.88 -22.16 -11.24
CA VAL E 311 -27.10 -21.92 -12.69
C VAL E 311 -28.59 -21.85 -13.02
N GLU E 312 -29.20 -20.68 -12.80
CA GLU E 312 -30.63 -20.41 -13.15
C GLU E 312 -31.62 -21.48 -12.71
N ASP E 313 -31.59 -21.79 -11.41
CA ASP E 313 -32.54 -22.69 -10.72
C ASP E 313 -33.23 -21.81 -9.67
N MET E 314 -33.05 -20.50 -9.84
CA MET E 314 -33.63 -19.39 -9.06
C MET E 314 -35.07 -19.15 -9.51
N LEU E 315 -35.31 -19.25 -10.82
CA LEU E 315 -36.63 -18.95 -11.43
C LEU E 315 -37.35 -20.22 -11.89
N GLY E 316 -36.63 -21.18 -12.44
CA GLY E 316 -37.26 -22.38 -12.94
C GLY E 316 -37.47 -22.30 -14.44
N ALA E 317 -37.66 -23.46 -15.05
CA ALA E 317 -37.85 -23.58 -16.50
C ALA E 317 -39.13 -22.90 -16.98
N SER E 318 -40.15 -22.96 -16.13
CA SER E 318 -41.47 -22.40 -16.50
C SER E 318 -41.32 -20.94 -16.93
N PHE E 319 -40.60 -20.16 -16.13
CA PHE E 319 -40.42 -18.70 -16.38
C PHE E 319 -39.63 -18.42 -17.65
N VAL E 320 -38.55 -19.15 -17.90
CA VAL E 320 -37.72 -18.86 -19.05
C VAL E 320 -38.53 -18.96 -20.33
N GLU E 321 -39.38 -19.97 -20.40
CA GLU E 321 -40.19 -20.21 -21.58
C GLU E 321 -41.14 -19.06 -21.85
N ARG E 322 -41.75 -18.54 -20.80
CA ARG E 322 -42.69 -17.43 -20.97
C ARG E 322 -41.99 -16.20 -21.51
N THR E 323 -40.79 -15.94 -21.00
CA THR E 323 -40.07 -14.71 -21.29
C THR E 323 -39.11 -14.75 -22.47
N LYS E 324 -38.91 -15.92 -23.05
CA LYS E 324 -37.85 -16.09 -24.04
C LYS E 324 -38.05 -15.18 -25.23
N LYS E 325 -39.29 -14.95 -25.61
CA LYS E 325 -39.55 -14.03 -26.71
C LYS E 325 -39.09 -12.63 -26.40
N LYS E 326 -39.40 -12.14 -25.21
CA LYS E 326 -39.07 -10.77 -24.86
C LYS E 326 -37.78 -10.54 -24.07
N GLY E 327 -37.16 -11.59 -23.55
CA GLY E 327 -36.01 -11.39 -22.69
C GLY E 327 -34.90 -12.42 -22.78
N LEU E 328 -33.69 -12.01 -22.41
CA LEU E 328 -32.59 -12.93 -22.25
C LEU E 328 -32.10 -12.78 -20.84
N ILE E 329 -31.96 -13.87 -20.11
CA ILE E 329 -31.46 -13.77 -18.77
C ILE E 329 -30.10 -14.39 -18.73
N VAL E 330 -29.12 -13.62 -18.30
CA VAL E 330 -27.76 -14.09 -18.30
C VAL E 330 -27.25 -14.13 -16.88
N LYS E 331 -26.69 -15.26 -16.47
CA LYS E 331 -26.04 -15.31 -15.20
C LYS E 331 -24.58 -15.43 -15.50
N GLY E 332 -23.81 -14.46 -15.04
CA GLY E 332 -22.38 -14.44 -15.27
C GLY E 332 -21.95 -13.01 -15.52
N TRP E 333 -20.67 -12.81 -15.78
CA TRP E 333 -20.16 -11.52 -16.14
C TRP E 333 -20.60 -11.13 -17.55
N VAL E 334 -21.05 -9.90 -17.69
CA VAL E 334 -21.50 -9.41 -18.98
C VAL E 334 -20.69 -8.18 -19.28
N LYS E 335 -20.51 -7.88 -20.55
CA LYS E 335 -19.74 -6.72 -20.94
C LYS E 335 -20.70 -5.56 -20.89
N GLN E 336 -20.79 -4.94 -19.72
CA GLN E 336 -21.77 -3.91 -19.46
C GLN E 336 -21.62 -2.65 -20.29
N GLU E 337 -20.40 -2.17 -20.41
CA GLU E 337 -20.16 -0.95 -21.15
C GLU E 337 -20.54 -1.09 -22.61
N GLN E 338 -20.25 -2.25 -23.19
CA GLN E 338 -20.69 -2.55 -24.54
C GLN E 338 -22.21 -2.67 -24.70
N ILE E 339 -22.87 -3.30 -23.75
CA ILE E 339 -24.30 -3.49 -23.83
C ILE E 339 -24.99 -2.15 -23.83
N LEU E 340 -24.50 -1.26 -22.97
CA LEU E 340 -25.08 0.05 -22.79
C LEU E 340 -24.95 0.88 -24.06
N ALA E 341 -23.85 0.71 -24.76
CA ALA E 341 -23.62 1.36 -26.03
C ALA E 341 -24.59 0.91 -27.10
N HIS E 342 -25.12 -0.29 -26.98
CA HIS E 342 -25.98 -0.86 -28.02
C HIS E 342 -27.26 -0.06 -28.24
N PRO E 343 -27.70 -0.03 -29.49
CA PRO E 343 -28.90 0.68 -29.91
C PRO E 343 -30.12 0.13 -29.20
N ALA E 344 -30.10 -1.16 -28.95
CA ALA E 344 -31.19 -1.89 -28.32
C ALA E 344 -31.54 -1.45 -26.91
N ILE E 345 -30.54 -1.12 -26.10
CA ILE E 345 -30.83 -0.77 -24.71
C ILE E 345 -31.29 0.67 -24.59
N GLY E 346 -32.54 0.85 -24.21
CA GLY E 346 -33.08 2.17 -23.97
C GLY E 346 -33.37 2.45 -22.52
N GLY E 347 -33.16 1.46 -21.66
CA GLY E 347 -33.42 1.64 -20.25
C GLY E 347 -32.32 0.96 -19.48
N PHE E 348 -32.08 1.42 -18.27
CA PHE E 348 -31.16 0.75 -17.37
C PHE E 348 -31.70 0.73 -15.96
N VAL E 349 -31.54 -0.38 -15.26
CA VAL E 349 -31.91 -0.44 -13.86
C VAL E 349 -30.65 -0.65 -13.07
N SER E 350 -30.39 0.23 -12.11
CA SER E 350 -29.09 0.27 -11.47
C SER E 350 -29.18 0.39 -9.98
N HIS E 351 -28.17 -0.13 -9.30
CA HIS E 351 -28.01 0.05 -7.87
C HIS E 351 -27.34 1.40 -7.70
N CYS E 352 -26.99 1.98 -8.84
CA CYS E 352 -26.35 3.27 -8.90
C CYS E 352 -25.02 3.34 -8.20
N GLY E 353 -24.26 2.27 -8.28
CA GLY E 353 -22.85 2.33 -7.95
C GLY E 353 -22.32 3.28 -8.99
N TRP E 354 -21.37 4.11 -8.65
CA TRP E 354 -21.04 5.24 -9.50
C TRP E 354 -20.54 4.87 -10.87
N ASN E 355 -19.72 3.84 -10.96
CA ASN E 355 -19.15 3.51 -12.25
C ASN E 355 -20.26 3.13 -13.20
N SER E 356 -21.30 2.43 -12.73
CA SER E 356 -22.43 2.13 -13.66
C SER E 356 -23.05 3.45 -13.98
N VAL E 357 -23.26 4.22 -12.92
CA VAL E 357 -23.93 5.49 -13.17
C VAL E 357 -23.25 6.38 -14.19
N ILE E 358 -21.93 6.47 -14.11
CA ILE E 358 -21.17 7.29 -15.03
C ILE E 358 -21.32 6.77 -16.44
N GLU E 359 -21.31 5.46 -16.57
CA GLU E 359 -21.47 4.81 -17.86
C GLU E 359 -22.83 5.08 -18.45
N ALA E 360 -23.86 5.06 -17.62
CA ALA E 360 -25.19 5.34 -18.11
C ALA E 360 -25.22 6.74 -18.67
N ALA E 361 -24.59 7.66 -17.93
CA ALA E 361 -24.53 9.05 -18.34
C ALA E 361 -23.76 9.29 -19.62
N ARG E 362 -22.61 8.64 -19.76
CA ARG E 362 -21.80 8.77 -20.96
C ARG E 362 -22.50 8.24 -22.20
N LEU E 363 -23.24 7.15 -22.04
CA LEU E 363 -23.94 6.52 -23.14
C LEU E 363 -25.41 6.90 -23.22
N GLY E 364 -25.85 7.77 -22.33
CA GLY E 364 -27.16 8.40 -22.45
C GLY E 364 -28.36 7.55 -22.15
N VAL E 365 -28.15 6.43 -21.49
CA VAL E 365 -29.24 5.54 -21.14
C VAL E 365 -30.09 6.10 -20.01
N PRO E 366 -31.40 6.05 -20.14
CA PRO E 366 -32.25 6.43 -19.02
C PRO E 366 -32.07 5.42 -17.92
N VAL E 367 -32.05 5.87 -16.68
CA VAL E 367 -31.74 5.01 -15.55
C VAL E 367 -32.90 4.93 -14.58
N LEU E 368 -33.19 3.73 -14.10
CA LEU E 368 -34.15 3.57 -13.02
C LEU E 368 -33.34 3.26 -11.77
N ALA E 369 -33.48 4.09 -10.76
CA ALA E 369 -32.59 4.04 -9.62
C ALA E 369 -33.10 3.14 -8.51
N TRP E 370 -32.24 2.24 -8.05
CA TRP E 370 -32.66 1.28 -7.01
C TRP E 370 -31.52 0.96 -6.06
N PRO E 371 -31.19 1.83 -5.10
CA PRO E 371 -30.16 1.53 -4.13
C PRO E 371 -30.49 0.35 -3.21
N GLN E 372 -29.47 -0.47 -2.93
CA GLN E 372 -29.45 -1.66 -2.03
C GLN E 372 -28.58 -1.40 -0.79
N HIS E 373 -27.39 -0.77 -0.91
CA HIS E 373 -26.41 -0.60 0.20
C HIS E 373 -25.30 0.44 -0.02
N GLY E 374 -25.06 1.32 0.93
CA GLY E 374 -24.01 2.34 1.00
C GLY E 374 -24.31 3.66 0.32
N ASP E 375 -23.44 4.07 -0.59
CA ASP E 375 -23.59 5.38 -1.25
C ASP E 375 -24.69 5.40 -2.30
N GLN E 376 -25.10 4.23 -2.78
CA GLN E 376 -26.09 4.07 -3.85
C GLN E 376 -27.26 5.06 -3.71
N SER E 377 -27.77 5.29 -2.50
CA SER E 377 -28.93 6.19 -2.35
C SER E 377 -28.61 7.62 -2.74
N VAL E 378 -27.47 8.16 -2.31
CA VAL E 378 -27.12 9.52 -2.66
C VAL E 378 -26.89 9.64 -4.15
N ASN E 379 -26.16 8.68 -4.68
CA ASN E 379 -25.82 8.66 -6.08
C ASN E 379 -27.11 8.57 -6.86
N ALA E 380 -28.07 7.87 -6.30
CA ALA E 380 -29.38 7.76 -6.91
C ALA E 380 -29.94 9.14 -6.98
N GLY E 381 -29.71 9.93 -5.96
CA GLY E 381 -30.18 11.30 -5.97
C GLY E 381 -29.53 12.10 -7.07
N VAL E 382 -28.23 11.92 -7.25
CA VAL E 382 -27.54 12.68 -8.28
C VAL E 382 -28.14 12.31 -9.60
N VAL E 383 -28.42 11.03 -9.76
CA VAL E 383 -28.94 10.54 -11.02
C VAL E 383 -30.27 11.19 -11.31
N GLU E 384 -31.11 11.33 -10.30
CA GLU E 384 -32.39 12.03 -10.45
C GLU E 384 -32.23 13.50 -10.73
N LYS E 385 -31.26 14.13 -10.08
CA LYS E 385 -31.05 15.56 -10.19
C LYS E 385 -30.71 15.97 -11.60
N ALA E 386 -29.89 15.17 -12.27
CA ALA E 386 -29.39 15.53 -13.59
C ALA E 386 -30.31 15.13 -14.73
N GLY E 387 -31.40 14.47 -14.37
CA GLY E 387 -32.39 13.99 -15.35
C GLY E 387 -32.01 12.64 -15.90
N LEU E 388 -30.86 12.13 -15.53
CA LEU E 388 -30.37 10.83 -15.98
C LEU E 388 -31.37 9.71 -15.82
N GLY E 389 -32.13 9.73 -14.74
CA GLY E 389 -33.02 8.63 -14.41
C GLY E 389 -34.11 9.01 -13.43
N LEU E 390 -35.06 8.11 -13.23
CA LEU E 390 -36.11 8.32 -12.25
C LEU E 390 -35.82 7.55 -10.97
N TRP E 391 -35.99 8.21 -9.83
CA TRP E 391 -35.74 7.58 -8.56
C TRP E 391 -36.97 7.61 -7.69
N VAL E 392 -37.30 6.48 -7.09
CA VAL E 392 -38.41 6.44 -6.16
C VAL E 392 -37.85 6.34 -4.74
N ARG E 393 -37.93 7.44 -4.01
CA ARG E 393 -37.41 7.50 -2.64
C ARG E 393 -38.17 6.58 -1.70
N GLU E 394 -39.47 6.46 -1.92
CA GLU E 394 -40.33 5.68 -1.05
C GLU E 394 -39.90 4.23 -1.02
N TRP E 395 -39.31 3.76 -2.12
CA TRP E 395 -38.83 2.38 -2.20
C TRP E 395 -37.77 2.15 -1.12
N GLY E 396 -37.03 3.19 -0.81
CA GLY E 396 -36.01 3.16 0.21
C GLY E 396 -34.87 2.21 -0.07
N TRP E 397 -34.52 1.38 0.92
CA TRP E 397 -33.33 0.58 0.82
C TRP E 397 -33.65 -0.81 0.31
N GLY E 398 -33.03 -1.18 -0.79
CA GLY E 398 -33.13 -2.54 -1.27
C GLY E 398 -32.36 -3.33 -0.25
N GLN E 399 -32.82 -4.53 0.04
CA GLN E 399 -32.11 -5.37 0.99
C GLN E 399 -32.58 -5.03 2.39
N THR E 400 -33.29 -3.91 2.50
CA THR E 400 -34.01 -3.57 3.71
C THR E 400 -35.46 -3.46 3.36
N LYS E 401 -35.78 -3.51 2.07
CA LYS E 401 -37.15 -3.33 1.64
C LYS E 401 -37.53 -4.27 0.51
N LEU E 402 -38.82 -4.54 0.40
CA LEU E 402 -39.32 -5.40 -0.66
C LEU E 402 -40.35 -4.66 -1.49
N ILE E 403 -40.21 -4.70 -2.80
CA ILE E 403 -41.17 -4.07 -3.67
C ILE E 403 -41.90 -5.08 -4.55
N GLY E 404 -43.21 -4.96 -4.57
CA GLY E 404 -44.07 -5.89 -5.27
C GLY E 404 -44.05 -5.71 -6.78
N ARG E 405 -44.60 -6.69 -7.48
CA ARG E 405 -44.59 -6.65 -8.93
C ARG E 405 -45.33 -5.44 -9.46
N GLU E 406 -46.46 -5.11 -8.86
CA GLU E 406 -47.26 -4.04 -9.41
C GLU E 406 -46.48 -2.76 -9.38
N GLU E 407 -45.83 -2.50 -8.24
CA GLU E 407 -45.06 -1.28 -8.09
C GLU E 407 -43.86 -1.25 -9.03
N ILE E 408 -43.16 -2.36 -9.13
CA ILE E 408 -41.98 -2.43 -9.97
C ILE E 408 -42.29 -2.28 -11.44
N ALA E 409 -43.35 -2.94 -11.89
CA ALA E 409 -43.69 -2.95 -13.30
C ALA E 409 -44.04 -1.57 -13.81
N GLU E 410 -44.81 -0.83 -13.02
CA GLU E 410 -45.26 0.47 -13.45
C GLU E 410 -44.09 1.39 -13.66
N LYS E 411 -43.13 1.33 -12.75
CA LYS E 411 -41.91 2.11 -12.86
C LYS E 411 -41.12 1.70 -14.07
N MET E 412 -41.08 0.40 -14.33
CA MET E 412 -40.35 -0.09 -15.48
C MET E 412 -40.99 0.46 -16.74
N ILE E 413 -42.31 0.45 -16.77
CA ILE E 413 -43.02 1.02 -17.90
C ILE E 413 -42.76 2.50 -18.03
N GLU E 414 -42.78 3.19 -16.89
CA GLU E 414 -42.67 4.62 -16.90
C GLU E 414 -41.33 5.09 -17.42
N VAL E 415 -40.26 4.46 -17.02
CA VAL E 415 -38.93 4.84 -17.48
C VAL E 415 -38.72 4.63 -18.97
N MET E 416 -39.26 3.54 -19.47
CA MET E 416 -39.11 3.18 -20.87
C MET E 416 -39.76 4.23 -21.75
N GLN E 417 -40.88 4.79 -21.28
CA GLN E 417 -41.67 5.71 -22.13
C GLN E 417 -41.50 7.18 -21.76
N ASP E 418 -40.66 7.54 -20.79
CA ASP E 418 -40.48 8.98 -20.52
C ASP E 418 -39.65 9.52 -21.68
N GLU E 419 -40.23 10.38 -22.51
CA GLU E 419 -39.46 10.94 -23.65
C GLU E 419 -38.64 12.09 -23.09
N LYS E 420 -39.16 12.74 -22.07
CA LYS E 420 -38.42 13.82 -21.47
C LYS E 420 -37.10 13.28 -20.93
N LEU E 421 -37.15 12.12 -20.29
CA LEU E 421 -35.96 11.48 -19.79
C LEU E 421 -35.00 11.12 -20.91
N ARG E 422 -35.53 10.56 -21.98
CA ARG E 422 -34.70 10.14 -23.10
C ARG E 422 -34.03 11.36 -23.70
N VAL E 423 -34.78 12.44 -23.84
CA VAL E 423 -34.21 13.72 -24.25
C VAL E 423 -33.26 14.29 -23.21
N SER E 424 -33.67 14.23 -21.94
CA SER E 424 -32.83 14.73 -20.85
C SER E 424 -31.55 13.94 -20.69
N ALA E 425 -31.66 12.63 -20.82
CA ALA E 425 -30.53 11.74 -20.63
C ALA E 425 -29.48 12.03 -21.67
N GLY E 426 -29.93 12.30 -22.88
CA GLY E 426 -29.03 12.57 -23.99
C GLY E 426 -28.20 13.80 -23.71
N GLU E 427 -28.81 14.81 -23.11
CA GLU E 427 -28.13 16.06 -22.85
C GLU E 427 -26.94 15.84 -21.96
N VAL E 428 -27.09 14.99 -20.96
CA VAL E 428 -25.96 14.62 -20.12
C VAL E 428 -24.95 13.91 -21.00
N ARG E 429 -25.43 13.11 -21.93
CA ARG E 429 -24.57 12.33 -22.77
C ARG E 429 -23.66 13.24 -23.56
N ALA E 430 -24.22 14.33 -24.04
CA ALA E 430 -23.44 15.31 -24.78
C ALA E 430 -22.38 15.98 -23.93
N LYS E 431 -22.76 16.33 -22.71
CA LYS E 431 -21.89 17.02 -21.79
C LYS E 431 -20.68 16.18 -21.41
N ALA E 432 -20.90 14.88 -21.26
CA ALA E 432 -19.83 13.94 -21.00
C ALA E 432 -18.87 13.91 -22.18
N LYS E 433 -19.38 14.01 -23.39
CA LYS E 433 -18.51 14.10 -24.54
C LYS E 433 -17.66 15.35 -24.54
N GLU E 434 -18.24 16.48 -24.17
CA GLU E 434 -17.51 17.72 -24.29
C GLU E 434 -16.30 17.71 -23.41
N THR E 435 -16.47 17.19 -22.20
CA THR E 435 -15.42 17.19 -21.20
C THR E 435 -14.22 16.37 -21.64
N ARG E 436 -14.45 15.26 -22.32
CA ARG E 436 -13.37 14.48 -22.89
C ARG E 436 -12.60 15.20 -23.99
N GLU E 437 -13.25 16.13 -24.66
CA GLU E 437 -12.63 16.86 -25.76
C GLU E 437 -11.51 17.76 -25.25
N VAL E 438 -10.59 18.14 -26.11
CA VAL E 438 -9.40 18.84 -25.66
C VAL E 438 -9.74 20.14 -24.97
N ASP E 439 -10.73 20.84 -25.49
CA ASP E 439 -11.26 22.02 -24.85
C ASP E 439 -11.92 21.67 -23.52
N GLY E 440 -12.61 20.54 -23.50
CA GLY E 440 -13.45 20.15 -22.37
C GLY E 440 -12.68 19.98 -21.09
N ASP E 441 -13.29 20.33 -19.97
CA ASP E 441 -12.55 20.50 -18.74
C ASP E 441 -11.87 19.24 -18.26
N SER E 442 -12.56 18.12 -18.31
CA SER E 442 -12.02 16.90 -17.72
C SER E 442 -10.74 16.41 -18.38
N GLU E 443 -10.69 16.39 -19.70
CA GLU E 443 -9.45 16.02 -20.38
C GLU E 443 -8.39 17.05 -20.13
N ALA E 444 -8.79 18.31 -20.13
CA ALA E 444 -7.84 19.38 -19.94
C ALA E 444 -7.19 19.26 -18.58
N LEU E 445 -7.98 18.93 -17.56
CA LEU E 445 -7.43 18.80 -16.23
C LEU E 445 -6.42 17.68 -16.15
N LEU E 446 -6.73 16.55 -16.77
CA LEU E 446 -5.81 15.43 -16.78
C LEU E 446 -4.54 15.81 -17.51
N GLN E 447 -4.69 16.51 -18.62
CA GLN E 447 -3.56 16.97 -19.38
C GLN E 447 -2.78 17.92 -18.49
N ARG E 448 -3.50 18.73 -17.75
CA ARG E 448 -2.87 19.63 -16.80
C ARG E 448 -2.15 18.80 -15.76
N LEU E 449 -2.80 17.76 -15.26
CA LEU E 449 -2.24 16.91 -14.22
C LEU E 449 -1.00 16.17 -14.66
N ILE E 450 -1.05 15.66 -15.89
CA ILE E 450 0.01 14.82 -16.40
C ILE E 450 1.33 15.58 -16.45
N HIS E 451 1.26 16.84 -16.86
CA HIS E 451 2.44 17.67 -16.96
C HIS E 451 3.03 17.77 -15.57
N SER E 452 2.14 17.89 -14.59
CA SER E 452 2.55 18.10 -13.23
C SER E 452 3.39 16.93 -12.84
N PHE E 453 3.00 15.76 -13.31
CA PHE E 453 3.65 14.55 -12.87
C PHE E 453 5.12 14.63 -13.22
N ASN E 454 5.45 15.20 -14.38
CA ASN E 454 6.86 15.30 -14.72
C ASN E 454 7.49 16.31 -13.77
N ASN E 455 8.53 15.88 -13.07
CA ASN E 455 9.15 16.64 -12.00
C ASN E 455 10.63 16.86 -12.25
N ASN F 10 -7.77 -44.80 -14.80
CA ASN F 10 -8.73 -43.96 -14.05
C ASN F 10 -8.55 -44.28 -12.56
N VAL F 11 -8.53 -45.57 -12.20
CA VAL F 11 -8.33 -45.98 -10.77
C VAL F 11 -6.83 -46.16 -10.54
N GLY F 12 -6.07 -45.08 -10.65
CA GLY F 12 -4.61 -45.07 -10.49
C GLY F 12 -4.12 -43.65 -10.36
N ALA F 13 -3.20 -43.40 -9.44
CA ALA F 13 -2.70 -42.06 -9.18
C ALA F 13 -2.02 -41.58 -10.44
N HIS F 14 -2.28 -40.34 -10.81
CA HIS F 14 -1.57 -39.72 -11.90
C HIS F 14 -0.86 -38.48 -11.38
N ILE F 15 0.45 -38.45 -11.54
CA ILE F 15 1.26 -37.38 -10.98
C ILE F 15 1.95 -36.63 -12.09
N ALA F 16 1.86 -35.31 -12.04
CA ALA F 16 2.50 -34.46 -13.03
C ALA F 16 3.61 -33.68 -12.38
N LEU F 17 4.75 -33.62 -13.05
CA LEU F 17 5.90 -32.88 -12.54
C LEU F 17 6.17 -31.67 -13.41
N PHE F 18 6.32 -30.51 -12.77
CA PHE F 18 6.50 -29.24 -13.52
C PHE F 18 7.80 -28.58 -13.10
N PRO F 19 8.90 -28.79 -13.85
CA PRO F 19 10.18 -28.16 -13.55
C PRO F 19 10.33 -26.73 -14.09
N CYS F 20 11.33 -26.01 -13.61
CA CYS F 20 11.59 -24.64 -14.12
C CYS F 20 12.85 -24.66 -14.98
N ALA F 21 13.33 -23.50 -15.37
CA ALA F 21 14.46 -23.38 -16.26
C ALA F 21 15.76 -23.80 -15.61
N GLY F 22 16.63 -24.41 -16.39
CA GLY F 22 17.95 -24.72 -15.94
C GLY F 22 18.14 -26.18 -15.68
N MET F 23 19.38 -26.62 -15.80
CA MET F 23 19.71 -28.02 -15.59
C MET F 23 19.47 -28.39 -14.15
N GLY F 24 19.83 -27.48 -13.24
CA GLY F 24 19.71 -27.73 -11.83
C GLY F 24 18.29 -27.95 -11.39
N HIS F 25 17.38 -27.20 -11.99
CA HIS F 25 15.93 -27.35 -11.64
C HIS F 25 15.30 -28.45 -12.47
N LEU F 26 15.83 -28.79 -13.64
CA LEU F 26 15.17 -29.83 -14.45
C LEU F 26 15.55 -31.22 -13.96
N LEU F 27 16.84 -31.42 -13.73
CA LEU F 27 17.40 -32.73 -13.41
C LEU F 27 16.88 -33.40 -12.15
N PRO F 28 16.69 -32.62 -11.12
CA PRO F 28 16.11 -33.10 -9.87
C PRO F 28 14.70 -33.56 -10.14
N PHE F 29 13.99 -32.79 -10.94
CA PHE F 29 12.66 -33.17 -11.38
C PHE F 29 12.63 -34.39 -12.28
N LEU F 30 13.53 -34.47 -13.23
CA LEU F 30 13.57 -35.65 -14.08
C LEU F 30 13.89 -36.85 -13.25
N ARG F 31 14.84 -36.72 -12.33
CA ARG F 31 15.26 -37.86 -11.55
C ARG F 31 14.13 -38.37 -10.69
N LEU F 32 13.41 -37.45 -10.05
CA LEU F 32 12.31 -37.90 -9.22
C LEU F 32 11.29 -38.57 -10.10
N ALA F 33 11.06 -38.02 -11.28
CA ALA F 33 10.01 -38.54 -12.12
C ALA F 33 10.32 -39.97 -12.46
N ALA F 34 11.59 -40.25 -12.71
CA ALA F 34 12.07 -41.61 -12.92
C ALA F 34 11.92 -42.47 -11.68
N MET F 35 12.22 -41.90 -10.52
CA MET F 35 12.10 -42.62 -9.27
C MET F 35 10.66 -43.02 -9.00
N LEU F 36 9.73 -42.11 -9.25
CA LEU F 36 8.32 -42.37 -9.04
C LEU F 36 7.81 -43.46 -9.95
N ASP F 37 8.28 -43.46 -11.19
CA ASP F 37 7.89 -44.42 -12.21
C ASP F 37 8.27 -45.84 -11.82
N ALA F 38 9.41 -45.98 -11.19
CA ALA F 38 9.88 -47.27 -10.70
C ALA F 38 8.92 -47.84 -9.66
N ARG F 39 8.34 -46.97 -8.86
CA ARG F 39 7.52 -47.36 -7.73
C ARG F 39 6.04 -47.44 -8.08
N GLY F 40 5.75 -47.52 -9.36
CA GLY F 40 4.41 -47.78 -9.85
C GLY F 40 3.48 -46.61 -10.11
N CYS F 41 3.99 -45.40 -9.94
CA CYS F 41 3.22 -44.20 -10.25
C CYS F 41 3.09 -44.04 -11.74
N ALA F 42 2.05 -43.34 -12.18
CA ALA F 42 1.94 -42.97 -13.58
C ALA F 42 2.34 -41.53 -13.69
N VAL F 43 3.36 -41.25 -14.48
CA VAL F 43 3.98 -39.93 -14.48
C VAL F 43 3.87 -39.21 -15.80
N THR F 44 3.59 -37.92 -15.70
CA THR F 44 3.57 -37.00 -16.82
C THR F 44 4.50 -35.85 -16.49
N VAL F 45 5.31 -35.44 -17.45
CA VAL F 45 6.19 -34.31 -17.23
C VAL F 45 5.75 -33.14 -18.09
N ILE F 46 5.65 -31.97 -17.47
CA ILE F 46 5.29 -30.76 -18.18
C ILE F 46 6.55 -30.03 -18.56
N THR F 47 6.72 -29.82 -19.85
CA THR F 47 7.90 -29.21 -20.39
C THR F 47 7.48 -28.08 -21.28
N VAL F 48 8.27 -27.01 -21.27
CA VAL F 48 8.00 -25.82 -22.13
C VAL F 48 9.13 -25.72 -23.15
N LYS F 49 8.78 -25.42 -24.39
CA LYS F 49 9.75 -25.24 -25.49
C LYS F 49 9.59 -23.79 -25.95
N PRO F 50 10.66 -23.08 -26.33
CA PRO F 50 12.01 -23.61 -26.34
C PRO F 50 12.77 -23.51 -25.01
N THR F 51 13.71 -24.42 -24.83
CA THR F 51 14.61 -24.43 -23.69
C THR F 51 15.60 -23.27 -23.79
N VAL F 52 16.07 -22.78 -22.66
CA VAL F 52 17.08 -21.75 -22.65
C VAL F 52 18.36 -22.26 -23.25
N SER F 53 18.66 -23.51 -22.97
CA SER F 53 19.93 -24.09 -23.35
C SER F 53 19.75 -25.38 -24.09
N ALA F 54 20.75 -25.77 -24.84
CA ALA F 54 20.69 -27.01 -25.58
C ALA F 54 20.57 -28.19 -24.66
N ALA F 55 21.27 -28.16 -23.55
CA ALA F 55 21.38 -29.33 -22.71
C ALA F 55 20.03 -29.79 -22.21
N GLU F 56 19.18 -28.86 -21.80
CA GLU F 56 17.87 -29.22 -21.31
C GLU F 56 17.04 -29.86 -22.39
N SER F 57 17.16 -29.34 -23.60
CA SER F 57 16.45 -29.90 -24.73
C SER F 57 16.95 -31.31 -24.97
N ASP F 58 18.26 -31.45 -24.89
CA ASP F 58 18.92 -32.71 -25.20
C ASP F 58 18.54 -33.80 -24.23
N HIS F 59 18.48 -33.46 -22.96
CA HIS F 59 18.10 -34.41 -21.93
C HIS F 59 16.67 -34.87 -22.03
N LEU F 60 15.78 -33.94 -22.32
CA LEU F 60 14.36 -34.24 -22.40
C LEU F 60 14.04 -35.22 -23.50
N SER F 61 14.60 -35.00 -24.68
CA SER F 61 14.40 -35.94 -25.75
C SER F 61 15.02 -37.26 -25.39
N ALA F 62 16.23 -37.21 -24.85
CA ALA F 62 16.93 -38.40 -24.42
C ALA F 62 16.27 -39.09 -23.25
N PHE F 63 15.83 -38.31 -22.28
CA PHE F 63 15.28 -38.88 -21.06
C PHE F 63 14.03 -39.69 -21.37
N PHE F 64 13.18 -39.12 -22.20
CA PHE F 64 11.93 -39.75 -22.61
C PHE F 64 12.14 -40.98 -23.46
N THR F 65 13.25 -41.02 -24.15
CA THR F 65 13.65 -42.22 -24.85
C THR F 65 13.96 -43.32 -23.87
N ILE F 66 14.65 -42.97 -22.79
CA ILE F 66 14.98 -43.94 -21.74
C ILE F 66 13.77 -44.44 -20.99
N HIS F 67 12.83 -43.56 -20.68
CA HIS F 67 11.62 -43.94 -19.98
C HIS F 67 10.40 -43.66 -20.82
N PRO F 68 10.03 -44.61 -21.64
CA PRO F 68 8.93 -44.50 -22.60
C PRO F 68 7.57 -44.31 -21.97
N ARG F 69 7.35 -44.96 -20.84
CA ARG F 69 6.08 -44.93 -20.15
C ARG F 69 5.65 -43.57 -19.64
N ILE F 70 6.59 -42.77 -19.15
CA ILE F 70 6.25 -41.45 -18.66
C ILE F 70 5.80 -40.56 -19.79
N THR F 71 4.67 -39.88 -19.61
CA THR F 71 4.14 -38.96 -20.60
C THR F 71 4.95 -37.68 -20.62
N ARG F 72 5.15 -37.10 -21.81
CA ARG F 72 5.77 -35.80 -21.93
C ARG F 72 4.73 -34.82 -22.37
N LEU F 73 4.44 -33.84 -21.53
CA LEU F 73 3.41 -32.86 -21.86
C LEU F 73 4.10 -31.53 -22.06
N GLU F 74 3.98 -30.97 -23.24
CA GLU F 74 4.80 -29.86 -23.64
C GLU F 74 4.01 -28.64 -24.01
N PHE F 75 4.52 -27.49 -23.62
CA PHE F 75 3.86 -26.22 -23.85
C PHE F 75 4.76 -25.20 -24.51
N GLN F 76 4.14 -24.26 -25.19
CA GLN F 76 4.84 -23.17 -25.83
C GLN F 76 5.16 -22.02 -24.89
N LEU F 77 6.34 -21.46 -25.04
CA LEU F 77 6.78 -20.35 -24.22
C LEU F 77 6.24 -19.08 -24.80
N LEU F 78 5.41 -18.40 -24.03
CA LEU F 78 4.84 -17.12 -24.40
C LEU F 78 5.83 -16.02 -24.14
N PRO F 79 5.53 -14.83 -24.65
CA PRO F 79 6.44 -13.69 -24.53
C PRO F 79 6.58 -13.21 -23.10
N TYR F 80 7.74 -12.64 -22.81
CA TYR F 80 8.08 -12.11 -21.50
C TYR F 80 7.22 -10.92 -21.17
N GLN F 81 6.96 -10.73 -19.89
CA GLN F 81 6.03 -9.71 -19.45
C GLN F 81 6.66 -8.78 -18.42
N LYS F 82 6.12 -7.58 -18.32
CA LYS F 82 6.62 -6.58 -17.34
C LYS F 82 5.91 -6.79 -16.00
N SER F 83 6.56 -7.53 -15.11
CA SER F 83 5.99 -7.80 -13.77
C SER F 83 6.94 -7.14 -12.76
N GLY F 84 7.76 -6.23 -13.28
CA GLY F 84 8.63 -5.32 -12.50
C GLY F 84 9.90 -5.88 -11.91
N LEU F 85 10.35 -7.06 -12.31
CA LEU F 85 11.58 -7.63 -11.69
C LEU F 85 12.89 -7.12 -12.32
N ARG F 86 14.00 -7.18 -11.57
CA ARG F 86 15.32 -6.63 -11.98
C ARG F 86 16.28 -7.67 -12.52
N ASN F 87 15.76 -8.83 -12.88
CA ASN F 87 16.54 -9.98 -13.40
C ASN F 87 17.33 -9.60 -14.64
N ASP F 88 18.63 -9.93 -14.67
CA ASP F 88 19.49 -9.76 -15.87
C ASP F 88 19.97 -11.15 -16.31
N ASP F 89 19.40 -12.21 -15.73
CA ASP F 89 19.84 -13.60 -16.00
C ASP F 89 18.94 -14.27 -17.01
N PRO F 90 19.48 -15.08 -17.95
CA PRO F 90 18.67 -15.77 -18.91
C PRO F 90 17.80 -16.90 -18.33
N PHE F 91 18.32 -17.66 -17.37
CA PHE F 91 17.57 -18.80 -16.76
C PHE F 91 16.48 -18.29 -15.83
N PHE F 92 16.76 -17.23 -15.10
CA PHE F 92 15.77 -16.63 -14.22
C PHE F 92 14.64 -15.96 -15.00
N ILE F 93 15.01 -15.33 -16.10
CA ILE F 93 14.03 -14.66 -16.95
C ILE F 93 13.03 -15.62 -17.56
N GLN F 94 13.49 -16.79 -17.99
CA GLN F 94 12.59 -17.83 -18.48
C GLN F 94 11.69 -18.33 -17.36
N MET F 95 12.24 -18.41 -16.16
CA MET F 95 11.49 -18.86 -15.02
C MET F 95 10.35 -17.89 -14.90
N GLU F 96 10.66 -16.61 -15.07
CA GLU F 96 9.65 -15.58 -15.00
C GLU F 96 8.63 -15.76 -16.08
N THR F 97 9.11 -16.03 -17.29
CA THR F 97 8.28 -16.14 -18.47
C THR F 97 7.31 -17.31 -18.46
N ILE F 98 7.75 -18.44 -17.96
CA ILE F 98 6.87 -19.59 -17.81
C ILE F 98 5.75 -19.29 -16.83
N ALA F 99 6.09 -18.67 -15.73
CA ALA F 99 5.16 -18.45 -14.63
C ALA F 99 3.98 -17.57 -15.01
N THR F 100 4.25 -16.54 -15.80
CA THR F 100 3.22 -15.61 -16.21
C THR F 100 2.15 -16.37 -16.96
N SER F 101 2.58 -17.37 -17.71
CA SER F 101 1.68 -18.13 -18.55
C SER F 101 1.12 -19.40 -17.92
N VAL F 102 1.38 -19.63 -16.65
CA VAL F 102 0.89 -20.85 -16.01
C VAL F 102 -0.63 -20.93 -16.00
N HIS F 103 -1.28 -19.79 -15.88
CA HIS F 103 -2.73 -19.74 -15.80
C HIS F 103 -3.40 -20.23 -17.06
N LEU F 104 -2.68 -20.15 -18.16
CA LEU F 104 -3.15 -20.60 -19.48
C LEU F 104 -3.40 -22.11 -19.53
N LEU F 105 -2.72 -22.86 -18.70
CA LEU F 105 -2.85 -24.31 -18.67
C LEU F 105 -4.19 -24.79 -18.16
N ARG F 106 -4.96 -23.89 -17.56
CA ARG F 106 -6.07 -24.34 -16.75
C ARG F 106 -7.06 -25.18 -17.50
N PRO F 107 -7.40 -24.81 -18.73
CA PRO F 107 -8.33 -25.62 -19.50
C PRO F 107 -7.77 -27.00 -19.78
N LEU F 108 -6.49 -27.06 -20.11
CA LEU F 108 -5.84 -28.33 -20.45
C LEU F 108 -5.74 -29.37 -19.33
N LEU F 109 -5.39 -28.94 -18.13
CA LEU F 109 -5.26 -29.86 -17.02
C LEU F 109 -6.61 -30.49 -16.72
N SER F 110 -7.65 -29.68 -16.88
CA SER F 110 -9.02 -30.14 -16.70
C SER F 110 -9.39 -31.22 -17.69
N SER F 111 -8.87 -31.12 -18.90
CA SER F 111 -9.27 -31.99 -20.01
C SER F 111 -8.44 -33.26 -20.30
N LEU F 112 -7.43 -33.55 -19.50
CA LEU F 112 -6.52 -34.65 -19.82
C LEU F 112 -7.23 -35.98 -19.83
N SER F 113 -6.83 -36.86 -20.76
CA SER F 113 -7.47 -38.20 -20.90
C SER F 113 -7.41 -38.91 -19.56
N PRO F 114 -6.23 -39.33 -19.07
CA PRO F 114 -6.14 -39.92 -17.76
C PRO F 114 -5.95 -38.68 -16.88
N PRO F 115 -6.92 -38.34 -16.02
CA PRO F 115 -6.83 -37.14 -15.19
C PRO F 115 -5.69 -37.13 -14.17
N LEU F 116 -5.31 -35.93 -13.76
CA LEU F 116 -4.29 -35.73 -12.77
C LEU F 116 -4.86 -35.99 -11.39
N SER F 117 -4.07 -36.61 -10.54
CA SER F 117 -4.45 -36.79 -9.16
C SER F 117 -3.68 -35.80 -8.30
N ALA F 118 -2.47 -35.51 -8.72
CA ALA F 118 -1.62 -34.60 -7.97
C ALA F 118 -0.59 -34.04 -8.91
N ILE F 119 0.03 -32.94 -8.52
CA ILE F 119 1.13 -32.37 -9.26
C ILE F 119 2.17 -31.82 -8.32
N VAL F 120 3.43 -31.79 -8.75
CA VAL F 120 4.47 -31.19 -7.94
C VAL F 120 5.13 -30.05 -8.71
N SER F 121 5.25 -28.89 -8.07
CA SER F 121 5.71 -27.69 -8.75
C SER F 121 7.10 -27.31 -8.31
N ASP F 122 7.82 -26.62 -9.18
CA ASP F 122 9.09 -26.07 -8.79
C ASP F 122 8.77 -24.96 -7.84
N PHE F 123 9.73 -24.57 -7.02
CA PHE F 123 9.45 -23.58 -6.00
C PHE F 123 9.01 -22.34 -6.70
N THR F 124 9.66 -22.05 -7.81
CA THR F 124 9.46 -20.83 -8.58
C THR F 124 8.05 -20.74 -9.13
N LEU F 125 7.46 -21.89 -9.42
CA LEU F 125 6.09 -21.90 -9.99
C LEU F 125 5.03 -22.30 -8.97
N THR F 126 5.43 -22.58 -7.73
CA THR F 126 4.45 -23.03 -6.71
C THR F 126 3.37 -21.97 -6.49
N SER F 127 3.75 -20.70 -6.46
CA SER F 127 2.74 -19.70 -6.19
C SER F 127 1.75 -19.61 -7.33
N GLN F 128 2.25 -19.59 -8.55
CA GLN F 128 1.41 -19.61 -9.73
C GLN F 128 0.67 -20.94 -9.92
N VAL F 129 1.39 -22.03 -9.70
CA VAL F 129 0.86 -23.39 -9.87
C VAL F 129 -0.28 -23.71 -8.93
N THR F 130 -0.17 -23.19 -7.73
CA THR F 130 -1.11 -23.47 -6.67
C THR F 130 -2.51 -23.02 -7.04
N ASP F 131 -2.62 -21.88 -7.69
CA ASP F 131 -3.91 -21.33 -8.10
C ASP F 131 -4.67 -22.20 -9.10
N LEU F 132 -3.97 -22.80 -10.04
CA LEU F 132 -4.62 -23.60 -11.08
C LEU F 132 -5.35 -24.82 -10.53
N VAL F 133 -4.70 -25.50 -9.61
CA VAL F 133 -5.18 -26.76 -9.07
C VAL F 133 -6.50 -26.64 -8.33
N SER F 134 -6.71 -25.51 -7.66
CA SER F 134 -7.80 -25.37 -6.72
C SER F 134 -9.15 -25.63 -7.37
N ASP F 135 -9.31 -25.23 -8.62
CA ASP F 135 -10.63 -25.51 -9.25
C ASP F 135 -10.67 -26.96 -9.71
N LEU F 136 -9.55 -27.66 -9.55
CA LEU F 136 -9.47 -29.09 -9.91
C LEU F 136 -9.27 -29.86 -8.60
N PRO F 137 -9.67 -31.14 -8.52
CA PRO F 137 -9.49 -31.90 -7.30
C PRO F 137 -8.07 -32.44 -7.43
N ILE F 138 -7.07 -31.56 -7.37
CA ILE F 138 -5.72 -32.12 -7.60
C ILE F 138 -4.91 -31.67 -6.38
N SER F 139 -4.13 -32.56 -5.78
CA SER F 139 -3.23 -32.25 -4.70
C SER F 139 -2.04 -31.49 -5.25
N THR F 140 -1.44 -30.63 -4.45
CA THR F 140 -0.28 -29.88 -4.88
C THR F 140 0.90 -30.09 -3.97
N TYR F 141 2.06 -30.33 -4.55
CA TYR F 141 3.29 -30.49 -3.80
C TYR F 141 4.36 -29.64 -4.44
N THR F 142 5.39 -29.33 -3.68
CA THR F 142 6.53 -28.57 -4.17
C THR F 142 7.78 -29.42 -4.03
N LEU F 143 8.59 -29.48 -5.07
CA LEU F 143 9.87 -30.14 -4.96
C LEU F 143 10.90 -29.05 -5.00
N MET F 144 11.76 -29.00 -4.00
CA MET F 144 12.69 -27.90 -3.83
C MET F 144 14.10 -28.34 -4.14
N THR F 145 14.71 -27.61 -5.05
CA THR F 145 16.02 -27.91 -5.58
C THR F 145 17.19 -27.87 -4.59
N SER F 146 17.13 -26.90 -3.69
CA SER F 146 18.23 -26.60 -2.77
C SER F 146 18.25 -27.38 -1.48
N SER F 147 19.19 -26.99 -0.64
CA SER F 147 19.42 -27.54 0.70
C SER F 147 18.41 -27.07 1.75
N ALA F 148 18.31 -27.83 2.83
CA ALA F 148 17.49 -27.44 3.95
C ALA F 148 18.01 -26.17 4.58
N ALA F 149 19.32 -26.08 4.73
CA ALA F 149 19.89 -24.92 5.37
C ALA F 149 19.61 -23.63 4.60
N PHE F 150 19.73 -23.66 3.28
CA PHE F 150 19.34 -22.50 2.49
C PHE F 150 17.86 -22.25 2.60
N PHE F 151 17.12 -23.34 2.65
CA PHE F 151 15.67 -23.28 2.76
C PHE F 151 15.29 -22.58 4.03
N CYS F 152 16.11 -22.75 5.06
CA CYS F 152 15.85 -22.10 6.33
C CYS F 152 15.88 -20.61 6.09
N LEU F 153 16.82 -20.16 5.27
CA LEU F 153 16.92 -18.75 4.93
C LEU F 153 15.68 -18.27 4.17
N MET F 154 15.20 -19.08 3.24
CA MET F 154 14.13 -18.65 2.35
C MET F 154 12.88 -18.30 3.13
N ALA F 155 12.54 -19.14 4.09
CA ALA F 155 11.34 -18.95 4.88
C ALA F 155 11.42 -17.67 5.67
N TYR F 156 12.61 -17.40 6.18
CA TYR F 156 12.87 -16.22 6.98
C TYR F 156 12.71 -14.95 6.17
N LEU F 157 12.84 -15.07 4.86
CA LEU F 157 13.12 -13.93 4.01
C LEU F 157 12.08 -12.83 4.07
N PRO F 158 10.81 -13.17 4.09
CA PRO F 158 9.82 -12.12 4.19
C PRO F 158 10.00 -11.36 5.49
N LYS F 159 10.20 -12.10 6.58
CA LYS F 159 10.43 -11.49 7.88
C LYS F 159 11.72 -10.69 7.87
N LEU F 160 12.75 -11.26 7.27
CA LEU F 160 14.03 -10.61 7.20
C LEU F 160 14.01 -9.33 6.37
N LEU F 161 13.37 -9.37 5.22
CA LEU F 161 13.27 -8.19 4.37
C LEU F 161 12.47 -7.09 5.02
N GLN F 162 11.38 -7.48 5.64
CA GLN F 162 10.39 -6.53 6.12
C GLN F 162 10.86 -5.60 7.22
N ILE F 163 11.57 -6.12 8.20
CA ILE F 163 11.84 -5.32 9.38
C ILE F 163 13.26 -4.85 9.53
N ASP F 164 14.19 -5.78 9.65
CA ASP F 164 15.46 -5.43 10.20
C ASP F 164 16.22 -4.42 9.37
N VAL F 165 16.27 -4.61 8.07
CA VAL F 165 16.84 -3.59 7.23
C VAL F 165 18.17 -3.20 7.84
N ALA F 166 18.91 -4.21 8.30
CA ALA F 166 20.15 -3.96 9.00
C ALA F 166 21.35 -4.67 8.38
N ASN F 167 22.42 -3.93 8.12
CA ASN F 167 23.68 -4.51 7.69
C ASN F 167 24.57 -4.89 8.88
N ARG F 168 24.14 -5.88 9.66
CA ARG F 168 24.92 -6.46 10.72
C ARG F 168 25.92 -7.41 10.11
N ASP F 169 26.89 -7.85 10.89
CA ASP F 169 27.80 -8.90 10.43
C ASP F 169 27.04 -10.20 10.17
N ALA F 170 26.11 -10.53 11.05
CA ALA F 170 25.39 -11.78 10.89
C ALA F 170 23.99 -11.70 11.45
N ILE F 171 23.13 -12.60 11.00
CA ILE F 171 21.78 -12.68 11.53
C ILE F 171 21.42 -14.14 11.80
N GLU F 172 20.48 -14.37 12.71
CA GLU F 172 20.16 -15.72 13.13
C GLU F 172 18.79 -16.19 12.68
N ILE F 173 18.77 -17.29 11.94
CA ILE F 173 17.53 -17.96 11.59
C ILE F 173 16.97 -18.62 12.83
N PRO F 174 15.65 -18.68 12.90
CA PRO F 174 14.98 -18.87 14.18
C PRO F 174 15.25 -20.15 14.96
N ASP F 175 15.20 -21.32 14.34
CA ASP F 175 15.49 -22.52 15.17
C ASP F 175 16.85 -23.09 14.74
N LEU F 176 17.58 -22.32 13.95
CA LEU F 176 18.85 -22.73 13.42
C LEU F 176 19.83 -21.64 13.78
N GLY F 177 21.10 -21.98 13.78
CA GLY F 177 22.12 -21.04 14.20
C GLY F 177 22.20 -19.90 13.23
N PRO F 178 22.78 -18.81 13.67
CA PRO F 178 22.90 -17.61 12.84
C PRO F 178 23.72 -17.90 11.60
N ILE F 179 23.37 -17.24 10.50
CA ILE F 179 24.10 -17.33 9.24
C ILE F 179 24.83 -16.03 8.99
N SER F 180 26.09 -16.10 8.61
CA SER F 180 26.84 -14.88 8.38
C SER F 180 26.22 -14.12 7.21
N MET F 181 26.09 -12.81 7.35
CA MET F 181 25.53 -12.01 6.27
C MET F 181 26.44 -12.13 5.08
N SER F 182 27.73 -12.29 5.35
CA SER F 182 28.75 -12.32 4.33
C SER F 182 28.52 -13.51 3.42
N SER F 183 27.79 -14.49 3.93
CA SER F 183 27.45 -15.68 3.17
C SER F 183 26.05 -15.62 2.59
N ILE F 184 25.43 -14.44 2.65
CA ILE F 184 24.13 -14.23 2.05
C ILE F 184 24.27 -13.29 0.87
N PRO F 185 23.76 -13.70 -0.28
CA PRO F 185 23.88 -12.89 -1.49
C PRO F 185 23.14 -11.58 -1.32
N PRO F 186 23.71 -10.51 -1.87
CA PRO F 186 23.10 -9.19 -1.75
C PRO F 186 21.75 -9.13 -2.43
N LYS F 187 21.65 -9.81 -3.56
CA LYS F 187 20.45 -9.77 -4.38
C LYS F 187 19.21 -10.34 -3.69
N MET F 188 19.38 -11.28 -2.78
CA MET F 188 18.27 -11.82 -2.00
C MET F 188 17.64 -10.70 -1.17
N LEU F 189 18.49 -9.84 -0.64
CA LEU F 189 18.08 -8.67 0.12
C LEU F 189 17.32 -7.57 -0.63
N ASP F 190 17.64 -7.34 -1.90
CA ASP F 190 16.98 -6.29 -2.68
C ASP F 190 15.66 -6.79 -3.21
N PRO F 191 14.57 -6.18 -2.75
CA PRO F 191 13.23 -6.68 -3.08
C PRO F 191 12.87 -6.64 -4.55
N SER F 192 13.28 -5.60 -5.25
CA SER F 192 12.97 -5.42 -6.65
C SER F 192 13.56 -6.53 -7.51
N ASP F 193 14.70 -7.07 -7.09
CA ASP F 193 15.34 -8.11 -7.84
C ASP F 193 14.49 -9.35 -7.86
N PHE F 194 14.59 -10.10 -8.95
CA PHE F 194 13.82 -11.31 -9.14
C PHE F 194 14.13 -12.38 -8.10
N PHE F 195 15.40 -12.49 -7.74
CA PHE F 195 15.84 -13.53 -6.82
C PHE F 195 15.22 -13.36 -5.47
N SER F 196 15.19 -12.14 -4.95
CA SER F 196 14.49 -11.90 -3.71
C SER F 196 13.00 -12.07 -3.91
N ALA F 197 12.52 -11.49 -4.99
CA ALA F 197 11.10 -11.42 -5.23
C ALA F 197 10.51 -12.79 -5.43
N PHE F 198 11.19 -13.62 -6.21
CA PHE F 198 10.69 -14.97 -6.41
C PHE F 198 10.72 -15.83 -5.14
N ILE F 199 11.76 -15.69 -4.35
CA ILE F 199 11.83 -16.46 -3.12
C ILE F 199 10.71 -16.08 -2.18
N SER F 200 10.49 -14.78 -2.02
CA SER F 200 9.45 -14.31 -1.12
C SER F 200 8.02 -14.62 -1.52
N SER F 201 7.69 -14.42 -2.79
CA SER F 201 6.32 -14.66 -3.21
C SER F 201 5.95 -16.11 -3.10
N ASN F 202 6.87 -16.97 -3.52
CA ASN F 202 6.68 -18.40 -3.45
C ASN F 202 6.65 -18.99 -2.06
N VAL F 203 7.50 -18.48 -1.19
CA VAL F 203 7.55 -18.96 0.18
C VAL F 203 6.21 -18.73 0.82
N SER F 204 5.64 -17.57 0.55
CA SER F 204 4.39 -17.15 1.14
C SER F 204 3.24 -18.02 0.74
N SER F 205 3.36 -18.66 -0.43
CA SER F 205 2.33 -19.52 -0.96
C SER F 205 2.42 -20.96 -0.50
N LEU F 206 3.45 -21.28 0.25
CA LEU F 206 3.74 -22.66 0.65
C LEU F 206 2.64 -23.26 1.51
N HIS F 207 1.92 -22.40 2.21
CA HIS F 207 0.92 -22.86 3.14
C HIS F 207 -0.09 -23.70 2.39
N LYS F 208 -0.30 -23.36 1.13
CA LYS F 208 -1.16 -24.09 0.21
C LYS F 208 -0.71 -25.51 -0.16
N VAL F 209 0.59 -25.71 -0.32
CA VAL F 209 1.10 -27.01 -0.76
C VAL F 209 0.96 -28.09 0.30
N LYS F 210 0.57 -29.28 -0.13
CA LYS F 210 0.38 -30.39 0.77
C LYS F 210 1.68 -30.80 1.42
N GLY F 211 2.76 -30.79 0.65
CA GLY F 211 4.05 -31.12 1.17
C GLY F 211 5.14 -30.44 0.39
N VAL F 212 6.31 -30.27 0.97
CA VAL F 212 7.43 -29.74 0.25
C VAL F 212 8.53 -30.76 0.24
N LEU F 213 9.02 -31.10 -0.95
CA LEU F 213 10.01 -32.15 -1.07
C LEU F 213 11.38 -31.54 -1.25
N ILE F 214 12.31 -31.98 -0.40
CA ILE F 214 13.65 -31.45 -0.40
C ILE F 214 14.65 -32.56 -0.66
N ASN F 215 15.58 -32.32 -1.56
CA ASN F 215 16.57 -33.31 -1.94
C ASN F 215 17.72 -33.31 -0.95
N THR F 216 17.41 -33.73 0.27
CA THR F 216 18.38 -33.86 1.34
C THR F 216 17.87 -34.94 2.26
N PHE F 217 18.76 -35.54 3.05
CA PHE F 217 18.33 -36.60 3.94
C PHE F 217 18.49 -36.24 5.42
N ASN F 218 17.74 -36.92 6.28
CA ASN F 218 17.67 -36.54 7.68
C ASN F 218 19.01 -36.59 8.38
N SER F 219 19.85 -37.57 8.07
CA SER F 219 21.18 -37.59 8.65
C SER F 219 21.99 -36.38 8.20
N PHE F 220 21.86 -36.03 6.94
CA PHE F 220 22.63 -34.92 6.37
C PHE F 220 22.29 -33.54 6.94
N GLU F 221 21.01 -33.23 7.10
CA GLU F 221 20.65 -31.95 7.68
C GLU F 221 19.58 -32.09 8.74
N SER F 222 19.92 -32.75 9.84
CA SER F 222 18.97 -32.91 10.90
C SER F 222 18.59 -31.57 11.46
N GLU F 223 19.61 -30.74 11.68
CA GLU F 223 19.40 -29.46 12.31
C GLU F 223 18.55 -28.51 11.50
N ALA F 224 18.82 -28.43 10.21
CA ALA F 224 18.01 -27.62 9.32
C ALA F 224 16.61 -28.15 9.19
N ILE F 225 16.48 -29.47 9.11
CA ILE F 225 15.19 -30.06 8.86
C ILE F 225 14.26 -29.70 9.98
N GLU F 226 14.77 -29.77 11.20
CA GLU F 226 14.01 -29.38 12.37
C GLU F 226 13.70 -27.91 12.32
N ALA F 227 14.70 -27.14 11.92
CA ALA F 227 14.60 -25.71 12.01
C ALA F 227 13.46 -25.24 11.13
N VAL F 228 13.36 -25.82 9.94
CA VAL F 228 12.24 -25.58 9.06
C VAL F 228 10.91 -26.11 9.58
N ARG F 229 10.93 -27.32 10.15
CA ARG F 229 9.69 -27.93 10.60
C ARG F 229 9.04 -27.14 11.72
N ARG F 230 9.85 -26.71 12.66
CA ARG F 230 9.39 -26.00 13.85
C ARG F 230 8.82 -24.64 13.49
N ASN F 231 9.29 -24.14 12.35
CA ASN F 231 8.95 -22.81 11.76
C ASN F 231 7.61 -22.83 11.04
N GLY F 232 6.96 -23.98 11.04
CA GLY F 232 5.57 -24.10 10.61
C GLY F 232 5.25 -24.49 9.19
N VAL F 233 6.24 -24.56 8.32
CA VAL F 233 6.04 -25.18 7.04
C VAL F 233 6.25 -26.61 7.40
N ASP F 234 5.31 -27.14 8.16
CA ASP F 234 5.49 -28.36 8.92
C ASP F 234 5.75 -29.55 8.04
N HIS F 235 5.09 -29.59 6.91
CA HIS F 235 5.12 -30.74 6.07
C HIS F 235 6.36 -30.61 5.24
N ILE F 236 7.41 -31.31 5.64
CA ILE F 236 8.66 -31.33 4.93
C ILE F 236 8.99 -32.78 4.65
N LEU F 237 9.40 -33.09 3.43
CA LEU F 237 9.64 -34.46 3.04
C LEU F 237 10.97 -34.70 2.39
N PRO F 238 12.03 -34.85 3.16
CA PRO F 238 13.34 -35.09 2.56
C PRO F 238 13.28 -36.38 1.78
N ILE F 239 13.76 -36.36 0.55
CA ILE F 239 13.73 -37.53 -0.30
C ILE F 239 15.11 -37.98 -0.73
N GLY F 240 16.12 -37.28 -0.25
CA GLY F 240 17.46 -37.40 -0.75
C GLY F 240 18.15 -38.73 -0.52
N PRO F 241 19.01 -39.10 -1.45
CA PRO F 241 19.29 -38.27 -2.61
C PRO F 241 18.70 -38.85 -3.87
N LEU F 242 18.30 -37.99 -4.80
CA LEU F 242 17.62 -38.43 -5.99
C LEU F 242 18.52 -39.31 -6.86
N GLU F 243 17.92 -40.38 -7.37
CA GLU F 243 18.69 -41.43 -8.06
C GLU F 243 18.83 -41.17 -9.55
N SER F 244 20.02 -41.48 -10.06
CA SER F 244 20.33 -41.27 -11.49
C SER F 244 19.32 -42.05 -12.30
N TYR F 245 18.74 -41.43 -13.31
CA TYR F 245 17.77 -42.14 -14.18
C TYR F 245 18.53 -42.85 -15.31
N ASP F 246 19.82 -42.56 -15.45
CA ASP F 246 20.76 -43.18 -16.42
C ASP F 246 20.39 -42.84 -17.87
N LYS F 249 25.12 -46.04 -21.64
CA LYS F 249 26.50 -45.65 -21.99
C LYS F 249 26.47 -44.35 -22.81
N ALA F 250 27.65 -43.76 -23.07
CA ALA F 250 27.76 -42.49 -23.83
C ALA F 250 29.19 -42.31 -24.35
N HIS F 251 29.44 -41.32 -25.23
CA HIS F 251 30.79 -41.05 -25.79
C HIS F 251 31.59 -40.19 -24.80
N ASP F 252 31.98 -40.80 -23.68
CA ASP F 252 32.64 -40.18 -22.51
C ASP F 252 34.17 -40.27 -22.60
N LEU F 253 34.85 -40.10 -21.47
CA LEU F 253 36.34 -40.08 -21.40
C LEU F 253 36.91 -41.39 -20.84
N PRO F 254 37.82 -42.05 -21.59
CA PRO F 254 38.54 -43.24 -21.13
C PRO F 254 39.88 -42.85 -20.50
N TRP F 255 40.18 -41.55 -20.49
CA TRP F 255 41.36 -40.98 -19.86
C TRP F 255 41.39 -41.38 -18.40
N LEU F 256 40.23 -41.36 -17.76
CA LEU F 256 40.11 -41.75 -16.37
C LEU F 256 40.46 -43.21 -16.10
N ASP F 257 40.11 -44.09 -17.03
CA ASP F 257 40.30 -45.51 -16.88
C ASP F 257 41.77 -45.84 -16.76
N GLU F 258 42.61 -44.97 -17.30
CA GLU F 258 44.06 -45.12 -17.24
C GLU F 258 44.71 -44.42 -16.04
N GLN F 259 43.91 -43.85 -15.15
CA GLN F 259 44.46 -43.09 -14.03
C GLN F 259 44.37 -43.86 -12.74
N PRO F 260 45.36 -43.67 -11.89
CA PRO F 260 45.38 -44.38 -10.61
C PRO F 260 44.21 -43.90 -9.76
N PRO F 261 43.73 -44.73 -8.84
CA PRO F 261 42.60 -44.33 -8.00
C PRO F 261 42.91 -43.18 -7.06
N GLU F 262 42.00 -42.23 -7.00
CA GLU F 262 42.03 -41.16 -6.02
C GLU F 262 43.03 -40.10 -6.43
N SER F 263 43.62 -40.28 -7.59
CA SER F 263 44.68 -39.39 -8.02
C SER F 263 44.17 -38.19 -8.78
N VAL F 264 42.88 -38.16 -9.06
CA VAL F 264 42.32 -37.15 -9.94
C VAL F 264 41.43 -36.14 -9.24
N LEU F 265 41.61 -34.87 -9.60
CA LEU F 265 40.82 -33.77 -9.05
C LEU F 265 39.89 -33.21 -10.11
N PHE F 266 38.60 -33.12 -9.78
CA PHE F 266 37.58 -32.76 -10.73
C PHE F 266 37.09 -31.35 -10.45
N VAL F 267 37.16 -30.49 -11.46
CA VAL F 267 36.73 -29.12 -11.31
C VAL F 267 35.55 -28.81 -12.20
N SER F 268 34.41 -28.52 -11.59
CA SER F 268 33.24 -28.08 -12.34
C SER F 268 32.40 -27.09 -11.52
N PHE F 269 31.96 -26.03 -12.18
CA PHE F 269 31.20 -24.98 -11.52
C PHE F 269 29.74 -25.03 -11.88
N GLY F 270 29.35 -26.16 -12.45
CA GLY F 270 27.97 -26.44 -12.79
C GLY F 270 27.64 -26.11 -14.22
N SER F 271 26.35 -26.19 -14.56
CA SER F 271 25.94 -25.95 -15.95
C SER F 271 25.80 -24.45 -16.22
N ARG F 272 25.47 -23.69 -15.18
CA ARG F 272 25.11 -22.26 -15.35
C ARG F 272 26.19 -21.27 -14.92
N THR F 273 27.42 -21.68 -14.60
CA THR F 273 28.37 -20.67 -14.20
C THR F 273 29.57 -20.49 -15.12
N ALA F 274 29.70 -19.26 -15.62
CA ALA F 274 30.88 -18.78 -16.32
C ALA F 274 31.87 -18.30 -15.30
N LEU F 275 33.12 -18.10 -15.71
CA LEU F 275 34.14 -17.62 -14.81
C LEU F 275 34.89 -16.45 -15.40
N SER F 276 35.39 -15.56 -14.55
CA SER F 276 36.14 -14.43 -15.03
C SER F 276 37.39 -14.89 -15.72
N LYS F 277 37.75 -14.23 -16.81
CA LYS F 277 38.91 -14.62 -17.58
C LYS F 277 40.14 -14.53 -16.69
N GLU F 278 40.15 -13.53 -15.81
CA GLU F 278 41.17 -13.45 -14.80
C GLU F 278 41.05 -14.67 -13.91
N GLN F 279 39.84 -15.02 -13.54
CA GLN F 279 39.62 -16.15 -12.64
C GLN F 279 40.09 -17.44 -13.27
N ILE F 280 39.77 -17.60 -14.54
CA ILE F 280 40.16 -18.80 -15.25
C ILE F 280 41.67 -18.91 -15.36
N ARG F 281 42.34 -17.82 -15.68
CA ARG F 281 43.78 -17.89 -15.87
C ARG F 281 44.47 -18.27 -14.59
N GLU F 282 44.04 -17.68 -13.49
CA GLU F 282 44.62 -18.00 -12.20
C GLU F 282 44.33 -19.43 -11.77
N LEU F 283 43.13 -19.90 -12.03
CA LEU F 283 42.73 -21.26 -11.66
C LEU F 283 43.52 -22.31 -12.41
N GLY F 284 43.77 -22.08 -13.70
CA GLY F 284 44.55 -23.00 -14.50
C GLY F 284 45.99 -23.09 -14.02
N ALA F 285 46.53 -21.94 -13.67
CA ALA F 285 47.90 -21.82 -13.19
C ALA F 285 48.06 -22.56 -11.87
N ALA F 286 47.04 -22.50 -11.03
CA ALA F 286 47.04 -23.17 -9.74
C ALA F 286 47.13 -24.68 -9.87
N LEU F 287 46.46 -25.24 -10.86
CA LEU F 287 46.50 -26.69 -11.01
C LEU F 287 47.92 -27.11 -11.32
N GLU F 288 48.60 -26.33 -12.15
CA GLU F 288 49.94 -26.67 -12.60
C GLU F 288 50.92 -26.71 -11.45
N LYS F 289 50.83 -25.75 -10.55
CA LYS F 289 51.64 -25.77 -9.35
C LYS F 289 51.30 -26.91 -8.41
N SER F 290 50.00 -27.17 -8.24
CA SER F 290 49.54 -28.21 -7.35
C SER F 290 50.03 -29.57 -7.79
N GLY F 291 49.97 -29.81 -9.08
CA GLY F 291 50.50 -31.02 -9.65
C GLY F 291 49.59 -32.21 -9.49
N CYS F 292 48.41 -31.99 -8.98
CA CYS F 292 47.42 -33.06 -8.91
C CYS F 292 46.91 -33.35 -10.29
N ARG F 293 46.61 -34.60 -10.57
CA ARG F 293 45.97 -34.94 -11.83
C ARG F 293 44.59 -34.32 -11.79
N PHE F 294 44.10 -33.85 -12.92
CA PHE F 294 42.81 -33.16 -12.92
C PHE F 294 41.97 -33.39 -14.16
N LEU F 295 40.66 -33.22 -14.00
CA LEU F 295 39.75 -33.10 -15.11
C LEU F 295 39.07 -31.77 -14.97
N TRP F 296 39.19 -30.90 -15.96
CA TRP F 296 38.66 -29.56 -15.82
C TRP F 296 37.59 -29.28 -16.84
N VAL F 297 36.45 -28.79 -16.38
CA VAL F 297 35.35 -28.50 -17.27
C VAL F 297 35.12 -27.01 -17.36
N LEU F 298 35.11 -26.49 -18.58
CA LEU F 298 34.86 -25.08 -18.75
C LEU F 298 33.48 -24.86 -19.30
N LYS F 299 32.68 -24.40 -18.35
CA LYS F 299 31.42 -23.72 -18.66
C LYS F 299 31.86 -22.27 -18.87
N GLY F 300 33.15 -22.02 -19.14
CA GLY F 300 33.66 -20.68 -19.45
C GLY F 300 32.99 -20.32 -20.74
N GLY F 301 32.47 -19.11 -20.80
CA GLY F 301 31.64 -18.65 -21.91
C GLY F 301 30.37 -18.15 -21.27
N LYS F 302 29.22 -18.44 -21.82
CA LYS F 302 28.01 -17.91 -21.17
C LYS F 302 27.39 -18.98 -20.28
N VAL F 303 26.23 -18.67 -19.70
CA VAL F 303 25.43 -19.68 -18.98
C VAL F 303 24.95 -20.68 -20.04
N ASP F 304 24.55 -20.18 -21.22
CA ASP F 304 24.03 -21.06 -22.30
C ASP F 304 25.13 -21.73 -23.09
N LYS F 305 24.98 -23.04 -23.28
CA LYS F 305 25.91 -23.87 -24.06
C LYS F 305 25.80 -23.47 -25.54
N GLU F 306 24.65 -22.90 -25.92
CA GLU F 306 24.37 -22.54 -27.33
C GLU F 306 25.22 -21.34 -27.74
N ASP F 307 25.38 -20.38 -26.84
CA ASP F 307 26.10 -19.12 -27.14
C ASP F 307 27.57 -19.17 -26.72
N LYS F 308 27.97 -20.16 -25.94
CA LYS F 308 29.41 -20.23 -25.56
C LYS F 308 30.15 -20.95 -26.67
N GLU F 309 30.52 -20.24 -27.74
CA GLU F 309 31.23 -20.90 -28.87
C GLU F 309 32.73 -20.94 -28.59
N GLU F 310 33.20 -20.20 -27.58
CA GLU F 310 34.65 -20.18 -27.22
C GLU F 310 35.13 -21.62 -26.99
N VAL F 311 36.26 -21.98 -27.62
CA VAL F 311 36.91 -23.31 -27.45
C VAL F 311 38.11 -23.11 -26.53
N GLU F 312 39.23 -23.74 -26.85
CA GLU F 312 40.44 -23.53 -26.03
C GLU F 312 41.01 -22.14 -26.33
N ASP F 313 40.29 -21.31 -27.11
CA ASP F 313 40.82 -19.95 -27.32
C ASP F 313 40.93 -19.26 -25.96
N MET F 314 40.27 -19.81 -24.94
CA MET F 314 40.34 -19.22 -23.57
C MET F 314 41.63 -19.57 -22.82
N LEU F 315 42.17 -20.79 -22.95
CA LEU F 315 43.41 -21.14 -22.19
C LEU F 315 44.70 -20.96 -23.01
N GLY F 316 44.61 -20.98 -24.34
CA GLY F 316 45.82 -20.85 -25.17
C GLY F 316 46.38 -22.21 -25.55
N ALA F 317 47.33 -22.27 -26.46
CA ALA F 317 47.95 -23.53 -26.93
C ALA F 317 49.01 -24.12 -25.99
N SER F 318 49.92 -23.29 -25.47
CA SER F 318 51.04 -23.79 -24.63
C SER F 318 50.55 -24.45 -23.34
N PHE F 319 49.56 -23.86 -22.68
CA PHE F 319 49.06 -24.45 -21.42
C PHE F 319 48.59 -25.88 -21.68
N VAL F 320 47.95 -26.12 -22.82
CA VAL F 320 47.42 -27.44 -23.08
C VAL F 320 48.51 -28.50 -23.27
N GLU F 321 49.53 -28.19 -24.07
CA GLU F 321 50.62 -29.14 -24.28
C GLU F 321 51.45 -29.41 -23.04
N ARG F 322 51.70 -28.37 -22.26
CA ARG F 322 52.46 -28.52 -21.03
C ARG F 322 51.78 -29.44 -20.04
N THR F 323 50.46 -29.32 -19.96
CA THR F 323 49.67 -30.03 -18.98
C THR F 323 49.15 -31.35 -19.49
N LYS F 324 49.49 -31.72 -20.71
CA LYS F 324 48.83 -32.84 -21.34
C LYS F 324 49.03 -34.08 -20.50
N LYS F 325 50.24 -34.31 -20.01
CA LYS F 325 50.49 -35.46 -19.16
C LYS F 325 49.71 -35.37 -17.86
N LYS F 326 49.68 -34.20 -17.26
CA LYS F 326 49.03 -34.00 -15.98
C LYS F 326 47.53 -34.17 -15.94
N GLY F 327 46.84 -33.64 -16.94
CA GLY F 327 45.40 -33.54 -16.89
C GLY F 327 44.71 -33.32 -18.21
N LEU F 328 43.39 -33.49 -18.22
CA LEU F 328 42.71 -33.14 -19.48
C LEU F 328 41.56 -32.19 -19.17
N ILE F 329 41.41 -31.19 -20.02
CA ILE F 329 40.39 -30.16 -19.91
C ILE F 329 39.43 -30.25 -21.08
N VAL F 330 38.15 -30.18 -20.80
CA VAL F 330 37.12 -30.35 -21.80
C VAL F 330 36.16 -29.19 -21.72
N LYS F 331 35.67 -28.70 -22.84
CA LYS F 331 34.65 -27.67 -22.77
C LYS F 331 33.36 -28.21 -23.32
N GLY F 332 32.32 -28.22 -22.50
CA GLY F 332 31.05 -28.78 -22.92
C GLY F 332 30.43 -29.60 -21.82
N TRP F 333 29.39 -30.35 -22.15
CA TRP F 333 28.76 -31.23 -21.18
C TRP F 333 29.68 -32.39 -20.87
N VAL F 334 29.71 -32.80 -19.61
CA VAL F 334 30.43 -33.97 -19.16
C VAL F 334 29.44 -34.78 -18.35
N LYS F 335 29.56 -36.09 -18.33
CA LYS F 335 28.58 -36.87 -17.61
C LYS F 335 29.01 -36.94 -16.16
N GLN F 336 28.68 -35.90 -15.42
CA GLN F 336 29.15 -35.67 -14.03
C GLN F 336 28.96 -36.88 -13.13
N GLU F 337 27.77 -37.48 -13.15
CA GLU F 337 27.51 -38.66 -12.29
C GLU F 337 28.57 -39.72 -12.55
N GLN F 338 28.78 -40.06 -13.81
CA GLN F 338 29.68 -41.12 -14.16
C GLN F 338 31.09 -40.79 -13.70
N ILE F 339 31.48 -39.55 -13.90
CA ILE F 339 32.83 -39.13 -13.55
C ILE F 339 33.14 -39.21 -12.07
N LEU F 340 32.23 -38.77 -11.23
CA LEU F 340 32.41 -38.87 -9.78
C LEU F 340 32.46 -40.31 -9.31
N ALA F 341 31.65 -41.14 -9.95
CA ALA F 341 31.55 -42.56 -9.62
C ALA F 341 32.88 -43.24 -9.87
N HIS F 342 33.61 -42.75 -10.85
CA HIS F 342 34.87 -43.35 -11.25
C HIS F 342 35.82 -43.36 -10.07
N PRO F 343 36.57 -44.45 -9.94
CA PRO F 343 37.52 -44.68 -8.85
C PRO F 343 38.66 -43.68 -8.85
N ALA F 344 39.00 -43.20 -10.02
CA ALA F 344 40.06 -42.24 -10.23
C ALA F 344 39.86 -40.87 -9.56
N ILE F 345 38.64 -40.38 -9.53
CA ILE F 345 38.42 -39.05 -8.99
C ILE F 345 38.62 -39.05 -7.49
N GLY F 346 39.51 -38.20 -7.02
CA GLY F 346 39.83 -38.17 -5.61
C GLY F 346 39.28 -36.96 -4.91
N GLY F 347 38.93 -35.95 -5.69
CA GLY F 347 38.43 -34.72 -5.12
C GLY F 347 37.56 -33.95 -6.08
N PHE F 348 36.72 -33.09 -5.53
CA PHE F 348 35.83 -32.27 -6.33
C PHE F 348 35.98 -30.79 -6.01
N VAL F 349 36.19 -29.97 -7.02
CA VAL F 349 36.13 -28.54 -6.80
C VAL F 349 34.80 -28.09 -7.37
N SER F 350 33.90 -27.67 -6.49
CA SER F 350 32.53 -27.39 -6.88
C SER F 350 32.01 -26.07 -6.37
N HIS F 351 31.05 -25.51 -7.08
CA HIS F 351 30.46 -24.23 -6.73
C HIS F 351 29.43 -24.48 -5.64
N CYS F 352 29.28 -25.76 -5.33
CA CYS F 352 28.37 -26.22 -4.30
C CYS F 352 26.91 -25.93 -4.53
N GLY F 353 26.48 -26.01 -5.78
CA GLY F 353 25.07 -26.05 -6.08
C GLY F 353 24.55 -27.35 -5.50
N TRP F 354 23.31 -27.38 -5.05
CA TRP F 354 22.84 -28.52 -4.30
C TRP F 354 22.87 -29.80 -5.10
N ASN F 355 22.52 -29.75 -6.37
CA ASN F 355 22.45 -30.98 -7.12
C ASN F 355 23.83 -31.61 -7.17
N SER F 356 24.87 -30.81 -7.38
CA SER F 356 26.27 -31.30 -7.39
C SER F 356 26.71 -31.59 -5.97
N VAL F 357 26.31 -30.77 -5.03
CA VAL F 357 26.68 -31.07 -3.64
C VAL F 357 26.10 -32.39 -3.15
N ILE F 358 24.84 -32.64 -3.47
CA ILE F 358 24.22 -33.88 -3.07
C ILE F 358 24.91 -35.05 -3.74
N GLU F 359 25.28 -34.90 -4.99
CA GLU F 359 25.92 -35.98 -5.70
C GLU F 359 27.25 -36.36 -5.10
N ALA F 360 28.03 -35.36 -4.69
CA ALA F 360 29.32 -35.59 -4.09
C ALA F 360 29.14 -36.36 -2.80
N ALA F 361 28.11 -36.02 -2.07
CA ALA F 361 27.76 -36.70 -0.83
C ALA F 361 27.41 -38.15 -1.11
N ARG F 362 26.70 -38.38 -2.20
CA ARG F 362 26.25 -39.71 -2.56
C ARG F 362 27.42 -40.64 -2.80
N LEU F 363 28.44 -40.13 -3.48
CA LEU F 363 29.60 -40.93 -3.83
C LEU F 363 30.80 -40.69 -2.92
N GLY F 364 30.58 -39.92 -1.86
CA GLY F 364 31.60 -39.71 -0.87
C GLY F 364 32.87 -39.13 -1.43
N VAL F 365 32.73 -38.20 -2.36
CA VAL F 365 33.89 -37.58 -2.97
C VAL F 365 34.18 -36.32 -2.20
N PRO F 366 35.42 -36.15 -1.75
CA PRO F 366 35.73 -34.98 -0.94
C PRO F 366 35.55 -33.72 -1.75
N VAL F 367 35.00 -32.70 -1.11
CA VAL F 367 34.66 -31.46 -1.78
C VAL F 367 35.49 -30.32 -1.28
N LEU F 368 36.01 -29.53 -2.20
CA LEU F 368 36.64 -28.27 -1.87
C LEU F 368 35.69 -27.21 -2.38
N ALA F 369 35.22 -26.34 -1.49
CA ALA F 369 34.06 -25.55 -1.78
C ALA F 369 34.38 -24.13 -2.21
N TRP F 370 33.87 -23.77 -3.38
CA TRP F 370 34.07 -22.44 -3.92
C TRP F 370 32.78 -21.85 -4.46
N PRO F 371 31.88 -21.46 -3.57
CA PRO F 371 30.58 -20.91 -3.97
C PRO F 371 30.69 -19.61 -4.76
N GLN F 372 29.88 -19.48 -5.81
CA GLN F 372 29.90 -18.32 -6.68
C GLN F 372 28.76 -17.32 -6.51
N HIS F 373 27.55 -17.81 -6.37
CA HIS F 373 26.40 -16.92 -6.28
C HIS F 373 25.22 -17.56 -5.59
N GLY F 374 24.26 -16.75 -5.18
CA GLY F 374 23.01 -17.26 -4.68
C GLY F 374 23.13 -18.18 -3.50
N ASP F 375 22.47 -19.33 -3.61
CA ASP F 375 22.36 -20.30 -2.53
C ASP F 375 23.69 -20.89 -2.13
N GLN F 376 24.67 -20.78 -3.02
CA GLN F 376 25.87 -21.57 -2.93
C GLN F 376 26.71 -21.41 -1.67
N SER F 377 26.86 -20.21 -1.14
CA SER F 377 27.64 -20.06 0.08
C SER F 377 27.04 -20.82 1.29
N VAL F 378 25.73 -20.77 1.45
CA VAL F 378 25.08 -21.48 2.53
C VAL F 378 25.33 -22.96 2.34
N ASN F 379 25.29 -23.39 1.09
CA ASN F 379 25.56 -24.77 0.73
C ASN F 379 26.97 -25.20 1.04
N ALA F 380 27.92 -24.31 0.84
CA ALA F 380 29.32 -24.61 1.11
C ALA F 380 29.50 -24.92 2.58
N GLY F 381 28.84 -24.16 3.43
CA GLY F 381 28.99 -24.34 4.86
C GLY F 381 28.57 -25.67 5.42
N VAL F 382 27.43 -26.17 4.96
CA VAL F 382 26.95 -27.48 5.34
C VAL F 382 27.91 -28.53 4.84
N VAL F 383 28.47 -28.30 3.66
CA VAL F 383 29.41 -29.21 3.07
C VAL F 383 30.60 -29.33 3.99
N GLU F 384 31.07 -28.22 4.53
CA GLU F 384 32.12 -28.25 5.53
C GLU F 384 31.63 -28.92 6.81
N LYS F 385 30.40 -28.62 7.21
CA LYS F 385 29.82 -29.11 8.46
C LYS F 385 29.64 -30.60 8.54
N ALA F 386 29.20 -31.22 7.46
CA ALA F 386 28.90 -32.63 7.47
C ALA F 386 30.17 -33.43 7.33
N GLY F 387 31.27 -32.74 7.13
CA GLY F 387 32.55 -33.39 6.95
C GLY F 387 32.77 -33.81 5.52
N LEU F 388 31.88 -33.38 4.65
CA LEU F 388 31.97 -33.59 3.21
C LEU F 388 33.15 -32.90 2.53
N GLY F 389 33.45 -31.68 2.96
CA GLY F 389 34.40 -30.86 2.22
C GLY F 389 35.08 -29.74 2.98
N LEU F 390 36.07 -29.14 2.34
CA LEU F 390 36.78 -27.98 2.88
C LEU F 390 36.30 -26.72 2.20
N TRP F 391 35.97 -25.71 2.98
CA TRP F 391 35.53 -24.44 2.43
C TRP F 391 36.26 -23.28 3.06
N VAL F 392 36.73 -22.34 2.25
CA VAL F 392 37.40 -21.17 2.77
C VAL F 392 36.50 -19.97 2.67
N ARG F 393 36.12 -19.44 3.82
CA ARG F 393 35.16 -18.35 3.90
C ARG F 393 35.69 -17.08 3.27
N GLU F 394 36.97 -16.83 3.48
CA GLU F 394 37.58 -15.57 3.11
C GLU F 394 37.52 -15.37 1.59
N TRP F 395 37.39 -16.46 0.86
CA TRP F 395 37.18 -16.44 -0.58
C TRP F 395 35.87 -15.81 -0.96
N GLY F 396 34.88 -15.91 -0.09
CA GLY F 396 33.62 -15.24 -0.31
C GLY F 396 32.88 -15.69 -1.54
N TRP F 397 32.58 -14.76 -2.43
CA TRP F 397 31.80 -15.03 -3.63
C TRP F 397 32.71 -15.08 -4.83
N GLY F 398 32.56 -16.13 -5.63
CA GLY F 398 33.39 -16.32 -6.79
C GLY F 398 33.20 -15.21 -7.79
N GLN F 399 31.96 -14.76 -7.93
CA GLN F 399 31.63 -13.73 -8.90
C GLN F 399 32.33 -12.41 -8.64
N THR F 400 32.36 -11.98 -7.39
CA THR F 400 32.90 -10.67 -7.06
C THR F 400 34.31 -10.65 -6.52
N LYS F 401 34.89 -11.81 -6.30
CA LYS F 401 36.24 -11.85 -5.78
C LYS F 401 37.13 -12.83 -6.51
N LEU F 402 38.41 -12.51 -6.58
CA LEU F 402 39.35 -13.33 -7.31
C LEU F 402 40.40 -13.91 -6.38
N ILE F 403 40.69 -15.19 -6.53
CA ILE F 403 41.63 -15.88 -5.66
C ILE F 403 42.88 -16.28 -6.39
N GLY F 404 44.02 -16.09 -5.75
CA GLY F 404 45.32 -16.33 -6.33
C GLY F 404 45.62 -17.79 -6.58
N ARG F 405 46.46 -18.05 -7.57
CA ARG F 405 46.77 -19.41 -7.94
C ARG F 405 47.43 -20.13 -6.78
N GLU F 406 48.35 -19.47 -6.12
CA GLU F 406 49.07 -20.11 -5.04
C GLU F 406 48.15 -20.48 -3.88
N GLU F 407 47.24 -19.60 -3.52
CA GLU F 407 46.32 -19.94 -2.46
C GLU F 407 45.46 -21.11 -2.92
N ILE F 408 45.03 -21.08 -4.16
CA ILE F 408 44.24 -22.19 -4.69
C ILE F 408 45.04 -23.47 -4.73
N ALA F 409 46.28 -23.39 -5.20
CA ALA F 409 47.09 -24.57 -5.33
C ALA F 409 47.36 -25.19 -3.97
N GLU F 410 47.65 -24.35 -2.97
CA GLU F 410 47.91 -24.85 -1.64
C GLU F 410 46.69 -25.56 -1.09
N LYS F 411 45.52 -24.98 -1.30
CA LYS F 411 44.26 -25.60 -0.92
C LYS F 411 43.93 -26.86 -1.72
N MET F 412 44.22 -26.84 -3.01
CA MET F 412 43.90 -27.97 -3.87
C MET F 412 44.66 -29.18 -3.37
N ILE F 413 45.87 -28.96 -2.91
CA ILE F 413 46.69 -30.02 -2.33
C ILE F 413 46.07 -30.57 -1.06
N GLU F 414 45.53 -29.68 -0.23
CA GLU F 414 45.07 -30.07 1.09
C GLU F 414 43.95 -31.09 1.04
N VAL F 415 43.00 -30.87 0.17
CA VAL F 415 41.89 -31.80 0.03
C VAL F 415 42.34 -33.16 -0.49
N MET F 416 43.21 -33.16 -1.48
CA MET F 416 43.74 -34.42 -1.98
C MET F 416 44.59 -35.10 -0.94
N GLN F 417 45.38 -34.30 -0.22
CA GLN F 417 46.32 -34.84 0.80
C GLN F 417 45.63 -35.18 2.11
N ASP F 418 44.61 -34.43 2.53
CA ASP F 418 43.95 -34.75 3.83
C ASP F 418 43.26 -36.10 3.71
N GLU F 419 43.57 -37.02 4.61
CA GLU F 419 42.99 -38.39 4.56
C GLU F 419 41.89 -38.57 5.58
N LYS F 420 41.72 -37.61 6.50
CA LYS F 420 40.63 -37.74 7.49
C LYS F 420 39.35 -37.37 6.77
N LEU F 421 39.47 -36.42 5.85
CA LEU F 421 38.33 -35.94 5.09
C LEU F 421 37.81 -37.04 4.22
N ARG F 422 38.73 -37.80 3.65
CA ARG F 422 38.33 -38.91 2.82
C ARG F 422 37.56 -39.87 3.69
N VAL F 423 38.00 -40.06 4.92
CA VAL F 423 37.25 -40.89 5.84
C VAL F 423 35.89 -40.30 6.18
N SER F 424 35.83 -38.99 6.38
CA SER F 424 34.58 -38.29 6.69
C SER F 424 33.56 -38.34 5.56
N ALA F 425 34.05 -38.16 4.34
CA ALA F 425 33.23 -38.17 3.15
C ALA F 425 32.60 -39.53 2.99
N GLY F 426 33.37 -40.56 3.32
CA GLY F 426 32.86 -41.91 3.31
C GLY F 426 31.74 -42.07 4.32
N GLU F 427 31.88 -41.42 5.46
CA GLU F 427 30.84 -41.50 6.47
C GLU F 427 29.57 -40.90 5.90
N VAL F 428 29.72 -39.82 5.15
CA VAL F 428 28.58 -39.21 4.52
C VAL F 428 27.97 -40.20 3.55
N ARG F 429 28.82 -40.90 2.81
CA ARG F 429 28.35 -41.80 1.78
C ARG F 429 27.50 -42.93 2.33
N ALA F 430 27.95 -43.51 3.43
CA ALA F 430 27.27 -44.63 4.02
C ALA F 430 25.89 -44.22 4.45
N LYS F 431 25.79 -43.03 5.01
CA LYS F 431 24.52 -42.52 5.47
C LYS F 431 23.56 -42.33 4.30
N ALA F 432 24.10 -41.85 3.19
CA ALA F 432 23.32 -41.63 1.99
C ALA F 432 22.78 -42.95 1.50
N LYS F 433 23.61 -43.97 1.57
CA LYS F 433 23.23 -45.32 1.19
C LYS F 433 22.13 -45.83 2.09
N GLU F 434 22.20 -45.46 3.36
CA GLU F 434 21.24 -45.94 4.35
C GLU F 434 19.81 -45.51 4.07
N THR F 435 19.62 -44.26 3.65
CA THR F 435 18.29 -43.77 3.29
C THR F 435 17.66 -44.40 2.07
N ARG F 436 18.49 -44.70 1.08
CA ARG F 436 18.02 -45.30 -0.17
C ARG F 436 17.36 -46.65 0.09
N GLU F 437 17.90 -47.37 1.06
CA GLU F 437 17.43 -48.71 1.39
C GLU F 437 16.03 -48.64 1.96
N VAL F 438 15.34 -49.77 1.93
CA VAL F 438 13.96 -49.86 2.37
C VAL F 438 13.86 -49.48 3.84
N ASP F 439 14.92 -49.75 4.57
CA ASP F 439 15.07 -49.35 5.96
C ASP F 439 15.13 -47.84 6.12
N GLY F 440 15.83 -47.19 5.20
CA GLY F 440 16.10 -45.76 5.28
C GLY F 440 14.89 -44.87 5.24
N ASP F 441 14.95 -43.79 6.03
CA ASP F 441 13.79 -42.95 6.20
C ASP F 441 13.34 -42.29 4.92
N SER F 442 14.30 -41.83 4.12
CA SER F 442 13.98 -41.15 2.89
C SER F 442 13.28 -42.03 1.87
N GLU F 443 13.75 -43.25 1.69
CA GLU F 443 13.06 -44.19 0.83
C GLU F 443 11.70 -44.54 1.41
N ALA F 444 11.67 -44.75 2.72
CA ALA F 444 10.44 -45.07 3.43
C ALA F 444 9.46 -43.92 3.37
N LEU F 445 9.96 -42.71 3.47
CA LEU F 445 9.12 -41.54 3.36
C LEU F 445 8.49 -41.45 1.99
N LEU F 446 9.27 -41.74 0.96
CA LEU F 446 8.78 -41.72 -0.41
C LEU F 446 7.74 -42.77 -0.68
N GLN F 447 7.95 -43.96 -0.13
CA GLN F 447 6.97 -45.03 -0.22
C GLN F 447 5.69 -44.66 0.50
N ARG F 448 5.84 -44.02 1.65
CA ARG F 448 4.71 -43.50 2.40
C ARG F 448 3.96 -42.46 1.59
N LEU F 449 4.72 -41.60 0.91
CA LEU F 449 4.14 -40.55 0.09
C LEU F 449 3.32 -41.14 -1.03
N ILE F 450 3.84 -42.20 -1.62
CA ILE F 450 3.21 -42.85 -2.74
C ILE F 450 1.84 -43.41 -2.37
N HIS F 451 1.73 -43.97 -1.17
CA HIS F 451 0.46 -44.56 -0.75
C HIS F 451 -0.64 -43.53 -0.65
N SER F 452 -0.32 -42.35 -0.14
CA SER F 452 -1.30 -41.27 -0.15
C SER F 452 -1.58 -40.81 -1.57
N PHE F 453 -0.55 -40.70 -2.40
CA PHE F 453 -0.75 -40.47 -3.83
C PHE F 453 -1.80 -41.41 -4.39
N ASN F 454 -1.83 -42.64 -3.91
CA ASN F 454 -2.61 -43.69 -4.52
C ASN F 454 -4.07 -43.71 -4.06
N ASN F 455 -4.49 -42.79 -3.21
CA ASN F 455 -5.90 -42.64 -2.85
C ASN F 455 -6.78 -42.39 -4.09
N1 UDP G . -2.18 41.27 -5.96
C2 UDP G . -1.86 40.34 -6.95
N3 UDP G . -2.63 40.19 -8.03
C4 UDP G . -3.72 40.92 -8.18
C5 UDP G . -4.07 41.85 -7.21
C6 UDP G . -3.28 42.00 -6.09
O2 UDP G . -0.83 39.65 -6.83
O4 UDP G . -4.44 40.77 -9.21
C1' UDP G . -1.33 41.38 -4.79
C2' UDP G . -0.68 42.75 -4.67
O2' UDP G . 0.74 42.65 -4.79
C3' UDP G . -0.98 43.18 -3.26
C4' UDP G . -2.13 42.33 -2.79
O4' UDP G . -2.16 41.20 -3.66
O3' UDP G . 0.16 42.85 -2.49
C5' UDP G . -3.47 43.06 -2.84
O5' UDP G . -3.31 44.46 -2.98
PA UDP G . -3.69 45.49 -1.81
O1A UDP G . -3.93 44.75 -0.55
O2A UDP G . -2.67 46.58 -1.86
O3A UDP G . -5.09 46.10 -2.26
PB UDP G . -6.45 45.51 -1.65
O1B UDP G . -6.16 44.17 -1.05
O2B UDP G . -7.54 45.66 -2.66
O3B UDP G . -6.80 46.48 -0.43
N1 UDP H . 18.68 5.91 -50.28
C2 UDP H . 19.24 5.01 -51.15
N3 UDP H . 18.53 4.81 -52.30
C4 UDP H . 17.33 5.39 -52.64
C5 UDP H . 16.80 6.28 -51.67
C6 UDP H . 17.49 6.51 -50.54
O2 UDP H . 20.30 4.47 -50.93
O4 UDP H . 16.81 5.08 -53.71
C1' UDP H . 19.39 6.14 -49.01
C2' UDP H . 20.27 7.37 -48.99
O2' UDP H . 21.47 7.16 -49.69
C3' UDP H . 20.47 7.53 -47.48
C4' UDP H . 19.19 6.92 -46.88
O4' UDP H . 18.46 6.42 -48.02
O3' UDP H . 21.59 6.75 -47.09
C5' UDP H . 18.32 7.83 -46.08
O5' UDP H . 18.04 9.01 -46.85
PA UDP H . 17.90 10.31 -45.98
O1A UDP H . 18.39 10.06 -44.61
O2A UDP H . 18.52 11.40 -46.76
O3A UDP H . 16.34 10.59 -45.90
PB UDP H . 15.01 9.75 -45.66
O1B UDP H . 15.07 9.09 -44.33
O2B UDP H . 14.74 8.90 -46.85
O3B UDP H . 13.92 10.92 -45.57
N1 UDP I . 4.07 4.38 29.61
C2 UDP I . 4.72 3.41 28.84
N3 UDP I . 5.68 3.78 27.99
C4 UDP I . 6.02 5.06 27.85
C5 UDP I . 5.38 6.03 28.59
C6 UDP I . 4.39 5.66 29.48
O2 UDP I . 4.42 2.22 28.96
O4 UDP I . 6.91 5.39 27.05
C1' UDP I . 3.02 4.01 30.54
C2' UDP I . 3.57 3.85 31.93
O2' UDP I . 3.89 2.49 32.20
C3' UDP I . 2.39 4.23 32.78
C4' UDP I . 1.45 5.03 31.88
O4' UDP I . 2.10 5.08 30.61
O3' UDP I . 1.79 2.99 33.16
C5' UDP I . 1.11 6.43 32.36
O5' UDP I . 2.15 7.07 33.10
PA UDP I . 1.86 8.15 34.26
O1A UDP I . 2.47 7.63 35.51
O2A UDP I . 0.42 8.52 34.24
O3A UDP I . 2.67 9.43 33.76
PB UDP I . 1.92 10.49 32.86
O1B UDP I . 0.60 10.74 33.71
O2B UDP I . 2.71 11.74 32.82
O3B UDP I . 1.49 9.84 31.59
N1 UDP J . -15.62 -44.61 17.78
C2 UDP J . -15.51 -45.32 16.62
N3 UDP J . -14.51 -46.25 16.61
C4 UDP J . -13.62 -46.51 17.62
C5 UDP J . -13.80 -45.73 18.79
C6 UDP J . -14.76 -44.81 18.83
O2 UDP J . -16.26 -45.15 15.67
O4 UDP J . -12.78 -47.38 17.46
C1' UDP J . -16.65 -43.58 17.82
C2' UDP J . -18.02 -44.05 18.25
O2' UDP J . -18.76 -44.65 17.20
C3' UDP J . -18.65 -42.74 18.75
C4' UDP J . -17.46 -41.78 18.85
O4' UDP J . -16.30 -42.63 18.79
O3' UDP J . -19.52 -42.19 17.78
C5' UDP J . -17.41 -40.87 20.04
O5' UDP J . -16.79 -41.54 21.14
PA UDP J . -17.11 -40.94 22.55
O1A UDP J . -18.25 -41.66 23.15
O2A UDP J . -17.26 -39.47 22.46
O3A UDP J . -15.73 -41.22 23.28
PB UDP J . -14.43 -40.31 23.31
O1B UDP J . -13.28 -41.11 23.82
O2B UDP J . -14.25 -39.65 21.99
O3B UDP J . -14.84 -39.20 24.37
N1 UDP K . -19.80 -4.86 -14.62
C2 UDP K . -19.72 -5.68 -15.76
N3 UDP K . -20.47 -6.79 -15.83
C4 UDP K . -21.29 -7.11 -14.83
C5 UDP K . -21.38 -6.31 -13.71
C6 UDP K . -20.62 -5.18 -13.63
O2 UDP K . -18.96 -5.38 -16.69
O4 UDP K . -21.98 -8.15 -14.91
C1' UDP K . -18.99 -3.66 -14.57
C2' UDP K . -19.80 -2.51 -15.10
O2' UDP K . -19.33 -2.17 -16.40
C3' UDP K . -19.49 -1.36 -14.18
C4' UDP K . -18.47 -1.90 -13.20
O4' UDP K . -18.63 -3.31 -13.24
O3' UDP K . -18.91 -0.36 -14.99
C5' UDP K . -18.60 -1.38 -11.77
O5' UDP K . -19.88 -1.61 -11.20
PA UDP K . -20.49 -0.52 -10.20
O1A UDP K . -19.35 0.22 -9.57
O2A UDP K . -21.53 0.19 -11.01
O3A UDP K . -21.23 -1.35 -9.02
PB UDP K . -20.48 -2.23 -7.90
O1B UDP K . -21.38 -2.35 -6.70
O2B UDP K . -19.95 -3.49 -8.53
O3B UDP K . -19.22 -1.35 -7.46
N1 UDP L . 25.97 -31.36 -14.56
C2 UDP L . 26.44 -32.33 -15.46
N3 UDP L . 27.44 -32.04 -16.29
C4 UDP L . 28.00 -30.84 -16.30
C5 UDP L . 27.55 -29.86 -15.43
C6 UDP L . 26.52 -30.16 -14.55
O2 UDP L . 25.91 -33.46 -15.46
O4 UDP L . 28.92 -30.58 -17.09
C1' UDP L . 24.89 -31.71 -13.67
C2' UDP L . 25.41 -31.81 -12.26
O2' UDP L . 25.98 -33.10 -12.01
C3' UDP L . 24.14 -31.64 -11.47
C4' UDP L . 23.21 -30.85 -12.37
O4' UDP L . 23.92 -30.69 -13.59
O3' UDP L . 23.59 -32.94 -11.29
C5' UDP L . 22.79 -29.52 -11.77
O5' UDP L . 23.91 -28.77 -11.33
PA UDP L . 23.85 -27.88 -9.99
O1A UDP L . 24.83 -28.52 -9.06
O2A UDP L . 22.43 -27.71 -9.53
O3A UDP L . 24.41 -26.44 -10.43
PB UDP L . 23.80 -25.42 -11.51
O1B UDP L . 22.28 -25.20 -11.07
O2B UDP L . 24.51 -24.12 -11.31
O3B UDP L . 23.82 -26.02 -12.88
#